data_8TBU
#
_entry.id   8TBU
#
_cell.length_a   110.323
_cell.length_b   122.845
_cell.length_c   378.582
_cell.angle_alpha   90.00
_cell.angle_beta   90.00
_cell.angle_gamma   90.00
#
_symmetry.space_group_name_H-M   'P 21 21 21'
#
loop_
_entity.id
_entity.type
_entity.pdbx_description
1 polymer 'Pyruvate kinase PKLR'
2 non-polymer "6-[(4-hydroxyphenyl)methyl]-2,4-dimethyl-4,6-dihydro-5H-[1,3]thiazolo[5',4':4,5]pyrrolo[2,3-d]pyridazin-5-one"
3 non-polymer 'PYRUVIC ACID'
4 non-polymer 1,6-di-O-phosphono-beta-D-fructofuranose
5 non-polymer 'MANGANESE (II) ION'
6 non-polymer 'POTASSIUM ION'
7 water water
#
_entity_poly.entity_id   1
_entity_poly.type   'polypeptide(L)'
_entity_poly.pdbx_seq_one_letter_code
;MGSSHHHHHHSSGLVPRGSELGTAFFQQQQLPAAMADTFLEHLCLLDIDSEPVAARSTSIIATIGPASRSVERLKEMIKA
GMNIARLNFSHGSHEYHAESIANVREAVESFAGSPLSYRPVAIALDTKGPEIRTGILQGGPESEVELVKGSQVLVTVDPA
FRTRGNANTVWVDYPNIVRVVPVGGRIYIDDGLISLVVQKIGPEGLVTQVENGGVLGSRKGVNLPGAQVDLPGLSEQDVR
DLRFGVEHGVDIVFASFVRKASDVAAVRAALGPEGHGIKIISKIENHEGVKRFDEILEVSDGIMVARGDLGIEIPAEKVF
LAQKMMIGRCNLAGKPVVCATQMLESMITKPRPTRAETSDVANAVLDGADCIMLSGETAKGNFPVEAVKMQHAIAREAEA
AVYHRQLFEELRRAAPLSRDPTEVTAIGAVEAAFKCCAAAIIVLTTTGRSAQLLSRYRPRAAVIAVTRSAQAARQVHLCR
GVFPLLYREPPEAIWADDVDRRVQFGIESGKLRGFLRVGDLVIVVTGWRPGSGYTNIMRVLSIS
;
_entity_poly.pdbx_strand_id   A,B,C,D,E,F,G,H
#
# COMPACT_ATOMS: atom_id res chain seq x y z
N GLN A 28 14.54 -64.27 -4.57
CA GLN A 28 13.55 -64.11 -3.50
C GLN A 28 14.02 -63.08 -2.47
N GLN A 29 13.07 -62.65 -1.63
CA GLN A 29 13.25 -61.65 -0.56
C GLN A 29 14.25 -60.56 -0.90
N GLN A 30 14.28 -60.11 -2.16
CA GLN A 30 15.09 -58.98 -2.62
C GLN A 30 16.57 -59.18 -2.31
N LEU A 31 17.07 -60.40 -2.51
CA LEU A 31 18.49 -60.65 -2.28
C LEU A 31 19.38 -59.99 -3.32
N PRO A 32 18.99 -59.95 -4.61
CA PRO A 32 19.81 -59.16 -5.56
C PRO A 32 19.91 -57.70 -5.20
N ALA A 33 18.85 -57.11 -4.63
CA ALA A 33 18.90 -55.70 -4.24
C ALA A 33 19.75 -55.49 -3.00
N ALA A 34 19.76 -56.45 -2.08
CA ALA A 34 20.53 -56.28 -0.85
C ALA A 34 22.02 -56.51 -1.07
N MET A 35 22.40 -57.27 -2.09
CA MET A 35 23.80 -57.52 -2.40
C MET A 35 24.43 -56.40 -3.23
N ALA A 36 23.65 -55.42 -3.65
CA ALA A 36 24.13 -54.43 -4.59
C ALA A 36 25.31 -53.64 -4.02
N ASP A 37 26.16 -53.16 -4.91
CA ASP A 37 27.33 -52.38 -4.49
C ASP A 37 26.95 -50.97 -4.05
N THR A 38 25.88 -50.41 -4.62
CA THR A 38 25.44 -49.06 -4.31
C THR A 38 23.95 -49.06 -3.98
N PHE A 39 23.51 -47.99 -3.33
CA PHE A 39 22.09 -47.85 -3.06
C PHE A 39 21.31 -47.63 -4.36
N LEU A 40 21.88 -46.90 -5.30
CA LEU A 40 21.21 -46.66 -6.57
C LEU A 40 20.95 -47.98 -7.30
N GLU A 41 21.94 -48.87 -7.36
CA GLU A 41 21.70 -50.17 -7.97
C GLU A 41 20.76 -51.02 -7.12
N HIS A 42 20.85 -50.89 -5.79
CA HIS A 42 19.90 -51.57 -4.91
C HIS A 42 18.46 -51.21 -5.29
N LEU A 43 18.22 -49.93 -5.59
CA LEU A 43 16.89 -49.51 -6.02
C LEU A 43 16.51 -50.15 -7.34
N CYS A 44 17.41 -50.11 -8.34
CA CYS A 44 17.10 -50.63 -9.66
C CYS A 44 16.86 -52.13 -9.66
N LEU A 45 17.29 -52.84 -8.62
CA LEU A 45 17.13 -54.29 -8.56
C LEU A 45 15.93 -54.73 -7.73
N LEU A 46 15.22 -53.79 -7.08
CA LEU A 46 14.02 -54.15 -6.36
C LEU A 46 13.01 -54.80 -7.31
N ASP A 47 12.39 -55.88 -6.86
CA ASP A 47 11.65 -56.78 -7.74
C ASP A 47 10.27 -57.04 -7.16
N ILE A 48 9.23 -56.61 -7.89
CA ILE A 48 7.85 -56.84 -7.45
C ILE A 48 7.49 -58.32 -7.45
N ASP A 49 8.26 -59.15 -8.16
CA ASP A 49 8.00 -60.59 -8.21
C ASP A 49 8.76 -61.38 -7.15
N SER A 50 9.74 -60.77 -6.49
CA SER A 50 10.49 -61.45 -5.45
C SER A 50 9.67 -61.48 -4.17
N GLU A 51 9.34 -62.67 -3.68
CA GLU A 51 8.38 -62.71 -2.60
C GLU A 51 9.07 -62.75 -1.24
N PRO A 52 8.51 -62.04 -0.25
CA PRO A 52 9.07 -62.11 1.11
C PRO A 52 8.85 -63.49 1.70
N VAL A 53 9.90 -63.99 2.36
CA VAL A 53 9.80 -65.25 3.09
C VAL A 53 10.12 -65.11 4.57
N ALA A 54 10.86 -64.08 4.98
CA ALA A 54 11.08 -63.84 6.40
C ALA A 54 9.78 -63.38 7.06
N ALA A 55 9.69 -63.64 8.37
CA ALA A 55 8.53 -63.20 9.11
C ALA A 55 8.56 -61.69 9.34
N ARG A 56 7.38 -61.09 9.43
CA ARG A 56 7.30 -59.65 9.63
C ARG A 56 7.94 -59.25 10.95
N SER A 57 8.87 -58.31 10.89
CA SER A 57 9.63 -57.91 12.06
C SER A 57 9.15 -56.60 12.68
N THR A 58 8.46 -55.75 11.92
CA THR A 58 7.93 -54.51 12.46
C THR A 58 6.63 -54.80 13.20
N SER A 59 6.59 -54.47 14.49
CA SER A 59 5.40 -54.72 15.30
C SER A 59 4.27 -53.78 14.92
N ILE A 60 3.04 -54.24 15.12
CA ILE A 60 1.84 -53.50 14.80
C ILE A 60 1.14 -53.12 16.09
N ILE A 61 0.88 -51.83 16.28
CA ILE A 61 0.12 -51.32 17.41
C ILE A 61 -1.29 -50.98 16.92
N ALA A 62 -2.30 -51.50 17.62
CA ALA A 62 -3.69 -51.26 17.25
C ALA A 62 -4.41 -50.59 18.42
N THR A 63 -4.97 -49.42 18.18
CA THR A 63 -5.74 -48.73 19.21
C THR A 63 -7.08 -49.44 19.41
N ILE A 64 -7.41 -49.69 20.67
CA ILE A 64 -8.68 -50.30 21.01
C ILE A 64 -9.77 -49.23 21.04
N GLY A 65 -10.94 -49.58 20.51
CA GLY A 65 -12.09 -48.71 20.52
C GLY A 65 -13.34 -49.51 20.20
N PRO A 66 -14.46 -48.83 19.96
CA PRO A 66 -15.72 -49.56 19.69
C PRO A 66 -15.60 -50.60 18.58
N ALA A 67 -14.83 -50.32 17.53
CA ALA A 67 -14.63 -51.30 16.47
C ALA A 67 -13.79 -52.49 16.90
N SER A 68 -13.17 -52.44 18.09
CA SER A 68 -12.13 -53.41 18.43
C SER A 68 -12.23 -53.87 19.89
N ARG A 69 -13.42 -53.82 20.48
CA ARG A 69 -13.62 -54.33 21.83
C ARG A 69 -14.22 -55.73 21.84
N SER A 70 -14.75 -56.19 20.72
CA SER A 70 -15.25 -57.55 20.61
C SER A 70 -14.12 -58.56 20.83
N VAL A 71 -14.40 -59.59 21.62
CA VAL A 71 -13.40 -60.65 21.80
C VAL A 71 -13.20 -61.40 20.48
N GLU A 72 -14.27 -61.61 19.72
CA GLU A 72 -14.16 -62.25 18.42
C GLU A 72 -13.33 -61.41 17.46
N ARG A 73 -13.55 -60.09 17.45
CA ARG A 73 -12.76 -59.23 16.59
C ARG A 73 -11.30 -59.20 17.03
N LEU A 74 -11.06 -59.23 18.34
CA LEU A 74 -9.68 -59.20 18.83
C LEU A 74 -8.94 -60.49 18.48
N LYS A 75 -9.64 -61.63 18.45
CA LYS A 75 -9.00 -62.87 18.02
C LYS A 75 -8.58 -62.78 16.55
N GLU A 76 -9.44 -62.23 15.70
CA GLU A 76 -9.08 -62.04 14.30
C GLU A 76 -7.94 -61.05 14.15
N MET A 77 -7.87 -60.04 15.03
CA MET A 77 -6.78 -59.07 14.94
C MET A 77 -5.46 -59.66 15.41
N ILE A 78 -5.49 -60.57 16.38
CA ILE A 78 -4.27 -61.26 16.79
C ILE A 78 -3.73 -62.10 15.63
N LYS A 79 -4.61 -62.90 15.02
CA LYS A 79 -4.19 -63.72 13.89
C LYS A 79 -3.78 -62.87 12.68
N ALA A 80 -4.29 -61.64 12.59
CA ALA A 80 -3.87 -60.76 11.51
C ALA A 80 -2.53 -60.09 11.78
N GLY A 81 -2.11 -60.00 13.03
CA GLY A 81 -0.77 -59.52 13.33
C GLY A 81 -0.63 -58.49 14.42
N MET A 82 -1.70 -58.19 15.17
CA MET A 82 -1.60 -57.21 16.24
C MET A 82 -0.67 -57.72 17.33
N ASN A 83 0.35 -56.93 17.66
CA ASN A 83 1.29 -57.27 18.71
C ASN A 83 1.11 -56.44 19.98
N ILE A 84 0.60 -55.22 19.86
CA ILE A 84 0.44 -54.32 21.00
C ILE A 84 -0.95 -53.68 20.91
N ALA A 85 -1.70 -53.75 22.01
CA ALA A 85 -3.00 -53.10 22.11
C ALA A 85 -2.86 -51.77 22.82
N ARG A 86 -3.31 -50.70 22.18
CA ARG A 86 -3.19 -49.36 22.71
C ARG A 86 -4.51 -48.92 23.32
N LEU A 87 -4.47 -48.48 24.58
CA LEU A 87 -5.64 -47.92 25.26
C LEU A 87 -5.48 -46.41 25.27
N ASN A 88 -6.37 -45.72 24.57
CA ASN A 88 -6.32 -44.25 24.49
C ASN A 88 -7.11 -43.68 25.66
N PHE A 89 -6.41 -43.23 26.69
CA PHE A 89 -7.05 -42.66 27.86
C PHE A 89 -7.48 -41.22 27.66
N SER A 90 -7.35 -40.67 26.44
CA SER A 90 -7.98 -39.40 26.13
C SER A 90 -9.48 -39.46 26.35
N HIS A 91 -10.08 -40.64 26.21
CA HIS A 91 -11.51 -40.83 26.38
C HIS A 91 -11.76 -42.10 27.16
N GLY A 92 -12.97 -42.21 27.69
CA GLY A 92 -13.37 -43.44 28.37
C GLY A 92 -13.02 -43.45 29.83
N SER A 93 -13.87 -44.10 30.61
CA SER A 93 -13.69 -44.22 32.05
C SER A 93 -12.75 -45.38 32.38
N HIS A 94 -12.36 -45.45 33.66
CA HIS A 94 -11.52 -46.54 34.11
C HIS A 94 -12.22 -47.89 33.94
N GLU A 95 -13.53 -47.94 34.17
CA GLU A 95 -14.29 -49.17 33.97
C GLU A 95 -14.29 -49.57 32.49
N TYR A 96 -14.41 -48.58 31.60
CA TYR A 96 -14.36 -48.85 30.16
C TYR A 96 -13.04 -49.48 29.78
N HIS A 97 -11.92 -48.94 30.27
CA HIS A 97 -10.62 -49.46 29.91
C HIS A 97 -10.34 -50.79 30.60
N ALA A 98 -10.89 -51.00 31.80
CA ALA A 98 -10.79 -52.31 32.43
C ALA A 98 -11.48 -53.37 31.58
N GLU A 99 -12.60 -53.01 30.93
CA GLU A 99 -13.26 -53.94 30.03
C GLU A 99 -12.43 -54.21 28.80
N SER A 100 -11.85 -53.16 28.21
CA SER A 100 -10.94 -53.35 27.08
C SER A 100 -9.80 -54.30 27.45
N ILE A 101 -9.21 -54.10 28.62
CA ILE A 101 -8.12 -54.95 29.07
C ILE A 101 -8.59 -56.40 29.21
N ALA A 102 -9.78 -56.59 29.77
CA ALA A 102 -10.29 -57.95 30.00
C ALA A 102 -10.59 -58.66 28.69
N ASN A 103 -11.15 -57.94 27.71
CA ASN A 103 -11.44 -58.56 26.42
C ASN A 103 -10.15 -58.89 25.66
N VAL A 104 -9.16 -57.99 25.72
CA VAL A 104 -7.87 -58.26 25.10
C VAL A 104 -7.26 -59.53 25.69
N ARG A 105 -7.16 -59.59 27.02
CA ARG A 105 -6.53 -60.74 27.66
C ARG A 105 -7.30 -62.02 27.41
N GLU A 106 -8.63 -61.95 27.32
CA GLU A 106 -9.41 -63.15 27.00
C GLU A 106 -9.08 -63.64 25.60
N ALA A 107 -9.10 -62.75 24.61
CA ALA A 107 -8.74 -63.14 23.25
C ALA A 107 -7.31 -63.66 23.20
N VAL A 108 -6.39 -62.99 23.90
CA VAL A 108 -5.00 -63.39 23.88
C VAL A 108 -4.83 -64.76 24.54
N GLU A 109 -5.37 -64.93 25.75
CA GLU A 109 -5.21 -66.18 26.47
C GLU A 109 -5.98 -67.33 25.84
N SER A 110 -6.91 -67.05 24.92
CA SER A 110 -7.63 -68.11 24.23
C SER A 110 -6.70 -69.00 23.40
N PHE A 111 -5.46 -68.57 23.17
CA PHE A 111 -4.46 -69.37 22.48
C PHE A 111 -3.44 -70.00 23.43
N ALA A 112 -3.64 -69.87 24.74
CA ALA A 112 -2.63 -70.36 25.69
C ALA A 112 -2.62 -71.87 25.82
N GLY A 113 -3.63 -72.58 25.28
CA GLY A 113 -3.65 -74.03 25.36
C GLY A 113 -2.64 -74.70 24.47
N SER A 114 -2.09 -73.98 23.48
CA SER A 114 -1.05 -74.48 22.60
C SER A 114 0.19 -73.61 22.80
N PRO A 115 1.04 -73.93 23.79
CA PRO A 115 2.16 -73.04 24.11
C PRO A 115 3.16 -72.86 22.99
N LEU A 116 3.18 -73.75 22.00
CA LEU A 116 4.13 -73.65 20.91
C LEU A 116 3.74 -72.58 19.89
N SER A 117 2.47 -72.16 19.88
CA SER A 117 2.00 -71.11 18.97
CA SER A 117 2.01 -71.12 18.97
C SER A 117 1.49 -69.87 19.68
N TYR A 118 1.41 -69.88 21.01
CA TYR A 118 0.89 -68.75 21.76
C TYR A 118 1.67 -67.48 21.45
N ARG A 119 0.95 -66.43 21.05
CA ARG A 119 1.57 -65.15 20.74
C ARG A 119 1.34 -64.20 21.90
N PRO A 120 2.39 -63.76 22.59
CA PRO A 120 2.21 -62.66 23.55
C PRO A 120 1.71 -61.41 22.84
N VAL A 121 0.92 -60.63 23.57
CA VAL A 121 0.38 -59.38 23.05
C VAL A 121 0.47 -58.34 24.15
N ALA A 122 1.24 -57.27 23.92
CA ALA A 122 1.42 -56.26 24.93
C ALA A 122 0.22 -55.33 25.02
N ILE A 123 0.06 -54.71 26.19
CA ILE A 123 -0.98 -53.72 26.43
C ILE A 123 -0.30 -52.42 26.83
N ALA A 124 -0.62 -51.34 26.11
CA ALA A 124 0.03 -50.05 26.32
C ALA A 124 -1.02 -49.02 26.72
N LEU A 125 -0.71 -48.23 27.75
CA LEU A 125 -1.57 -47.15 28.20
C LEU A 125 -1.06 -45.85 27.60
N ASP A 126 -1.92 -45.20 26.81
CA ASP A 126 -1.61 -43.91 26.20
C ASP A 126 -2.34 -42.82 26.98
N THR A 127 -1.58 -41.93 27.61
CA THR A 127 -2.14 -40.99 28.57
C THR A 127 -2.89 -39.87 27.87
N LYS A 128 -3.86 -39.29 28.59
CA LYS A 128 -4.59 -38.13 28.08
C LYS A 128 -3.63 -36.96 27.85
N GLY A 129 -2.79 -36.67 28.83
CA GLY A 129 -1.81 -35.61 28.71
C GLY A 129 -2.42 -34.23 28.89
N PRO A 130 -1.58 -33.20 28.95
CA PRO A 130 -2.07 -31.83 29.11
C PRO A 130 -2.86 -31.36 27.88
N GLU A 131 -4.16 -31.14 28.05
CA GLU A 131 -5.04 -30.75 26.96
C GLU A 131 -5.61 -29.36 27.25
N ILE A 132 -5.17 -28.37 26.49
CA ILE A 132 -5.74 -27.03 26.57
C ILE A 132 -7.06 -27.01 25.82
N ARG A 133 -8.06 -26.37 26.42
CA ARG A 133 -9.43 -26.46 25.95
C ARG A 133 -10.07 -25.07 25.93
N THR A 134 -11.01 -24.88 25.02
CA THR A 134 -11.70 -23.59 24.89
C THR A 134 -12.80 -23.44 25.93
N GLY A 135 -13.76 -22.55 25.65
CA GLY A 135 -14.86 -22.31 26.57
C GLY A 135 -16.03 -23.26 26.36
N GLU A 144 -23.14 -23.40 18.34
CA GLU A 144 -22.06 -23.08 17.40
C GLU A 144 -21.89 -21.57 17.23
N VAL A 145 -20.64 -21.15 17.03
CA VAL A 145 -20.31 -19.76 16.73
C VAL A 145 -19.24 -19.76 15.66
N GLU A 146 -19.37 -18.86 14.67
CA GLU A 146 -18.50 -18.84 13.51
C GLU A 146 -17.33 -17.89 13.69
N LEU A 147 -16.17 -18.33 13.23
CA LEU A 147 -14.94 -17.54 13.28
C LEU A 147 -14.81 -16.79 11.96
N VAL A 148 -15.04 -15.48 12.00
CA VAL A 148 -15.05 -14.65 10.81
C VAL A 148 -13.63 -14.55 10.27
N LYS A 149 -13.37 -15.16 9.11
CA LYS A 149 -12.00 -15.15 8.58
C LYS A 149 -11.56 -13.71 8.34
N GLY A 150 -10.41 -13.35 8.91
CA GLY A 150 -9.90 -12.01 8.81
C GLY A 150 -10.47 -11.04 9.80
N SER A 151 -11.32 -11.53 10.71
CA SER A 151 -11.99 -10.67 11.68
C SER A 151 -11.09 -10.22 12.81
N GLN A 152 -11.60 -10.39 14.02
CA GLN A 152 -10.95 -10.01 15.25
C GLN A 152 -11.58 -10.84 16.36
N VAL A 153 -10.80 -11.69 17.01
CA VAL A 153 -11.24 -12.44 18.18
C VAL A 153 -10.18 -12.38 19.26
N LEU A 154 -10.62 -12.13 20.48
CA LEU A 154 -9.75 -12.09 21.65
C LEU A 154 -9.89 -13.39 22.43
N VAL A 155 -8.78 -13.82 23.06
CA VAL A 155 -8.78 -15.03 23.87
C VAL A 155 -8.37 -14.64 25.29
N THR A 156 -9.29 -14.80 26.24
CA THR A 156 -9.20 -14.28 27.60
C THR A 156 -8.78 -15.39 28.57
N VAL A 157 -8.23 -14.96 29.71
CA VAL A 157 -7.90 -15.87 30.81
C VAL A 157 -8.86 -15.69 32.00
N ASP A 158 -9.61 -14.60 32.04
CA ASP A 158 -10.42 -14.28 33.21
C ASP A 158 -11.50 -15.34 33.43
N PRO A 159 -11.67 -15.84 34.66
CA PRO A 159 -12.66 -16.91 34.90
C PRO A 159 -14.09 -16.49 34.65
N ALA A 160 -14.38 -15.20 34.56
CA ALA A 160 -15.76 -14.77 34.30
C ALA A 160 -16.16 -15.05 32.85
N PHE A 161 -15.19 -15.11 31.94
CA PHE A 161 -15.44 -15.30 30.51
C PHE A 161 -15.48 -16.77 30.10
N ARG A 162 -15.50 -17.70 31.06
CA ARG A 162 -15.51 -19.12 30.73
C ARG A 162 -16.83 -19.57 30.11
N THR A 163 -17.86 -18.73 30.13
CA THR A 163 -19.16 -19.08 29.58
C THR A 163 -19.68 -18.04 28.59
N ARG A 164 -18.86 -17.07 28.20
CA ARG A 164 -19.27 -16.01 27.28
C ARG A 164 -18.58 -16.15 25.92
N GLY A 165 -18.45 -17.39 25.44
CA GLY A 165 -17.75 -17.64 24.19
C GLY A 165 -18.62 -17.31 22.98
N ASN A 166 -18.02 -16.61 22.03
CA ASN A 166 -18.73 -16.25 20.80
C ASN A 166 -17.79 -15.81 19.68
N ALA A 167 -18.32 -15.02 18.74
CA ALA A 167 -17.59 -14.71 17.53
C ALA A 167 -16.33 -13.91 17.79
N ASN A 168 -16.34 -13.08 18.82
CA ASN A 168 -15.16 -12.25 19.11
C ASN A 168 -14.69 -12.45 20.56
N THR A 169 -15.05 -13.58 21.17
CA THR A 169 -14.52 -14.01 22.47
C THR A 169 -14.21 -15.50 22.40
N VAL A 170 -13.02 -15.89 22.85
CA VAL A 170 -12.70 -17.28 23.14
C VAL A 170 -12.02 -17.34 24.50
N TRP A 171 -12.37 -18.34 25.30
CA TRP A 171 -11.76 -18.53 26.60
C TRP A 171 -10.98 -19.84 26.60
N VAL A 172 -9.88 -19.88 27.34
CA VAL A 172 -9.06 -21.07 27.45
C VAL A 172 -8.76 -21.34 28.92
N ASP A 173 -8.75 -22.63 29.29
CA ASP A 173 -8.47 -23.03 30.66
C ASP A 173 -7.00 -22.91 31.03
N TYR A 174 -6.12 -22.72 30.04
CA TYR A 174 -4.70 -22.50 30.28
C TYR A 174 -4.47 -21.02 30.59
N PRO A 175 -4.16 -20.67 31.83
CA PRO A 175 -3.94 -19.25 32.13
C PRO A 175 -2.68 -18.67 31.51
N ASN A 176 -1.62 -19.48 31.39
CA ASN A 176 -0.33 -19.00 30.91
C ASN A 176 -0.26 -18.83 29.40
N ILE A 177 -1.36 -19.04 28.67
CA ILE A 177 -1.36 -18.83 27.22
C ILE A 177 -0.93 -17.41 26.89
N VAL A 178 -1.30 -16.48 27.77
CA VAL A 178 -1.00 -15.04 27.57
C VAL A 178 0.50 -14.81 27.76
N ARG A 179 1.20 -15.76 28.37
CA ARG A 179 2.64 -15.55 28.61
C ARG A 179 3.50 -16.49 27.76
N VAL A 180 2.92 -17.18 26.78
CA VAL A 180 3.80 -18.12 26.04
C VAL A 180 3.73 -17.83 24.55
N VAL A 181 2.68 -17.16 24.10
CA VAL A 181 2.54 -16.84 22.69
C VAL A 181 2.71 -15.33 22.53
N PRO A 182 3.79 -14.86 21.90
CA PRO A 182 4.02 -13.44 21.73
C PRO A 182 3.24 -12.90 20.53
N VAL A 183 3.49 -11.62 20.23
CA VAL A 183 2.87 -10.99 19.07
C VAL A 183 3.41 -11.64 17.80
N GLY A 184 2.50 -12.05 16.91
CA GLY A 184 2.86 -12.73 15.69
C GLY A 184 2.74 -14.24 15.76
N GLY A 185 2.83 -14.81 16.96
CA GLY A 185 2.64 -16.24 17.12
C GLY A 185 1.19 -16.65 16.93
N ARG A 186 0.99 -17.95 16.72
CA ARG A 186 -0.31 -18.47 16.31
C ARG A 186 -0.93 -19.35 17.39
N ILE A 187 -2.23 -19.58 17.24
CA ILE A 187 -3.02 -20.40 18.15
C ILE A 187 -4.00 -21.20 17.30
N TYR A 188 -3.76 -22.50 17.16
CA TYR A 188 -4.61 -23.38 16.37
C TYR A 188 -5.72 -23.96 17.22
N ILE A 189 -6.86 -24.22 16.60
CA ILE A 189 -8.04 -24.70 17.29
C ILE A 189 -8.68 -25.83 16.49
N ASP A 190 -9.10 -26.88 17.21
CA ASP A 190 -9.72 -28.08 16.64
C ASP A 190 -8.87 -28.70 15.53
N ASP A 191 -7.82 -29.42 15.92
CA ASP A 191 -6.96 -30.15 15.00
C ASP A 191 -6.34 -29.24 13.94
N GLY A 192 -6.12 -27.97 14.29
CA GLY A 192 -5.36 -27.07 13.45
C GLY A 192 -6.03 -26.60 12.19
N LEU A 193 -7.36 -26.69 12.11
CA LEU A 193 -8.09 -26.23 10.94
C LEU A 193 -8.61 -24.81 11.06
N ILE A 194 -8.58 -24.23 12.26
CA ILE A 194 -8.89 -22.82 12.48
C ILE A 194 -7.69 -22.20 13.19
N SER A 195 -7.16 -21.12 12.61
CA SER A 195 -5.92 -20.52 13.07
C SER A 195 -6.13 -19.05 13.44
N LEU A 196 -5.38 -18.58 14.43
CA LEU A 196 -5.43 -17.18 14.85
C LEU A 196 -4.04 -16.68 15.20
N VAL A 197 -3.74 -15.45 14.79
CA VAL A 197 -2.43 -14.83 14.99
C VAL A 197 -2.56 -13.74 16.05
N VAL A 198 -1.53 -13.61 16.88
CA VAL A 198 -1.54 -12.62 17.96
C VAL A 198 -1.06 -11.27 17.41
N GLN A 199 -1.92 -10.26 17.51
CA GLN A 199 -1.62 -8.93 16.98
C GLN A 199 -1.22 -7.91 18.04
N LYS A 200 -1.63 -8.14 19.29
CA LYS A 200 -1.53 -7.19 20.39
C LYS A 200 -1.49 -8.04 21.66
N ILE A 201 -0.87 -7.50 22.70
CA ILE A 201 -0.92 -8.09 24.04
C ILE A 201 -1.45 -7.03 25.00
N GLY A 202 -2.34 -7.44 25.90
CA GLY A 202 -2.95 -6.50 26.80
C GLY A 202 -3.60 -7.15 28.00
N PRO A 203 -4.17 -6.32 28.89
CA PRO A 203 -4.80 -6.86 30.11
C PRO A 203 -6.00 -7.74 29.82
N GLU A 204 -6.80 -7.38 28.82
CA GLU A 204 -8.00 -8.16 28.50
C GLU A 204 -7.64 -9.58 28.07
N GLY A 205 -6.49 -9.75 27.45
CA GLY A 205 -6.09 -11.03 26.91
C GLY A 205 -5.18 -10.81 25.71
N LEU A 206 -5.11 -11.82 24.85
CA LEU A 206 -4.31 -11.74 23.65
C LEU A 206 -5.18 -11.35 22.47
N VAL A 207 -4.72 -10.37 21.72
CA VAL A 207 -5.47 -9.79 20.62
C VAL A 207 -5.13 -10.58 19.35
N THR A 208 -6.13 -11.23 18.79
CA THR A 208 -5.91 -12.17 17.71
C THR A 208 -6.68 -11.76 16.47
N GLN A 209 -6.25 -12.35 15.35
CA GLN A 209 -6.90 -12.22 14.06
C GLN A 209 -7.03 -13.61 13.48
N VAL A 210 -8.12 -13.84 12.75
CA VAL A 210 -8.39 -15.16 12.19
C VAL A 210 -7.61 -15.32 10.88
N GLU A 211 -6.78 -16.36 10.81
CA GLU A 211 -6.02 -16.67 9.60
C GLU A 211 -6.82 -17.59 8.68
N ASN A 212 -7.21 -18.76 9.17
CA ASN A 212 -8.07 -19.68 8.45
C ASN A 212 -9.39 -19.83 9.20
N GLY A 213 -10.48 -19.93 8.44
CA GLY A 213 -11.80 -19.85 9.02
C GLY A 213 -12.42 -21.20 9.37
N GLY A 214 -13.59 -21.11 10.00
CA GLY A 214 -14.30 -22.27 10.50
C GLY A 214 -15.24 -21.82 11.60
N VAL A 215 -15.94 -22.81 12.17
CA VAL A 215 -16.80 -22.56 13.32
C VAL A 215 -16.35 -23.45 14.47
N LEU A 216 -16.26 -22.86 15.66
CA LEU A 216 -15.74 -23.53 16.85
C LEU A 216 -16.89 -24.10 17.68
N GLY A 217 -16.62 -25.24 18.30
CA GLY A 217 -17.60 -25.96 19.09
C GLY A 217 -17.45 -25.68 20.57
N SER A 218 -17.69 -26.70 21.38
CA SER A 218 -17.69 -26.57 22.84
C SER A 218 -16.46 -27.27 23.41
N ARG A 219 -15.46 -26.46 23.76
CA ARG A 219 -14.29 -26.92 24.51
C ARG A 219 -13.46 -27.89 23.67
N LYS A 220 -12.95 -27.42 22.54
CA LYS A 220 -12.25 -28.27 21.59
C LYS A 220 -10.76 -27.96 21.57
N GLY A 221 -9.98 -28.92 21.05
CA GLY A 221 -8.54 -28.90 21.11
C GLY A 221 -7.87 -27.62 20.63
N VAL A 222 -6.93 -27.12 21.42
CA VAL A 222 -6.16 -25.92 21.11
C VAL A 222 -4.68 -26.31 21.07
N ASN A 223 -3.93 -25.69 20.15
CA ASN A 223 -2.51 -25.94 20.05
C ASN A 223 -1.76 -24.60 20.03
N LEU A 224 -0.58 -24.58 20.66
CA LEU A 224 0.25 -23.38 20.79
C LEU A 224 1.57 -23.65 20.07
N PRO A 225 1.60 -23.50 18.74
CA PRO A 225 2.79 -23.91 17.99
C PRO A 225 4.01 -23.07 18.33
N GLY A 226 5.15 -23.76 18.51
CA GLY A 226 6.41 -23.10 18.74
C GLY A 226 6.62 -22.57 20.14
N ALA A 227 5.54 -22.40 20.88
CA ALA A 227 5.62 -21.78 22.20
C ALA A 227 6.06 -22.78 23.26
N GLN A 228 6.82 -22.30 24.24
CA GLN A 228 7.23 -23.11 25.38
C GLN A 228 6.03 -23.23 26.31
N VAL A 229 5.28 -24.32 26.15
CA VAL A 229 4.15 -24.61 27.01
C VAL A 229 4.67 -25.23 28.29
N ASP A 230 4.46 -24.55 29.42
CA ASP A 230 4.93 -25.03 30.72
C ASP A 230 3.77 -25.46 31.61
N LEU A 231 2.79 -26.14 31.01
CA LEU A 231 1.83 -26.92 31.77
C LEU A 231 2.59 -27.99 32.55
N PRO A 232 1.99 -28.53 33.62
CA PRO A 232 2.66 -29.60 34.36
C PRO A 232 2.95 -30.79 33.46
N GLY A 233 4.11 -31.40 33.66
CA GLY A 233 4.46 -32.59 32.91
C GLY A 233 3.52 -33.76 33.14
N LEU A 234 2.60 -33.64 34.09
CA LEU A 234 1.65 -34.69 34.41
C LEU A 234 0.38 -34.07 34.94
N SER A 235 -0.74 -34.29 34.26
CA SER A 235 -2.02 -33.88 34.80
C SER A 235 -2.38 -34.76 36.00
N GLU A 236 -3.33 -34.27 36.81
CA GLU A 236 -3.82 -35.10 37.92
C GLU A 236 -4.62 -36.29 37.38
N GLN A 237 -5.37 -36.07 36.30
CA GLN A 237 -6.00 -37.20 35.62
C GLN A 237 -4.96 -38.22 35.17
N ASP A 238 -3.84 -37.74 34.63
CA ASP A 238 -2.77 -38.65 34.21
C ASP A 238 -2.25 -39.49 35.37
N VAL A 239 -2.20 -38.92 36.57
CA VAL A 239 -1.65 -39.66 37.71
C VAL A 239 -2.61 -40.76 38.15
N ARG A 240 -3.91 -40.49 38.15
CA ARG A 240 -4.88 -41.54 38.45
C ARG A 240 -4.90 -42.60 37.37
N ASP A 241 -4.69 -42.21 36.11
CA ASP A 241 -4.68 -43.18 35.03
C ASP A 241 -3.44 -44.07 35.08
N LEU A 242 -2.28 -43.50 35.42
CA LEU A 242 -1.07 -44.29 35.55
C LEU A 242 -1.14 -45.25 36.73
N ARG A 243 -1.82 -44.84 37.81
CA ARG A 243 -2.07 -45.77 38.92
C ARG A 243 -2.95 -46.93 38.47
N PHE A 244 -4.00 -46.62 37.70
CA PHE A 244 -4.85 -47.66 37.12
C PHE A 244 -4.02 -48.65 36.30
N GLY A 245 -3.13 -48.14 35.45
CA GLY A 245 -2.34 -49.01 34.59
C GLY A 245 -1.44 -49.94 35.39
N VAL A 246 -0.82 -49.43 36.46
CA VAL A 246 -0.03 -50.28 37.32
C VAL A 246 -0.91 -51.35 37.95
N GLU A 247 -2.07 -50.93 38.48
CA GLU A 247 -2.97 -51.88 39.15
C GLU A 247 -3.41 -52.98 38.20
N HIS A 248 -3.66 -52.64 36.93
CA HIS A 248 -4.13 -53.62 35.96
C HIS A 248 -3.00 -54.24 35.15
N GLY A 249 -1.75 -53.95 35.52
CA GLY A 249 -0.61 -54.62 34.93
C GLY A 249 -0.33 -54.33 33.47
N VAL A 250 -0.45 -53.06 33.05
CA VAL A 250 -0.10 -52.70 31.69
C VAL A 250 1.42 -52.80 31.51
N ASP A 251 1.83 -53.11 30.29
CA ASP A 251 3.24 -53.32 29.98
C ASP A 251 3.97 -52.04 29.59
N ILE A 252 3.28 -51.11 28.93
CA ILE A 252 3.92 -49.96 28.29
C ILE A 252 3.07 -48.72 28.58
N VAL A 253 3.75 -47.59 28.77
CA VAL A 253 3.10 -46.29 28.84
C VAL A 253 3.55 -45.48 27.64
N PHE A 254 2.60 -45.00 26.84
CA PHE A 254 2.85 -43.93 25.88
C PHE A 254 2.59 -42.61 26.59
N ALA A 255 3.66 -41.86 26.88
CA ALA A 255 3.56 -40.63 27.66
C ALA A 255 3.38 -39.44 26.73
N SER A 256 2.25 -38.75 26.85
CA SER A 256 1.89 -37.67 25.93
C SER A 256 2.66 -36.39 26.21
N PHE A 257 2.95 -35.66 25.12
CA PHE A 257 3.50 -34.30 25.17
C PHE A 257 4.75 -34.21 26.06
N VAL A 258 5.70 -35.10 25.82
CA VAL A 258 6.96 -35.07 26.55
C VAL A 258 7.84 -33.98 25.97
N ARG A 259 8.16 -32.97 26.78
CA ARG A 259 8.95 -31.83 26.34
C ARG A 259 10.35 -31.80 26.94
N LYS A 260 10.55 -32.40 28.12
CA LYS A 260 11.81 -32.34 28.83
C LYS A 260 12.09 -33.70 29.47
N ALA A 261 13.30 -33.84 30.02
CA ALA A 261 13.62 -35.04 30.77
C ALA A 261 12.79 -35.13 32.05
N SER A 262 12.51 -33.98 32.68
CA SER A 262 11.74 -34.00 33.92
C SER A 262 10.31 -34.46 33.68
N ASP A 263 9.78 -34.28 32.47
CA ASP A 263 8.47 -34.83 32.15
C ASP A 263 8.49 -36.35 32.23
N VAL A 264 9.57 -36.97 31.75
CA VAL A 264 9.69 -38.42 31.84
C VAL A 264 9.80 -38.86 33.29
N ALA A 265 10.64 -38.18 34.07
CA ALA A 265 10.79 -38.52 35.48
C ALA A 265 9.47 -38.36 36.23
N ALA A 266 8.67 -37.39 35.85
CA ALA A 266 7.35 -37.23 36.47
C ALA A 266 6.48 -38.45 36.20
N VAL A 267 6.50 -38.96 34.97
CA VAL A 267 5.73 -40.15 34.64
C VAL A 267 6.22 -41.34 35.45
N ARG A 268 7.53 -41.58 35.44
CA ARG A 268 8.11 -42.71 36.17
C ARG A 268 7.82 -42.59 37.67
N ALA A 269 7.73 -41.36 38.19
CA ALA A 269 7.37 -41.19 39.59
C ALA A 269 5.93 -41.62 39.84
N ALA A 270 5.03 -41.29 38.92
CA ALA A 270 3.62 -41.64 39.09
C ALA A 270 3.38 -43.14 38.96
N LEU A 271 4.18 -43.82 38.13
CA LEU A 271 4.12 -45.27 38.08
C LEU A 271 4.54 -45.89 39.40
N GLY A 272 5.35 -45.18 40.19
CA GLY A 272 5.91 -45.71 41.39
C GLY A 272 6.79 -46.90 41.12
N PRO A 273 7.60 -47.30 42.10
CA PRO A 273 8.37 -48.54 41.97
C PRO A 273 7.53 -49.82 42.00
N GLU A 274 6.21 -49.76 42.21
CA GLU A 274 5.37 -50.88 41.83
C GLU A 274 5.24 -51.01 40.32
N GLY A 275 5.45 -49.92 39.59
CA GLY A 275 5.47 -49.96 38.15
C GLY A 275 6.86 -49.77 37.57
N HIS A 276 7.87 -50.26 38.31
CA HIS A 276 9.26 -50.07 37.88
C HIS A 276 9.55 -50.82 36.58
N GLY A 277 8.90 -51.95 36.36
CA GLY A 277 9.13 -52.75 35.16
C GLY A 277 8.36 -52.32 33.93
N ILE A 278 7.54 -51.28 34.03
CA ILE A 278 6.77 -50.81 32.89
C ILE A 278 7.64 -49.94 32.00
N LYS A 279 7.55 -50.14 30.69
CA LYS A 279 8.36 -49.40 29.73
C LYS A 279 7.69 -48.08 29.39
N ILE A 280 8.47 -47.00 29.43
CA ILE A 280 7.97 -45.66 29.13
C ILE A 280 8.41 -45.27 27.74
N ILE A 281 7.44 -45.07 26.85
CA ILE A 281 7.69 -44.57 25.50
C ILE A 281 7.22 -43.12 25.46
N SER A 282 8.14 -42.21 25.15
CA SER A 282 7.83 -40.78 25.18
C SER A 282 7.28 -40.32 23.83
N LYS A 283 6.12 -39.68 23.86
CA LYS A 283 5.51 -39.13 22.66
C LYS A 283 6.06 -37.73 22.42
N ILE A 284 6.79 -37.56 21.32
CA ILE A 284 7.26 -36.25 20.90
C ILE A 284 6.14 -35.64 20.05
N GLU A 285 5.54 -34.55 20.55
CA GLU A 285 4.34 -34.01 19.94
C GLU A 285 4.42 -32.53 19.59
N ASN A 286 5.50 -31.83 19.94
CA ASN A 286 5.58 -30.40 19.68
C ASN A 286 7.03 -30.01 19.43
N HIS A 287 7.22 -28.70 19.21
CA HIS A 287 8.53 -28.21 18.78
C HIS A 287 9.60 -28.40 19.85
N GLU A 288 9.25 -28.16 21.12
CA GLU A 288 10.24 -28.29 22.19
C GLU A 288 10.69 -29.74 22.36
N GLY A 289 9.75 -30.69 22.24
CA GLY A 289 10.12 -32.09 22.33
C GLY A 289 11.11 -32.50 21.28
N VAL A 290 10.94 -32.01 20.04
CA VAL A 290 11.88 -32.31 18.97
C VAL A 290 13.25 -31.70 19.29
N LYS A 291 13.25 -30.47 19.81
CA LYS A 291 14.52 -29.79 20.08
C LYS A 291 15.28 -30.45 21.21
N ARG A 292 14.60 -30.80 22.30
CA ARG A 292 15.23 -31.47 23.43
C ARG A 292 15.17 -32.99 23.32
N PHE A 293 15.09 -33.51 22.10
CA PHE A 293 14.91 -34.94 21.88
C PHE A 293 15.96 -35.79 22.58
N ASP A 294 17.24 -35.42 22.42
CA ASP A 294 18.32 -36.24 22.97
C ASP A 294 18.21 -36.37 24.48
N GLU A 295 17.93 -35.26 25.17
CA GLU A 295 17.72 -35.31 26.61
C GLU A 295 16.53 -36.20 26.96
N ILE A 296 15.50 -36.23 26.10
CA ILE A 296 14.35 -37.07 26.36
C ILE A 296 14.68 -38.54 26.10
N LEU A 297 15.36 -38.83 24.99
CA LEU A 297 15.67 -40.22 24.66
C LEU A 297 16.54 -40.87 25.72
N GLU A 298 17.45 -40.09 26.32
CA GLU A 298 18.37 -40.67 27.29
C GLU A 298 17.66 -41.24 28.50
N VAL A 299 16.51 -40.66 28.89
CA VAL A 299 15.78 -41.12 30.06
C VAL A 299 14.57 -41.98 29.70
N SER A 300 14.30 -42.18 28.42
CA SER A 300 13.17 -42.98 27.99
C SER A 300 13.61 -44.37 27.58
N ASP A 301 12.64 -45.28 27.50
CA ASP A 301 12.86 -46.58 26.89
C ASP A 301 12.65 -46.54 25.38
N GLY A 302 12.04 -45.49 24.87
CA GLY A 302 11.78 -45.37 23.45
C GLY A 302 10.95 -44.14 23.17
N ILE A 303 10.61 -43.98 21.89
CA ILE A 303 10.03 -42.75 21.38
C ILE A 303 8.82 -43.10 20.51
N MET A 304 7.79 -42.26 20.57
CA MET A 304 6.72 -42.29 19.58
C MET A 304 6.74 -41.00 18.78
N VAL A 305 6.85 -41.13 17.46
CA VAL A 305 6.66 -40.03 16.55
C VAL A 305 5.16 -39.77 16.42
N ALA A 306 4.64 -38.86 17.25
CA ALA A 306 3.21 -38.58 17.31
C ALA A 306 2.87 -37.50 16.30
N ARG A 307 2.75 -37.93 15.04
CA ARG A 307 2.64 -37.00 13.92
C ARG A 307 1.34 -36.21 13.93
N GLY A 308 0.30 -36.70 14.59
CA GLY A 308 -0.94 -35.97 14.70
C GLY A 308 -0.76 -34.59 15.32
N ASP A 309 -0.43 -34.57 16.62
CA ASP A 309 -0.19 -33.30 17.28
C ASP A 309 1.02 -32.58 16.70
N LEU A 310 2.07 -33.34 16.36
CA LEU A 310 3.29 -32.73 15.83
C LEU A 310 3.02 -31.97 14.53
N GLY A 311 2.13 -32.51 13.69
CA GLY A 311 1.76 -31.85 12.45
C GLY A 311 1.00 -30.56 12.63
N ILE A 312 0.49 -30.29 13.82
CA ILE A 312 -0.13 -29.01 14.14
C ILE A 312 0.85 -28.09 14.85
N GLU A 313 1.70 -28.64 15.70
CA GLU A 313 2.62 -27.83 16.50
C GLU A 313 3.78 -27.31 15.67
N ILE A 314 4.15 -28.00 14.60
CA ILE A 314 5.13 -27.50 13.64
C ILE A 314 4.51 -27.59 12.25
N PRO A 315 5.09 -26.91 11.26
CA PRO A 315 4.53 -26.99 9.91
C PRO A 315 4.42 -28.43 9.42
N ALA A 316 3.30 -28.73 8.76
CA ALA A 316 3.03 -30.09 8.31
C ALA A 316 4.12 -30.61 7.38
N GLU A 317 4.69 -29.73 6.55
CA GLU A 317 5.72 -30.14 5.61
C GLU A 317 7.05 -30.46 6.27
N LYS A 318 7.19 -30.23 7.58
CA LYS A 318 8.42 -30.52 8.30
C LYS A 318 8.35 -31.80 9.11
N VAL A 319 7.19 -32.46 9.15
CA VAL A 319 7.01 -33.62 10.02
C VAL A 319 7.93 -34.77 9.60
N PHE A 320 8.07 -34.99 8.28
CA PHE A 320 8.91 -36.08 7.81
C PHE A 320 10.37 -35.88 8.24
N LEU A 321 10.82 -34.63 8.33
CA LEU A 321 12.16 -34.36 8.83
C LEU A 321 12.30 -34.81 10.28
N ALA A 322 11.32 -34.49 11.12
CA ALA A 322 11.37 -34.89 12.51
C ALA A 322 11.23 -36.41 12.66
N GLN A 323 10.37 -37.02 11.85
CA GLN A 323 10.22 -38.47 11.89
C GLN A 323 11.55 -39.17 11.59
N LYS A 324 12.18 -38.80 10.48
CA LYS A 324 13.42 -39.48 10.09
C LYS A 324 14.55 -39.19 11.06
N MET A 325 14.62 -37.96 11.58
CA MET A 325 15.63 -37.64 12.58
C MET A 325 15.47 -38.52 13.82
N MET A 326 14.24 -38.67 14.31
CA MET A 326 14.02 -39.42 15.53
C MET A 326 14.23 -40.92 15.31
N ILE A 327 13.72 -41.45 14.20
CA ILE A 327 13.95 -42.85 13.88
C ILE A 327 15.44 -43.14 13.79
N GLY A 328 16.18 -42.27 13.11
CA GLY A 328 17.62 -42.50 12.94
C GLY A 328 18.37 -42.50 14.26
N ARG A 329 18.01 -41.60 15.17
CA ARG A 329 18.74 -41.50 16.43
C ARG A 329 18.32 -42.58 17.42
N CYS A 330 17.09 -43.09 17.31
CA CYS A 330 16.72 -44.23 18.12
C CYS A 330 17.38 -45.51 17.62
N ASN A 331 17.48 -45.66 16.30
CA ASN A 331 18.29 -46.73 15.73
C ASN A 331 19.71 -46.68 16.26
N LEU A 332 20.29 -45.47 16.31
CA LEU A 332 21.65 -45.31 16.80
C LEU A 332 21.76 -45.72 18.27
N ALA A 333 20.80 -45.28 19.09
CA ALA A 333 20.80 -45.60 20.51
C ALA A 333 20.30 -47.01 20.80
N GLY A 334 19.88 -47.76 19.79
CA GLY A 334 19.33 -49.09 20.03
C GLY A 334 18.07 -49.09 20.86
N LYS A 335 17.25 -48.04 20.77
CA LYS A 335 16.01 -47.96 21.52
C LYS A 335 14.82 -47.93 20.58
N PRO A 336 13.73 -48.60 20.92
CA PRO A 336 12.59 -48.72 20.00
C PRO A 336 11.95 -47.37 19.70
N VAL A 337 11.47 -47.24 18.46
CA VAL A 337 10.81 -46.04 18.00
C VAL A 337 9.53 -46.43 17.28
N VAL A 338 8.45 -45.69 17.56
CA VAL A 338 7.13 -45.95 17.01
C VAL A 338 6.76 -44.81 16.07
N CYS A 339 6.25 -45.16 14.88
CA CYS A 339 5.66 -44.18 13.97
C CYS A 339 4.14 -44.29 14.03
N ALA A 340 3.48 -43.15 14.20
CA ALA A 340 2.06 -43.16 14.55
C ALA A 340 1.29 -42.15 13.71
N THR A 341 -0.03 -42.40 13.62
CA THR A 341 -1.08 -41.46 13.22
C THR A 341 -1.30 -41.39 11.70
N GLN A 342 -2.49 -41.78 11.27
CA GLN A 342 -3.00 -41.61 9.91
C GLN A 342 -2.23 -42.40 8.87
N MET A 343 -1.56 -43.49 9.26
CA MET A 343 -0.79 -44.27 8.30
C MET A 343 -1.69 -44.93 7.25
N LEU A 344 -2.89 -45.33 7.62
CA LEU A 344 -3.87 -45.92 6.70
C LEU A 344 -5.23 -45.29 6.93
N GLU A 345 -5.25 -43.95 7.05
CA GLU A 345 -6.42 -43.25 7.57
C GLU A 345 -7.68 -43.55 6.77
N SER A 346 -7.57 -43.61 5.44
CA SER A 346 -8.75 -43.81 4.60
C SER A 346 -9.43 -45.15 4.86
N MET A 347 -8.71 -46.13 5.42
CA MET A 347 -9.31 -47.43 5.71
C MET A 347 -10.31 -47.37 6.86
N ILE A 348 -10.49 -46.20 7.48
CA ILE A 348 -11.59 -46.02 8.42
C ILE A 348 -12.94 -46.19 7.71
N THR A 349 -13.03 -45.72 6.46
CA THR A 349 -14.26 -45.82 5.69
C THR A 349 -14.15 -46.68 4.44
N LYS A 350 -12.95 -47.02 4.00
CA LYS A 350 -12.80 -47.74 2.75
C LYS A 350 -12.04 -49.04 2.97
N PRO A 351 -12.30 -50.08 2.17
CA PRO A 351 -11.63 -51.37 2.37
C PRO A 351 -10.20 -51.41 1.86
N ARG A 352 -9.78 -50.44 1.04
CA ARG A 352 -8.43 -50.41 0.50
C ARG A 352 -7.80 -49.04 0.73
N PRO A 353 -6.51 -49.00 1.05
CA PRO A 353 -5.85 -47.73 1.35
C PRO A 353 -5.47 -46.98 0.07
N THR A 354 -5.11 -45.71 0.25
CA THR A 354 -4.61 -44.92 -0.86
C THR A 354 -3.15 -45.25 -1.13
N ARG A 355 -2.65 -44.75 -2.26
CA ARG A 355 -1.25 -44.98 -2.61
C ARG A 355 -0.31 -44.25 -1.67
N ALA A 356 -0.70 -43.07 -1.18
CA ALA A 356 0.12 -42.34 -0.24
C ALA A 356 0.25 -43.08 1.08
N GLU A 357 -0.85 -43.68 1.55
CA GLU A 357 -0.85 -44.39 2.82
C GLU A 357 -0.01 -45.67 2.74
N THR A 358 -0.16 -46.41 1.64
CA THR A 358 0.71 -47.54 1.35
C THR A 358 2.17 -47.13 1.39
N SER A 359 2.51 -46.03 0.71
CA SER A 359 3.90 -45.57 0.67
C SER A 359 4.37 -45.12 2.04
N ASP A 360 3.47 -44.50 2.84
CA ASP A 360 3.87 -44.01 4.15
C ASP A 360 4.24 -45.15 5.09
N VAL A 361 3.45 -46.23 5.09
CA VAL A 361 3.77 -47.39 5.92
C VAL A 361 5.10 -48.00 5.49
N ALA A 362 5.28 -48.17 4.18
CA ALA A 362 6.51 -48.78 3.67
C ALA A 362 7.72 -47.92 4.01
N ASN A 363 7.61 -46.59 3.82
CA ASN A 363 8.77 -45.73 4.06
C ASN A 363 9.10 -45.64 5.55
N ALA A 364 8.10 -45.79 6.42
CA ALA A 364 8.39 -45.84 7.85
C ALA A 364 9.25 -47.04 8.21
N VAL A 365 8.93 -48.20 7.63
CA VAL A 365 9.77 -49.37 7.83
C VAL A 365 11.16 -49.14 7.27
N LEU A 366 11.24 -48.60 6.04
CA LEU A 366 12.53 -48.29 5.44
C LEU A 366 13.31 -47.28 6.26
N ASP A 367 12.62 -46.34 6.91
CA ASP A 367 13.30 -45.40 7.80
C ASP A 367 14.00 -46.13 8.94
N GLY A 368 13.42 -47.23 9.42
CA GLY A 368 13.98 -47.98 10.53
C GLY A 368 13.07 -48.06 11.73
N ALA A 369 11.78 -47.79 11.53
CA ALA A 369 10.83 -47.82 12.64
C ALA A 369 10.68 -49.22 13.20
N ASP A 370 10.69 -49.32 14.53
CA ASP A 370 10.48 -50.61 15.18
C ASP A 370 9.02 -51.02 15.14
N CYS A 371 8.11 -50.07 15.32
CA CYS A 371 6.68 -50.34 15.36
C CYS A 371 5.94 -49.35 14.49
N ILE A 372 4.81 -49.80 13.95
CA ILE A 372 3.86 -48.94 13.26
C ILE A 372 2.52 -49.06 13.99
N MET A 373 1.68 -48.03 13.83
CA MET A 373 0.50 -47.89 14.67
C MET A 373 -0.73 -47.58 13.83
N LEU A 374 -1.87 -48.06 14.33
CA LEU A 374 -3.18 -47.72 13.81
C LEU A 374 -4.00 -47.07 14.91
N SER A 375 -4.69 -45.98 14.57
CA SER A 375 -5.51 -45.27 15.55
C SER A 375 -6.97 -45.45 15.17
N GLY A 376 -7.56 -44.52 14.42
CA GLY A 376 -8.97 -44.67 14.06
C GLY A 376 -9.24 -45.90 13.22
N GLU A 377 -8.24 -46.38 12.49
CA GLU A 377 -8.43 -47.54 11.63
C GLU A 377 -8.85 -48.77 12.41
N THR A 378 -8.39 -48.91 13.66
CA THR A 378 -8.80 -50.02 14.49
C THR A 378 -9.71 -49.63 15.64
N ALA A 379 -9.71 -48.36 16.04
CA ALA A 379 -10.55 -47.96 17.17
C ALA A 379 -12.01 -47.81 16.75
N LYS A 380 -12.27 -47.21 15.59
CA LYS A 380 -13.63 -46.84 15.22
C LYS A 380 -14.02 -47.16 13.78
N GLY A 381 -13.07 -47.51 12.91
CA GLY A 381 -13.38 -47.69 11.51
C GLY A 381 -14.19 -48.94 11.24
N ASN A 382 -14.50 -49.13 9.96
CA ASN A 382 -15.31 -50.26 9.50
C ASN A 382 -14.48 -51.45 9.07
N PHE A 383 -13.15 -51.32 9.02
CA PHE A 383 -12.29 -52.41 8.56
C PHE A 383 -11.07 -52.54 9.47
N PRO A 384 -11.29 -52.78 10.78
CA PRO A 384 -10.14 -52.85 11.69
C PRO A 384 -9.21 -54.03 11.41
N VAL A 385 -9.77 -55.19 11.08
CA VAL A 385 -8.95 -56.36 10.79
C VAL A 385 -8.18 -56.16 9.49
N GLU A 386 -8.87 -55.67 8.46
CA GLU A 386 -8.23 -55.45 7.17
C GLU A 386 -7.12 -54.41 7.26
N ALA A 387 -7.22 -53.48 8.20
CA ALA A 387 -6.17 -52.49 8.39
C ALA A 387 -4.93 -53.12 9.03
N VAL A 388 -5.13 -54.04 9.98
CA VAL A 388 -4.01 -54.79 10.54
C VAL A 388 -3.36 -55.64 9.46
N LYS A 389 -4.17 -56.32 8.64
CA LYS A 389 -3.65 -57.15 7.57
C LYS A 389 -2.80 -56.33 6.60
N MET A 390 -3.25 -55.12 6.28
CA MET A 390 -2.52 -54.28 5.33
C MET A 390 -1.15 -53.90 5.88
N GLN A 391 -1.11 -53.40 7.13
CA GLN A 391 0.17 -53.02 7.72
C GLN A 391 1.13 -54.21 7.74
N HIS A 392 0.64 -55.39 8.13
CA HIS A 392 1.47 -56.59 8.11
C HIS A 392 1.99 -56.88 6.71
N ALA A 393 1.12 -56.77 5.70
CA ALA A 393 1.52 -57.07 4.33
C ALA A 393 2.53 -56.06 3.82
N ILE A 394 2.34 -54.77 4.12
CA ILE A 394 3.28 -53.76 3.68
C ILE A 394 4.61 -53.91 4.41
N ALA A 395 4.58 -54.21 5.70
CA ALA A 395 5.80 -54.31 6.49
C ALA A 395 6.72 -55.39 5.94
N ARG A 396 6.17 -56.55 5.57
CA ARG A 396 7.00 -57.63 5.05
C ARG A 396 7.69 -57.21 3.77
N GLU A 397 6.98 -56.54 2.86
CA GLU A 397 7.60 -56.12 1.61
C GLU A 397 8.69 -55.09 1.85
N ALA A 398 8.45 -54.13 2.74
CA ALA A 398 9.43 -53.08 2.99
C ALA A 398 10.66 -53.63 3.70
N GLU A 399 10.48 -54.56 4.63
CA GLU A 399 11.60 -55.12 5.37
C GLU A 399 12.59 -55.83 4.45
N ALA A 400 12.10 -56.43 3.37
CA ALA A 400 12.99 -57.04 2.39
C ALA A 400 13.62 -56.01 1.46
N ALA A 401 13.00 -54.84 1.31
CA ALA A 401 13.54 -53.78 0.47
C ALA A 401 14.59 -52.93 1.16
N VAL A 402 14.88 -53.20 2.43
CA VAL A 402 15.90 -52.45 3.15
C VAL A 402 17.27 -52.76 2.54
N TYR A 403 18.07 -51.71 2.34
CA TYR A 403 19.46 -51.87 1.90
C TYR A 403 20.28 -52.37 3.10
N HIS A 404 20.19 -53.69 3.34
CA HIS A 404 20.80 -54.27 4.53
C HIS A 404 22.30 -54.04 4.58
N ARG A 405 22.97 -54.16 3.43
CA ARG A 405 24.43 -54.05 3.38
C ARG A 405 24.93 -52.77 4.05
N GLN A 406 24.37 -51.63 3.65
CA GLN A 406 24.83 -50.37 4.25
C GLN A 406 24.28 -50.17 5.65
N LEU A 407 23.04 -50.60 5.89
CA LEU A 407 22.45 -50.44 7.22
C LEU A 407 23.30 -51.15 8.28
N PHE A 408 23.63 -52.42 8.03
CA PHE A 408 24.40 -53.17 9.03
C PHE A 408 25.79 -52.58 9.22
N GLU A 409 26.46 -52.23 8.11
CA GLU A 409 27.79 -51.64 8.21
C GLU A 409 27.77 -50.35 9.02
N GLU A 410 26.74 -49.52 8.83
CA GLU A 410 26.69 -48.25 9.54
C GLU A 410 26.35 -48.43 11.00
N LEU A 411 25.42 -49.35 11.32
CA LEU A 411 25.11 -49.62 12.72
C LEU A 411 26.32 -50.21 13.44
N ARG A 412 27.08 -51.07 12.75
CA ARG A 412 28.30 -51.63 13.31
C ARG A 412 29.29 -50.54 13.72
N ARG A 413 29.71 -49.74 12.74
CA ARG A 413 30.73 -48.71 13.00
C ARG A 413 30.24 -47.68 14.01
N ALA A 414 28.94 -47.41 14.05
CA ALA A 414 28.42 -46.39 14.94
C ALA A 414 28.32 -46.87 16.37
N ALA A 415 28.04 -48.16 16.58
CA ALA A 415 27.93 -48.70 17.93
C ALA A 415 29.31 -48.72 18.58
N PRO A 416 29.49 -48.08 19.74
CA PRO A 416 30.83 -47.96 20.32
C PRO A 416 31.36 -49.29 20.83
N LEU A 417 32.69 -49.34 20.97
CA LEU A 417 33.34 -50.50 21.56
C LEU A 417 32.79 -50.76 22.96
N SER A 418 32.67 -52.03 23.31
CA SER A 418 32.03 -52.43 24.56
C SER A 418 32.77 -53.60 25.17
N ARG A 419 32.88 -53.61 26.48
CA ARG A 419 33.39 -54.75 27.22
C ARG A 419 32.29 -55.52 27.92
N ASP A 420 31.04 -55.23 27.61
CA ASP A 420 29.92 -55.97 28.18
C ASP A 420 29.72 -57.26 27.39
N PRO A 421 29.77 -58.43 28.02
CA PRO A 421 29.70 -59.69 27.26
C PRO A 421 28.41 -59.87 26.48
N THR A 422 27.28 -59.35 26.96
CA THR A 422 26.04 -59.45 26.19
C THR A 422 26.14 -58.67 24.89
N GLU A 423 26.73 -57.47 24.94
CA GLU A 423 26.96 -56.70 23.73
C GLU A 423 27.90 -57.45 22.78
N VAL A 424 29.01 -57.99 23.32
CA VAL A 424 29.99 -58.66 22.50
C VAL A 424 29.39 -59.90 21.84
N THR A 425 28.61 -60.67 22.60
CA THR A 425 27.98 -61.87 22.05
C THR A 425 26.95 -61.51 20.98
N ALA A 426 26.21 -60.43 21.18
CA ALA A 426 25.14 -60.07 20.27
C ALA A 426 25.68 -59.77 18.87
N ILE A 427 26.73 -58.96 18.79
CA ILE A 427 27.27 -58.63 17.47
C ILE A 427 27.96 -59.84 16.86
N GLY A 428 28.59 -60.68 17.69
CA GLY A 428 29.12 -61.93 17.16
C GLY A 428 28.02 -62.82 16.62
N ALA A 429 26.86 -62.83 17.29
CA ALA A 429 25.75 -63.65 16.84
C ALA A 429 25.16 -63.12 15.54
N VAL A 430 24.98 -61.80 15.42
CA VAL A 430 24.44 -61.24 14.19
C VAL A 430 25.37 -61.51 13.02
N GLU A 431 26.68 -61.38 13.25
CA GLU A 431 27.65 -61.67 12.20
C GLU A 431 27.57 -63.13 11.77
N ALA A 432 27.51 -64.04 12.74
CA ALA A 432 27.41 -65.46 12.41
C ALA A 432 26.13 -65.76 11.64
N ALA A 433 25.02 -65.11 12.01
CA ALA A 433 23.76 -65.35 11.32
C ALA A 433 23.85 -64.97 9.85
N PHE A 434 24.55 -63.89 9.53
CA PHE A 434 24.70 -63.48 8.14
C PHE A 434 25.55 -64.47 7.35
N LYS A 435 26.56 -65.04 7.99
CA LYS A 435 27.48 -65.93 7.28
C LYS A 435 26.80 -67.22 6.84
N CYS A 436 25.87 -67.72 7.65
CA CYS A 436 25.19 -68.97 7.37
C CYS A 436 23.79 -68.75 6.78
N CYS A 437 23.36 -67.50 6.61
CA CYS A 437 21.96 -67.19 6.33
C CYS A 437 21.06 -67.93 7.30
N ALA A 438 21.35 -67.77 8.59
CA ALA A 438 20.62 -68.48 9.63
C ALA A 438 19.13 -68.20 9.54
N ALA A 439 18.34 -69.25 9.77
CA ALA A 439 16.89 -69.04 9.83
C ALA A 439 16.51 -68.18 11.02
N ALA A 440 17.20 -68.33 12.15
CA ALA A 440 16.84 -67.59 13.35
C ALA A 440 18.04 -67.46 14.26
N ILE A 441 17.91 -66.53 15.22
CA ILE A 441 18.81 -66.43 16.36
C ILE A 441 17.96 -66.70 17.59
N ILE A 442 18.11 -67.87 18.18
CA ILE A 442 17.40 -68.21 19.41
C ILE A 442 18.20 -67.68 20.59
N VAL A 443 17.54 -66.91 21.45
CA VAL A 443 18.18 -66.30 22.61
C VAL A 443 17.31 -66.51 23.84
N LEU A 444 17.95 -66.87 24.94
CA LEU A 444 17.27 -66.97 26.23
C LEU A 444 17.43 -65.64 26.97
N THR A 445 16.33 -65.11 27.50
CA THR A 445 16.38 -63.81 28.14
C THR A 445 15.37 -63.73 29.27
N THR A 446 15.76 -63.04 30.34
CA THR A 446 14.91 -62.83 31.51
C THR A 446 14.15 -61.51 31.42
N THR A 447 14.86 -60.43 31.09
CA THR A 447 14.28 -59.10 30.97
C THR A 447 14.02 -58.67 29.53
N GLY A 448 14.61 -59.36 28.56
CA GLY A 448 14.51 -58.98 27.17
C GLY A 448 15.77 -58.33 26.61
N ARG A 449 16.68 -57.88 27.48
CA ARG A 449 17.83 -57.09 27.03
C ARG A 449 18.66 -57.83 26.00
N SER A 450 18.92 -59.12 26.21
CA SER A 450 19.75 -59.86 25.26
C SER A 450 19.11 -59.92 23.89
N ALA A 451 17.77 -59.99 23.84
CA ALA A 451 17.09 -59.92 22.54
C ALA A 451 17.18 -58.53 21.96
N GLN A 452 17.07 -57.50 22.80
CA GLN A 452 17.14 -56.13 22.33
C GLN A 452 18.51 -55.80 21.76
N LEU A 453 19.58 -56.30 22.38
CA LEU A 453 20.92 -56.05 21.88
C LEU A 453 21.17 -56.74 20.55
N LEU A 454 20.50 -57.86 20.30
CA LEU A 454 20.53 -58.45 18.96
C LEU A 454 19.71 -57.62 17.99
N SER A 455 18.56 -57.11 18.46
CA SER A 455 17.63 -56.42 17.56
C SER A 455 18.23 -55.13 17.00
N ARG A 456 19.09 -54.46 17.77
CA ARG A 456 19.58 -53.15 17.33
C ARG A 456 20.53 -53.24 16.14
N TYR A 457 21.12 -54.41 15.88
CA TYR A 457 21.98 -54.57 14.71
C TYR A 457 21.20 -54.97 13.46
N ARG A 458 19.88 -55.08 13.57
CA ARG A 458 19.00 -55.37 12.44
C ARG A 458 19.44 -56.61 11.64
N PRO A 459 19.51 -57.78 12.28
CA PRO A 459 19.78 -59.00 11.51
C PRO A 459 18.61 -59.35 10.62
N ARG A 460 18.92 -60.00 9.49
CA ARG A 460 17.85 -60.52 8.65
C ARG A 460 17.19 -61.72 9.31
N ALA A 461 17.96 -62.54 10.01
CA ALA A 461 17.39 -63.68 10.72
C ALA A 461 16.49 -63.21 11.86
N ALA A 462 15.46 -64.01 12.13
CA ALA A 462 14.53 -63.69 13.20
C ALA A 462 15.16 -63.93 14.56
N VAL A 463 14.85 -63.05 15.51
CA VAL A 463 15.33 -63.19 16.88
C VAL A 463 14.21 -63.84 17.68
N ILE A 464 14.34 -65.15 17.89
CA ILE A 464 13.37 -65.93 18.65
C ILE A 464 13.77 -65.87 20.13
N ALA A 465 13.01 -65.10 20.91
CA ALA A 465 13.34 -64.86 22.31
C ALA A 465 12.49 -65.77 23.20
N VAL A 466 13.17 -66.55 24.04
CA VAL A 466 12.52 -67.49 24.96
C VAL A 466 12.65 -66.92 26.37
N THR A 467 11.52 -66.71 27.04
CA THR A 467 11.51 -66.09 28.35
C THR A 467 10.42 -66.70 29.22
N ARG A 468 10.69 -66.75 30.53
CA ARG A 468 9.66 -67.09 31.51
C ARG A 468 8.82 -65.89 31.90
N SER A 469 9.35 -64.68 31.72
CA SER A 469 8.66 -63.45 32.11
C SER A 469 7.59 -63.12 31.09
N ALA A 470 6.32 -63.28 31.48
CA ALA A 470 5.22 -62.94 30.59
C ALA A 470 5.21 -61.46 30.23
N GLN A 471 5.58 -60.60 31.19
CA GLN A 471 5.66 -59.18 30.90
C GLN A 471 6.77 -58.87 29.92
N ALA A 472 7.96 -59.47 30.11
CA ALA A 472 9.05 -59.26 29.16
C ALA A 472 8.69 -59.82 27.79
N ALA A 473 8.00 -60.96 27.76
CA ALA A 473 7.52 -61.50 26.49
C ALA A 473 6.70 -60.48 25.73
N ARG A 474 5.86 -59.72 26.44
CA ARG A 474 5.04 -58.71 25.78
C ARG A 474 5.83 -57.44 25.45
N GLN A 475 6.68 -56.99 26.38
CA GLN A 475 7.38 -55.72 26.18
C GLN A 475 8.40 -55.80 25.04
N VAL A 476 8.91 -56.99 24.72
CA VAL A 476 9.94 -57.09 23.69
C VAL A 476 9.38 -56.96 22.29
N HIS A 477 8.05 -56.88 22.14
CA HIS A 477 7.47 -56.55 20.84
C HIS A 477 7.88 -55.16 20.36
N LEU A 478 8.34 -54.29 21.27
CA LEU A 478 8.77 -52.96 20.87
C LEU A 478 10.02 -52.99 19.99
N CYS A 479 10.81 -54.06 20.06
CA CYS A 479 12.07 -54.17 19.33
C CYS A 479 11.86 -54.95 18.04
N ARG A 480 12.21 -54.35 16.92
CA ARG A 480 11.98 -54.97 15.62
C ARG A 480 12.73 -56.29 15.49
N GLY A 481 12.03 -57.29 14.97
CA GLY A 481 12.66 -58.57 14.67
C GLY A 481 12.72 -59.56 15.80
N VAL A 482 12.14 -59.24 16.95
CA VAL A 482 12.11 -60.15 18.09
C VAL A 482 10.75 -60.82 18.15
N PHE A 483 10.75 -62.15 18.20
CA PHE A 483 9.52 -62.93 18.28
C PHE A 483 9.46 -63.64 19.62
N PRO A 484 8.66 -63.16 20.56
CA PRO A 484 8.72 -63.68 21.93
C PRO A 484 7.98 -64.99 22.09
N LEU A 485 8.59 -65.90 22.84
CA LEU A 485 7.96 -67.15 23.25
C LEU A 485 7.98 -67.23 24.77
N LEU A 486 6.80 -67.45 25.35
CA LEU A 486 6.66 -67.55 26.79
C LEU A 486 6.84 -69.02 27.19
N TYR A 487 7.82 -69.27 28.06
CA TYR A 487 8.08 -70.61 28.57
C TYR A 487 7.35 -70.78 29.91
N ARG A 488 6.66 -71.90 30.06
CA ARG A 488 5.76 -72.11 31.19
C ARG A 488 6.21 -73.21 32.14
N GLU A 489 6.96 -74.20 31.65
CA GLU A 489 7.40 -75.33 32.46
C GLU A 489 8.15 -74.86 33.70
N PRO A 490 8.07 -75.60 34.81
CA PRO A 490 8.85 -75.24 36.00
C PRO A 490 10.32 -75.59 35.80
N PRO A 491 11.22 -74.99 36.57
CA PRO A 491 12.64 -75.24 36.38
C PRO A 491 13.00 -76.70 36.60
N GLU A 492 13.95 -77.20 35.79
CA GLU A 492 14.50 -78.51 35.99
C GLU A 492 15.42 -78.52 37.20
N ALA A 493 15.79 -79.73 37.65
CA ALA A 493 16.76 -79.83 38.73
C ALA A 493 18.12 -79.31 38.30
N ILE A 494 18.63 -79.81 37.17
CA ILE A 494 19.92 -79.39 36.64
C ILE A 494 19.71 -78.13 35.81
N TRP A 495 20.42 -77.05 36.15
CA TRP A 495 20.26 -75.79 35.43
C TRP A 495 20.54 -75.95 33.95
N ALA A 496 21.62 -76.65 33.60
CA ALA A 496 21.97 -76.84 32.20
C ALA A 496 20.91 -77.66 31.46
N ASP A 497 20.17 -78.52 32.17
CA ASP A 497 19.04 -79.19 31.56
C ASP A 497 17.93 -78.21 31.23
N ASP A 498 17.69 -77.24 32.13
CA ASP A 498 16.63 -76.25 31.91
C ASP A 498 16.97 -75.33 30.74
N VAL A 499 18.25 -74.99 30.59
CA VAL A 499 18.68 -74.17 29.45
C VAL A 499 18.38 -74.87 28.14
N ASP A 500 18.76 -76.15 28.05
CA ASP A 500 18.58 -76.90 26.81
C ASP A 500 17.09 -77.11 26.50
N ARG A 501 16.27 -77.33 27.53
CA ARG A 501 14.84 -77.46 27.31
C ARG A 501 14.27 -76.19 26.70
N ARG A 502 14.65 -75.02 27.24
CA ARG A 502 14.20 -73.75 26.68
C ARG A 502 14.69 -73.58 25.25
N VAL A 503 15.94 -73.94 24.98
CA VAL A 503 16.45 -73.88 23.61
C VAL A 503 15.63 -74.77 22.69
N GLN A 504 15.31 -75.99 23.15
CA GLN A 504 14.49 -76.88 22.35
C GLN A 504 13.06 -76.38 22.23
N PHE A 505 12.57 -75.67 23.24
CA PHE A 505 11.26 -75.04 23.14
C PHE A 505 11.23 -74.01 22.02
N GLY A 506 12.28 -73.19 21.93
CA GLY A 506 12.40 -72.26 20.80
C GLY A 506 12.57 -72.98 19.47
N ILE A 507 13.21 -74.14 19.47
CA ILE A 507 13.32 -74.94 18.25
C ILE A 507 11.95 -75.43 17.82
N GLU A 508 11.19 -76.01 18.75
CA GLU A 508 9.90 -76.60 18.41
C GLU A 508 8.88 -75.52 18.05
N SER A 509 8.84 -74.44 18.81
CA SER A 509 7.98 -73.32 18.44
C SER A 509 8.35 -72.78 17.07
N GLY A 510 9.66 -72.68 16.79
CA GLY A 510 10.09 -72.14 15.52
C GLY A 510 9.69 -73.02 14.34
N LYS A 511 9.78 -74.34 14.52
CA LYS A 511 9.39 -75.24 13.43
C LYS A 511 7.90 -75.18 13.16
N LEU A 512 7.08 -75.15 14.23
CA LEU A 512 5.63 -75.14 14.06
C LEU A 512 5.14 -73.84 13.46
N ARG A 513 5.82 -72.72 13.70
CA ARG A 513 5.40 -71.42 13.20
C ARG A 513 5.94 -71.12 11.81
N GLY A 514 6.74 -72.00 11.22
CA GLY A 514 7.32 -71.77 9.92
C GLY A 514 8.69 -71.15 9.91
N PHE A 515 9.25 -70.83 11.06
CA PHE A 515 10.57 -70.17 11.08
C PHE A 515 11.71 -71.16 10.79
N LEU A 516 11.62 -72.39 11.28
CA LEU A 516 12.76 -73.34 11.15
C LEU A 516 12.39 -74.60 10.39
N ARG A 517 13.37 -75.19 9.72
CA ARG A 517 13.24 -76.41 8.91
C ARG A 517 14.37 -77.37 9.28
N VAL A 518 14.22 -78.65 9.00
CA VAL A 518 15.34 -79.59 9.29
C VAL A 518 16.43 -79.25 8.29
N GLY A 519 17.68 -79.16 8.73
CA GLY A 519 18.77 -78.80 7.80
C GLY A 519 19.11 -77.32 7.93
N ASP A 520 18.23 -76.57 8.56
CA ASP A 520 18.50 -75.16 8.75
C ASP A 520 19.60 -74.98 9.80
N LEU A 521 20.34 -73.88 9.67
CA LEU A 521 21.30 -73.48 10.68
C LEU A 521 20.73 -72.37 11.53
N VAL A 522 20.95 -72.45 12.83
CA VAL A 522 20.42 -71.47 13.77
C VAL A 522 21.57 -71.01 14.67
N ILE A 523 21.48 -69.76 15.11
CA ILE A 523 22.41 -69.21 16.09
C ILE A 523 21.70 -69.21 17.43
N VAL A 524 22.36 -69.76 18.45
CA VAL A 524 21.76 -69.86 19.80
C VAL A 524 22.62 -69.06 20.76
N VAL A 525 21.98 -68.18 21.52
CA VAL A 525 22.65 -67.27 22.44
C VAL A 525 22.17 -67.57 23.85
N THR A 526 23.11 -67.88 24.75
CA THR A 526 22.81 -68.26 26.13
C THR A 526 23.83 -67.62 27.06
N GLY A 527 23.77 -67.98 28.34
CA GLY A 527 24.69 -67.46 29.33
C GLY A 527 25.31 -68.57 30.16
N TRP A 528 26.29 -68.18 30.97
CA TRP A 528 27.10 -69.13 31.73
C TRP A 528 26.58 -69.39 33.13
N ARG A 529 25.61 -68.63 33.61
CA ARG A 529 25.06 -68.79 34.95
C ARG A 529 23.64 -68.26 34.96
N PRO A 530 22.82 -68.65 35.95
CA PRO A 530 21.44 -68.17 36.00
C PRO A 530 21.37 -66.68 36.31
N GLY A 531 20.20 -66.11 36.03
CA GLY A 531 19.97 -64.69 36.23
C GLY A 531 20.35 -63.87 35.00
N SER A 532 19.74 -62.69 34.91
CA SER A 532 19.97 -61.81 33.77
C SER A 532 21.31 -61.09 33.91
N GLY A 533 21.87 -60.71 32.76
CA GLY A 533 23.12 -59.97 32.71
C GLY A 533 24.35 -60.82 32.47
N TYR A 534 24.21 -62.12 32.22
CA TYR A 534 25.35 -63.03 32.09
C TYR A 534 25.37 -63.73 30.73
N THR A 535 24.64 -63.22 29.74
CA THR A 535 24.72 -63.78 28.40
C THR A 535 26.14 -63.66 27.87
N ASN A 536 26.69 -64.77 27.35
CA ASN A 536 28.07 -64.75 26.89
C ASN A 536 28.44 -65.91 25.97
N ILE A 537 27.46 -66.64 25.45
CA ILE A 537 27.72 -67.83 24.63
C ILE A 537 26.92 -67.74 23.34
N MET A 538 27.58 -68.04 22.22
CA MET A 538 26.95 -68.13 20.91
C MET A 538 27.29 -69.47 20.29
N ARG A 539 26.28 -70.22 19.87
CA ARG A 539 26.48 -71.53 19.27
C ARG A 539 25.85 -71.59 17.89
N VAL A 540 26.46 -72.39 17.00
CA VAL A 540 25.95 -72.67 15.67
C VAL A 540 25.43 -74.10 15.68
N LEU A 541 24.12 -74.25 15.47
CA LEU A 541 23.48 -75.56 15.52
C LEU A 541 22.70 -75.82 14.24
N SER A 542 22.62 -77.10 13.88
CA SER A 542 21.77 -77.56 12.79
C SER A 542 20.45 -78.07 13.36
N ILE A 543 19.35 -77.75 12.68
CA ILE A 543 18.03 -78.14 13.15
C ILE A 543 17.75 -79.58 12.74
N SER A 544 17.22 -80.37 13.67
CA SER A 544 16.80 -81.74 13.37
C SER A 544 15.32 -81.92 13.70
N GLN B 27 23.17 -23.79 10.48
CA GLN B 27 23.13 -23.51 9.05
C GLN B 27 21.83 -23.99 8.41
N GLN B 28 21.51 -23.42 7.26
CA GLN B 28 20.25 -23.69 6.58
C GLN B 28 20.44 -24.75 5.49
N GLN B 29 19.34 -25.10 4.82
CA GLN B 29 19.31 -26.05 3.71
C GLN B 29 19.70 -27.47 4.14
N GLN B 30 19.57 -27.80 5.43
CA GLN B 30 19.99 -29.10 5.97
C GLN B 30 21.45 -29.39 5.64
N LEU B 31 22.29 -28.35 5.61
CA LEU B 31 23.68 -28.51 5.25
C LEU B 31 24.47 -29.34 6.28
N PRO B 32 24.21 -29.20 7.60
CA PRO B 32 24.82 -30.15 8.54
C PRO B 32 24.53 -31.60 8.18
N ALA B 33 23.29 -31.94 7.82
CA ALA B 33 23.00 -33.29 7.36
C ALA B 33 23.64 -33.58 6.02
N ALA B 34 23.88 -32.55 5.22
CA ALA B 34 24.51 -32.74 3.92
C ALA B 34 25.96 -33.21 4.06
N MET B 35 26.61 -32.87 5.17
CA MET B 35 28.03 -33.13 5.36
C MET B 35 28.29 -34.36 6.21
N ALA B 36 27.26 -35.16 6.50
CA ALA B 36 27.44 -36.35 7.31
C ALA B 36 28.18 -37.44 6.53
N ASP B 37 28.94 -38.26 7.26
CA ASP B 37 29.76 -39.30 6.65
C ASP B 37 28.98 -40.59 6.37
N THR B 38 27.83 -40.77 7.02
CA THR B 38 27.01 -41.97 6.82
C THR B 38 25.57 -41.55 6.59
N PHE B 39 24.80 -42.44 5.98
CA PHE B 39 23.37 -42.19 5.84
C PHE B 39 22.68 -42.13 7.20
N LEU B 40 23.14 -42.94 8.15
CA LEU B 40 22.56 -42.93 9.49
C LEU B 40 22.73 -41.56 10.15
N GLU B 41 23.96 -41.01 10.09
CA GLU B 41 24.16 -39.67 10.65
C GLU B 41 23.44 -38.61 9.83
N HIS B 42 23.32 -38.81 8.53
CA HIS B 42 22.52 -37.89 7.71
C HIS B 42 21.12 -37.77 8.25
N LEU B 43 20.47 -38.91 8.52
CA LEU B 43 19.15 -38.88 9.16
C LEU B 43 19.21 -38.19 10.52
N CYS B 44 20.24 -38.51 11.31
CA CYS B 44 20.32 -38.00 12.68
C CYS B 44 20.44 -36.48 12.74
N LEU B 45 20.96 -35.85 11.68
CA LEU B 45 21.25 -34.43 11.71
C LEU B 45 20.18 -33.58 11.04
N LEU B 46 19.14 -34.19 10.49
CA LEU B 46 18.05 -33.42 9.89
C LEU B 46 17.41 -32.53 10.96
N ASP B 47 17.06 -31.30 10.56
CA ASP B 47 16.68 -30.26 11.51
C ASP B 47 15.45 -29.54 10.98
N ILE B 48 14.38 -29.54 11.78
CA ILE B 48 13.15 -28.85 11.39
C ILE B 48 13.31 -27.34 11.35
N ASP B 49 14.30 -26.78 12.05
CA ASP B 49 14.54 -25.35 12.05
C ASP B 49 15.51 -24.90 10.95
N SER B 50 16.10 -25.84 10.22
CA SER B 50 17.00 -25.51 9.11
C SER B 50 16.16 -25.12 7.89
N GLU B 51 16.24 -23.83 7.49
CA GLU B 51 15.23 -23.52 6.50
C GLU B 51 15.74 -23.74 5.08
N PRO B 52 14.86 -24.15 4.17
CA PRO B 52 15.28 -24.47 2.81
C PRO B 52 15.39 -23.25 1.91
N VAL B 53 15.92 -23.49 0.71
CA VAL B 53 16.07 -22.49 -0.34
C VAL B 53 14.73 -22.29 -1.04
N ALA B 54 14.47 -21.06 -1.48
CA ALA B 54 13.20 -20.74 -2.13
C ALA B 54 12.99 -21.52 -3.43
N ALA B 55 14.07 -21.84 -4.14
CA ALA B 55 13.96 -22.52 -5.43
C ALA B 55 13.58 -23.98 -5.24
N ARG B 56 12.44 -24.38 -5.80
CA ARG B 56 11.90 -25.72 -5.65
C ARG B 56 12.20 -26.53 -6.92
N SER B 57 12.93 -27.64 -6.76
CA SER B 57 13.46 -28.37 -7.91
C SER B 57 12.48 -29.34 -8.52
N THR B 58 11.62 -29.96 -7.71
CA THR B 58 10.69 -30.98 -8.20
C THR B 58 9.48 -30.29 -8.80
N SER B 59 9.28 -30.44 -10.11
CA SER B 59 8.20 -29.72 -10.77
C SER B 59 6.86 -30.37 -10.47
N ILE B 60 5.82 -29.54 -10.38
CA ILE B 60 4.49 -29.96 -9.98
C ILE B 60 3.62 -30.01 -11.23
N ILE B 61 3.03 -31.18 -11.48
CA ILE B 61 2.03 -31.34 -12.53
C ILE B 61 0.65 -31.27 -11.89
N ALA B 62 -0.20 -30.41 -12.44
CA ALA B 62 -1.57 -30.25 -11.96
C ALA B 62 -2.53 -30.62 -13.08
N THR B 63 -3.49 -31.49 -12.76
CA THR B 63 -4.49 -31.90 -13.76
C THR B 63 -5.58 -30.85 -13.87
N ILE B 64 -5.97 -30.57 -15.11
CA ILE B 64 -6.99 -29.57 -15.41
C ILE B 64 -8.37 -30.20 -15.36
N GLY B 65 -9.30 -29.51 -14.70
CA GLY B 65 -10.68 -29.93 -14.64
C GLY B 65 -11.55 -28.77 -14.23
N PRO B 66 -12.80 -29.06 -13.83
CA PRO B 66 -13.73 -27.97 -13.47
C PRO B 66 -13.22 -27.06 -12.36
N ALA B 67 -12.37 -27.58 -11.46
CA ALA B 67 -11.86 -26.75 -10.37
C ALA B 67 -10.65 -25.91 -10.76
N SER B 68 -10.07 -26.15 -11.94
CA SER B 68 -8.81 -25.53 -12.32
C SER B 68 -8.85 -25.06 -13.76
N ARG B 69 -9.98 -24.50 -14.18
CA ARG B 69 -10.18 -24.16 -15.59
C ARG B 69 -10.33 -22.67 -15.85
N SER B 70 -10.88 -21.91 -14.92
CA SER B 70 -11.01 -20.47 -15.12
C SER B 70 -9.63 -19.83 -15.20
N VAL B 71 -9.51 -18.81 -16.06
CA VAL B 71 -8.24 -18.13 -16.25
C VAL B 71 -7.76 -17.55 -14.92
N GLU B 72 -8.68 -17.02 -14.11
CA GLU B 72 -8.29 -16.42 -12.84
C GLU B 72 -7.80 -17.48 -11.84
N ARG B 73 -8.32 -18.70 -11.92
CA ARG B 73 -7.86 -19.76 -11.04
C ARG B 73 -6.52 -20.32 -11.51
N LEU B 74 -6.33 -20.42 -12.82
CA LEU B 74 -5.05 -20.88 -13.37
C LEU B 74 -3.93 -19.91 -13.01
N LYS B 75 -4.23 -18.60 -13.01
CA LYS B 75 -3.22 -17.63 -12.60
C LYS B 75 -2.78 -17.86 -11.16
N GLU B 76 -3.73 -18.21 -10.29
CA GLU B 76 -3.39 -18.49 -8.89
C GLU B 76 -2.55 -19.75 -8.76
N MET B 77 -2.81 -20.75 -9.60
CA MET B 77 -2.04 -21.99 -9.53
C MET B 77 -0.64 -21.80 -10.11
N ILE B 78 -0.50 -20.96 -11.13
CA ILE B 78 0.83 -20.62 -11.63
C ILE B 78 1.66 -19.96 -10.53
N LYS B 79 1.05 -19.00 -9.83
CA LYS B 79 1.74 -18.35 -8.73
C LYS B 79 2.01 -19.32 -7.58
N ALA B 80 1.15 -20.33 -7.41
CA ALA B 80 1.35 -21.30 -6.34
C ALA B 80 2.49 -22.26 -6.65
N GLY B 81 2.76 -22.52 -7.93
CA GLY B 81 3.91 -23.33 -8.29
C GLY B 81 3.70 -24.36 -9.38
N MET B 82 2.53 -24.36 -10.02
CA MET B 82 2.26 -25.32 -11.10
C MET B 82 3.21 -25.05 -12.27
N ASN B 83 3.89 -26.11 -12.72
CA ASN B 83 4.83 -26.02 -13.83
C ASN B 83 4.36 -26.71 -15.10
N ILE B 84 3.51 -27.73 -14.98
CA ILE B 84 3.00 -28.46 -16.13
C ILE B 84 1.50 -28.66 -15.94
N ALA B 85 0.73 -28.38 -16.99
CA ALA B 85 -0.72 -28.55 -16.98
C ALA B 85 -1.06 -29.84 -17.69
N ARG B 86 -1.72 -30.75 -16.98
CA ARG B 86 -2.05 -32.07 -17.49
C ARG B 86 -3.49 -32.07 -18.02
N LEU B 87 -3.65 -32.41 -19.30
CA LEU B 87 -4.96 -32.54 -19.93
C LEU B 87 -5.31 -34.02 -20.00
N ASN B 88 -6.31 -34.43 -19.23
CA ASN B 88 -6.72 -35.83 -19.16
C ASN B 88 -7.73 -36.10 -20.27
N PHE B 89 -7.30 -36.82 -21.32
CA PHE B 89 -8.14 -37.05 -22.48
C PHE B 89 -9.03 -38.27 -22.33
N SER B 90 -9.26 -38.74 -21.10
CA SER B 90 -10.25 -39.77 -20.85
C SER B 90 -11.64 -39.19 -20.62
N HIS B 91 -11.76 -37.87 -20.47
CA HIS B 91 -13.04 -37.20 -20.34
C HIS B 91 -12.96 -35.86 -21.07
N GLY B 92 -14.06 -35.48 -21.69
CA GLY B 92 -14.11 -34.18 -22.35
C GLY B 92 -13.82 -34.27 -23.83
N SER B 93 -14.41 -33.35 -24.59
CA SER B 93 -14.29 -33.33 -26.04
C SER B 93 -13.06 -32.55 -26.48
N HIS B 94 -12.77 -32.63 -27.78
CA HIS B 94 -11.67 -31.86 -28.35
C HIS B 94 -11.89 -30.36 -28.15
N GLU B 95 -13.14 -29.90 -28.32
CA GLU B 95 -13.45 -28.50 -28.06
C GLU B 95 -13.27 -28.16 -26.60
N TYR B 96 -13.58 -29.10 -25.70
CA TYR B 96 -13.39 -28.86 -24.28
C TYR B 96 -11.92 -28.65 -23.94
N HIS B 97 -11.04 -29.45 -24.53
CA HIS B 97 -9.62 -29.36 -24.24
C HIS B 97 -8.95 -28.19 -24.95
N ALA B 98 -9.51 -27.73 -26.07
CA ALA B 98 -9.03 -26.48 -26.65
C ALA B 98 -9.34 -25.30 -25.76
N GLU B 99 -10.52 -25.31 -25.12
CA GLU B 99 -10.85 -24.28 -24.14
C GLU B 99 -9.87 -24.31 -22.98
N SER B 100 -9.53 -25.51 -22.48
CA SER B 100 -8.57 -25.63 -21.40
C SER B 100 -7.20 -25.12 -21.84
N ILE B 101 -6.76 -25.52 -23.04
CA ILE B 101 -5.49 -25.05 -23.57
C ILE B 101 -5.50 -23.53 -23.69
N ALA B 102 -6.57 -22.98 -24.27
CA ALA B 102 -6.65 -21.54 -24.47
C ALA B 102 -6.61 -20.79 -23.14
N ASN B 103 -7.29 -21.31 -22.12
CA ASN B 103 -7.31 -20.63 -20.82
C ASN B 103 -5.96 -20.71 -20.12
N VAL B 104 -5.23 -21.81 -20.30
CA VAL B 104 -3.90 -21.92 -19.69
C VAL B 104 -2.94 -20.92 -20.34
N ARG B 105 -2.94 -20.87 -21.68
CA ARG B 105 -2.03 -19.95 -22.37
C ARG B 105 -2.37 -18.50 -22.07
N GLU B 106 -3.65 -18.17 -21.89
CA GLU B 106 -4.00 -16.81 -21.50
C GLU B 106 -3.51 -16.50 -20.10
N ALA B 107 -3.62 -17.46 -19.17
CA ALA B 107 -3.12 -17.25 -17.82
C ALA B 107 -1.60 -17.15 -17.82
N VAL B 108 -0.93 -18.02 -18.57
CA VAL B 108 0.53 -18.02 -18.61
C VAL B 108 1.05 -16.72 -19.21
N GLU B 109 0.52 -16.35 -20.38
CA GLU B 109 1.00 -15.16 -21.07
C GLU B 109 0.60 -13.87 -20.37
N SER B 110 -0.32 -13.93 -19.40
CA SER B 110 -0.67 -12.73 -18.63
C SER B 110 0.51 -12.20 -17.84
N PHE B 111 1.55 -13.00 -17.63
CA PHE B 111 2.75 -12.59 -16.92
C PHE B 111 3.90 -12.22 -17.85
N ALA B 112 3.71 -12.35 -19.17
CA ALA B 112 4.81 -12.16 -20.11
C ALA B 112 5.31 -10.72 -20.13
N GLY B 113 4.49 -9.76 -19.72
CA GLY B 113 4.89 -8.37 -19.72
C GLY B 113 6.03 -8.04 -18.78
N SER B 114 6.32 -8.93 -17.82
CA SER B 114 7.46 -8.78 -16.91
C SER B 114 8.39 -9.97 -17.14
N PRO B 115 9.34 -9.86 -18.07
CA PRO B 115 10.12 -11.04 -18.47
C PRO B 115 10.98 -11.62 -17.36
N LEU B 116 11.45 -10.79 -16.42
CA LEU B 116 12.31 -11.29 -15.35
C LEU B 116 11.59 -12.23 -14.38
N SER B 117 10.25 -12.25 -14.40
CA SER B 117 9.48 -13.10 -13.52
C SER B 117 8.58 -14.08 -14.26
N TYR B 118 8.54 -14.03 -15.58
CA TYR B 118 7.69 -14.92 -16.37
C TYR B 118 8.05 -16.38 -16.11
N ARG B 119 7.05 -17.16 -15.72
CA ARG B 119 7.23 -18.58 -15.47
C ARG B 119 6.67 -19.37 -16.64
N PRO B 120 7.51 -20.03 -17.44
CA PRO B 120 6.98 -20.92 -18.48
C PRO B 120 6.17 -22.05 -17.85
N VAL B 121 5.11 -22.45 -18.55
CA VAL B 121 4.28 -23.57 -18.13
C VAL B 121 4.12 -24.51 -19.32
N ALA B 122 4.39 -25.79 -19.10
CA ALA B 122 4.25 -26.80 -20.13
C ALA B 122 2.83 -27.34 -20.15
N ILE B 123 2.43 -27.88 -21.29
CA ILE B 123 1.11 -28.48 -21.47
C ILE B 123 1.31 -29.93 -21.87
N ALA B 124 0.71 -30.84 -21.10
CA ALA B 124 0.90 -32.27 -21.28
C ALA B 124 -0.43 -32.92 -21.61
N LEU B 125 -0.43 -33.75 -22.66
CA LEU B 125 -1.62 -34.49 -23.08
C LEU B 125 -1.53 -35.91 -22.54
N ASP B 126 -2.46 -36.27 -21.67
CA ASP B 126 -2.55 -37.63 -21.12
C ASP B 126 -3.58 -38.40 -21.92
N THR B 127 -3.14 -39.48 -22.57
CA THR B 127 -4.01 -40.22 -23.46
C THR B 127 -5.03 -41.06 -22.69
N LYS B 128 -6.17 -41.32 -23.34
CA LYS B 128 -7.17 -42.21 -22.75
C LYS B 128 -6.62 -43.62 -22.60
N GLY B 129 -6.02 -44.15 -23.67
CA GLY B 129 -5.42 -45.46 -23.63
C GLY B 129 -6.43 -46.58 -23.65
N PRO B 130 -5.94 -47.83 -23.57
CA PRO B 130 -6.86 -48.97 -23.56
C PRO B 130 -7.66 -49.07 -22.27
N GLU B 131 -8.94 -48.70 -22.34
CA GLU B 131 -9.79 -48.64 -21.16
C GLU B 131 -11.00 -49.54 -21.34
N ILE B 132 -11.42 -50.17 -20.25
CA ILE B 132 -12.61 -51.02 -20.22
C ILE B 132 -13.55 -50.44 -19.17
N ARG B 133 -14.69 -49.94 -19.62
CA ARG B 133 -15.66 -49.24 -18.77
C ARG B 133 -16.95 -50.03 -18.68
N THR B 134 -17.85 -49.57 -17.81
CA THR B 134 -19.18 -50.16 -17.71
C THR B 134 -20.21 -49.27 -18.38
N VAL B 153 -22.58 -62.65 -9.56
CA VAL B 153 -22.81 -61.50 -10.42
C VAL B 153 -22.73 -61.93 -11.89
N LEU B 154 -23.57 -61.31 -12.72
CA LEU B 154 -23.62 -61.59 -14.15
C LEU B 154 -23.09 -60.38 -14.90
N VAL B 155 -21.95 -60.55 -15.56
CA VAL B 155 -21.35 -59.49 -16.37
C VAL B 155 -21.51 -59.86 -17.83
N THR B 156 -22.23 -59.03 -18.58
CA THR B 156 -22.53 -59.31 -19.98
C THR B 156 -22.02 -58.21 -20.89
N GLY B 165 -29.03 -52.72 -17.08
CA GLY B 165 -27.80 -52.56 -16.33
C GLY B 165 -28.01 -51.95 -14.96
N ASN B 166 -28.10 -52.80 -13.94
CA ASN B 166 -28.44 -52.37 -12.60
C ASN B 166 -27.51 -53.06 -11.61
N ALA B 167 -27.94 -53.13 -10.34
CA ALA B 167 -27.12 -53.69 -9.27
C ALA B 167 -27.42 -55.18 -9.09
N ASN B 168 -27.18 -55.93 -10.17
CA ASN B 168 -27.34 -57.38 -10.17
C ASN B 168 -26.65 -57.95 -11.39
N THR B 169 -26.68 -57.20 -12.49
CA THR B 169 -26.02 -57.54 -13.74
C THR B 169 -25.34 -56.28 -14.26
N VAL B 170 -24.05 -56.36 -14.57
CA VAL B 170 -23.29 -55.21 -15.03
C VAL B 170 -22.91 -55.41 -16.49
N TRP B 171 -23.21 -54.40 -17.30
CA TRP B 171 -22.81 -54.34 -18.70
C TRP B 171 -21.42 -53.73 -18.79
N VAL B 172 -20.59 -54.27 -19.69
CA VAL B 172 -19.27 -53.70 -19.95
C VAL B 172 -19.11 -53.45 -21.44
N ASP B 173 -18.10 -52.63 -21.76
CA ASP B 173 -17.83 -52.20 -23.13
C ASP B 173 -16.75 -53.03 -23.81
N TYR B 174 -16.50 -54.25 -23.34
CA TYR B 174 -15.41 -55.03 -23.91
C TYR B 174 -15.61 -56.52 -23.71
N PRO B 175 -15.68 -57.31 -24.79
CA PRO B 175 -15.74 -58.78 -24.74
C PRO B 175 -14.36 -59.41 -24.89
N ILE B 187 -12.10 -59.58 -11.84
CA ILE B 187 -12.66 -58.36 -12.40
C ILE B 187 -12.76 -57.27 -11.33
N TYR B 188 -12.05 -56.17 -11.55
CA TYR B 188 -12.06 -55.03 -10.64
C TYR B 188 -12.85 -53.90 -11.27
N ILE B 189 -13.73 -53.28 -10.50
CA ILE B 189 -14.55 -52.17 -10.96
C ILE B 189 -14.53 -51.08 -9.89
N ASP B 190 -14.76 -49.84 -10.33
CA ASP B 190 -14.72 -48.66 -9.45
C ASP B 190 -13.35 -48.53 -8.80
N ASP B 191 -12.34 -48.33 -9.66
CA ASP B 191 -10.96 -48.15 -9.22
C ASP B 191 -10.54 -49.24 -8.23
N GLY B 192 -10.84 -50.48 -8.61
CA GLY B 192 -10.40 -51.63 -7.83
C GLY B 192 -11.01 -51.77 -6.45
N LEU B 193 -12.20 -51.20 -6.22
CA LEU B 193 -12.83 -51.31 -4.92
C LEU B 193 -13.80 -52.49 -4.83
N ILE B 194 -14.22 -53.06 -5.95
CA ILE B 194 -15.14 -54.19 -5.97
C ILE B 194 -14.46 -55.34 -6.70
N SER B 195 -14.59 -56.55 -6.15
CA SER B 195 -13.97 -57.75 -6.70
C SER B 195 -15.07 -58.71 -7.16
N LEU B 196 -15.01 -59.09 -8.43
CA LEU B 196 -15.83 -60.19 -8.92
C LEU B 196 -14.91 -61.24 -9.50
N VAL B 197 -15.34 -62.50 -9.41
CA VAL B 197 -14.54 -63.63 -9.90
C VAL B 197 -15.48 -64.65 -10.51
N VAL B 198 -15.16 -65.08 -11.73
CA VAL B 198 -15.98 -66.02 -12.47
C VAL B 198 -16.09 -67.37 -11.76
N ASN B 212 -16.01 -60.54 -2.71
CA ASN B 212 -15.35 -59.38 -2.12
C ASN B 212 -15.85 -58.16 -2.90
N GLY B 213 -16.60 -57.28 -2.26
CA GLY B 213 -17.18 -56.18 -3.01
C GLY B 213 -17.82 -55.14 -2.12
N GLY B 214 -18.24 -54.05 -2.75
CA GLY B 214 -18.87 -52.95 -2.06
C GLY B 214 -20.06 -52.37 -2.80
N VAL B 215 -20.10 -51.04 -2.92
CA VAL B 215 -21.21 -50.32 -3.53
C VAL B 215 -20.75 -49.76 -4.87
N LEU B 216 -21.57 -49.95 -5.90
CA LEU B 216 -21.26 -49.55 -7.27
C LEU B 216 -21.88 -48.18 -7.58
N GLY B 217 -21.55 -47.66 -8.76
CA GLY B 217 -22.18 -46.49 -9.35
C GLY B 217 -22.24 -46.72 -10.84
N SER B 218 -22.70 -45.71 -11.58
CA SER B 218 -22.84 -45.85 -13.02
C SER B 218 -21.60 -45.33 -13.75
N ARG B 219 -21.24 -46.02 -14.83
CA ARG B 219 -20.06 -45.72 -15.66
C ARG B 219 -18.77 -45.86 -14.85
N LYS B 220 -18.16 -47.06 -14.89
CA LYS B 220 -17.05 -47.41 -14.03
C LYS B 220 -15.92 -48.03 -14.83
N GLY B 221 -14.69 -47.74 -14.41
CA GLY B 221 -13.52 -48.36 -15.03
C GLY B 221 -13.28 -49.76 -14.50
N VAL B 222 -12.84 -50.65 -15.38
CA VAL B 222 -12.67 -52.06 -15.07
C VAL B 222 -11.22 -52.46 -15.32
N ASN B 223 -10.62 -53.11 -14.32
CA ASN B 223 -9.27 -53.67 -14.43
C ASN B 223 -9.34 -55.19 -14.42
N LEU B 224 -8.51 -55.82 -15.25
CA LEU B 224 -8.44 -57.28 -15.35
C LEU B 224 -6.99 -57.69 -15.19
N PRO B 225 -6.46 -57.71 -13.96
CA PRO B 225 -5.06 -58.07 -13.77
C PRO B 225 -4.81 -59.56 -13.98
N GLY B 226 -4.10 -59.90 -15.05
CA GLY B 226 -3.75 -61.29 -15.30
C GLY B 226 -3.84 -61.73 -16.74
N ALA B 227 -4.91 -62.44 -17.10
CA ALA B 227 -5.06 -63.00 -18.44
C ALA B 227 -4.87 -61.93 -19.49
N GLN B 228 -4.19 -62.29 -20.58
CA GLN B 228 -3.72 -61.29 -21.52
C GLN B 228 -4.86 -60.82 -22.43
N VAL B 229 -4.76 -59.55 -22.83
CA VAL B 229 -5.87 -58.76 -23.36
C VAL B 229 -5.63 -58.44 -24.83
N ASP B 230 -6.73 -58.24 -25.57
CA ASP B 230 -6.69 -58.04 -27.00
C ASP B 230 -6.85 -56.57 -27.41
N LEU B 231 -6.65 -55.64 -26.48
CA LEU B 231 -6.78 -54.24 -26.90
C LEU B 231 -5.44 -53.76 -27.49
N PRO B 232 -5.48 -52.92 -28.51
CA PRO B 232 -4.26 -52.59 -29.25
C PRO B 232 -3.39 -51.57 -28.52
N GLY B 233 -2.16 -51.43 -29.02
CA GLY B 233 -1.20 -50.50 -28.45
C GLY B 233 -1.53 -49.04 -28.68
N LEU B 234 -2.48 -48.74 -29.57
CA LEU B 234 -2.92 -47.37 -29.81
C LEU B 234 -4.27 -47.43 -30.52
N SER B 235 -5.31 -46.91 -29.87
CA SER B 235 -6.64 -46.95 -30.44
C SER B 235 -6.82 -45.87 -31.50
N GLU B 236 -7.92 -45.95 -32.23
CA GLU B 236 -8.23 -44.92 -33.22
C GLU B 236 -8.55 -43.59 -32.56
N GLN B 237 -9.27 -43.63 -31.44
CA GLN B 237 -9.55 -42.39 -30.71
C GLN B 237 -8.27 -41.76 -30.17
N ASP B 238 -7.36 -42.59 -29.66
CA ASP B 238 -6.07 -42.08 -29.19
C ASP B 238 -5.31 -41.39 -30.32
N VAL B 239 -5.30 -42.01 -31.50
CA VAL B 239 -4.62 -41.42 -32.65
C VAL B 239 -5.21 -40.07 -32.99
N ARG B 240 -6.54 -39.95 -32.93
CA ARG B 240 -7.17 -38.67 -33.17
C ARG B 240 -6.78 -37.64 -32.11
N ASP B 241 -6.63 -38.09 -30.86
CA ASP B 241 -6.27 -37.17 -29.79
C ASP B 241 -4.82 -36.71 -29.92
N LEU B 242 -3.93 -37.62 -30.34
CA LEU B 242 -2.53 -37.25 -30.51
C LEU B 242 -2.36 -36.21 -31.61
N ARG B 243 -3.10 -36.35 -32.71
CA ARG B 243 -3.03 -35.36 -33.77
C ARG B 243 -3.59 -34.02 -33.31
N PHE B 244 -4.62 -34.03 -32.46
CA PHE B 244 -5.09 -32.80 -31.83
C PHE B 244 -3.96 -32.13 -31.06
N GLY B 245 -3.15 -32.91 -30.36
CA GLY B 245 -2.08 -32.33 -29.55
C GLY B 245 -0.99 -31.70 -30.38
N VAL B 246 -0.70 -32.29 -31.55
CA VAL B 246 0.27 -31.68 -32.46
C VAL B 246 -0.28 -30.37 -33.01
N GLU B 247 -1.54 -30.38 -33.45
CA GLU B 247 -2.15 -29.17 -34.02
C GLU B 247 -2.19 -28.03 -33.02
N HIS B 248 -2.38 -28.34 -31.74
CA HIS B 248 -2.47 -27.33 -30.69
C HIS B 248 -1.14 -27.11 -29.96
N GLY B 249 -0.08 -27.77 -30.40
CA GLY B 249 1.26 -27.50 -29.90
C GLY B 249 1.52 -27.87 -28.46
N VAL B 250 1.04 -29.02 -28.00
CA VAL B 250 1.37 -29.47 -26.67
C VAL B 250 2.84 -29.86 -26.61
N ASP B 251 3.43 -29.73 -25.41
CA ASP B 251 4.85 -30.02 -25.25
C ASP B 251 5.12 -31.46 -24.90
N ILE B 252 4.17 -32.15 -24.27
CA ILE B 252 4.40 -33.43 -23.63
C ILE B 252 3.20 -34.33 -23.85
N VAL B 253 3.44 -35.62 -24.10
CA VAL B 253 2.40 -36.63 -24.14
C VAL B 253 2.65 -37.63 -23.02
N PHE B 254 1.64 -37.87 -22.18
CA PHE B 254 1.64 -38.98 -21.24
C PHE B 254 0.92 -40.14 -21.91
N ALA B 255 1.67 -41.19 -22.27
CA ALA B 255 1.11 -42.31 -23.00
C ALA B 255 0.61 -43.37 -22.03
N SER B 256 -0.71 -43.62 -22.06
CA SER B 256 -1.33 -44.51 -21.08
C SER B 256 -1.01 -45.97 -21.37
N PHE B 257 -0.83 -46.75 -20.30
CA PHE B 257 -0.73 -48.21 -20.36
C PHE B 257 0.29 -48.68 -21.37
N VAL B 258 1.49 -48.12 -21.28
CA VAL B 258 2.59 -48.57 -22.13
C VAL B 258 3.07 -49.92 -21.62
N ARG B 259 3.11 -50.91 -22.51
CA ARG B 259 3.52 -52.26 -22.16
C ARG B 259 4.80 -52.70 -22.85
N LYS B 260 5.15 -52.09 -23.97
CA LYS B 260 6.28 -52.52 -24.78
C LYS B 260 6.90 -51.31 -25.46
N ALA B 261 8.06 -51.53 -26.08
CA ALA B 261 8.66 -50.48 -26.89
C ALA B 261 7.79 -50.14 -28.09
N SER B 262 7.08 -51.13 -28.64
CA SER B 262 6.23 -50.91 -29.80
C SER B 262 5.11 -49.91 -29.50
N ASP B 263 4.65 -49.86 -28.26
CA ASP B 263 3.60 -48.91 -27.89
C ASP B 263 4.09 -47.47 -28.01
N VAL B 264 5.36 -47.23 -27.66
CA VAL B 264 5.90 -45.88 -27.76
C VAL B 264 6.13 -45.49 -29.22
N ALA B 265 6.70 -46.41 -30.01
CA ALA B 265 6.86 -46.15 -31.44
C ALA B 265 5.53 -45.84 -32.10
N ALA B 266 4.45 -46.46 -31.64
CA ALA B 266 3.12 -46.15 -32.16
C ALA B 266 2.72 -44.72 -31.84
N VAL B 267 3.07 -44.24 -30.63
CA VAL B 267 2.78 -42.86 -30.28
C VAL B 267 3.65 -41.91 -31.09
N ARG B 268 4.95 -42.24 -31.24
CA ARG B 268 5.84 -41.40 -32.03
C ARG B 268 5.41 -41.34 -33.49
N ALA B 269 4.77 -42.39 -33.99
CA ALA B 269 4.31 -42.40 -35.37
C ALA B 269 3.04 -41.59 -35.55
N ALA B 270 2.10 -41.69 -34.61
CA ALA B 270 0.88 -40.89 -34.68
C ALA B 270 1.18 -39.41 -34.49
N LEU B 271 2.25 -39.08 -33.76
CA LEU B 271 2.66 -37.68 -33.64
C LEU B 271 3.21 -37.16 -34.96
N GLY B 272 3.79 -38.04 -35.77
CA GLY B 272 4.24 -37.67 -37.09
C GLY B 272 5.47 -36.77 -37.09
N PRO B 273 5.95 -36.42 -38.28
CA PRO B 273 7.14 -35.54 -38.36
C PRO B 273 6.92 -34.18 -37.76
N GLU B 274 5.71 -33.64 -37.83
CA GLU B 274 5.41 -32.35 -37.22
C GLU B 274 5.43 -32.40 -35.70
N GLY B 275 5.31 -33.60 -35.12
CA GLY B 275 5.34 -33.72 -33.67
C GLY B 275 6.58 -34.39 -33.14
N HIS B 276 7.68 -34.35 -33.92
CA HIS B 276 8.90 -35.03 -33.52
C HIS B 276 9.57 -34.41 -32.30
N GLY B 277 9.25 -33.15 -31.98
CA GLY B 277 9.83 -32.50 -30.83
C GLY B 277 9.08 -32.67 -29.54
N ILE B 278 7.93 -33.34 -29.57
CA ILE B 278 7.14 -33.55 -28.36
C ILE B 278 7.78 -34.66 -27.53
N LYS B 279 7.85 -34.46 -26.22
CA LYS B 279 8.40 -35.45 -25.31
C LYS B 279 7.36 -36.51 -25.00
N ILE B 280 7.74 -37.78 -25.10
CA ILE B 280 6.85 -38.89 -24.80
C ILE B 280 7.23 -39.44 -23.44
N ILE B 281 6.33 -39.30 -22.47
CA ILE B 281 6.47 -39.90 -21.15
C ILE B 281 5.58 -41.14 -21.13
N SER B 282 6.19 -42.31 -20.93
CA SER B 282 5.45 -43.56 -20.90
C SER B 282 4.93 -43.81 -19.48
N LYS B 283 3.63 -44.06 -19.37
CA LYS B 283 3.01 -44.37 -18.08
C LYS B 283 3.07 -45.87 -17.84
N ILE B 284 3.63 -46.26 -16.70
CA ILE B 284 3.67 -47.67 -16.29
C ILE B 284 2.46 -47.92 -15.40
N GLU B 285 1.50 -48.70 -15.90
CA GLU B 285 0.23 -48.88 -15.22
C GLU B 285 -0.10 -50.32 -14.87
N ASN B 286 0.69 -51.30 -15.30
CA ASN B 286 0.35 -52.69 -15.06
C ASN B 286 1.63 -53.51 -14.88
N HIS B 287 1.45 -54.81 -14.67
CA HIS B 287 2.57 -55.69 -14.40
C HIS B 287 3.48 -55.84 -15.61
N GLU B 288 2.91 -55.85 -16.81
CA GLU B 288 3.71 -55.99 -18.02
C GLU B 288 4.66 -54.80 -18.19
N GLY B 289 4.16 -53.59 -17.95
CA GLY B 289 5.01 -52.41 -18.07
C GLY B 289 6.20 -52.45 -17.15
N VAL B 290 5.99 -52.91 -15.90
CA VAL B 290 7.11 -53.08 -14.98
C VAL B 290 8.11 -54.08 -15.53
N LYS B 291 7.61 -55.21 -16.04
CA LYS B 291 8.49 -56.28 -16.51
C LYS B 291 9.36 -55.82 -17.67
N ARG B 292 8.75 -55.20 -18.68
CA ARG B 292 9.49 -54.70 -19.84
C ARG B 292 9.93 -53.26 -19.67
N PHE B 293 10.33 -52.85 -18.46
CA PHE B 293 10.60 -51.44 -18.20
C PHE B 293 11.81 -50.94 -18.98
N ASP B 294 12.89 -51.74 -19.02
CA ASP B 294 14.13 -51.28 -19.66
C ASP B 294 13.90 -50.95 -21.12
N GLU B 295 13.18 -51.82 -21.84
CA GLU B 295 12.93 -51.56 -23.26
C GLU B 295 11.96 -50.41 -23.45
N ILE B 296 11.03 -50.21 -22.51
CA ILE B 296 10.12 -49.08 -22.59
C ILE B 296 10.89 -47.78 -22.33
N LEU B 297 11.78 -47.79 -21.33
CA LEU B 297 12.52 -46.59 -20.98
C LEU B 297 13.48 -46.18 -22.10
N GLU B 298 14.07 -47.17 -22.78
CA GLU B 298 15.10 -46.87 -23.77
C GLU B 298 14.55 -46.07 -24.95
N VAL B 299 13.27 -46.26 -25.29
CA VAL B 299 12.65 -45.54 -26.39
C VAL B 299 11.75 -44.40 -25.93
N SER B 300 11.68 -44.15 -24.63
CA SER B 300 10.87 -43.08 -24.09
C SER B 300 11.75 -41.90 -23.68
N ASP B 301 11.12 -40.73 -23.57
CA ASP B 301 11.81 -39.59 -22.99
C ASP B 301 11.75 -39.61 -21.47
N GLY B 302 10.82 -40.37 -20.90
CA GLY B 302 10.69 -40.43 -19.46
C GLY B 302 9.60 -41.39 -19.06
N ILE B 303 9.32 -41.44 -17.77
CA ILE B 303 8.43 -42.43 -17.19
C ILE B 303 7.47 -41.76 -16.21
N MET B 304 6.22 -42.18 -16.22
CA MET B 304 5.29 -41.87 -15.14
C MET B 304 4.96 -43.16 -14.38
N VAL B 305 5.19 -43.13 -13.08
CA VAL B 305 4.74 -44.20 -12.19
C VAL B 305 3.26 -43.94 -11.91
N ALA B 306 2.38 -44.61 -12.66
CA ALA B 306 0.94 -44.39 -12.57
C ALA B 306 0.38 -45.30 -11.49
N ARG B 307 0.47 -44.83 -10.25
CA ARG B 307 0.15 -45.68 -9.11
C ARG B 307 -1.33 -45.97 -8.96
N GLY B 308 -2.19 -45.20 -9.62
CA GLY B 308 -3.62 -45.50 -9.59
C GLY B 308 -3.93 -46.85 -10.19
N ASP B 309 -3.70 -46.99 -11.50
CA ASP B 309 -3.96 -48.27 -12.15
C ASP B 309 -2.98 -49.35 -11.70
N LEU B 310 -1.70 -48.97 -11.51
CA LEU B 310 -0.72 -49.94 -11.05
C LEU B 310 -1.09 -50.52 -9.69
N GLY B 311 -1.72 -49.72 -8.83
CA GLY B 311 -2.18 -50.20 -7.55
C GLY B 311 -3.36 -51.16 -7.62
N ILE B 312 -3.99 -51.28 -8.79
CA ILE B 312 -5.08 -52.24 -8.99
C ILE B 312 -4.53 -53.44 -9.73
N GLU B 313 -3.48 -53.23 -10.53
CA GLU B 313 -2.94 -54.29 -11.36
C GLU B 313 -2.05 -55.24 -10.57
N ILE B 314 -1.29 -54.72 -9.60
CA ILE B 314 -0.44 -55.54 -8.75
C ILE B 314 -0.89 -55.29 -7.31
N PRO B 315 -0.52 -56.17 -6.38
CA PRO B 315 -0.92 -55.97 -4.98
C PRO B 315 -0.53 -54.60 -4.46
N ALA B 316 -1.44 -54.00 -3.70
CA ALA B 316 -1.24 -52.63 -3.23
C ALA B 316 0.03 -52.48 -2.41
N GLU B 317 0.43 -53.51 -1.69
CA GLU B 317 1.62 -53.46 -0.85
C GLU B 317 2.92 -53.54 -1.66
N LYS B 318 2.85 -53.64 -2.98
CA LYS B 318 4.04 -53.78 -3.82
C LYS B 318 4.29 -52.57 -4.71
N VAL B 319 3.39 -51.57 -4.71
CA VAL B 319 3.56 -50.41 -5.59
C VAL B 319 4.81 -49.63 -5.21
N PHE B 320 5.09 -49.51 -3.90
CA PHE B 320 6.28 -48.76 -3.49
C PHE B 320 7.56 -49.40 -4.01
N LEU B 321 7.58 -50.73 -4.14
CA LEU B 321 8.71 -51.39 -4.77
C LEU B 321 8.86 -50.95 -6.23
N ALA B 322 7.75 -50.88 -6.96
CA ALA B 322 7.80 -50.52 -8.38
C ALA B 322 8.19 -49.06 -8.56
N GLN B 323 7.69 -48.18 -7.68
CA GLN B 323 8.03 -46.76 -7.76
C GLN B 323 9.52 -46.54 -7.56
N LYS B 324 10.07 -47.10 -6.49
CA LYS B 324 11.48 -46.87 -6.17
C LYS B 324 12.40 -47.52 -7.20
N MET B 325 12.03 -48.70 -7.69
CA MET B 325 12.79 -49.32 -8.77
C MET B 325 12.83 -48.42 -9.99
N MET B 326 11.66 -47.95 -10.42
CA MET B 326 11.59 -47.14 -11.65
C MET B 326 12.26 -45.79 -11.46
N ILE B 327 12.12 -45.17 -10.29
CA ILE B 327 12.78 -43.89 -10.06
C ILE B 327 14.30 -44.06 -10.08
N GLY B 328 14.78 -45.17 -9.51
CA GLY B 328 16.22 -45.42 -9.54
C GLY B 328 16.75 -45.64 -10.94
N ARG B 329 16.02 -46.41 -11.76
CA ARG B 329 16.50 -46.70 -13.11
C ARG B 329 16.43 -45.47 -14.01
N CYS B 330 15.43 -44.61 -13.83
CA CYS B 330 15.40 -43.35 -14.57
C CYS B 330 16.52 -42.42 -14.12
N ASN B 331 16.76 -42.32 -12.81
CA ASN B 331 17.87 -41.52 -12.31
C ASN B 331 19.20 -42.00 -12.88
N LEU B 332 19.38 -43.31 -12.96
CA LEU B 332 20.59 -43.85 -13.56
C LEU B 332 20.65 -43.57 -15.05
N ALA B 333 19.51 -43.66 -15.74
CA ALA B 333 19.46 -43.39 -17.17
C ALA B 333 19.54 -41.91 -17.51
N GLY B 334 19.35 -41.02 -16.53
CA GLY B 334 19.32 -39.61 -16.83
C GLY B 334 18.07 -39.16 -17.53
N LYS B 335 16.96 -39.88 -17.37
CA LYS B 335 15.70 -39.51 -17.98
C LYS B 335 14.66 -39.21 -16.90
N PRO B 336 13.82 -38.20 -17.11
CA PRO B 336 12.90 -37.77 -16.05
C PRO B 336 11.87 -38.83 -15.69
N VAL B 337 11.43 -38.77 -14.44
CA VAL B 337 10.45 -39.73 -13.91
C VAL B 337 9.38 -38.96 -13.12
N VAL B 338 8.14 -39.39 -13.26
CA VAL B 338 6.99 -38.74 -12.63
C VAL B 338 6.37 -39.69 -11.62
N CYS B 339 6.10 -39.19 -10.41
CA CYS B 339 5.30 -39.91 -9.42
C CYS B 339 3.91 -39.29 -9.39
N ALA B 340 2.88 -40.13 -9.48
CA ALA B 340 1.51 -39.65 -9.67
C ALA B 340 0.54 -40.40 -8.77
N THR B 341 -0.61 -39.75 -8.54
CA THR B 341 -1.87 -40.31 -8.04
C THR B 341 -1.98 -40.38 -6.52
N GLN B 342 -3.02 -39.73 -5.98
CA GLN B 342 -3.43 -39.79 -4.58
C GLN B 342 -2.36 -39.27 -3.62
N MET B 343 -1.43 -38.45 -4.12
CA MET B 343 -0.37 -37.94 -3.27
C MET B 343 -0.92 -37.06 -2.16
N LEU B 344 -1.94 -36.27 -2.45
CA LEU B 344 -2.62 -35.42 -1.47
C LEU B 344 -4.13 -35.60 -1.56
N GLU B 345 -4.57 -36.86 -1.66
CA GLU B 345 -5.95 -37.17 -2.06
C GLU B 345 -6.98 -36.52 -1.14
N SER B 346 -6.77 -36.60 0.18
CA SER B 346 -7.76 -36.09 1.13
C SER B 346 -7.99 -34.59 0.98
N MET B 347 -7.09 -33.87 0.30
CA MET B 347 -7.30 -32.45 0.05
C MET B 347 -8.33 -32.18 -1.03
N ILE B 348 -8.88 -33.23 -1.66
CA ILE B 348 -10.04 -33.03 -2.51
C ILE B 348 -11.18 -32.41 -1.71
N THR B 349 -11.30 -32.77 -0.43
CA THR B 349 -12.34 -32.25 0.44
C THR B 349 -11.83 -31.49 1.65
N LYS B 350 -10.57 -31.65 2.05
CA LYS B 350 -10.09 -31.01 3.26
C LYS B 350 -9.00 -29.99 2.94
N PRO B 351 -8.91 -28.91 3.72
CA PRO B 351 -7.85 -27.90 3.47
C PRO B 351 -6.47 -28.34 3.89
N ARG B 352 -6.33 -29.40 4.67
CA ARG B 352 -5.04 -29.89 5.14
C ARG B 352 -4.90 -31.37 4.80
N PRO B 353 -3.70 -31.80 4.40
CA PRO B 353 -3.49 -33.21 4.07
C PRO B 353 -3.25 -34.05 5.33
N THR B 354 -3.26 -35.36 5.13
CA THR B 354 -2.95 -36.27 6.23
C THR B 354 -1.44 -36.41 6.41
N ARG B 355 -1.04 -36.97 7.55
CA ARG B 355 0.37 -37.18 7.82
C ARG B 355 0.99 -38.17 6.82
N ALA B 356 0.21 -39.13 6.33
CA ALA B 356 0.72 -40.08 5.35
C ALA B 356 0.92 -39.42 3.99
N GLU B 357 0.09 -38.43 3.66
CA GLU B 357 0.15 -37.82 2.34
C GLU B 357 1.34 -36.89 2.19
N THR B 358 1.64 -36.09 3.23
CA THR B 358 2.85 -35.27 3.19
C THR B 358 4.10 -36.14 3.22
N SER B 359 4.04 -37.30 3.89
CA SER B 359 5.16 -38.22 3.87
C SER B 359 5.37 -38.81 2.48
N ASP B 360 4.28 -39.13 1.78
CA ASP B 360 4.39 -39.70 0.44
C ASP B 360 5.01 -38.71 -0.53
N VAL B 361 4.63 -37.44 -0.43
CA VAL B 361 5.24 -36.43 -1.30
C VAL B 361 6.71 -36.27 -0.99
N ALA B 362 7.04 -36.14 0.31
CA ALA B 362 8.44 -35.98 0.72
C ALA B 362 9.28 -37.18 0.30
N ASN B 363 8.74 -38.39 0.45
CA ASN B 363 9.50 -39.59 0.11
C ASN B 363 9.63 -39.75 -1.40
N ALA B 364 8.68 -39.23 -2.17
CA ALA B 364 8.82 -39.24 -3.62
C ALA B 364 9.97 -38.33 -4.05
N VAL B 365 10.14 -37.19 -3.39
CA VAL B 365 11.27 -36.32 -3.68
C VAL B 365 12.57 -36.99 -3.25
N LEU B 366 12.57 -37.64 -2.10
CA LEU B 366 13.77 -38.31 -1.62
C LEU B 366 14.12 -39.51 -2.49
N ASP B 367 13.12 -40.19 -3.07
CA ASP B 367 13.39 -41.30 -3.99
C ASP B 367 14.22 -40.83 -5.18
N GLY B 368 13.94 -39.62 -5.67
CA GLY B 368 14.64 -39.09 -6.82
C GLY B 368 13.71 -38.67 -7.94
N ALA B 369 12.42 -38.52 -7.63
CA ALA B 369 11.44 -38.16 -8.64
C ALA B 369 11.70 -36.76 -9.19
N ASP B 370 11.60 -36.62 -10.51
CA ASP B 370 11.75 -35.30 -11.13
C ASP B 370 10.49 -34.47 -11.00
N CYS B 371 9.32 -35.09 -11.07
CA CYS B 371 8.06 -34.38 -10.95
C CYS B 371 7.08 -35.15 -10.09
N ILE B 372 6.21 -34.41 -9.42
CA ILE B 372 5.11 -34.97 -8.65
C ILE B 372 3.81 -34.42 -9.23
N MET B 373 2.74 -35.18 -9.08
CA MET B 373 1.50 -34.90 -9.79
C MET B 373 0.34 -34.76 -8.82
N LEU B 374 -0.60 -33.91 -9.22
CA LEU B 374 -1.91 -33.80 -8.58
C LEU B 374 -2.96 -34.08 -9.65
N SER B 375 -3.94 -34.90 -9.30
CA SER B 375 -5.00 -35.20 -10.25
C SER B 375 -6.34 -34.67 -9.72
N GLY B 376 -7.07 -35.50 -8.99
CA GLY B 376 -8.33 -35.03 -8.42
C GLY B 376 -8.18 -33.81 -7.53
N GLU B 377 -7.02 -33.67 -6.88
CA GLU B 377 -6.79 -32.54 -5.99
C GLU B 377 -6.90 -31.20 -6.72
N THR B 378 -6.50 -31.17 -8.00
CA THR B 378 -6.63 -29.96 -8.80
C THR B 378 -7.75 -30.01 -9.82
N ALA B 379 -8.10 -31.19 -10.31
CA ALA B 379 -9.15 -31.28 -11.33
C ALA B 379 -10.53 -31.01 -10.73
N LYS B 380 -10.89 -31.73 -9.66
CA LYS B 380 -12.25 -31.69 -9.13
C LYS B 380 -12.38 -31.17 -7.71
N GLY B 381 -11.30 -31.15 -6.93
CA GLY B 381 -11.41 -30.82 -5.52
C GLY B 381 -11.71 -29.35 -5.27
N ASN B 382 -11.98 -29.06 -4.00
CA ASN B 382 -12.32 -27.71 -3.57
C ASN B 382 -11.12 -26.90 -3.11
N PHE B 383 -9.92 -27.47 -3.11
CA PHE B 383 -8.71 -26.77 -2.69
C PHE B 383 -7.58 -27.00 -3.70
N PRO B 384 -7.78 -26.64 -4.97
CA PRO B 384 -6.73 -26.92 -5.96
C PRO B 384 -5.47 -26.10 -5.75
N VAL B 385 -5.60 -24.81 -5.41
CA VAL B 385 -4.42 -23.97 -5.22
C VAL B 385 -3.69 -24.35 -3.94
N GLU B 386 -4.43 -24.65 -2.87
CA GLU B 386 -3.80 -25.08 -1.64
C GLU B 386 -3.07 -26.40 -1.81
N ALA B 387 -3.56 -27.26 -2.72
CA ALA B 387 -2.87 -28.51 -3.02
C ALA B 387 -1.54 -28.25 -3.72
N VAL B 388 -1.52 -27.31 -4.67
CA VAL B 388 -0.26 -26.94 -5.31
C VAL B 388 0.70 -26.35 -4.29
N LYS B 389 0.18 -25.51 -3.39
CA LYS B 389 1.02 -24.89 -2.36
C LYS B 389 1.62 -25.92 -1.43
N MET B 390 0.90 -27.01 -1.15
CA MET B 390 1.41 -28.02 -0.23
C MET B 390 2.55 -28.81 -0.85
N GLN B 391 2.39 -29.26 -2.10
CA GLN B 391 3.48 -29.94 -2.79
C GLN B 391 4.70 -29.05 -2.89
N HIS B 392 4.51 -27.76 -3.18
CA HIS B 392 5.62 -26.82 -3.22
C HIS B 392 6.34 -26.76 -1.89
N ALA B 393 5.56 -26.65 -0.80
CA ALA B 393 6.17 -26.54 0.53
C ALA B 393 6.91 -27.83 0.90
N ILE B 394 6.33 -28.99 0.57
CA ILE B 394 6.96 -30.26 0.94
C ILE B 394 8.22 -30.48 0.11
N ALA B 395 8.14 -30.25 -1.20
CA ALA B 395 9.26 -30.53 -2.09
C ALA B 395 10.51 -29.75 -1.66
N ARG B 396 10.33 -28.48 -1.25
CA ARG B 396 11.46 -27.68 -0.83
C ARG B 396 12.16 -28.30 0.39
N GLU B 397 11.38 -28.74 1.38
CA GLU B 397 11.97 -29.38 2.54
C GLU B 397 12.62 -30.71 2.18
N ALA B 398 11.97 -31.50 1.32
CA ALA B 398 12.50 -32.81 0.99
C ALA B 398 13.73 -32.72 0.10
N GLU B 399 13.76 -31.74 -0.81
CA GLU B 399 14.93 -31.57 -1.68
C GLU B 399 16.18 -31.28 -0.86
N ALA B 400 16.05 -30.47 0.19
CA ALA B 400 17.20 -30.17 1.03
C ALA B 400 17.63 -31.38 1.85
N ALA B 401 16.71 -32.29 2.14
CA ALA B 401 16.99 -33.48 2.92
C ALA B 401 17.59 -34.61 2.11
N VAL B 402 17.75 -34.43 0.80
CA VAL B 402 18.41 -35.43 -0.04
C VAL B 402 19.86 -35.56 0.39
N TYR B 403 20.36 -36.80 0.42
CA TYR B 403 21.75 -37.07 0.79
C TYR B 403 22.61 -36.97 -0.47
N HIS B 404 22.85 -35.73 -0.90
CA HIS B 404 23.55 -35.49 -2.16
C HIS B 404 24.94 -36.12 -2.17
N ARG B 405 25.60 -36.20 -1.01
CA ARG B 405 26.95 -36.73 -0.95
C ARG B 405 27.03 -38.12 -1.55
N GLN B 406 26.16 -39.03 -1.11
CA GLN B 406 26.19 -40.39 -1.65
C GLN B 406 25.52 -40.46 -3.03
N LEU B 407 24.45 -39.68 -3.23
CA LEU B 407 23.75 -39.72 -4.52
C LEU B 407 24.67 -39.26 -5.65
N PHE B 408 25.40 -38.17 -5.45
CA PHE B 408 26.29 -37.67 -6.50
C PHE B 408 27.42 -38.66 -6.78
N GLU B 409 28.00 -39.23 -5.71
CA GLU B 409 29.06 -40.22 -5.87
C GLU B 409 28.58 -41.42 -6.68
N GLU B 410 27.39 -41.92 -6.35
CA GLU B 410 26.89 -43.10 -7.06
C GLU B 410 26.47 -42.77 -8.48
N LEU B 411 25.93 -41.57 -8.71
CA LEU B 411 25.63 -41.17 -10.08
C LEU B 411 26.90 -41.04 -10.92
N ARG B 412 27.95 -40.46 -10.35
CA ARG B 412 29.22 -40.36 -11.06
C ARG B 412 29.74 -41.74 -11.43
N ARG B 413 29.73 -42.67 -10.47
CA ARG B 413 30.28 -44.00 -10.70
C ARG B 413 29.48 -44.75 -11.77
N ALA B 414 28.15 -44.63 -11.74
CA ALA B 414 27.33 -45.43 -12.65
C ALA B 414 27.27 -44.84 -14.05
N ALA B 415 27.45 -43.53 -14.19
CA ALA B 415 27.44 -42.92 -15.51
C ALA B 415 28.72 -43.28 -16.25
N PRO B 416 28.66 -43.73 -17.49
CA PRO B 416 29.87 -44.09 -18.22
C PRO B 416 30.68 -42.85 -18.58
N LEU B 417 31.97 -43.08 -18.79
CA LEU B 417 32.86 -42.01 -19.23
C LEU B 417 32.41 -41.46 -20.56
N SER B 418 32.64 -40.16 -20.77
CA SER B 418 32.11 -39.48 -21.95
C SER B 418 33.18 -38.58 -22.57
N ARG B 419 33.16 -38.51 -23.89
CA ARG B 419 33.95 -37.55 -24.64
C ARG B 419 33.12 -36.35 -25.10
N ASP B 420 31.87 -36.27 -24.66
CA ASP B 420 30.99 -35.15 -24.99
C ASP B 420 31.33 -33.97 -24.09
N PRO B 421 31.85 -32.87 -24.65
CA PRO B 421 32.23 -31.73 -23.79
C PRO B 421 31.07 -31.16 -22.99
N THR B 422 29.83 -31.31 -23.47
CA THR B 422 28.68 -30.83 -22.71
C THR B 422 28.51 -31.63 -21.43
N GLU B 423 28.60 -32.95 -21.50
CA GLU B 423 28.46 -33.77 -20.30
C GLU B 423 29.69 -33.64 -19.41
N VAL B 424 30.88 -33.53 -20.01
CA VAL B 424 32.10 -33.34 -19.24
C VAL B 424 32.03 -32.03 -18.44
N THR B 425 31.64 -30.95 -19.12
CA THR B 425 31.47 -29.67 -18.44
C THR B 425 30.41 -29.77 -17.35
N ALA B 426 29.33 -30.48 -17.63
CA ALA B 426 28.21 -30.56 -16.69
C ALA B 426 28.64 -31.14 -15.35
N ILE B 427 29.34 -32.28 -15.37
CA ILE B 427 29.73 -32.91 -14.12
C ILE B 427 30.77 -32.07 -13.39
N GLY B 428 31.63 -31.36 -14.12
CA GLY B 428 32.57 -30.47 -13.48
C GLY B 428 31.87 -29.31 -12.79
N ALA B 429 30.86 -28.73 -13.45
CA ALA B 429 30.12 -27.61 -12.89
C ALA B 429 29.34 -28.04 -11.64
N VAL B 430 28.76 -29.24 -11.67
CA VAL B 430 28.03 -29.75 -10.50
C VAL B 430 28.99 -29.95 -9.34
N GLU B 431 30.15 -30.55 -9.60
CA GLU B 431 31.16 -30.71 -8.56
C GLU B 431 31.60 -29.36 -8.02
N ALA B 432 31.85 -28.40 -8.91
CA ALA B 432 32.26 -27.07 -8.48
C ALA B 432 31.20 -26.40 -7.63
N ALA B 433 29.92 -26.59 -7.98
CA ALA B 433 28.84 -25.99 -7.21
C ALA B 433 28.75 -26.57 -5.81
N PHE B 434 28.98 -27.88 -5.67
CA PHE B 434 29.00 -28.49 -4.34
C PHE B 434 30.13 -27.93 -3.50
N LYS B 435 31.27 -27.63 -4.13
CA LYS B 435 32.44 -27.17 -3.39
C LYS B 435 32.22 -25.79 -2.77
N CYS B 436 31.45 -24.93 -3.42
CA CYS B 436 31.24 -23.57 -2.94
C CYS B 436 29.82 -23.33 -2.44
N CYS B 437 28.98 -24.37 -2.40
CA CYS B 437 27.55 -24.22 -2.09
C CYS B 437 26.94 -23.11 -2.96
N ALA B 438 27.23 -23.19 -4.25
CA ALA B 438 26.76 -22.18 -5.20
C ALA B 438 25.25 -22.04 -5.11
N ALA B 439 24.77 -20.80 -5.19
CA ALA B 439 23.33 -20.57 -5.18
C ALA B 439 22.67 -21.11 -6.45
N ALA B 440 23.41 -21.11 -7.56
CA ALA B 440 22.82 -21.57 -8.83
C ALA B 440 23.91 -21.92 -9.82
N ILE B 441 23.54 -22.77 -10.77
CA ILE B 441 24.30 -22.98 -12.00
C ILE B 441 23.51 -22.34 -13.12
N ILE B 442 24.09 -21.32 -13.75
CA ILE B 442 23.44 -20.61 -14.84
C ILE B 442 23.96 -21.19 -16.15
N VAL B 443 23.04 -21.73 -16.97
CA VAL B 443 23.40 -22.40 -18.21
C VAL B 443 22.61 -21.77 -19.35
N LEU B 444 23.27 -21.58 -20.49
CA LEU B 444 22.62 -21.19 -21.73
C LEU B 444 22.33 -22.43 -22.54
N THR B 445 21.11 -22.53 -23.08
CA THR B 445 20.73 -23.72 -23.82
C THR B 445 19.63 -23.36 -24.81
N THR B 446 19.63 -24.03 -25.96
CA THR B 446 18.59 -23.86 -26.96
C THR B 446 17.64 -25.05 -27.01
N THR B 447 18.18 -26.25 -27.08
CA THR B 447 17.37 -27.47 -27.05
C THR B 447 17.04 -27.93 -25.64
N GLY B 448 17.73 -27.39 -24.62
CA GLY B 448 17.58 -27.86 -23.26
C GLY B 448 18.58 -28.90 -22.83
N ARG B 449 19.35 -29.46 -23.76
CA ARG B 449 20.20 -30.61 -23.43
C ARG B 449 21.28 -30.25 -22.42
N SER B 450 21.87 -29.06 -22.53
CA SER B 450 22.90 -28.68 -21.57
C SER B 450 22.35 -28.61 -20.16
N ALA B 451 21.10 -28.15 -20.01
CA ALA B 451 20.50 -28.10 -18.69
C ALA B 451 20.16 -29.51 -18.18
N GLN B 452 19.68 -30.38 -19.07
CA GLN B 452 19.35 -31.74 -18.66
C GLN B 452 20.58 -32.49 -18.19
N LEU B 453 21.71 -32.31 -18.88
CA LEU B 453 22.93 -33.00 -18.46
C LEU B 453 23.44 -32.49 -17.12
N LEU B 454 23.12 -31.25 -16.76
CA LEU B 454 23.38 -30.78 -15.40
C LEU B 454 22.39 -31.39 -14.43
N SER B 455 21.09 -31.29 -14.73
CA SER B 455 20.06 -31.89 -13.89
C SER B 455 20.36 -33.35 -13.60
N ARG B 456 20.96 -34.05 -14.58
CA ARG B 456 21.19 -35.48 -14.48
C ARG B 456 22.10 -35.84 -13.30
N TYR B 457 23.02 -34.96 -12.93
CA TYR B 457 23.92 -35.23 -11.82
C TYR B 457 23.42 -34.65 -10.50
N ARG B 458 22.14 -34.25 -10.46
CA ARG B 458 21.44 -33.92 -9.23
C ARG B 458 22.18 -32.92 -8.33
N PRO B 459 22.53 -31.74 -8.84
CA PRO B 459 23.17 -30.75 -7.97
C PRO B 459 22.20 -30.20 -6.96
N ARG B 460 22.75 -29.73 -5.83
CA ARG B 460 21.93 -29.00 -4.87
C ARG B 460 21.63 -27.58 -5.38
N ALA B 461 22.57 -26.99 -6.10
CA ALA B 461 22.36 -25.66 -6.66
C ALA B 461 21.30 -25.69 -7.75
N ALA B 462 20.51 -24.63 -7.82
CA ALA B 462 19.50 -24.51 -8.86
C ALA B 462 20.15 -24.37 -10.23
N VAL B 463 19.60 -25.05 -11.22
CA VAL B 463 20.06 -24.95 -12.60
C VAL B 463 19.16 -23.94 -13.29
N ILE B 464 19.66 -22.71 -13.43
CA ILE B 464 18.93 -21.63 -14.08
C ILE B 464 19.27 -21.66 -15.56
N ALA B 465 18.31 -22.07 -16.39
CA ALA B 465 18.52 -22.26 -17.82
C ALA B 465 17.93 -21.08 -18.59
N VAL B 466 18.78 -20.30 -19.25
CA VAL B 466 18.35 -19.19 -20.08
C VAL B 466 18.28 -19.68 -21.51
N THR B 467 17.11 -19.54 -22.13
CA THR B 467 16.89 -20.06 -23.48
C THR B 467 16.04 -19.08 -24.27
N ARG B 468 16.27 -19.04 -25.58
CA ARG B 468 15.42 -18.29 -26.49
C ARG B 468 14.27 -19.13 -27.04
N SER B 469 14.29 -20.43 -26.82
CA SER B 469 13.28 -21.34 -27.36
C SER B 469 12.15 -21.49 -26.35
N ALA B 470 10.95 -21.03 -26.72
CA ALA B 470 9.80 -21.12 -25.82
C ALA B 470 9.46 -22.57 -25.51
N GLN B 471 9.63 -23.47 -26.47
CA GLN B 471 9.31 -24.87 -26.26
C GLN B 471 10.28 -25.51 -25.28
N ALA B 472 11.57 -25.27 -25.47
CA ALA B 472 12.56 -25.79 -24.53
C ALA B 472 12.29 -25.29 -23.11
N ALA B 473 11.94 -24.02 -22.98
CA ALA B 473 11.62 -23.46 -21.66
C ALA B 473 10.47 -24.20 -21.00
N ARG B 474 9.51 -24.68 -21.78
CA ARG B 474 8.40 -25.44 -21.21
C ARG B 474 8.81 -26.88 -20.92
N GLN B 475 9.48 -27.52 -21.88
CA GLN B 475 9.75 -28.96 -21.77
C GLN B 475 10.79 -29.26 -20.70
N VAL B 476 11.69 -28.33 -20.41
CA VAL B 476 12.75 -28.59 -19.45
C VAL B 476 12.25 -28.68 -18.02
N HIS B 477 10.96 -28.39 -17.79
CA HIS B 477 10.35 -28.63 -16.49
C HIS B 477 10.37 -30.12 -16.12
N LEU B 478 10.57 -31.00 -17.10
CA LEU B 478 10.62 -32.44 -16.80
C LEU B 478 11.85 -32.82 -15.99
N CYS B 479 12.94 -32.05 -16.10
CA CYS B 479 14.19 -32.38 -15.44
C CYS B 479 14.28 -31.68 -14.09
N ARG B 480 14.47 -32.46 -13.03
CA ARG B 480 14.55 -31.93 -11.68
C ARG B 480 15.61 -30.84 -11.57
N GLY B 481 15.23 -29.71 -10.99
CA GLY B 481 16.18 -28.68 -10.63
C GLY B 481 16.51 -27.68 -11.72
N VAL B 482 15.80 -27.71 -12.85
CA VAL B 482 16.02 -26.75 -13.93
C VAL B 482 14.94 -25.69 -13.86
N PHE B 483 15.37 -24.44 -13.76
CA PHE B 483 14.45 -23.31 -13.64
C PHE B 483 14.55 -22.49 -14.92
N PRO B 484 13.57 -22.60 -15.83
CA PRO B 484 13.74 -22.02 -17.16
C PRO B 484 13.36 -20.55 -17.24
N LEU B 485 14.22 -19.76 -17.88
CA LEU B 485 13.95 -18.35 -18.16
C LEU B 485 13.93 -18.15 -19.67
N LEU B 486 12.85 -17.55 -20.17
CA LEU B 486 12.68 -17.33 -21.59
C LEU B 486 13.25 -15.96 -21.95
N TYR B 487 14.32 -15.95 -22.72
CA TYR B 487 14.95 -14.71 -23.16
C TYR B 487 14.37 -14.28 -24.50
N ARG B 488 14.08 -12.98 -24.63
CA ARG B 488 13.27 -12.49 -25.73
C ARG B 488 13.97 -11.51 -26.67
N GLU B 489 15.14 -11.00 -26.31
CA GLU B 489 15.77 -9.95 -27.07
C GLU B 489 16.50 -10.50 -28.30
N PRO B 490 16.53 -9.74 -29.39
CA PRO B 490 17.32 -10.14 -30.57
C PRO B 490 18.80 -10.14 -30.25
N PRO B 491 19.63 -10.78 -31.07
CA PRO B 491 21.05 -10.93 -30.73
C PRO B 491 21.76 -9.59 -30.65
N GLU B 492 22.65 -9.47 -29.67
CA GLU B 492 23.64 -8.42 -29.68
C GLU B 492 24.59 -8.62 -30.86
N ALA B 493 25.37 -7.58 -31.18
CA ALA B 493 26.17 -7.64 -32.40
C ALA B 493 27.42 -8.49 -32.22
N ILE B 494 28.05 -8.41 -31.06
CA ILE B 494 29.13 -9.31 -30.72
C ILE B 494 28.54 -10.45 -29.90
N TRP B 495 28.80 -11.69 -30.34
CA TRP B 495 28.19 -12.84 -29.70
C TRP B 495 28.63 -12.97 -28.25
N ALA B 496 29.89 -12.63 -27.96
CA ALA B 496 30.35 -12.63 -26.57
C ALA B 496 29.50 -11.69 -25.72
N ASP B 497 29.09 -10.56 -26.29
CA ASP B 497 28.19 -9.66 -25.57
C ASP B 497 26.80 -10.27 -25.42
N ASP B 498 26.34 -10.99 -26.45
CA ASP B 498 25.02 -11.62 -26.37
C ASP B 498 24.98 -12.71 -25.32
N VAL B 499 26.10 -13.43 -25.14
CA VAL B 499 26.22 -14.41 -24.07
C VAL B 499 26.09 -13.72 -22.72
N ASP B 500 26.87 -12.66 -22.50
CA ASP B 500 26.89 -12.00 -21.20
C ASP B 500 25.53 -11.42 -20.84
N ARG B 501 24.84 -10.84 -21.82
CA ARG B 501 23.51 -10.29 -21.56
C ARG B 501 22.56 -11.37 -21.06
N ARG B 502 22.65 -12.58 -21.63
CA ARG B 502 21.78 -13.67 -21.20
C ARG B 502 22.16 -14.16 -19.81
N VAL B 503 23.46 -14.24 -19.51
CA VAL B 503 23.90 -14.56 -18.16
C VAL B 503 23.39 -13.51 -17.18
N GLN B 504 23.51 -12.23 -17.54
CA GLN B 504 23.01 -11.15 -16.70
C GLN B 504 21.49 -11.27 -16.51
N PHE B 505 20.78 -11.63 -17.58
CA PHE B 505 19.33 -11.83 -17.49
C PHE B 505 18.99 -12.91 -16.47
N GLY B 506 19.79 -13.98 -16.42
CA GLY B 506 19.58 -15.01 -15.42
C GLY B 506 19.89 -14.54 -14.02
N ILE B 507 20.95 -13.73 -13.87
CA ILE B 507 21.30 -13.18 -12.56
C ILE B 507 20.19 -12.26 -12.07
N GLU B 508 19.78 -11.31 -12.91
CA GLU B 508 18.70 -10.41 -12.54
C GLU B 508 17.42 -11.18 -12.25
N SER B 509 17.12 -12.21 -13.05
CA SER B 509 15.95 -13.04 -12.79
C SER B 509 16.06 -13.72 -11.42
N GLY B 510 17.22 -14.31 -11.14
CA GLY B 510 17.40 -15.00 -9.88
C GLY B 510 17.34 -14.08 -8.67
N LYS B 511 17.81 -12.83 -8.83
CA LYS B 511 17.71 -11.87 -7.75
C LYS B 511 16.25 -11.54 -7.45
N LEU B 512 15.47 -11.20 -8.49
CA LEU B 512 14.07 -10.85 -8.30
C LEU B 512 13.28 -12.01 -7.69
N ARG B 513 13.54 -13.23 -8.14
CA ARG B 513 12.81 -14.40 -7.67
C ARG B 513 13.31 -14.92 -6.33
N GLY B 514 14.37 -14.33 -5.77
CA GLY B 514 14.90 -14.81 -4.52
C GLY B 514 15.83 -16.01 -4.63
N PHE B 515 16.33 -16.32 -5.82
CA PHE B 515 17.28 -17.40 -5.97
C PHE B 515 18.71 -16.96 -5.67
N LEU B 516 19.00 -15.67 -5.81
CA LEU B 516 20.36 -15.15 -5.72
C LEU B 516 20.39 -13.89 -4.88
N ARG B 517 21.54 -13.67 -4.24
CA ARG B 517 21.79 -12.45 -3.47
C ARG B 517 23.23 -12.02 -3.70
N VAL B 518 23.50 -10.75 -3.41
CA VAL B 518 24.86 -10.24 -3.52
C VAL B 518 25.78 -11.03 -2.60
N GLY B 519 26.94 -11.42 -3.11
CA GLY B 519 27.89 -12.22 -2.37
C GLY B 519 27.79 -13.70 -2.64
N ASP B 520 26.70 -14.16 -3.26
CA ASP B 520 26.59 -15.56 -3.64
C ASP B 520 27.59 -15.90 -4.74
N LEU B 521 27.99 -17.16 -4.78
CA LEU B 521 28.73 -17.71 -5.91
C LEU B 521 27.75 -18.41 -6.85
N VAL B 522 27.98 -18.26 -8.15
CA VAL B 522 27.25 -19.02 -9.15
C VAL B 522 28.27 -19.67 -10.08
N ILE B 523 27.85 -20.76 -10.71
CA ILE B 523 28.61 -21.41 -11.76
C ILE B 523 27.91 -21.13 -13.08
N VAL B 524 28.65 -20.58 -14.04
CA VAL B 524 28.10 -20.19 -15.32
C VAL B 524 28.60 -21.15 -16.39
N VAL B 525 27.67 -21.81 -17.07
CA VAL B 525 27.99 -22.83 -18.06
C VAL B 525 27.56 -22.31 -19.42
N THR B 526 28.53 -22.21 -20.35
CA THR B 526 28.29 -21.76 -21.72
C THR B 526 29.15 -22.58 -22.64
N GLY B 527 29.09 -22.27 -23.94
CA GLY B 527 29.94 -22.86 -24.94
C GLY B 527 30.82 -21.82 -25.61
N TRP B 528 31.68 -22.30 -26.50
CA TRP B 528 32.68 -21.45 -27.13
C TRP B 528 32.22 -20.80 -28.43
N ARG B 529 31.09 -21.22 -28.98
CA ARG B 529 30.61 -20.67 -30.24
C ARG B 529 29.10 -20.80 -30.29
N PRO B 530 28.42 -19.97 -31.08
CA PRO B 530 26.95 -20.06 -31.13
C PRO B 530 26.47 -21.36 -31.74
N GLY B 531 25.26 -21.73 -31.36
CA GLY B 531 24.63 -22.95 -31.85
C GLY B 531 24.68 -24.06 -30.82
N SER B 532 23.71 -24.96 -30.91
CA SER B 532 23.61 -26.06 -29.96
C SER B 532 24.78 -27.02 -30.11
N GLY B 533 25.11 -27.70 -29.02
CA GLY B 533 26.07 -28.78 -29.04
C GLY B 533 27.50 -28.43 -28.73
N TYR B 534 27.79 -27.17 -28.37
CA TYR B 534 29.17 -26.74 -28.15
C TYR B 534 29.47 -26.31 -26.71
N THR B 535 28.59 -26.65 -25.76
CA THR B 535 28.85 -26.30 -24.36
C THR B 535 30.17 -26.92 -23.90
N ASN B 536 31.05 -26.09 -23.33
CA ASN B 536 32.37 -26.57 -22.96
C ASN B 536 33.08 -25.69 -21.95
N ILE B 537 32.38 -24.72 -21.35
CA ILE B 537 33.01 -23.72 -20.51
C ILE B 537 32.27 -23.61 -19.18
N MET B 538 33.02 -23.57 -18.09
CA MET B 538 32.49 -23.43 -16.74
C MET B 538 33.25 -22.30 -16.05
N ARG B 539 32.52 -21.31 -15.55
CA ARG B 539 33.12 -20.14 -14.92
C ARG B 539 32.54 -19.95 -13.52
N VAL B 540 33.40 -19.54 -12.59
CA VAL B 540 33.00 -19.24 -11.22
C VAL B 540 32.86 -17.73 -11.10
N LEU B 541 31.66 -17.29 -10.75
CA LEU B 541 31.35 -15.86 -10.65
C LEU B 541 30.74 -15.56 -9.30
N SER B 542 31.07 -14.38 -8.76
CA SER B 542 30.43 -13.88 -7.55
C SER B 542 29.42 -12.82 -7.92
N ILE B 543 28.26 -12.86 -7.28
CA ILE B 543 27.14 -11.99 -7.64
C ILE B 543 27.37 -10.61 -7.06
N SER B 544 27.27 -9.59 -7.90
CA SER B 544 27.27 -8.21 -7.43
C SER B 544 25.85 -7.71 -7.25
N GLU C 20 33.40 -47.51 28.43
CA GLU C 20 34.21 -48.72 28.63
C GLU C 20 35.43 -48.71 27.72
N LEU C 21 36.40 -49.56 28.06
CA LEU C 21 37.77 -49.51 27.53
C LEU C 21 38.46 -48.26 28.06
N GLY C 22 39.51 -48.45 28.86
CA GLY C 22 40.16 -47.34 29.52
C GLY C 22 40.74 -46.33 28.52
N THR C 23 40.86 -45.09 28.99
CA THR C 23 41.40 -44.04 28.15
C THR C 23 42.85 -44.31 27.77
N ALA C 24 43.64 -44.85 28.70
CA ALA C 24 45.03 -45.16 28.41
C ALA C 24 45.15 -46.34 27.45
N PHE C 25 44.24 -47.32 27.57
CA PHE C 25 44.28 -48.48 26.68
C PHE C 25 43.94 -48.09 25.25
N PHE C 26 43.16 -47.04 25.06
CA PHE C 26 42.71 -46.64 23.73
C PHE C 26 43.78 -45.91 22.93
N GLN C 27 44.89 -45.50 23.55
CA GLN C 27 45.96 -44.82 22.84
C GLN C 27 47.17 -45.73 22.61
N GLN C 28 47.03 -47.03 22.81
CA GLN C 28 48.03 -48.01 22.43
C GLN C 28 47.55 -48.78 21.21
N GLN C 29 48.46 -49.55 20.62
CA GLN C 29 48.19 -50.44 19.49
C GLN C 29 47.66 -49.71 18.26
N GLN C 30 47.92 -48.41 18.15
CA GLN C 30 47.40 -47.59 17.04
C GLN C 30 45.88 -47.68 16.96
N LEU C 31 45.22 -47.76 18.11
CA LEU C 31 43.77 -47.86 18.13
C LEU C 31 43.10 -46.57 17.64
N PRO C 32 43.63 -45.37 17.91
CA PRO C 32 43.03 -44.18 17.27
C PRO C 32 43.02 -44.27 15.76
N ALA C 33 44.14 -44.63 15.14
CA ALA C 33 44.17 -44.88 13.70
C ALA C 33 43.25 -46.03 13.31
N ALA C 34 42.95 -46.94 14.24
CA ALA C 34 42.07 -48.06 13.92
C ALA C 34 40.62 -47.62 13.75
N MET C 35 40.20 -46.60 14.49
CA MET C 35 38.82 -46.14 14.47
C MET C 35 38.57 -45.02 13.46
N ALA C 36 39.51 -44.78 12.55
CA ALA C 36 39.34 -43.72 11.56
C ALA C 36 38.34 -44.16 10.49
N ASP C 37 37.54 -43.20 10.01
CA ASP C 37 36.51 -43.48 9.02
C ASP C 37 37.05 -43.60 7.60
N THR C 38 38.27 -43.14 7.35
CA THR C 38 38.87 -43.18 6.03
C THR C 38 40.30 -43.68 6.14
N PHE C 39 40.82 -44.18 5.03
CA PHE C 39 42.23 -44.59 5.02
C PHE C 39 43.14 -43.38 5.19
N LEU C 40 42.79 -42.26 4.57
CA LEU C 40 43.57 -41.03 4.74
C LEU C 40 43.67 -40.65 6.20
N GLU C 41 42.54 -40.66 6.93
CA GLU C 41 42.60 -40.37 8.35
C GLU C 41 43.34 -41.47 9.12
N HIS C 42 43.22 -42.72 8.69
CA HIS C 42 44.00 -43.80 9.29
C HIS C 42 45.49 -43.49 9.22
N LEU C 43 45.96 -43.03 8.07
CA LEU C 43 47.37 -42.65 7.95
C LEU C 43 47.70 -41.48 8.88
N CYS C 44 46.85 -40.45 8.86
CA CYS C 44 47.14 -39.24 9.62
C CYS C 44 47.20 -39.49 11.12
N LEU C 45 46.55 -40.55 11.61
CA LEU C 45 46.47 -40.81 13.05
C LEU C 45 47.50 -41.81 13.54
N LEU C 46 48.28 -42.41 12.65
CA LEU C 46 49.37 -43.28 13.09
C LEU C 46 50.32 -42.50 13.99
N ASP C 47 50.76 -43.15 15.07
CA ASP C 47 51.42 -42.47 16.18
C ASP C 47 52.62 -43.29 16.64
N ILE C 48 53.81 -42.70 16.55
CA ILE C 48 55.02 -43.42 16.92
C ILE C 48 55.11 -43.70 18.42
N ASP C 49 54.34 -42.98 19.24
CA ASP C 49 54.28 -43.24 20.68
C ASP C 49 53.24 -44.28 21.05
N SER C 50 52.48 -44.79 20.09
CA SER C 50 51.45 -45.80 20.34
C SER C 50 52.10 -47.18 20.33
N GLU C 51 52.25 -47.78 21.51
CA GLU C 51 53.07 -48.99 21.55
C GLU C 51 52.25 -50.23 21.23
N PRO C 52 52.83 -51.16 20.49
CA PRO C 52 52.11 -52.39 20.12
C PRO C 52 52.15 -53.43 21.24
N VAL C 53 51.34 -54.48 21.08
CA VAL C 53 51.33 -55.60 22.03
C VAL C 53 52.56 -56.46 21.80
N ALA C 54 52.82 -57.38 22.72
CA ALA C 54 53.98 -58.26 22.58
C ALA C 54 53.76 -59.32 21.50
N ALA C 55 52.52 -59.72 21.29
CA ALA C 55 52.22 -60.82 20.37
C ALA C 55 52.45 -60.38 18.93
N ARG C 56 53.42 -61.00 18.27
CA ARG C 56 53.76 -60.69 16.89
C ARG C 56 53.15 -61.74 15.98
N SER C 57 52.33 -61.29 15.03
CA SER C 57 51.47 -62.17 14.24
C SER C 57 52.16 -62.74 13.01
N THR C 58 53.02 -61.95 12.36
CA THR C 58 53.67 -62.38 11.12
C THR C 58 54.83 -63.31 11.44
N SER C 59 54.75 -64.54 10.95
CA SER C 59 55.79 -65.52 11.26
C SER C 59 57.08 -65.22 10.50
N ILE C 60 58.19 -65.68 11.06
CA ILE C 60 59.52 -65.40 10.53
C ILE C 60 60.15 -66.72 10.09
N ILE C 61 60.53 -66.80 8.82
CA ILE C 61 61.26 -67.93 8.28
C ILE C 61 62.73 -67.53 8.19
N ALA C 62 63.59 -68.35 8.81
CA ALA C 62 65.03 -68.12 8.78
C ALA C 62 65.70 -69.27 8.05
N THR C 63 66.54 -68.93 7.07
CA THR C 63 67.29 -69.93 6.33
C THR C 63 68.47 -70.40 7.18
N ILE C 64 68.67 -71.71 7.24
CA ILE C 64 69.77 -72.31 8.00
C ILE C 64 71.02 -72.34 7.13
N GLY C 65 72.16 -72.01 7.72
CA GLY C 65 73.42 -72.02 7.04
C GLY C 65 74.59 -72.00 8.01
N PRO C 66 75.80 -71.74 7.51
CA PRO C 66 76.96 -71.68 8.40
C PRO C 66 76.78 -70.75 9.60
N ALA C 67 76.05 -69.64 9.43
CA ALA C 67 75.89 -68.67 10.49
C ALA C 67 74.79 -69.04 11.49
N SER C 68 73.99 -70.06 11.21
CA SER C 68 72.81 -70.35 12.00
C SER C 68 72.60 -71.85 12.13
N ARG C 69 73.69 -72.62 12.21
CA ARG C 69 73.61 -74.07 12.27
C ARG C 69 73.90 -74.66 13.64
N SER C 70 74.68 -73.97 14.46
CA SER C 70 75.02 -74.51 15.78
C SER C 70 73.81 -74.50 16.69
N VAL C 71 73.78 -75.48 17.61
CA VAL C 71 72.66 -75.62 18.53
C VAL C 71 72.49 -74.36 19.38
N GLU C 72 73.60 -73.78 19.84
CA GLU C 72 73.49 -72.60 20.70
C GLU C 72 73.02 -71.38 19.91
N ARG C 73 73.49 -71.22 18.66
CA ARG C 73 72.99 -70.15 17.82
C ARG C 73 71.49 -70.31 17.56
N LEU C 74 71.05 -71.55 17.32
CA LEU C 74 69.63 -71.79 17.06
C LEU C 74 68.77 -71.49 18.28
N LYS C 75 69.29 -71.75 19.49
CA LYS C 75 68.56 -71.38 20.69
C LYS C 75 68.31 -69.88 20.76
N GLU C 76 69.31 -69.08 20.42
CA GLU C 76 69.13 -67.64 20.47
C GLU C 76 68.17 -67.16 19.39
N MET C 77 68.16 -67.81 18.23
CA MET C 77 67.24 -67.42 17.17
C MET C 77 65.80 -67.83 17.48
N ILE C 78 65.61 -68.89 18.26
CA ILE C 78 64.27 -69.24 18.72
C ILE C 78 63.73 -68.16 19.66
N LYS C 79 64.55 -67.75 20.64
CA LYS C 79 64.13 -66.70 21.56
C LYS C 79 63.95 -65.36 20.85
N ALA C 80 64.66 -65.15 19.73
CA ALA C 80 64.50 -63.92 18.98
C ALA C 80 63.21 -63.90 18.15
N GLY C 81 62.68 -65.06 17.79
CA GLY C 81 61.40 -65.12 17.13
C GLY C 81 61.28 -66.04 15.93
N MET C 82 62.31 -66.84 15.64
CA MET C 82 62.24 -67.74 14.50
C MET C 82 61.13 -68.77 14.70
N ASN C 83 60.20 -68.82 13.75
CA ASN C 83 59.11 -69.79 13.78
C ASN C 83 59.28 -70.93 12.81
N ILE C 84 59.95 -70.71 11.68
CA ILE C 84 60.14 -71.71 10.65
C ILE C 84 61.61 -71.70 10.24
N ALA C 85 62.21 -72.88 10.18
CA ALA C 85 63.60 -73.03 9.75
C ALA C 85 63.61 -73.57 8.32
N ARG C 86 64.26 -72.83 7.42
CA ARG C 86 64.27 -73.16 6.01
C ARG C 86 65.57 -73.88 5.66
N LEU C 87 65.44 -75.07 5.08
CA LEU C 87 66.57 -75.82 4.56
C LEU C 87 66.65 -75.58 3.06
N ASN C 88 67.72 -74.92 2.62
CA ASN C 88 67.91 -74.61 1.20
C ASN C 88 68.65 -75.77 0.58
N PHE C 89 67.92 -76.66 -0.09
CA PHE C 89 68.51 -77.82 -0.74
C PHE C 89 69.17 -77.49 -2.08
N SER C 90 69.25 -76.21 -2.43
CA SER C 90 70.10 -75.81 -3.55
C SER C 90 71.55 -76.15 -3.28
N HIS C 91 71.96 -76.15 -2.01
CA HIS C 91 73.31 -76.47 -1.59
C HIS C 91 73.27 -77.48 -0.45
N GLY C 92 74.26 -78.36 -0.43
CA GLY C 92 74.43 -79.26 0.70
C GLY C 92 73.94 -80.68 0.48
N SER C 93 74.67 -81.64 1.06
CA SER C 93 74.30 -83.03 0.98
C SER C 93 73.17 -83.35 1.97
N HIS C 94 72.54 -84.50 1.76
CA HIS C 94 71.53 -84.97 2.70
C HIS C 94 72.10 -85.11 4.10
N GLU C 95 73.37 -85.50 4.21
CA GLU C 95 74.00 -85.63 5.51
C GLU C 95 74.15 -84.26 6.17
N TYR C 96 74.45 -83.23 5.37
CA TYR C 96 74.49 -81.87 5.89
C TYR C 96 73.13 -81.45 6.45
N HIS C 97 72.07 -81.70 5.68
CA HIS C 97 70.74 -81.28 6.10
C HIS C 97 70.20 -82.11 7.26
N ALA C 98 70.58 -83.39 7.33
CA ALA C 98 70.19 -84.20 8.48
C ALA C 98 70.79 -83.65 9.76
N GLU C 99 72.04 -83.19 9.70
CA GLU C 99 72.66 -82.58 10.87
C GLU C 99 71.99 -81.25 11.23
N SER C 100 71.56 -80.48 10.22
CA SER C 100 70.83 -79.25 10.49
C SER C 100 69.50 -79.54 11.19
N ILE C 101 68.73 -80.50 10.65
CA ILE C 101 67.47 -80.87 11.26
C ILE C 101 67.69 -81.37 12.69
N ALA C 102 68.76 -82.14 12.90
CA ALA C 102 69.06 -82.62 14.25
C ALA C 102 69.37 -81.47 15.19
N ASN C 103 70.08 -80.45 14.70
CA ASN C 103 70.45 -79.33 15.56
C ASN C 103 69.26 -78.42 15.85
N VAL C 104 68.40 -78.20 14.85
CA VAL C 104 67.19 -77.40 15.08
C VAL C 104 66.31 -78.07 16.11
N ARG C 105 66.06 -79.37 15.95
CA ARG C 105 65.19 -80.08 16.87
C ARG C 105 65.79 -80.13 18.28
N GLU C 106 67.12 -80.18 18.40
CA GLU C 106 67.73 -80.18 19.72
C GLU C 106 67.53 -78.85 20.42
N ALA C 107 67.75 -77.75 19.72
CA ALA C 107 67.54 -76.44 20.31
C ALA C 107 66.06 -76.20 20.62
N VAL C 108 65.17 -76.69 19.76
CA VAL C 108 63.73 -76.51 19.97
C VAL C 108 63.29 -77.28 21.21
N GLU C 109 63.60 -78.57 21.27
CA GLU C 109 63.17 -79.39 22.40
C GLU C 109 63.86 -79.00 23.69
N SER C 110 64.97 -78.26 23.63
CA SER C 110 65.65 -77.79 24.83
C SER C 110 64.76 -76.89 25.68
N PHE C 111 63.66 -76.39 25.12
CA PHE C 111 62.70 -75.59 25.85
C PHE C 111 61.47 -76.38 26.28
N ALA C 112 61.35 -77.63 25.85
CA ALA C 112 60.13 -78.40 26.10
C ALA C 112 59.91 -78.71 27.57
N GLY C 113 60.96 -78.62 28.39
CA GLY C 113 60.79 -78.83 29.82
C GLY C 113 59.92 -77.81 30.50
N SER C 114 59.55 -76.73 29.81
CA SER C 114 58.67 -75.68 30.35
C SER C 114 57.49 -75.54 29.40
N PRO C 115 56.41 -76.30 29.61
CA PRO C 115 55.33 -76.33 28.61
C PRO C 115 54.67 -74.99 28.36
N LEU C 116 54.56 -74.13 29.39
CA LEU C 116 53.83 -72.88 29.23
C LEU C 116 54.57 -71.86 28.37
N SER C 117 55.86 -72.06 28.13
CA SER C 117 56.65 -71.14 27.32
C SER C 117 57.22 -71.78 26.06
N TYR C 118 57.03 -73.09 25.88
CA TYR C 118 57.59 -73.81 24.74
C TYR C 118 57.09 -73.23 23.42
N ARG C 119 58.01 -72.98 22.50
CA ARG C 119 57.68 -72.41 21.20
C ARG C 119 57.89 -73.46 20.11
N PRO C 120 56.83 -73.98 19.51
CA PRO C 120 57.01 -74.91 18.39
C PRO C 120 57.69 -74.21 17.22
N VAL C 121 58.50 -74.97 16.48
CA VAL C 121 59.27 -74.43 15.37
C VAL C 121 59.14 -75.39 14.20
N ALA C 122 58.62 -74.90 13.07
CA ALA C 122 58.46 -75.72 11.90
C ALA C 122 59.78 -75.85 11.13
N ILE C 123 59.87 -76.91 10.33
CA ILE C 123 61.03 -77.16 9.49
C ILE C 123 60.53 -77.24 8.04
N ALA C 124 61.07 -76.37 7.19
CA ALA C 124 60.66 -76.26 5.80
C ALA C 124 61.79 -76.69 4.88
N LEU C 125 61.44 -77.48 3.87
CA LEU C 125 62.39 -77.94 2.85
C LEU C 125 62.17 -77.15 1.57
N ASP C 126 63.19 -76.42 1.14
CA ASP C 126 63.13 -75.64 -0.09
C ASP C 126 63.84 -76.42 -1.19
N THR C 127 63.11 -76.75 -2.25
CA THR C 127 63.66 -77.58 -3.32
C THR C 127 64.71 -76.83 -4.13
N LYS C 128 65.65 -77.59 -4.70
CA LYS C 128 66.63 -77.01 -5.61
C LYS C 128 65.96 -76.51 -6.88
N GLY C 129 65.02 -77.29 -7.42
CA GLY C 129 64.25 -76.88 -8.57
C GLY C 129 65.07 -76.83 -9.84
N PRO C 130 64.44 -76.39 -10.95
CA PRO C 130 65.16 -76.26 -12.22
C PRO C 130 66.24 -75.19 -12.17
N GLU C 131 67.48 -75.60 -11.95
CA GLU C 131 68.59 -74.67 -11.79
C GLU C 131 69.62 -74.81 -12.89
N ILE C 187 70.76 -63.97 -21.46
CA ILE C 187 71.37 -64.74 -20.38
C ILE C 187 71.77 -63.82 -19.23
N TYR C 188 71.43 -64.22 -18.01
CA TYR C 188 71.84 -63.52 -16.81
C TYR C 188 72.66 -64.45 -15.94
N ILE C 189 73.65 -63.90 -15.24
CA ILE C 189 74.51 -64.67 -14.35
C ILE C 189 74.70 -63.87 -13.08
N ASP C 190 74.74 -64.56 -11.94
CA ASP C 190 75.05 -63.94 -10.66
C ASP C 190 73.95 -62.94 -10.28
N ASP C 191 72.82 -63.52 -9.87
CA ASP C 191 71.63 -62.74 -9.50
C ASP C 191 71.28 -61.71 -10.58
N GLY C 192 71.47 -62.09 -11.84
CA GLY C 192 71.18 -61.20 -12.94
C GLY C 192 72.05 -59.96 -13.00
N LEU C 193 73.30 -60.05 -12.55
CA LEU C 193 74.14 -58.87 -12.47
C LEU C 193 74.83 -58.54 -13.79
N ILE C 194 75.10 -59.53 -14.64
CA ILE C 194 75.70 -59.30 -15.94
C ILE C 194 74.82 -59.90 -17.02
N SER C 195 74.48 -59.07 -18.01
CA SER C 195 73.69 -59.52 -19.15
C SER C 195 74.59 -59.97 -20.29
N LEU C 196 73.98 -60.66 -21.25
CA LEU C 196 74.70 -61.19 -22.41
C LEU C 196 74.02 -60.77 -23.70
N GLY C 221 74.51 -68.74 -10.61
CA GLY C 221 73.17 -68.94 -11.11
C GLY C 221 72.91 -68.23 -12.43
N VAL C 222 72.20 -68.90 -13.34
CA VAL C 222 71.95 -68.40 -14.68
C VAL C 222 70.44 -68.36 -14.91
N ASN C 223 69.95 -67.24 -15.44
CA ASN C 223 68.53 -67.04 -15.73
C ASN C 223 68.33 -66.76 -17.21
N LEU C 224 67.26 -67.31 -17.78
CA LEU C 224 66.92 -67.15 -19.18
C LEU C 224 65.53 -66.53 -19.28
N PRO C 225 65.41 -65.22 -19.07
CA PRO C 225 64.09 -64.59 -19.05
C PRO C 225 63.38 -64.67 -20.40
N GLY C 226 62.07 -64.90 -20.34
CA GLY C 226 61.26 -64.97 -21.54
C GLY C 226 61.54 -66.18 -22.40
N ALA C 227 62.80 -66.34 -22.81
CA ALA C 227 63.23 -67.49 -23.58
C ALA C 227 62.79 -68.78 -22.90
N GLN C 228 61.59 -69.25 -23.22
CA GLN C 228 61.03 -70.45 -22.60
C GLN C 228 62.00 -71.61 -22.77
N VAL C 229 62.28 -72.31 -21.68
CA VAL C 229 63.20 -73.44 -21.76
C VAL C 229 62.50 -74.70 -21.25
N ASP C 230 63.20 -75.82 -21.32
CA ASP C 230 62.61 -77.15 -21.45
C ASP C 230 62.43 -77.91 -20.15
N LEU C 231 63.09 -77.47 -19.07
CA LEU C 231 63.28 -78.33 -17.92
C LEU C 231 61.94 -78.78 -17.33
N PRO C 232 61.88 -80.01 -16.82
CA PRO C 232 60.63 -80.51 -16.24
C PRO C 232 60.39 -79.95 -14.85
N GLY C 233 59.13 -80.06 -14.41
CA GLY C 233 58.73 -79.58 -13.11
C GLY C 233 59.58 -80.13 -11.98
N LEU C 234 59.62 -81.46 -11.85
CA LEU C 234 60.40 -82.11 -10.80
C LEU C 234 61.64 -82.76 -11.40
N SER C 235 62.78 -82.51 -10.76
CA SER C 235 64.04 -83.14 -11.12
C SER C 235 64.01 -84.62 -10.74
N GLU C 236 65.16 -85.30 -10.93
CA GLU C 236 65.36 -86.59 -10.30
C GLU C 236 66.13 -86.48 -9.00
N GLN C 237 66.80 -85.35 -8.77
CA GLN C 237 67.35 -85.03 -7.45
C GLN C 237 66.30 -84.41 -6.55
N ASP C 238 65.33 -83.68 -7.12
CA ASP C 238 64.21 -83.19 -6.33
C ASP C 238 63.44 -84.34 -5.69
N VAL C 239 63.19 -85.40 -6.46
CA VAL C 239 62.46 -86.56 -5.94
C VAL C 239 63.20 -87.16 -4.75
N ARG C 240 64.53 -87.32 -4.88
CA ARG C 240 65.31 -87.83 -3.76
C ARG C 240 65.32 -86.87 -2.57
N ASP C 241 65.29 -85.57 -2.85
CA ASP C 241 65.25 -84.58 -1.77
C ASP C 241 63.90 -84.62 -1.06
N LEU C 242 62.82 -84.71 -1.82
CA LEU C 242 61.49 -84.76 -1.21
C LEU C 242 61.30 -86.04 -0.40
N ARG C 243 61.83 -87.16 -0.88
CA ARG C 243 61.81 -88.39 -0.10
C ARG C 243 62.57 -88.21 1.21
N PHE C 244 63.73 -87.55 1.15
CA PHE C 244 64.45 -87.18 2.36
C PHE C 244 63.57 -86.34 3.28
N GLY C 245 62.69 -85.51 2.71
CA GLY C 245 61.81 -84.70 3.54
C GLY C 245 60.80 -85.54 4.30
N VAL C 246 60.16 -86.49 3.62
CA VAL C 246 59.22 -87.39 4.29
C VAL C 246 59.94 -88.20 5.35
N GLU C 247 61.10 -88.77 4.99
CA GLU C 247 61.80 -89.66 5.91
C GLU C 247 62.25 -88.94 7.18
N HIS C 248 62.59 -87.66 7.09
CA HIS C 248 63.02 -86.89 8.24
C HIS C 248 61.90 -86.05 8.83
N GLY C 249 60.68 -86.19 8.31
CA GLY C 249 59.50 -85.59 8.92
C GLY C 249 59.45 -84.07 8.89
N VAL C 250 59.73 -83.47 7.73
CA VAL C 250 59.61 -82.02 7.61
C VAL C 250 58.14 -81.63 7.54
N ASP C 251 57.85 -80.40 7.96
CA ASP C 251 56.48 -79.90 7.99
C ASP C 251 56.05 -79.24 6.69
N ILE C 252 56.97 -78.57 5.99
CA ILE C 252 56.64 -77.73 4.85
C ILE C 252 57.61 -77.98 3.72
N VAL C 253 57.11 -77.90 2.49
CA VAL C 253 57.94 -77.94 1.28
C VAL C 253 57.77 -76.62 0.55
N PHE C 254 58.88 -75.92 0.33
CA PHE C 254 58.91 -74.77 -0.58
C PHE C 254 59.30 -75.28 -1.96
N ALA C 255 58.33 -75.33 -2.88
CA ALA C 255 58.53 -75.91 -4.20
C ALA C 255 59.01 -74.84 -5.17
N SER C 256 60.21 -75.00 -5.70
CA SER C 256 60.81 -73.99 -6.54
C SER C 256 60.20 -73.96 -7.94
N PHE C 257 60.14 -72.76 -8.51
CA PHE C 257 59.81 -72.55 -9.92
C PHE C 257 58.54 -73.27 -10.33
N VAL C 258 57.50 -73.14 -9.51
CA VAL C 258 56.20 -73.69 -9.87
C VAL C 258 55.62 -72.86 -11.00
N ARG C 259 55.31 -73.52 -12.12
CA ARG C 259 54.83 -72.84 -13.31
C ARG C 259 53.39 -73.20 -13.68
N LYS C 260 52.86 -74.28 -13.13
CA LYS C 260 51.51 -74.73 -13.49
C LYS C 260 51.02 -75.68 -12.40
N ALA C 261 49.72 -75.97 -12.44
CA ALA C 261 49.12 -76.84 -11.44
C ALA C 261 49.78 -78.21 -11.41
N SER C 262 50.15 -78.72 -12.59
CA SER C 262 50.75 -80.06 -12.66
C SER C 262 52.11 -80.11 -11.97
N ASP C 263 52.81 -78.97 -11.89
CA ASP C 263 54.06 -78.95 -11.14
C ASP C 263 53.84 -79.29 -9.67
N VAL C 264 52.74 -78.78 -9.10
CA VAL C 264 52.43 -79.08 -7.71
C VAL C 264 52.06 -80.55 -7.54
N ALA C 265 51.22 -81.06 -8.44
CA ALA C 265 50.81 -82.47 -8.36
C ALA C 265 52.01 -83.40 -8.44
N ALA C 266 53.01 -83.05 -9.24
CA ALA C 266 54.23 -83.84 -9.28
C ALA C 266 54.95 -83.82 -7.95
N VAL C 267 54.99 -82.65 -7.30
CA VAL C 267 55.55 -82.56 -5.95
C VAL C 267 54.79 -83.48 -5.00
N ARG C 268 53.47 -83.30 -4.93
CA ARG C 268 52.66 -84.11 -4.01
C ARG C 268 52.82 -85.60 -4.29
N ALA C 269 52.99 -85.99 -5.55
CA ALA C 269 53.22 -87.39 -5.88
C ALA C 269 54.55 -87.88 -5.32
N ALA C 270 55.59 -87.04 -5.38
CA ALA C 270 56.89 -87.43 -4.86
C ALA C 270 56.89 -87.54 -3.34
N LEU C 271 56.08 -86.72 -2.66
CA LEU C 271 55.98 -86.85 -1.21
C LEU C 271 55.32 -88.16 -0.81
N GLY C 272 54.41 -88.67 -1.63
CA GLY C 272 53.84 -89.97 -1.42
C GLY C 272 52.71 -89.97 -0.40
N PRO C 273 52.08 -91.14 -0.21
CA PRO C 273 51.00 -91.23 0.79
C PRO C 273 51.46 -90.96 2.21
N GLU C 274 52.69 -91.31 2.56
CA GLU C 274 53.20 -90.98 3.89
C GLU C 274 53.50 -89.49 4.04
N GLY C 275 53.67 -88.78 2.93
CA GLY C 275 53.86 -87.34 2.94
C GLY C 275 52.61 -86.54 2.70
N HIS C 276 51.43 -87.15 2.80
CA HIS C 276 50.18 -86.45 2.45
C HIS C 276 49.92 -85.27 3.38
N GLY C 277 50.46 -85.30 4.61
CA GLY C 277 50.24 -84.26 5.58
C GLY C 277 51.17 -83.06 5.50
N ILE C 278 52.17 -83.09 4.62
CA ILE C 278 53.11 -81.98 4.50
C ILE C 278 52.49 -80.87 3.67
N LYS C 279 52.65 -79.63 4.13
CA LYS C 279 52.14 -78.48 3.40
C LYS C 279 53.07 -78.11 2.25
N ILE C 280 52.48 -77.73 1.12
CA ILE C 280 53.22 -77.40 -0.08
C ILE C 280 53.03 -75.92 -0.36
N ILE C 281 54.09 -75.15 -0.21
CA ILE C 281 54.13 -73.74 -0.56
C ILE C 281 54.78 -73.63 -1.92
N SER C 282 54.00 -73.19 -2.93
CA SER C 282 54.52 -73.05 -4.28
C SER C 282 55.24 -71.71 -4.42
N LYS C 283 56.51 -71.75 -4.81
CA LYS C 283 57.27 -70.54 -5.05
C LYS C 283 57.00 -70.03 -6.46
N ILE C 284 56.47 -68.82 -6.56
CA ILE C 284 56.24 -68.16 -7.84
C ILE C 284 57.53 -67.39 -8.17
N GLU C 285 58.23 -67.82 -9.20
CA GLU C 285 59.57 -67.31 -9.47
C GLU C 285 59.76 -66.69 -10.86
N ASN C 286 58.78 -66.80 -11.76
CA ASN C 286 58.96 -66.27 -13.10
C ASN C 286 57.63 -65.81 -13.66
N HIS C 287 57.67 -65.32 -14.91
CA HIS C 287 56.50 -64.74 -15.54
C HIS C 287 55.38 -65.77 -15.71
N GLU C 288 55.74 -67.01 -16.02
CA GLU C 288 54.73 -68.04 -16.25
C GLU C 288 53.96 -68.35 -14.98
N GLY C 289 54.66 -68.49 -13.85
CA GLY C 289 53.98 -68.74 -12.59
C GLY C 289 53.02 -67.63 -12.22
N VAL C 290 53.36 -66.38 -12.56
CA VAL C 290 52.46 -65.27 -12.29
C VAL C 290 51.20 -65.36 -13.13
N LYS C 291 51.36 -65.68 -14.42
CA LYS C 291 50.19 -65.75 -15.30
C LYS C 291 49.29 -66.94 -14.96
N ARG C 292 49.89 -68.07 -14.56
CA ARG C 292 49.15 -69.24 -14.13
C ARG C 292 48.95 -69.28 -12.62
N PHE C 293 48.90 -68.11 -11.96
CA PHE C 293 48.85 -68.09 -10.49
C PHE C 293 47.57 -68.70 -9.95
N ASP C 294 46.43 -68.41 -10.59
CA ASP C 294 45.15 -68.84 -10.04
C ASP C 294 45.05 -70.36 -9.99
N GLU C 295 45.58 -71.05 -11.00
CA GLU C 295 45.53 -72.51 -10.98
C GLU C 295 46.61 -73.10 -10.09
N ILE C 296 47.73 -72.38 -9.90
CA ILE C 296 48.75 -72.84 -8.98
C ILE C 296 48.25 -72.74 -7.54
N LEU C 297 47.61 -71.63 -7.20
CA LEU C 297 47.15 -71.42 -5.83
C LEU C 297 46.07 -72.42 -5.43
N GLU C 298 45.22 -72.83 -6.38
CA GLU C 298 44.09 -73.70 -6.03
C GLU C 298 44.56 -75.09 -5.61
N VAL C 299 45.69 -75.55 -6.12
CA VAL C 299 46.21 -76.88 -5.78
C VAL C 299 47.33 -76.83 -4.75
N SER C 300 47.68 -75.65 -4.24
CA SER C 300 48.73 -75.52 -3.25
C SER C 300 48.14 -75.12 -1.90
N ASP C 301 48.93 -75.32 -0.85
CA ASP C 301 48.55 -74.84 0.47
C ASP C 301 48.91 -73.38 0.66
N GLY C 302 49.78 -72.84 -0.16
CA GLY C 302 50.19 -71.45 -0.02
C GLY C 302 51.21 -71.09 -1.07
N ILE C 303 51.70 -69.87 -0.96
CA ILE C 303 52.53 -69.24 -1.99
C ILE C 303 53.73 -68.58 -1.33
N MET C 304 54.88 -68.64 -1.99
CA MET C 304 56.01 -67.79 -1.66
C MET C 304 56.30 -66.87 -2.84
N VAL C 305 56.19 -65.57 -2.61
CA VAL C 305 56.64 -64.58 -3.59
C VAL C 305 58.16 -64.60 -3.58
N ALA C 306 58.75 -65.39 -4.47
CA ALA C 306 60.20 -65.57 -4.52
C ALA C 306 60.81 -64.43 -5.31
N ARG C 307 61.04 -63.31 -4.62
CA ARG C 307 61.41 -62.07 -5.30
C ARG C 307 62.81 -62.11 -5.91
N GLY C 308 63.69 -62.98 -5.41
CA GLY C 308 65.02 -63.11 -5.98
C GLY C 308 64.99 -63.47 -7.45
N ASP C 309 64.47 -64.63 -7.78
CA ASP C 309 64.39 -65.04 -9.18
C ASP C 309 63.36 -64.22 -9.94
N LEU C 310 62.25 -63.88 -9.30
CA LEU C 310 61.23 -63.07 -9.96
C LEU C 310 61.80 -61.73 -10.42
N GLY C 311 62.70 -61.14 -9.61
CA GLY C 311 63.31 -59.87 -9.98
C GLY C 311 64.24 -59.95 -11.16
N ILE C 312 64.79 -61.12 -11.45
CA ILE C 312 65.58 -61.31 -12.67
C ILE C 312 64.69 -61.70 -13.85
N GLU C 313 63.67 -62.54 -13.60
CA GLU C 313 62.83 -63.03 -14.67
C GLU C 313 61.94 -61.94 -15.25
N ILE C 314 61.57 -60.95 -14.45
CA ILE C 314 60.76 -59.82 -14.92
C ILE C 314 61.48 -58.54 -14.52
N PRO C 315 61.10 -57.40 -15.13
CA PRO C 315 61.76 -56.13 -14.76
C PRO C 315 61.66 -55.87 -13.27
N ALA C 316 62.72 -55.28 -12.71
CA ALA C 316 62.75 -55.00 -11.28
C ALA C 316 61.64 -54.06 -10.85
N GLU C 317 61.21 -53.17 -11.76
CA GLU C 317 60.13 -52.23 -11.45
C GLU C 317 58.82 -52.93 -11.13
N LYS C 318 58.64 -54.17 -11.55
CA LYS C 318 57.33 -54.82 -11.54
C LYS C 318 57.16 -55.81 -10.39
N VAL C 319 58.20 -56.04 -9.59
CA VAL C 319 58.11 -57.08 -8.56
C VAL C 319 57.07 -56.72 -7.50
N PHE C 320 57.02 -55.45 -7.10
CA PHE C 320 56.03 -55.03 -6.11
C PHE C 320 54.60 -55.25 -6.61
N LEU C 321 54.37 -55.06 -7.90
CA LEU C 321 53.05 -55.36 -8.46
C LEU C 321 52.70 -56.82 -8.29
N ALA C 322 53.64 -57.71 -8.61
CA ALA C 322 53.40 -59.14 -8.46
C ALA C 322 53.25 -59.53 -6.99
N GLN C 323 54.05 -58.92 -6.12
CA GLN C 323 53.96 -59.23 -4.70
C GLN C 323 52.59 -58.85 -4.13
N LYS C 324 52.15 -57.61 -4.41
CA LYS C 324 50.88 -57.15 -3.87
C LYS C 324 49.70 -57.88 -4.51
N MET C 325 49.83 -58.31 -5.76
CA MET C 325 48.77 -59.10 -6.38
C MET C 325 48.64 -60.46 -5.72
N MET C 326 49.76 -61.14 -5.49
CA MET C 326 49.72 -62.48 -4.93
C MET C 326 49.34 -62.48 -3.46
N ILE C 327 49.77 -61.47 -2.71
CA ILE C 327 49.37 -61.36 -1.31
C ILE C 327 47.86 -61.17 -1.21
N GLY C 328 47.30 -60.28 -2.03
CA GLY C 328 45.86 -60.06 -2.00
C GLY C 328 45.07 -61.28 -2.43
N ARG C 329 45.56 -62.02 -3.43
CA ARG C 329 44.82 -63.17 -3.92
C ARG C 329 44.85 -64.33 -2.92
N CYS C 330 45.97 -64.52 -2.22
CA CYS C 330 46.01 -65.51 -1.15
C CYS C 330 45.20 -65.05 0.06
N ASN C 331 45.26 -63.74 0.36
CA ASN C 331 44.41 -63.19 1.41
C ASN C 331 42.94 -63.44 1.11
N LEU C 332 42.52 -63.13 -0.13
CA LEU C 332 41.17 -63.43 -0.56
C LEU C 332 40.87 -64.93 -0.44
N ALA C 333 41.83 -65.77 -0.85
CA ALA C 333 41.65 -67.22 -0.79
C ALA C 333 41.83 -67.80 0.60
N GLY C 334 42.28 -67.01 1.58
CA GLY C 334 42.52 -67.54 2.90
C GLY C 334 43.64 -68.56 2.96
N LYS C 335 44.66 -68.42 2.12
CA LYS C 335 45.80 -69.32 2.12
C LYS C 335 47.07 -68.55 2.43
N PRO C 336 48.00 -69.13 3.19
CA PRO C 336 49.17 -68.37 3.64
C PRO C 336 50.05 -67.94 2.47
N VAL C 337 50.68 -66.78 2.62
CA VAL C 337 51.58 -66.22 1.62
C VAL C 337 52.86 -65.76 2.30
N VAL C 338 53.99 -66.03 1.65
CA VAL C 338 55.31 -65.74 2.19
C VAL C 338 55.96 -64.67 1.32
N CYS C 339 56.55 -63.65 1.96
CA CYS C 339 57.36 -62.66 1.26
C CYS C 339 58.82 -62.94 1.56
N ALA C 340 59.64 -63.04 0.51
CA ALA C 340 61.00 -63.54 0.67
C ALA C 340 61.99 -62.71 -0.14
N THR C 341 63.25 -62.75 0.31
CA THR C 341 64.45 -62.36 -0.41
C THR C 341 64.81 -60.89 -0.28
N GLN C 342 65.98 -60.63 0.35
CA GLN C 342 66.61 -59.31 0.42
C GLN C 342 65.82 -58.32 1.26
N MET C 343 65.02 -58.83 2.21
CA MET C 343 64.23 -57.93 3.05
C MET C 343 65.12 -57.08 3.96
N LEU C 344 66.20 -57.67 4.47
CA LEU C 344 67.17 -56.95 5.31
C LEU C 344 68.59 -57.24 4.84
N GLU C 345 68.79 -57.17 3.52
CA GLU C 345 69.99 -57.72 2.90
C GLU C 345 71.28 -57.13 3.48
N SER C 346 71.29 -55.82 3.74
CA SER C 346 72.50 -55.17 4.22
C SER C 346 72.90 -55.67 5.61
N MET C 347 72.01 -56.33 6.33
CA MET C 347 72.36 -56.87 7.65
C MET C 347 73.25 -58.10 7.55
N ILE C 348 73.54 -58.59 6.35
CA ILE C 348 74.53 -59.65 6.17
C ILE C 348 75.90 -59.18 6.67
N THR C 349 76.22 -57.90 6.44
CA THR C 349 77.48 -57.33 6.92
C THR C 349 77.30 -56.20 7.92
N LYS C 350 76.11 -55.63 8.05
CA LYS C 350 75.94 -54.50 8.94
C LYS C 350 75.04 -54.84 10.11
N PRO C 351 75.28 -54.25 11.29
CA PRO C 351 74.43 -54.54 12.45
C PRO C 351 73.05 -53.90 12.39
N ARG C 352 72.83 -52.96 11.47
CA ARG C 352 71.55 -52.26 11.37
C ARG C 352 71.14 -52.17 9.90
N PRO C 353 69.85 -52.29 9.61
CA PRO C 353 69.39 -52.27 8.22
C PRO C 353 69.23 -50.84 7.71
N THR C 354 69.01 -50.74 6.40
CA THR C 354 68.74 -49.46 5.77
C THR C 354 67.28 -49.05 5.98
N ARG C 355 66.98 -47.79 5.69
CA ARG C 355 65.61 -47.30 5.81
C ARG C 355 64.69 -47.98 4.79
N ALA C 356 65.22 -48.33 3.61
CA ALA C 356 64.43 -49.05 2.63
C ALA C 356 64.12 -50.46 3.09
N GLU C 357 65.01 -51.06 3.89
CA GLU C 357 64.81 -52.45 4.30
C GLU C 357 63.73 -52.56 5.38
N THR C 358 63.80 -51.70 6.41
CA THR C 358 62.75 -51.70 7.42
C THR C 358 61.39 -51.39 6.79
N SER C 359 61.37 -50.41 5.88
CA SER C 359 60.14 -50.09 5.17
C SER C 359 59.62 -51.29 4.38
N ASP C 360 60.53 -52.10 3.83
CA ASP C 360 60.10 -53.25 3.04
C ASP C 360 59.42 -54.30 3.90
N VAL C 361 59.98 -54.58 5.08
CA VAL C 361 59.35 -55.52 6.00
C VAL C 361 57.97 -55.00 6.42
N ALA C 362 57.93 -53.72 6.82
CA ALA C 362 56.67 -53.13 7.29
C ALA C 362 55.60 -53.21 6.22
N ASN C 363 55.94 -52.84 4.98
CA ASN C 363 54.95 -52.80 3.92
C ASN C 363 54.53 -54.20 3.48
N ALA C 364 55.42 -55.19 3.59
CA ALA C 364 55.02 -56.56 3.35
C ALA C 364 53.97 -57.01 4.37
N VAL C 365 54.13 -56.59 5.62
CA VAL C 365 53.14 -56.88 6.65
C VAL C 365 51.84 -56.13 6.38
N LEU C 366 51.96 -54.86 5.98
CA LEU C 366 50.76 -54.08 5.67
C LEU C 366 50.06 -54.61 4.43
N ASP C 367 50.81 -55.19 3.49
CA ASP C 367 50.19 -55.82 2.32
C ASP C 367 49.28 -56.97 2.71
N GLY C 368 49.57 -57.64 3.82
CA GLY C 368 48.84 -58.82 4.23
C GLY C 368 49.62 -60.12 4.20
N ALA C 369 50.95 -60.06 4.18
CA ALA C 369 51.76 -61.27 4.15
C ALA C 369 51.63 -62.04 5.46
N ASP C 370 51.47 -63.36 5.36
CA ASP C 370 51.42 -64.20 6.55
C ASP C 370 52.80 -64.37 7.16
N CYS C 371 53.82 -64.52 6.33
CA CYS C 371 55.18 -64.77 6.79
C CYS C 371 56.17 -63.93 6.00
N ILE C 372 57.25 -63.57 6.66
CA ILE C 372 58.38 -62.89 6.06
C ILE C 372 59.61 -63.77 6.25
N MET C 373 60.59 -63.61 5.36
CA MET C 373 61.69 -64.57 5.27
C MET C 373 63.03 -63.87 5.29
N LEU C 374 64.03 -64.57 5.84
CA LEU C 374 65.43 -64.18 5.80
C LEU C 374 66.23 -65.27 5.12
N SER C 375 67.11 -64.89 4.19
CA SER C 375 67.90 -65.85 3.43
C SER C 375 69.33 -65.70 3.87
N GLY C 376 70.18 -64.97 3.15
CA GLY C 376 71.56 -64.78 3.57
C GLY C 376 71.71 -64.08 4.90
N GLU C 377 70.68 -63.33 5.33
CA GLU C 377 70.76 -62.64 6.61
C GLU C 377 70.92 -63.61 7.78
N THR C 378 70.45 -64.84 7.62
CA THR C 378 70.64 -65.87 8.64
C THR C 378 71.48 -67.04 8.16
N ALA C 379 71.58 -67.28 6.86
CA ALA C 379 72.37 -68.41 6.37
C ALA C 379 73.87 -68.11 6.44
N LYS C 380 74.28 -66.94 5.96
CA LYS C 380 75.69 -66.60 5.84
C LYS C 380 76.14 -65.43 6.70
N GLY C 381 75.25 -64.50 7.02
CA GLY C 381 75.65 -63.20 7.52
C GLY C 381 76.24 -63.23 8.92
N ASN C 382 76.68 -62.04 9.35
CA ASN C 382 77.32 -61.85 10.65
C ASN C 382 76.34 -61.46 11.75
N PHE C 383 75.06 -61.23 11.41
CA PHE C 383 74.06 -60.83 12.40
C PHE C 383 72.76 -61.61 12.19
N PRO C 384 72.81 -62.94 12.29
CA PRO C 384 71.57 -63.71 12.10
C PRO C 384 70.54 -63.44 13.19
N VAL C 385 70.96 -63.39 14.45
CA VAL C 385 70.02 -63.15 15.55
C VAL C 385 69.47 -61.73 15.49
N GLU C 386 70.33 -60.76 15.14
CA GLU C 386 69.87 -59.38 15.06
C GLU C 386 68.88 -59.19 13.93
N ALA C 387 69.08 -59.89 12.80
CA ALA C 387 68.13 -59.83 11.70
C ALA C 387 66.77 -60.37 12.12
N VAL C 388 66.75 -61.50 12.84
CA VAL C 388 65.49 -62.04 13.36
C VAL C 388 64.85 -61.03 14.30
N LYS C 389 65.66 -60.43 15.19
CA LYS C 389 65.13 -59.45 16.15
C LYS C 389 64.53 -58.25 15.43
N MET C 390 65.15 -57.82 14.32
CA MET C 390 64.66 -56.64 13.62
C MET C 390 63.33 -56.92 12.93
N GLN C 391 63.21 -58.06 12.26
CA GLN C 391 61.94 -58.44 11.63
C GLN C 391 60.83 -58.54 12.68
N HIS C 392 61.12 -59.12 13.84
CA HIS C 392 60.13 -59.20 14.91
C HIS C 392 59.65 -57.81 15.32
N ALA C 393 60.60 -56.89 15.52
CA ALA C 393 60.24 -55.55 15.99
C ALA C 393 59.43 -54.78 14.95
N ILE C 394 59.80 -54.87 13.68
CA ILE C 394 59.07 -54.15 12.64
C ILE C 394 57.67 -54.71 12.50
N ALA C 395 57.54 -56.04 12.45
CA ALA C 395 56.24 -56.68 12.27
C ALA C 395 55.25 -56.27 13.35
N ARG C 396 55.72 -56.17 14.61
CA ARG C 396 54.84 -55.74 15.69
C ARG C 396 54.27 -54.35 15.40
N GLU C 397 55.14 -53.42 14.96
CA GLU C 397 54.68 -52.08 14.65
C GLU C 397 53.73 -52.07 13.46
N ALA C 398 54.03 -52.85 12.42
CA ALA C 398 53.24 -52.80 11.20
C ALA C 398 51.89 -53.50 11.38
N GLU C 399 51.86 -54.58 12.16
CA GLU C 399 50.60 -55.28 12.41
C GLU C 399 49.59 -54.35 13.08
N ALA C 400 50.04 -53.49 14.00
CA ALA C 400 49.15 -52.55 14.64
C ALA C 400 48.68 -51.46 13.68
N ALA C 401 49.48 -51.17 12.64
CA ALA C 401 49.17 -50.14 11.67
C ALA C 401 48.31 -50.64 10.51
N VAL C 402 47.87 -51.90 10.56
CA VAL C 402 46.91 -52.38 9.56
C VAL C 402 45.56 -51.72 9.81
N TYR C 403 44.91 -51.29 8.73
CA TYR C 403 43.57 -50.70 8.79
C TYR C 403 42.55 -51.84 8.84
N HIS C 404 42.44 -52.46 10.02
CA HIS C 404 41.57 -53.62 10.18
C HIS C 404 40.13 -53.32 9.79
N ARG C 405 39.67 -52.09 10.03
CA ARG C 405 38.29 -51.74 9.75
C ARG C 405 37.91 -52.08 8.32
N GLN C 406 38.66 -51.57 7.35
CA GLN C 406 38.33 -51.84 5.96
C GLN C 406 38.75 -53.25 5.54
N LEU C 407 39.88 -53.73 6.04
CA LEU C 407 40.34 -55.06 5.66
C LEU C 407 39.34 -56.14 6.08
N PHE C 408 38.80 -56.03 7.29
CA PHE C 408 37.83 -57.02 7.75
C PHE C 408 36.55 -56.96 6.93
N GLU C 409 36.04 -55.75 6.66
CA GLU C 409 34.84 -55.60 5.84
C GLU C 409 35.03 -56.23 4.46
N GLU C 410 36.17 -55.99 3.82
CA GLU C 410 36.37 -56.50 2.47
C GLU C 410 36.59 -58.02 2.47
N LEU C 411 37.28 -58.54 3.48
CA LEU C 411 37.41 -59.99 3.60
C LEU C 411 36.04 -60.61 3.87
N ARG C 412 35.19 -59.93 4.65
CA ARG C 412 33.85 -60.45 4.92
C ARG C 412 32.99 -60.47 3.66
N ARG C 413 33.05 -59.40 2.86
CA ARG C 413 32.21 -59.34 1.67
C ARG C 413 32.67 -60.31 0.59
N ALA C 414 33.99 -60.54 0.49
CA ALA C 414 34.52 -61.37 -0.59
C ALA C 414 34.39 -62.86 -0.28
N ALA C 415 34.37 -63.23 0.98
CA ALA C 415 34.29 -64.64 1.34
C ALA C 415 32.86 -65.14 1.09
N PRO C 416 32.68 -66.27 0.41
CA PRO C 416 31.33 -66.76 0.13
C PRO C 416 30.65 -67.26 1.39
N LEU C 417 29.31 -67.19 1.38
CA LEU C 417 28.52 -67.70 2.50
C LEU C 417 28.87 -69.16 2.77
N SER C 418 28.74 -69.56 4.03
CA SER C 418 29.18 -70.89 4.43
C SER C 418 28.16 -71.52 5.36
N ARG C 419 27.99 -72.83 5.23
CA ARG C 419 27.20 -73.63 6.15
C ARG C 419 28.06 -74.52 7.02
N ASP C 420 29.37 -74.31 7.00
CA ASP C 420 30.28 -75.02 7.90
C ASP C 420 30.33 -74.30 9.24
N PRO C 421 29.95 -74.95 10.35
CA PRO C 421 29.89 -74.24 11.62
C PRO C 421 31.22 -73.71 12.11
N THR C 422 32.35 -74.27 11.64
CA THR C 422 33.66 -73.75 12.03
C THR C 422 33.89 -72.35 11.45
N GLU C 423 33.58 -72.17 10.16
CA GLU C 423 33.69 -70.85 9.54
C GLU C 423 32.76 -69.85 10.21
N VAL C 424 31.49 -70.23 10.37
CA VAL C 424 30.49 -69.34 10.94
C VAL C 424 30.92 -68.88 12.32
N THR C 425 31.38 -69.82 13.15
CA THR C 425 31.86 -69.46 14.48
C THR C 425 33.08 -68.56 14.40
N ALA C 426 33.97 -68.81 13.43
CA ALA C 426 35.20 -68.04 13.32
C ALA C 426 34.92 -66.57 13.06
N ILE C 427 34.09 -66.27 12.05
CA ILE C 427 33.83 -64.88 11.71
C ILE C 427 33.09 -64.19 12.85
N GLY C 428 32.22 -64.91 13.55
CA GLY C 428 31.55 -64.33 14.71
C GLY C 428 32.52 -64.04 15.84
N ALA C 429 33.46 -64.94 16.07
CA ALA C 429 34.46 -64.72 17.12
C ALA C 429 35.39 -63.58 16.77
N VAL C 430 35.74 -63.45 15.49
CA VAL C 430 36.59 -62.33 15.06
C VAL C 430 35.85 -61.01 15.23
N GLU C 431 34.60 -60.95 14.78
CA GLU C 431 33.79 -59.76 14.98
C GLU C 431 33.63 -59.45 16.46
N ALA C 432 33.34 -60.47 17.26
CA ALA C 432 33.24 -60.27 18.71
C ALA C 432 34.53 -59.75 19.29
N ALA C 433 35.67 -60.24 18.79
CA ALA C 433 36.96 -59.77 19.28
C ALA C 433 37.19 -58.30 18.93
N PHE C 434 36.71 -57.88 17.76
CA PHE C 434 36.85 -56.47 17.38
C PHE C 434 36.02 -55.57 18.28
N LYS C 435 34.84 -56.04 18.70
CA LYS C 435 33.95 -55.22 19.50
C LYS C 435 34.52 -54.90 20.88
N CYS C 436 35.26 -55.84 21.47
CA CYS C 436 35.81 -55.66 22.80
C CYS C 436 37.31 -55.40 22.79
N CYS C 437 37.94 -55.34 21.62
CA CYS C 437 39.40 -55.43 21.49
C CYS C 437 39.94 -56.51 22.40
N ALA C 438 39.36 -57.71 22.26
CA ALA C 438 39.79 -58.85 23.05
C ALA C 438 41.29 -59.04 22.94
N ALA C 439 41.92 -59.37 24.06
CA ALA C 439 43.36 -59.59 24.02
C ALA C 439 43.72 -60.82 23.19
N ALA C 440 42.83 -61.79 23.11
CA ALA C 440 43.12 -63.02 22.38
C ALA C 440 41.83 -63.73 22.00
N ILE C 441 41.94 -64.56 20.96
CA ILE C 441 40.96 -65.60 20.67
C ILE C 441 41.65 -66.93 20.97
N ILE C 442 41.12 -67.66 21.94
CA ILE C 442 41.67 -68.95 22.32
C ILE C 442 40.84 -70.03 21.65
N VAL C 443 41.49 -70.86 20.84
CA VAL C 443 40.82 -71.88 20.05
C VAL C 443 41.49 -73.23 20.30
N LEU C 444 40.66 -74.27 20.41
CA LEU C 444 41.14 -75.64 20.45
C LEU C 444 41.09 -76.20 19.04
N THR C 445 42.16 -76.89 18.63
CA THR C 445 42.23 -77.42 17.28
C THR C 445 43.17 -78.62 17.25
N THR C 446 42.85 -79.61 16.43
CA THR C 446 43.68 -80.79 16.26
C THR C 446 44.41 -80.80 14.91
N THR C 447 43.72 -80.41 13.84
CA THR C 447 44.34 -80.29 12.53
C THR C 447 44.83 -78.87 12.24
N GLY C 448 44.41 -77.88 13.01
CA GLY C 448 44.74 -76.51 12.76
C GLY C 448 43.71 -75.73 11.96
N ARG C 449 42.71 -76.41 11.38
CA ARG C 449 41.77 -75.73 10.49
CA ARG C 449 41.77 -75.73 10.49
C ARG C 449 40.98 -74.65 11.22
N SER C 450 40.54 -74.93 12.44
CA SER C 450 39.77 -73.93 13.17
C SER C 450 40.61 -72.67 13.43
N ALA C 451 41.90 -72.84 13.71
CA ALA C 451 42.77 -71.69 13.88
C ALA C 451 42.97 -70.94 12.57
N GLN C 452 43.11 -71.68 11.47
CA GLN C 452 43.32 -71.04 10.17
C GLN C 452 42.09 -70.26 9.75
N LEU C 453 40.89 -70.76 10.06
CA LEU C 453 39.67 -70.06 9.67
C LEU C 453 39.47 -68.79 10.49
N LEU C 454 40.01 -68.74 11.71
CA LEU C 454 40.05 -67.48 12.44
C LEU C 454 41.08 -66.54 11.83
N SER C 455 42.25 -67.08 11.49
CA SER C 455 43.33 -66.26 10.96
C SER C 455 42.97 -65.63 9.62
N ARG C 456 42.12 -66.29 8.83
CA ARG C 456 41.83 -65.80 7.49
C ARG C 456 40.95 -64.55 7.50
N TYR C 457 40.28 -64.26 8.62
CA TYR C 457 39.52 -63.02 8.75
C TYR C 457 40.34 -61.94 9.45
N ARG C 458 41.62 -62.19 9.70
CA ARG C 458 42.58 -61.18 10.14
C ARG C 458 42.12 -60.39 11.37
N PRO C 459 41.85 -61.05 12.48
CA PRO C 459 41.53 -60.31 13.70
C PRO C 459 42.75 -59.56 14.21
N ARG C 460 42.48 -58.47 14.93
CA ARG C 460 43.57 -57.80 15.66
C ARG C 460 44.03 -58.65 16.83
N ALA C 461 43.08 -59.34 17.48
CA ALA C 461 43.41 -60.17 18.63
C ALA C 461 44.28 -61.36 18.22
N ALA C 462 45.22 -61.72 19.09
CA ALA C 462 46.03 -62.91 18.87
C ALA C 462 45.16 -64.16 18.93
N VAL C 463 45.41 -65.08 18.01
CA VAL C 463 44.71 -66.35 17.98
C VAL C 463 45.62 -67.37 18.68
N ILE C 464 45.29 -67.68 19.93
CA ILE C 464 46.05 -68.64 20.72
C ILE C 464 45.46 -70.02 20.47
N ALA C 465 46.23 -70.89 19.81
CA ALA C 465 45.75 -72.20 19.37
C ALA C 465 46.36 -73.28 20.24
N VAL C 466 45.52 -73.94 21.03
CA VAL C 466 45.94 -75.03 21.89
C VAL C 466 45.69 -76.35 21.17
N THR C 467 46.75 -77.13 20.97
CA THR C 467 46.65 -78.37 20.22
C THR C 467 47.50 -79.44 20.90
N ARG C 468 47.08 -80.70 20.72
CA ARG C 468 47.87 -81.84 21.12
C ARG C 468 48.72 -82.39 19.99
N SER C 469 48.58 -81.87 18.79
CA SER C 469 49.27 -82.37 17.61
C SER C 469 50.53 -81.54 17.38
N ALA C 470 51.69 -82.14 17.64
CA ALA C 470 52.95 -81.44 17.50
C ALA C 470 53.15 -80.93 16.07
N GLN C 471 52.67 -81.68 15.08
CA GLN C 471 52.81 -81.22 13.70
C GLN C 471 51.90 -80.03 13.41
N ALA C 472 50.64 -80.09 13.85
CA ALA C 472 49.74 -78.95 13.68
C ALA C 472 50.30 -77.71 14.37
N ALA C 473 50.87 -77.89 15.56
CA ALA C 473 51.51 -76.76 16.24
C ALA C 473 52.65 -76.18 15.42
N ARG C 474 53.35 -77.01 14.65
CA ARG C 474 54.42 -76.49 13.80
C ARG C 474 53.87 -75.83 12.54
N GLN C 475 52.80 -76.39 11.97
CA GLN C 475 52.34 -75.96 10.66
C GLN C 475 51.44 -74.73 10.70
N VAL C 476 50.82 -74.40 11.83
CA VAL C 476 49.97 -73.21 11.87
C VAL C 476 50.76 -71.92 11.90
N HIS C 477 52.09 -71.99 12.04
CA HIS C 477 52.90 -70.78 11.91
C HIS C 477 52.74 -70.15 10.52
N LEU C 478 52.26 -70.92 9.54
CA LEU C 478 52.02 -70.36 8.22
C LEU C 478 50.91 -69.32 8.22
N CYS C 479 49.97 -69.42 9.17
CA CYS C 479 48.79 -68.57 9.18
C CYS C 479 49.03 -67.39 10.11
N ARG C 480 48.90 -66.18 9.57
CA ARG C 480 49.14 -64.96 10.34
C ARG C 480 48.31 -64.94 11.61
N GLY C 481 48.94 -64.53 12.72
CA GLY C 481 48.24 -64.28 13.95
C GLY C 481 47.93 -65.49 14.80
N VAL C 482 48.31 -66.69 14.37
CA VAL C 482 48.10 -67.90 15.16
C VAL C 482 49.33 -68.15 16.01
N PHE C 483 49.12 -68.31 17.32
CA PHE C 483 50.21 -68.57 18.26
C PHE C 483 50.01 -69.96 18.84
N PRO C 484 50.80 -70.95 18.40
CA PRO C 484 50.50 -72.34 18.74
C PRO C 484 51.06 -72.74 20.10
N LEU C 485 50.25 -73.49 20.84
CA LEU C 485 50.61 -74.03 22.15
C LEU C 485 50.45 -75.53 22.12
N LEU C 486 51.53 -76.26 22.45
CA LEU C 486 51.51 -77.71 22.43
C LEU C 486 51.09 -78.23 23.79
N TYR C 487 49.92 -78.84 23.85
CA TYR C 487 49.38 -79.40 25.09
C TYR C 487 49.82 -80.86 25.22
N ARG C 488 50.31 -81.23 26.40
CA ARG C 488 50.98 -82.52 26.58
C ARG C 488 50.29 -83.45 27.58
N GLU C 489 49.15 -83.09 28.12
CA GLU C 489 48.59 -83.94 29.15
C GLU C 489 47.61 -84.95 28.57
N PRO C 490 47.52 -86.15 29.17
CA PRO C 490 46.51 -87.12 28.74
C PRO C 490 45.12 -86.61 29.08
N PRO C 491 44.09 -87.15 28.41
CA PRO C 491 42.74 -86.57 28.56
C PRO C 491 42.20 -86.67 29.97
N GLU C 492 41.48 -85.64 30.38
CA GLU C 492 40.65 -85.74 31.56
C GLU C 492 39.52 -86.75 31.30
N ALA C 493 38.85 -87.16 32.38
CA ALA C 493 37.86 -88.22 32.26
C ALA C 493 36.55 -87.70 31.71
N ILE C 494 36.14 -86.52 32.15
CA ILE C 494 35.03 -85.80 31.53
C ILE C 494 35.61 -84.92 30.44
N TRP C 495 35.10 -85.06 29.22
CA TRP C 495 35.64 -84.30 28.10
C TRP C 495 35.49 -82.80 28.31
N ALA C 496 34.36 -82.36 28.88
CA ALA C 496 34.16 -80.94 29.14
C ALA C 496 35.23 -80.39 30.07
N ASP C 497 35.63 -81.18 31.07
CA ASP C 497 36.75 -80.77 31.92
C ASP C 497 38.05 -80.73 31.12
N ASP C 498 38.23 -81.66 30.19
CA ASP C 498 39.44 -81.66 29.37
C ASP C 498 39.48 -80.46 28.45
N VAL C 499 38.33 -80.01 27.96
CA VAL C 499 38.27 -78.77 27.19
C VAL C 499 38.67 -77.58 28.06
N ASP C 500 38.07 -77.49 29.26
CA ASP C 500 38.32 -76.34 30.12
C ASP C 500 39.79 -76.26 30.54
N ARG C 501 40.42 -77.41 30.78
CA ARG C 501 41.83 -77.38 31.19
C ARG C 501 42.74 -76.93 30.06
N ARG C 502 42.41 -77.29 28.82
CA ARG C 502 43.19 -76.78 27.69
C ARG C 502 43.00 -75.28 27.51
N VAL C 503 41.78 -74.79 27.73
CA VAL C 503 41.52 -73.35 27.70
C VAL C 503 42.34 -72.66 28.78
N GLN C 504 42.38 -73.22 29.98
CA GLN C 504 43.17 -72.66 31.07
C GLN C 504 44.66 -72.67 30.74
N PHE C 505 45.14 -73.77 30.15
CA PHE C 505 46.52 -73.84 29.69
C PHE C 505 46.82 -72.71 28.71
N GLY C 506 45.88 -72.41 27.81
CA GLY C 506 46.07 -71.27 26.92
C GLY C 506 46.11 -69.95 27.66
N ILE C 507 45.24 -69.79 28.67
CA ILE C 507 45.25 -68.57 29.48
C ILE C 507 46.55 -68.44 30.25
N GLU C 508 47.02 -69.55 30.84
CA GLU C 508 48.22 -69.50 31.66
C GLU C 508 49.46 -69.19 30.81
N SER C 509 49.56 -69.81 29.63
CA SER C 509 50.68 -69.50 28.75
C SER C 509 50.60 -68.07 28.25
N GLY C 510 49.40 -67.58 27.95
CA GLY C 510 49.25 -66.21 27.51
C GLY C 510 49.67 -65.20 28.55
N LYS C 511 49.31 -65.46 29.82
CA LYS C 511 49.75 -64.60 30.92
C LYS C 511 51.27 -64.57 31.00
N LEU C 512 51.91 -65.74 30.98
CA LEU C 512 53.36 -65.81 31.17
C LEU C 512 54.10 -65.10 30.05
N ARG C 513 53.58 -65.17 28.82
CA ARG C 513 54.24 -64.57 27.66
C ARG C 513 53.88 -63.10 27.48
N GLY C 514 53.05 -62.54 28.35
CA GLY C 514 52.62 -61.17 28.17
C GLY C 514 51.52 -60.96 27.16
N PHE C 515 50.84 -62.03 26.72
CA PHE C 515 49.71 -61.88 25.82
C PHE C 515 48.43 -61.53 26.56
N LEU C 516 48.32 -61.88 27.83
CA LEU C 516 47.08 -61.75 28.59
C LEU C 516 47.35 -61.16 29.96
N ARG C 517 46.42 -60.34 30.43
CA ARG C 517 46.47 -59.76 31.77
C ARG C 517 45.12 -59.95 32.43
N VAL C 518 45.11 -59.89 33.77
CA VAL C 518 43.85 -59.94 34.50
C VAL C 518 42.99 -58.76 34.08
N GLY C 519 41.71 -59.03 33.84
CA GLY C 519 40.78 -58.03 33.36
C GLY C 519 40.64 -57.98 31.85
N ASP C 520 41.51 -58.66 31.12
CA ASP C 520 41.36 -58.75 29.67
C ASP C 520 40.10 -59.53 29.31
N LEU C 521 39.49 -59.15 28.20
CA LEU C 521 38.45 -59.98 27.61
C LEU C 521 39.09 -60.93 26.60
N VAL C 522 38.56 -62.14 26.53
CA VAL C 522 39.07 -63.16 25.62
C VAL C 522 37.88 -63.86 24.98
N ILE C 523 38.05 -64.26 23.74
CA ILE C 523 37.06 -65.05 23.01
C ILE C 523 37.55 -66.49 22.96
N VAL C 524 36.71 -67.44 23.34
CA VAL C 524 37.10 -68.84 23.43
C VAL C 524 36.27 -69.63 22.44
N VAL C 525 36.96 -70.32 21.52
CA VAL C 525 36.32 -71.03 20.42
C VAL C 525 36.55 -72.52 20.62
N THR C 526 35.47 -73.28 20.75
CA THR C 526 35.53 -74.72 20.95
C THR C 526 34.44 -75.37 20.10
N GLY C 527 34.28 -76.68 20.28
CA GLY C 527 33.22 -77.43 19.65
C GLY C 527 32.38 -78.18 20.67
N TRP C 528 31.35 -78.85 20.17
CA TRP C 528 30.38 -79.51 21.03
C TRP C 528 30.70 -80.97 21.32
N ARG C 529 31.78 -81.52 20.76
CA ARG C 529 32.12 -82.92 20.97
C ARG C 529 33.55 -83.16 20.50
N PRO C 530 34.24 -84.17 21.05
CA PRO C 530 35.63 -84.41 20.65
C PRO C 530 35.76 -84.86 19.21
N GLY C 531 36.95 -84.64 18.66
CA GLY C 531 37.25 -84.93 17.28
C GLY C 531 37.26 -83.67 16.42
N SER C 532 37.96 -83.76 15.28
CA SER C 532 38.06 -82.64 14.37
C SER C 532 36.73 -82.40 13.66
N GLY C 533 36.46 -81.13 13.36
CA GLY C 533 35.36 -80.77 12.49
C GLY C 533 34.10 -80.26 13.16
N TYR C 534 34.04 -80.23 14.49
CA TYR C 534 32.80 -79.89 15.19
C TYR C 534 32.86 -78.55 15.91
N THR C 535 33.83 -77.69 15.58
CA THR C 535 33.88 -76.36 16.19
C THR C 535 32.60 -75.60 15.87
N ASN C 536 31.96 -75.06 16.92
CA ASN C 536 30.68 -74.38 16.72
C ASN C 536 30.30 -73.48 17.89
N ILE C 537 31.20 -73.25 18.84
CA ILE C 537 30.87 -72.51 20.06
C ILE C 537 31.84 -71.35 20.23
N MET C 538 31.30 -70.21 20.61
CA MET C 538 32.06 -69.00 20.91
C MET C 538 31.59 -68.44 22.24
N ARG C 539 32.53 -68.21 23.16
CA ARG C 539 32.21 -67.70 24.49
C ARG C 539 33.04 -66.45 24.79
N VAL C 540 32.48 -65.56 25.60
CA VAL C 540 33.15 -64.35 26.06
C VAL C 540 33.52 -64.55 27.52
N LEU C 541 34.82 -64.50 27.82
CA LEU C 541 35.33 -64.68 29.17
C LEU C 541 36.24 -63.52 29.57
N SER C 542 36.21 -63.18 30.84
CA SER C 542 37.18 -62.27 31.43
C SER C 542 38.27 -63.09 32.11
N ILE C 543 39.50 -62.59 32.03
CA ILE C 543 40.65 -63.34 32.53
C ILE C 543 40.74 -63.18 34.03
N SER C 544 40.85 -64.31 34.74
CA SER C 544 40.89 -64.36 36.19
C SER C 544 39.64 -63.74 36.81
N GLN D 27 43.79 -53.83 -18.90
CA GLN D 27 44.05 -52.55 -19.55
C GLN D 27 45.52 -52.18 -19.53
N GLN D 28 45.80 -50.97 -20.01
CA GLN D 28 46.97 -50.24 -19.58
C GLN D 28 46.62 -49.48 -18.29
N GLN D 29 47.59 -48.75 -17.74
CA GLN D 29 47.40 -47.87 -16.60
C GLN D 29 46.96 -48.60 -15.32
N GLN D 30 46.95 -49.94 -15.32
CA GLN D 30 46.38 -50.71 -14.21
C GLN D 30 44.94 -50.29 -13.93
N LEU D 31 44.20 -49.97 -14.99
CA LEU D 31 42.84 -49.45 -14.84
C LEU D 31 41.83 -50.48 -14.33
N PRO D 32 41.94 -51.77 -14.67
CA PRO D 32 41.05 -52.75 -14.01
C PRO D 32 41.22 -52.73 -12.51
N ALA D 33 42.43 -52.48 -12.02
CA ALA D 33 42.67 -52.42 -10.59
C ALA D 33 42.14 -51.13 -9.98
N ALA D 34 42.26 -50.01 -10.69
CA ALA D 34 41.76 -48.75 -10.17
C ALA D 34 40.24 -48.66 -10.20
N MET D 35 39.59 -49.45 -11.06
CA MET D 35 38.14 -49.47 -11.13
C MET D 35 37.50 -50.37 -10.08
N ALA D 36 38.29 -51.24 -9.45
CA ALA D 36 37.75 -52.25 -8.55
C ALA D 36 36.93 -51.62 -7.43
N ASP D 37 35.96 -52.38 -6.93
CA ASP D 37 35.04 -51.89 -5.91
C ASP D 37 35.64 -51.91 -4.51
N THR D 38 36.71 -52.67 -4.29
CA THR D 38 37.36 -52.75 -2.99
C THR D 38 38.87 -52.65 -3.19
N PHE D 39 39.57 -52.30 -2.11
CA PHE D 39 41.03 -52.29 -2.17
C PHE D 39 41.60 -53.69 -2.31
N LEU D 40 40.94 -54.69 -1.70
CA LEU D 40 41.41 -56.06 -1.82
C LEU D 40 41.39 -56.52 -3.27
N GLU D 41 40.28 -56.31 -3.96
CA GLU D 41 40.20 -56.72 -5.37
C GLU D 41 41.08 -55.86 -6.25
N HIS D 42 41.27 -54.59 -5.88
CA HIS D 42 42.24 -53.76 -6.57
C HIS D 42 43.62 -54.40 -6.56
N LEU D 43 44.03 -54.93 -5.41
CA LEU D 43 45.33 -55.61 -5.33
C LEU D 43 45.36 -56.83 -6.24
N CYS D 44 44.32 -57.66 -6.18
CA CYS D 44 44.28 -58.90 -6.97
C CYS D 44 44.36 -58.62 -8.46
N LEU D 45 43.94 -57.43 -8.90
CA LEU D 45 43.88 -57.10 -10.31
C LEU D 45 45.12 -56.38 -10.84
N LEU D 46 46.12 -56.12 -9.98
CA LEU D 46 47.35 -55.54 -10.47
C LEU D 46 48.04 -56.49 -11.43
N ASP D 47 48.48 -55.97 -12.57
CA ASP D 47 48.93 -56.78 -13.70
C ASP D 47 50.33 -56.34 -14.11
N ILE D 48 51.30 -57.26 -13.97
CA ILE D 48 52.68 -56.96 -14.36
C ILE D 48 52.81 -56.71 -15.86
N ASP D 49 51.82 -57.11 -16.65
CA ASP D 49 51.85 -56.92 -18.09
C ASP D 49 51.09 -55.68 -18.53
N SER D 50 50.61 -54.87 -17.58
CA SER D 50 49.90 -53.63 -17.87
C SER D 50 50.91 -52.49 -17.82
N GLU D 51 51.35 -52.03 -18.98
CA GLU D 51 52.41 -51.03 -19.02
C GLU D 51 51.84 -49.64 -18.76
N PRO D 52 52.58 -48.79 -18.04
CA PRO D 52 52.10 -47.42 -17.81
C PRO D 52 52.22 -46.59 -19.08
N VAL D 53 51.25 -45.71 -19.27
CA VAL D 53 51.28 -44.77 -20.39
C VAL D 53 51.31 -43.31 -19.95
N ALA D 54 50.83 -43.00 -18.75
CA ALA D 54 50.91 -41.63 -18.24
C ALA D 54 52.36 -41.27 -17.92
N ALA D 55 52.64 -39.97 -17.93
CA ALA D 55 53.97 -39.50 -17.59
C ALA D 55 54.23 -39.66 -16.09
N ARG D 56 55.50 -39.73 -15.73
CA ARG D 56 55.90 -39.92 -14.35
C ARG D 56 55.61 -38.65 -13.56
N SER D 57 54.86 -38.79 -12.47
CA SER D 57 54.35 -37.65 -11.72
C SER D 57 55.15 -37.31 -10.49
N THR D 58 55.76 -38.31 -9.83
CA THR D 58 56.56 -38.09 -8.63
C THR D 58 57.93 -37.55 -9.03
N SER D 59 58.25 -36.34 -8.59
CA SER D 59 59.53 -35.74 -8.97
C SER D 59 60.69 -36.43 -8.26
N ILE D 60 61.86 -36.37 -8.90
CA ILE D 60 63.06 -37.03 -8.41
C ILE D 60 64.06 -35.96 -8.00
N ILE D 61 64.55 -36.05 -6.77
CA ILE D 61 65.59 -35.17 -6.26
C ILE D 61 66.91 -35.92 -6.27
N ALA D 62 67.91 -35.36 -6.93
CA ALA D 62 69.24 -35.96 -7.00
C ALA D 62 70.22 -35.07 -6.25
N THR D 63 70.95 -35.66 -5.32
CA THR D 63 71.98 -34.93 -4.60
C THR D 63 73.22 -34.79 -5.48
N ILE D 64 73.70 -33.56 -5.61
CA ILE D 64 74.89 -33.27 -6.42
C ILE D 64 76.14 -33.63 -5.63
N GLY D 65 77.10 -34.25 -6.31
CA GLY D 65 78.37 -34.57 -5.72
C GLY D 65 79.40 -34.93 -6.77
N PRO D 66 80.54 -35.48 -6.34
CA PRO D 66 81.58 -35.89 -7.31
C PRO D 66 81.07 -36.70 -8.48
N ALA D 67 80.17 -37.65 -8.23
CA ALA D 67 79.64 -38.49 -9.31
C ALA D 67 78.64 -37.75 -10.19
N SER D 68 78.30 -36.50 -9.89
CA SER D 68 77.25 -35.81 -10.61
C SER D 68 77.50 -34.30 -10.73
N ARG D 69 78.77 -33.89 -10.79
CA ARG D 69 79.09 -32.47 -10.85
C ARG D 69 79.48 -32.00 -12.25
N SER D 70 79.84 -32.92 -13.14
CA SER D 70 80.25 -32.54 -14.48
C SER D 70 79.04 -32.19 -15.35
N VAL D 71 79.25 -31.27 -16.28
CA VAL D 71 78.15 -30.78 -17.12
C VAL D 71 77.55 -31.93 -17.94
N GLU D 72 78.41 -32.79 -18.50
CA GLU D 72 77.91 -33.86 -19.36
C GLU D 72 77.18 -34.93 -18.56
N ARG D 73 77.61 -35.20 -17.33
CA ARG D 73 76.90 -36.15 -16.48
C ARG D 73 75.55 -35.58 -16.05
N LEU D 74 75.49 -34.27 -15.81
CA LEU D 74 74.24 -33.64 -15.42
C LEU D 74 73.24 -33.63 -16.58
N LYS D 75 73.74 -33.42 -17.80
CA LYS D 75 72.89 -33.56 -18.98
C LYS D 75 72.27 -34.96 -19.05
N GLU D 76 73.07 -35.98 -18.72
CA GLU D 76 72.54 -37.35 -18.71
C GLU D 76 71.43 -37.49 -17.67
N MET D 77 71.59 -36.86 -16.52
CA MET D 77 70.63 -37.04 -15.43
C MET D 77 69.36 -36.24 -15.65
N ILE D 78 69.46 -35.07 -16.29
CA ILE D 78 68.25 -34.35 -16.70
C ILE D 78 67.44 -35.20 -17.67
N LYS D 79 68.12 -35.82 -18.64
CA LYS D 79 67.42 -36.68 -19.59
C LYS D 79 66.88 -37.93 -18.92
N ALA D 80 67.56 -38.43 -17.89
CA ALA D 80 67.08 -39.61 -17.17
C ALA D 80 65.89 -39.29 -16.27
N GLY D 81 65.70 -38.02 -15.89
CA GLY D 81 64.50 -37.65 -15.16
C GLY D 81 64.69 -36.80 -13.91
N MET D 82 65.92 -36.40 -13.61
CA MET D 82 66.15 -35.53 -12.47
C MET D 82 65.35 -34.25 -12.61
N ASN D 83 64.56 -33.93 -11.58
CA ASN D 83 63.76 -32.71 -11.57
C ASN D 83 64.31 -31.64 -10.64
N ILE D 84 64.92 -32.03 -9.53
CA ILE D 84 65.45 -31.10 -8.54
C ILE D 84 66.86 -31.52 -8.18
N ALA D 85 67.79 -30.56 -8.18
CA ALA D 85 69.17 -30.81 -7.80
C ALA D 85 69.38 -30.36 -6.36
N ARG D 86 69.83 -31.29 -5.51
CA ARG D 86 70.02 -31.02 -4.09
C ARG D 86 71.48 -30.70 -3.81
N LEU D 87 71.72 -29.53 -3.23
CA LEU D 87 73.05 -29.16 -2.73
C LEU D 87 73.08 -29.40 -1.24
N ASN D 88 74.02 -30.23 -0.79
CA ASN D 88 74.14 -30.60 0.62
C ASN D 88 75.20 -29.71 1.25
N PHE D 89 74.75 -28.69 1.98
CA PHE D 89 75.67 -27.77 2.62
C PHE D 89 76.24 -28.30 3.93
N SER D 90 76.05 -29.60 4.20
CA SER D 90 76.76 -30.24 5.29
C SER D 90 78.26 -30.33 5.02
N HIS D 91 78.66 -30.29 3.74
CA HIS D 91 80.07 -30.28 3.37
C HIS D 91 80.25 -29.39 2.15
N GLY D 92 81.48 -28.96 1.94
CA GLY D 92 81.79 -28.19 0.75
C GLY D 92 81.78 -26.69 1.02
N SER D 93 82.67 -25.98 0.34
CA SER D 93 82.79 -24.55 0.50
C SER D 93 81.76 -23.83 -0.37
N HIS D 94 81.63 -22.52 -0.14
CA HIS D 94 80.74 -21.70 -0.95
C HIS D 94 81.14 -21.75 -2.41
N GLU D 95 82.45 -21.70 -2.70
CA GLU D 95 82.91 -21.78 -4.07
C GLU D 95 82.58 -23.14 -4.69
N TYR D 96 82.69 -24.20 -3.89
CA TYR D 96 82.33 -25.54 -4.37
C TYR D 96 80.88 -25.59 -4.81
N HIS D 97 79.97 -25.09 -3.96
CA HIS D 97 78.54 -25.14 -4.28
C HIS D 97 78.20 -24.18 -5.42
N ALA D 98 78.91 -23.07 -5.54
CA ALA D 98 78.70 -22.19 -6.68
C ALA D 98 79.12 -22.86 -7.98
N GLU D 99 80.17 -23.69 -7.93
CA GLU D 99 80.53 -24.49 -9.10
C GLU D 99 79.44 -25.49 -9.42
N SER D 100 78.90 -26.16 -8.39
CA SER D 100 77.78 -27.07 -8.59
C SER D 100 76.60 -26.36 -9.26
N ILE D 101 76.29 -25.15 -8.80
CA ILE D 101 75.18 -24.39 -9.38
C ILE D 101 75.47 -24.02 -10.82
N ALA D 102 76.71 -23.61 -11.11
CA ALA D 102 77.06 -23.18 -12.46
C ALA D 102 76.96 -24.34 -13.45
N ASN D 103 77.45 -25.52 -13.06
CA ASN D 103 77.39 -26.67 -13.96
C ASN D 103 75.96 -27.17 -14.13
N VAL D 104 75.17 -27.13 -13.05
CA VAL D 104 73.76 -27.48 -13.16
C VAL D 104 73.05 -26.56 -14.13
N ARG D 105 73.23 -25.25 -13.95
CA ARG D 105 72.55 -24.29 -14.81
C ARG D 105 73.06 -24.37 -16.24
N GLU D 106 74.35 -24.63 -16.43
CA GLU D 106 74.86 -24.82 -17.79
C GLU D 106 74.23 -26.05 -18.43
N ALA D 107 74.15 -27.16 -17.67
CA ALA D 107 73.52 -28.36 -18.19
C ALA D 107 72.04 -28.13 -18.48
N VAL D 108 71.35 -27.42 -17.58
CA VAL D 108 69.93 -27.18 -17.77
C VAL D 108 69.68 -26.26 -18.96
N GLU D 109 70.48 -25.20 -19.08
CA GLU D 109 70.26 -24.20 -20.12
C GLU D 109 70.68 -24.67 -21.51
N SER D 110 71.48 -25.74 -21.60
CA SER D 110 71.84 -26.26 -22.91
C SER D 110 70.65 -26.84 -23.67
N PHE D 111 69.50 -26.99 -23.02
CA PHE D 111 68.27 -27.42 -23.66
C PHE D 111 67.33 -26.26 -23.98
N ALA D 112 67.68 -25.03 -23.58
CA ALA D 112 66.75 -23.91 -23.69
C ALA D 112 66.47 -23.49 -25.13
N GLY D 113 67.36 -23.83 -26.06
CA GLY D 113 67.16 -23.45 -27.45
C GLY D 113 66.00 -24.14 -28.13
N SER D 114 65.39 -25.13 -27.48
CA SER D 114 64.18 -25.78 -27.96
C SER D 114 63.12 -25.61 -26.87
N PRO D 115 62.43 -24.45 -26.86
CA PRO D 115 61.52 -24.15 -25.73
C PRO D 115 60.40 -25.14 -25.57
N LEU D 116 59.98 -25.81 -26.64
CA LEU D 116 58.86 -26.74 -26.54
C LEU D 116 59.21 -27.99 -25.74
N SER D 117 60.49 -28.26 -25.51
CA SER D 117 60.91 -29.44 -24.76
C SER D 117 61.82 -29.11 -23.58
N TYR D 118 62.08 -27.83 -23.31
CA TYR D 118 62.95 -27.44 -22.22
C TYR D 118 62.35 -27.83 -20.88
N ARG D 119 63.13 -28.55 -20.06
CA ARG D 119 62.69 -28.99 -18.75
C ARG D 119 63.29 -28.09 -17.69
N PRO D 120 62.48 -27.33 -16.95
CA PRO D 120 63.02 -26.63 -15.78
C PRO D 120 63.53 -27.63 -14.75
N VAL D 121 64.60 -27.25 -14.07
CA VAL D 121 65.22 -28.10 -13.05
C VAL D 121 65.48 -27.23 -11.83
N ALA D 122 64.83 -27.55 -10.72
CA ALA D 122 64.97 -26.74 -9.52
C ALA D 122 66.30 -27.02 -8.82
N ILE D 123 66.76 -26.03 -8.06
CA ILE D 123 67.96 -26.14 -7.26
C ILE D 123 67.57 -25.95 -5.81
N ALA D 124 67.84 -26.95 -4.98
CA ALA D 124 67.46 -26.94 -3.57
C ALA D 124 68.69 -26.91 -2.69
N LEU D 125 68.63 -26.09 -1.63
CA LEU D 125 69.70 -25.96 -0.66
C LEU D 125 69.31 -26.70 0.62
N ASP D 126 70.07 -27.74 0.95
CA ASP D 126 69.86 -28.52 2.17
C ASP D 126 70.86 -28.04 3.21
N THR D 127 70.36 -27.38 4.25
CA THR D 127 71.24 -26.75 5.23
C THR D 127 71.95 -27.79 6.08
N LYS D 128 73.13 -27.40 6.58
CA LYS D 128 73.86 -28.27 7.51
C LYS D 128 73.09 -28.43 8.82
N GLY D 129 72.49 -27.34 9.32
CA GLY D 129 71.63 -27.41 10.48
C GLY D 129 72.39 -27.36 11.78
N PRO D 130 71.67 -27.12 12.88
CA PRO D 130 72.30 -27.18 14.20
C PRO D 130 72.83 -28.58 14.49
N GLU D 131 74.01 -28.63 15.09
CA GLU D 131 74.69 -29.89 15.34
C GLU D 131 75.25 -29.92 16.74
N ILE D 132 75.35 -31.13 17.28
CA ILE D 132 76.08 -31.41 18.52
C ILE D 132 77.19 -32.39 18.17
N ARG D 133 78.41 -32.05 18.57
CA ARG D 133 79.56 -32.89 18.24
C ARG D 133 80.46 -33.05 19.45
N THR D 134 81.19 -34.16 19.46
CA THR D 134 82.11 -34.47 20.54
C THR D 134 83.39 -33.65 20.39
N GLY D 135 84.36 -33.90 21.27
CA GLY D 135 85.61 -33.17 21.25
C GLY D 135 86.71 -33.87 20.46
N ILE D 136 87.81 -33.14 20.26
CA ILE D 136 88.99 -33.67 19.60
C ILE D 136 89.88 -34.31 20.66
N LEU D 137 90.13 -35.61 20.54
CA LEU D 137 90.93 -36.31 21.53
C LEU D 137 92.43 -36.12 21.28
N PRO D 141 94.19 -35.94 14.91
CA PRO D 141 94.42 -36.77 13.72
C PRO D 141 93.48 -37.97 13.67
N GLU D 142 94.05 -39.17 13.78
CA GLU D 142 93.30 -40.43 13.83
C GLU D 142 93.36 -41.04 15.23
N SER D 143 93.33 -40.20 16.27
CA SER D 143 93.31 -40.72 17.62
C SER D 143 91.94 -41.26 17.96
N GLU D 144 91.87 -42.51 18.39
CA GLU D 144 90.62 -43.21 18.64
C GLU D 144 90.64 -43.81 20.03
N VAL D 145 89.43 -44.00 20.58
CA VAL D 145 89.25 -44.59 21.90
C VAL D 145 88.08 -45.54 21.84
N GLU D 146 88.06 -46.53 22.72
CA GLU D 146 86.98 -47.49 22.80
C GLU D 146 86.15 -47.22 24.04
N LEU D 147 84.86 -46.97 23.85
CA LEU D 147 83.91 -46.88 24.95
C LEU D 147 83.35 -48.28 25.18
N VAL D 148 83.80 -48.92 26.26
CA VAL D 148 83.50 -50.33 26.50
C VAL D 148 82.07 -50.50 26.98
N LYS D 149 81.42 -51.55 26.51
CA LYS D 149 80.05 -51.85 26.95
C LYS D 149 80.01 -52.09 28.45
N GLY D 150 79.01 -51.52 29.10
CA GLY D 150 78.87 -51.61 30.54
C GLY D 150 79.76 -50.66 31.33
N SER D 151 80.58 -49.87 30.67
CA SER D 151 81.52 -48.98 31.34
C SER D 151 80.77 -47.84 32.03
N GLN D 152 81.55 -46.93 32.61
CA GLN D 152 81.05 -45.69 33.17
C GLN D 152 81.72 -44.53 32.44
N VAL D 153 80.95 -43.74 31.72
CA VAL D 153 81.45 -42.63 30.93
C VAL D 153 80.73 -41.36 31.38
N LEU D 154 81.49 -40.27 31.51
CA LEU D 154 80.95 -38.99 31.92
C LEU D 154 80.90 -38.05 30.72
N VAL D 155 79.74 -37.42 30.52
CA VAL D 155 79.55 -36.43 29.47
C VAL D 155 79.56 -35.06 30.13
N THR D 156 80.55 -34.24 29.79
CA THR D 156 80.70 -32.92 30.38
C THR D 156 80.90 -31.88 29.27
N VAL D 157 80.52 -30.64 29.57
CA VAL D 157 80.71 -29.51 28.67
C VAL D 157 81.58 -28.44 29.32
N ASP D 158 82.30 -28.79 30.38
CA ASP D 158 83.27 -27.91 30.99
C ASP D 158 84.32 -27.52 29.95
N PRO D 159 84.45 -26.24 29.61
CA PRO D 159 85.40 -25.84 28.54
C PRO D 159 86.82 -26.30 28.80
N ALA D 160 87.18 -26.63 30.04
CA ALA D 160 88.50 -27.17 30.33
C ALA D 160 88.65 -28.61 29.87
N PHE D 161 87.54 -29.32 29.67
CA PHE D 161 87.55 -30.70 29.19
C PHE D 161 87.42 -30.80 27.68
N ARG D 162 87.54 -29.67 26.96
CA ARG D 162 87.33 -29.67 25.51
C ARG D 162 88.30 -30.62 24.80
N THR D 163 89.46 -30.88 25.39
CA THR D 163 90.47 -31.73 24.78
C THR D 163 90.74 -33.02 25.53
N ARG D 164 90.14 -33.22 26.70
CA ARG D 164 90.49 -34.32 27.59
C ARG D 164 89.53 -35.50 27.45
N GLY D 165 89.41 -35.99 26.23
CA GLY D 165 88.55 -37.13 25.96
C GLY D 165 89.29 -38.44 26.06
N ASN D 166 88.56 -39.48 26.49
CA ASN D 166 89.16 -40.80 26.66
C ASN D 166 88.04 -41.84 26.69
N ALA D 167 88.28 -42.96 27.39
CA ALA D 167 87.37 -44.09 27.41
C ALA D 167 86.28 -43.96 28.48
N ASN D 168 86.39 -43.00 29.39
CA ASN D 168 85.38 -42.80 30.42
C ASN D 168 84.92 -41.34 30.48
N THR D 169 85.28 -40.52 29.50
CA THR D 169 84.89 -39.11 29.50
C THR D 169 84.76 -38.63 28.06
N VAL D 170 83.60 -38.08 27.73
CA VAL D 170 83.38 -37.46 26.43
C VAL D 170 82.89 -36.03 26.66
N TRP D 171 83.44 -35.10 25.88
CA TRP D 171 83.01 -33.71 25.88
C TRP D 171 82.10 -33.47 24.68
N VAL D 172 81.13 -32.58 24.85
CA VAL D 172 80.25 -32.18 23.76
C VAL D 172 80.12 -30.67 23.76
N ASP D 173 79.92 -30.09 22.57
CA ASP D 173 79.86 -28.65 22.39
C ASP D 173 78.45 -28.08 22.55
N TYR D 174 77.61 -28.72 23.36
CA TYR D 174 76.24 -28.27 23.60
C TYR D 174 76.02 -28.23 25.10
N PRO D 175 76.19 -27.08 25.74
CA PRO D 175 76.18 -27.05 27.21
C PRO D 175 74.85 -27.46 27.83
N ASN D 176 73.73 -27.13 27.20
CA ASN D 176 72.45 -27.49 27.79
C ASN D 176 72.14 -29.00 27.69
N ILE D 177 73.07 -29.84 27.25
CA ILE D 177 72.83 -31.28 27.24
C ILE D 177 72.57 -31.80 28.65
N VAL D 178 73.19 -31.17 29.66
CA VAL D 178 73.04 -31.63 31.03
C VAL D 178 71.63 -31.42 31.56
N ARG D 179 70.84 -30.54 30.92
CA ARG D 179 69.51 -30.22 31.41
C ARG D 179 68.40 -30.90 30.63
N VAL D 180 68.67 -31.39 29.42
CA VAL D 180 67.63 -31.92 28.54
C VAL D 180 67.59 -33.43 28.51
N VAL D 181 68.48 -34.10 29.22
CA VAL D 181 68.56 -35.56 29.23
C VAL D 181 68.40 -36.03 30.67
N PRO D 182 67.21 -36.46 31.08
CA PRO D 182 67.01 -36.95 32.45
C PRO D 182 67.60 -38.33 32.63
N VAL D 183 67.68 -38.74 33.90
CA VAL D 183 68.24 -40.04 34.23
C VAL D 183 67.40 -41.14 33.60
N GLY D 184 68.07 -42.14 33.03
CA GLY D 184 67.42 -43.14 32.23
C GLY D 184 67.27 -42.79 30.77
N GLY D 185 67.36 -41.50 30.43
CA GLY D 185 67.40 -41.10 29.04
C GLY D 185 68.75 -41.41 28.40
N ARG D 186 68.77 -41.40 27.08
CA ARG D 186 69.91 -41.92 26.33
C ARG D 186 70.56 -40.87 25.46
N ILE D 187 71.85 -41.09 25.17
CA ILE D 187 72.66 -40.23 24.33
C ILE D 187 73.33 -41.10 23.27
N TYR D 188 73.08 -40.80 22.01
CA TYR D 188 73.69 -41.52 20.90
C TYR D 188 74.86 -40.71 20.35
N ILE D 189 75.92 -41.42 19.97
CA ILE D 189 77.14 -40.80 19.46
C ILE D 189 77.56 -41.51 18.18
N ASP D 190 77.94 -40.72 17.17
CA ASP D 190 78.46 -41.22 15.90
C ASP D 190 77.41 -42.06 15.17
N ASP D 191 76.42 -41.36 14.63
CA ASP D 191 75.31 -41.97 13.88
C ASP D 191 74.63 -43.07 14.69
N GLY D 192 74.57 -42.89 16.00
CA GLY D 192 73.92 -43.88 16.86
C GLY D 192 74.71 -45.16 17.07
N LEU D 193 75.97 -45.20 16.65
CA LEU D 193 76.77 -46.40 16.87
C LEU D 193 77.01 -46.65 18.37
N ILE D 194 77.21 -45.59 19.13
CA ILE D 194 77.46 -45.69 20.57
C ILE D 194 76.24 -45.16 21.31
N SER D 195 75.85 -45.87 22.36
CA SER D 195 74.65 -45.54 23.13
C SER D 195 75.02 -45.42 24.61
N LEU D 196 74.59 -44.31 25.22
CA LEU D 196 74.86 -44.02 26.62
C LEU D 196 73.54 -43.81 27.35
N VAL D 197 73.45 -44.27 28.59
CA VAL D 197 72.25 -44.11 29.41
C VAL D 197 72.62 -43.31 30.65
N VAL D 198 71.98 -42.16 30.83
CA VAL D 198 72.29 -41.28 31.96
C VAL D 198 71.88 -41.98 33.25
N GLN D 199 72.85 -42.18 34.14
CA GLN D 199 72.59 -42.80 35.43
C GLN D 199 72.33 -41.77 36.52
N LYS D 200 73.10 -40.69 36.56
CA LYS D 200 72.86 -39.63 37.54
C LYS D 200 73.27 -38.27 36.97
N ILE D 201 72.59 -37.23 37.44
CA ILE D 201 72.91 -35.85 37.09
C ILE D 201 73.69 -35.23 38.23
N GLY D 202 74.93 -34.85 37.97
CA GLY D 202 75.80 -34.31 38.98
C GLY D 202 76.47 -33.02 38.54
N PRO D 203 77.22 -32.39 39.45
CA PRO D 203 77.89 -31.12 39.11
C PRO D 203 78.87 -31.24 37.95
N GLU D 204 79.66 -32.32 37.92
CA GLU D 204 80.65 -32.46 36.87
C GLU D 204 80.01 -32.67 35.50
N GLY D 205 78.83 -33.27 35.46
CA GLY D 205 78.13 -33.54 34.22
C GLY D 205 77.19 -34.72 34.40
N LEU D 206 76.93 -35.41 33.29
CA LEU D 206 76.06 -36.58 33.28
C LEU D 206 76.92 -37.83 33.38
N VAL D 207 76.72 -38.63 34.42
CA VAL D 207 77.42 -39.90 34.58
C VAL D 207 76.56 -40.99 33.95
N THR D 208 77.09 -41.62 32.90
CA THR D 208 76.32 -42.54 32.07
C THR D 208 76.99 -43.91 32.05
N GLN D 209 76.18 -44.93 31.80
CA GLN D 209 76.66 -46.28 31.55
C GLN D 209 76.56 -46.57 30.06
N VAL D 210 77.62 -47.15 29.51
CA VAL D 210 77.63 -47.46 28.08
C VAL D 210 76.70 -48.63 27.82
N GLU D 211 75.64 -48.37 27.06
CA GLU D 211 74.68 -49.43 26.71
C GLU D 211 75.15 -50.21 25.50
N ASN D 212 75.60 -49.51 24.46
CA ASN D 212 76.17 -50.13 23.26
C ASN D 212 77.56 -49.54 23.04
N GLY D 213 78.57 -50.41 23.03
CA GLY D 213 79.94 -49.97 22.87
C GLY D 213 80.31 -49.71 21.43
N GLY D 214 81.53 -49.19 21.26
CA GLY D 214 82.02 -48.87 19.94
C GLY D 214 83.29 -48.05 20.03
N VAL D 215 83.85 -47.78 18.85
CA VAL D 215 85.10 -47.03 18.72
C VAL D 215 84.74 -45.58 18.41
N LEU D 216 85.22 -44.65 19.23
CA LEU D 216 84.88 -43.25 19.14
C LEU D 216 86.03 -42.44 18.59
N GLY D 217 85.77 -41.66 17.54
CA GLY D 217 86.73 -40.74 16.98
C GLY D 217 86.54 -39.32 17.50
N SER D 218 87.04 -38.36 16.74
CA SER D 218 86.99 -36.96 17.11
C SER D 218 85.91 -36.24 16.31
N ARG D 219 85.18 -35.35 16.99
CA ARG D 219 84.13 -34.52 16.37
C ARG D 219 83.03 -35.38 15.76
N LYS D 220 82.55 -36.36 16.52
CA LYS D 220 81.51 -37.26 16.06
C LYS D 220 80.13 -36.74 16.47
N GLY D 221 79.16 -36.93 15.58
CA GLY D 221 77.84 -36.35 15.80
C GLY D 221 77.12 -36.99 16.98
N VAL D 222 76.37 -36.17 17.71
CA VAL D 222 75.63 -36.59 18.89
C VAL D 222 74.14 -36.44 18.60
N ASN D 223 73.35 -37.42 19.04
CA ASN D 223 71.90 -37.36 18.95
C ASN D 223 71.31 -37.64 20.32
N LEU D 224 70.27 -36.89 20.67
CA LEU D 224 69.61 -36.98 21.98
C LEU D 224 68.18 -37.46 21.76
N PRO D 225 67.96 -38.77 21.68
CA PRO D 225 66.63 -39.28 21.32
C PRO D 225 65.56 -38.90 22.34
N GLY D 226 64.42 -38.45 21.84
CA GLY D 226 63.30 -38.04 22.66
C GLY D 226 63.49 -36.73 23.40
N ALA D 227 64.65 -36.10 23.31
CA ALA D 227 64.94 -34.89 24.08
C ALA D 227 64.43 -33.65 23.37
N GLN D 228 64.10 -32.64 24.18
CA GLN D 228 63.78 -31.31 23.68
C GLN D 228 65.10 -30.53 23.60
N VAL D 229 65.63 -30.40 22.39
CA VAL D 229 66.96 -29.83 22.18
C VAL D 229 66.85 -28.31 22.10
N ASP D 230 67.68 -27.62 22.88
CA ASP D 230 67.60 -26.18 23.09
C ASP D 230 68.22 -25.36 21.97
N LEU D 231 68.89 -26.00 21.00
CA LEU D 231 69.60 -25.31 19.94
C LEU D 231 68.68 -24.35 19.19
N PRO D 232 69.19 -23.22 18.69
CA PRO D 232 68.36 -22.34 17.89
C PRO D 232 67.92 -23.02 16.59
N GLY D 233 66.88 -22.46 15.98
CA GLY D 233 66.44 -22.97 14.69
C GLY D 233 67.46 -22.84 13.59
N LEU D 234 68.53 -22.08 13.82
CA LEU D 234 69.54 -21.80 12.81
C LEU D 234 70.91 -21.73 13.45
N SER D 235 71.85 -22.51 12.92
CA SER D 235 73.24 -22.29 13.27
C SER D 235 73.74 -21.02 12.59
N GLU D 236 74.86 -20.51 13.09
CA GLU D 236 75.44 -19.31 12.47
C GLU D 236 75.94 -19.58 11.07
N GLN D 237 76.40 -20.81 10.80
CA GLN D 237 76.78 -21.18 9.44
C GLN D 237 75.56 -21.26 8.53
N ASP D 238 74.43 -21.73 9.06
CA ASP D 238 73.19 -21.74 8.28
C ASP D 238 72.85 -20.34 7.78
N VAL D 239 73.03 -19.34 8.64
CA VAL D 239 72.72 -17.96 8.25
C VAL D 239 73.57 -17.55 7.05
N ARG D 240 74.86 -17.87 7.09
CA ARG D 240 75.75 -17.54 5.97
C ARG D 240 75.35 -18.30 4.72
N ASP D 241 75.10 -19.61 4.86
CA ASP D 241 74.70 -20.41 3.71
C ASP D 241 73.37 -19.93 3.13
N LEU D 242 72.43 -19.56 4.01
CA LEU D 242 71.14 -19.08 3.54
C LEU D 242 71.27 -17.81 2.70
N ARG D 243 72.18 -16.91 3.09
CA ARG D 243 72.42 -15.73 2.29
C ARG D 243 73.07 -16.07 0.96
N PHE D 244 74.02 -17.02 0.98
CA PHE D 244 74.58 -17.53 -0.27
C PHE D 244 73.47 -18.03 -1.19
N GLY D 245 72.53 -18.79 -0.64
CA GLY D 245 71.43 -19.30 -1.44
C GLY D 245 70.59 -18.19 -2.06
N VAL D 246 70.29 -17.15 -1.27
CA VAL D 246 69.53 -16.02 -1.80
C VAL D 246 70.30 -15.33 -2.93
N GLU D 247 71.58 -15.05 -2.69
CA GLU D 247 72.37 -14.33 -3.68
C GLU D 247 72.57 -15.13 -4.96
N HIS D 248 72.53 -16.46 -4.88
CA HIS D 248 72.68 -17.32 -6.04
C HIS D 248 71.35 -17.82 -6.57
N GLY D 249 70.24 -17.34 -6.01
CA GLY D 249 68.93 -17.65 -6.56
C GLY D 249 68.49 -19.09 -6.48
N VAL D 250 68.81 -19.79 -5.39
CA VAL D 250 68.27 -21.13 -5.21
C VAL D 250 66.76 -21.04 -5.04
N ASP D 251 66.06 -22.08 -5.47
CA ASP D 251 64.61 -22.07 -5.48
C ASP D 251 63.99 -22.60 -4.20
N ILE D 252 64.70 -23.50 -3.50
CA ILE D 252 64.13 -24.28 -2.41
C ILE D 252 65.18 -24.37 -1.30
N VAL D 253 64.72 -24.39 -0.05
CA VAL D 253 65.56 -24.66 1.10
C VAL D 253 65.00 -25.88 1.84
N PHE D 254 65.84 -26.87 2.07
CA PHE D 254 65.55 -27.96 3.00
C PHE D 254 66.12 -27.57 4.35
N ALA D 255 65.26 -27.10 5.25
CA ALA D 255 65.71 -26.65 6.56
C ALA D 255 65.88 -27.84 7.50
N SER D 256 67.09 -28.02 8.00
CA SER D 256 67.43 -29.17 8.83
C SER D 256 66.88 -29.02 10.25
N PHE D 257 66.57 -30.17 10.86
CA PHE D 257 66.34 -30.29 12.31
C PHE D 257 65.22 -29.38 12.79
N VAL D 258 64.16 -29.26 11.99
CA VAL D 258 63.04 -28.40 12.35
C VAL D 258 62.21 -29.10 13.41
N ARG D 259 62.08 -28.46 14.58
CA ARG D 259 61.39 -29.05 15.72
C ARG D 259 60.12 -28.33 16.13
N LYS D 260 59.87 -27.14 15.61
CA LYS D 260 58.72 -26.34 16.03
C LYS D 260 58.56 -25.18 15.04
N ALA D 261 57.43 -24.49 15.14
CA ALA D 261 57.13 -23.41 14.21
C ALA D 261 58.17 -22.30 14.26
N SER D 262 58.76 -22.06 15.44
CA SER D 262 59.74 -20.97 15.57
C SER D 262 61.01 -21.26 14.80
N ASP D 263 61.35 -22.54 14.60
CA ASP D 263 62.51 -22.87 13.77
C ASP D 263 62.29 -22.43 12.33
N VAL D 264 61.09 -22.70 11.79
CA VAL D 264 60.79 -22.30 10.43
C VAL D 264 60.81 -20.78 10.29
N ALA D 265 60.27 -20.07 11.29
CA ALA D 265 60.29 -18.62 11.28
C ALA D 265 61.71 -18.09 11.22
N ALA D 266 62.63 -18.69 11.97
CA ALA D 266 64.02 -18.24 11.95
C ALA D 266 64.65 -18.47 10.58
N VAL D 267 64.31 -19.58 9.92
CA VAL D 267 64.79 -19.80 8.56
C VAL D 267 64.25 -18.72 7.63
N ARG D 268 62.95 -18.46 7.73
CA ARG D 268 62.31 -17.44 6.89
C ARG D 268 62.97 -16.08 7.09
N ALA D 269 63.28 -15.73 8.34
CA ALA D 269 63.87 -14.41 8.62
C ALA D 269 65.25 -14.28 8.01
N ALA D 270 66.05 -15.35 8.05
CA ALA D 270 67.41 -15.28 7.53
C ALA D 270 67.42 -15.15 6.01
N LEU D 271 66.40 -15.69 5.33
CA LEU D 271 66.29 -15.46 3.89
C LEU D 271 65.93 -14.02 3.58
N GLY D 272 65.21 -13.37 4.49
CA GLY D 272 64.90 -11.96 4.35
C GLY D 272 63.81 -11.68 3.34
N PRO D 273 63.58 -10.40 3.04
CA PRO D 273 62.57 -10.05 2.03
C PRO D 273 63.00 -10.40 0.62
N GLU D 274 64.31 -10.42 0.35
CA GLU D 274 64.82 -10.80 -0.97
C GLU D 274 64.75 -12.30 -1.20
N GLY D 275 64.61 -13.09 -0.14
CA GLY D 275 64.44 -14.53 -0.28
C GLY D 275 63.04 -14.98 0.05
N HIS D 276 62.06 -14.07 -0.08
CA HIS D 276 60.69 -14.39 0.31
C HIS D 276 60.00 -15.32 -0.67
N GLY D 277 60.46 -15.40 -1.92
CA GLY D 277 59.90 -16.34 -2.87
C GLY D 277 60.45 -17.75 -2.76
N ILE D 278 61.50 -17.94 -1.97
CA ILE D 278 62.13 -19.25 -1.83
C ILE D 278 61.23 -20.18 -1.01
N LYS D 279 61.08 -21.41 -1.47
CA LYS D 279 60.22 -22.38 -0.78
C LYS D 279 60.98 -23.03 0.36
N ILE D 280 60.28 -23.23 1.48
CA ILE D 280 60.87 -23.77 2.69
C ILE D 280 60.26 -25.15 2.95
N ILE D 281 61.07 -26.19 2.77
CA ILE D 281 60.68 -27.57 3.04
C ILE D 281 61.32 -27.96 4.37
N SER D 282 60.48 -28.22 5.38
CA SER D 282 60.98 -28.53 6.72
C SER D 282 61.41 -29.99 6.80
N LYS D 283 62.66 -30.21 7.19
CA LYS D 283 63.14 -31.57 7.43
C LYS D 283 62.74 -32.00 8.84
N ILE D 284 61.91 -33.02 8.93
CA ILE D 284 61.52 -33.60 10.21
C ILE D 284 62.48 -34.75 10.53
N GLU D 285 63.26 -34.58 11.60
CA GLU D 285 64.37 -35.48 11.87
C GLU D 285 64.35 -36.14 13.24
N ASN D 286 63.57 -35.64 14.21
CA ASN D 286 63.63 -36.20 15.56
C ASN D 286 62.22 -36.34 16.12
N HIS D 287 62.14 -36.80 17.37
CA HIS D 287 60.87 -37.13 17.99
C HIS D 287 60.01 -35.88 18.18
N GLU D 288 60.63 -34.76 18.60
CA GLU D 288 59.84 -33.56 18.82
C GLU D 288 59.23 -33.06 17.51
N GLY D 289 60.01 -33.04 16.44
CA GLY D 289 59.48 -32.62 15.15
C GLY D 289 58.30 -33.47 14.71
N VAL D 290 58.36 -34.77 14.99
CA VAL D 290 57.24 -35.65 14.67
C VAL D 290 56.02 -35.29 15.50
N LYS D 291 56.21 -35.06 16.81
CA LYS D 291 55.07 -34.76 17.67
C LYS D 291 54.50 -33.38 17.41
N ARG D 292 55.34 -32.42 17.03
CA ARG D 292 54.89 -31.07 16.73
C ARG D 292 54.71 -30.83 15.24
N PHE D 293 54.40 -31.89 14.49
CA PHE D 293 54.34 -31.81 13.03
C PHE D 293 53.31 -30.80 12.55
N ASP D 294 52.15 -30.74 13.21
CA ASP D 294 51.05 -29.93 12.71
C ASP D 294 51.42 -28.45 12.71
N GLU D 295 52.00 -27.96 13.81
CA GLU D 295 52.38 -26.55 13.86
C GLU D 295 53.52 -26.25 12.88
N ILE D 296 54.39 -27.23 12.63
CA ILE D 296 55.46 -27.05 11.65
C ILE D 296 54.89 -26.95 10.25
N LEU D 297 53.98 -27.87 9.91
CA LEU D 297 53.42 -27.89 8.56
C LEU D 297 52.68 -26.61 8.24
N GLU D 298 51.96 -26.06 9.23
CA GLU D 298 51.16 -24.86 8.99
C GLU D 298 52.00 -23.69 8.51
N VAL D 299 53.25 -23.58 8.98
CA VAL D 299 54.12 -22.47 8.60
C VAL D 299 55.15 -22.89 7.55
N SER D 300 55.01 -24.08 6.98
CA SER D 300 55.96 -24.59 6.00
C SER D 300 55.29 -24.69 4.62
N ASP D 301 56.11 -24.63 3.58
CA ASP D 301 55.62 -24.94 2.25
C ASP D 301 55.51 -26.46 2.04
N GLY D 302 56.33 -27.23 2.73
CA GLY D 302 56.26 -28.67 2.63
C GLY D 302 57.15 -29.32 3.65
N ILE D 303 57.25 -30.65 3.55
CA ILE D 303 57.93 -31.47 4.55
C ILE D 303 58.86 -32.45 3.85
N MET D 304 60.03 -32.67 4.45
CA MET D 304 60.87 -33.81 4.09
C MET D 304 60.88 -34.81 5.24
N VAL D 305 60.54 -36.06 4.92
CA VAL D 305 60.71 -37.16 5.85
C VAL D 305 62.18 -37.57 5.80
N ALA D 306 62.99 -37.00 6.70
CA ALA D 306 64.44 -37.23 6.71
C ALA D 306 64.73 -38.52 7.46
N ARG D 307 64.50 -39.64 6.77
CA ARG D 307 64.50 -40.95 7.41
C ARG D 307 65.86 -41.31 7.99
N GLY D 308 66.95 -40.81 7.39
CA GLY D 308 68.27 -41.06 7.92
C GLY D 308 68.43 -40.64 9.38
N ASP D 309 68.19 -39.36 9.66
CA ASP D 309 68.28 -38.87 11.03
C ASP D 309 67.15 -39.41 11.88
N LEU D 310 65.94 -39.48 11.32
CA LEU D 310 64.80 -40.04 12.03
C LEU D 310 65.11 -41.42 12.59
N GLY D 311 65.78 -42.26 11.79
CA GLY D 311 66.13 -43.61 12.20
C GLY D 311 67.19 -43.70 13.27
N ILE D 312 67.81 -42.59 13.65
CA ILE D 312 68.74 -42.55 14.78
C ILE D 312 68.00 -41.96 15.98
N GLU D 313 67.07 -41.04 15.71
CA GLU D 313 66.41 -40.31 16.77
C GLU D 313 65.26 -41.08 17.39
N ILE D 314 64.62 -41.96 16.62
CA ILE D 314 63.56 -42.84 17.12
C ILE D 314 63.89 -44.26 16.70
N PRO D 315 63.26 -45.28 17.26
CA PRO D 315 63.58 -46.66 16.85
C PRO D 315 63.35 -46.86 15.36
N ALA D 316 64.26 -47.61 14.73
CA ALA D 316 64.21 -47.80 13.28
C ALA D 316 62.91 -48.45 12.84
N GLU D 317 62.36 -49.35 13.67
CA GLU D 317 61.11 -50.03 13.31
C GLU D 317 59.90 -49.12 13.37
N LYS D 318 60.06 -47.87 13.81
CA LYS D 318 58.96 -46.92 13.89
C LYS D 318 59.00 -45.88 12.77
N VAL D 319 60.04 -45.88 11.93
CA VAL D 319 60.20 -44.79 10.95
C VAL D 319 59.07 -44.81 9.94
N PHE D 320 58.65 -46.00 9.49
CA PHE D 320 57.57 -46.09 8.52
C PHE D 320 56.28 -45.50 9.06
N LEU D 321 56.05 -45.59 10.37
CA LEU D 321 54.89 -44.94 10.97
C LEU D 321 54.96 -43.43 10.77
N ALA D 322 56.13 -42.84 11.04
CA ALA D 322 56.29 -41.40 10.86
C ALA D 322 56.17 -41.01 9.39
N GLN D 323 56.72 -41.83 8.50
CA GLN D 323 56.63 -41.53 7.07
C GLN D 323 55.18 -41.50 6.61
N LYS D 324 54.40 -42.54 6.95
CA LYS D 324 53.04 -42.64 6.46
C LYS D 324 52.14 -41.60 7.10
N MET D 325 52.36 -41.29 8.38
CA MET D 325 51.61 -40.21 9.02
C MET D 325 51.88 -38.87 8.35
N MET D 326 53.16 -38.58 8.09
CA MET D 326 53.51 -37.27 7.55
C MET D 326 53.04 -37.12 6.12
N ILE D 327 53.16 -38.19 5.32
CA ILE D 327 52.68 -38.13 3.93
C ILE D 327 51.18 -37.93 3.91
N GLY D 328 50.45 -38.59 4.80
CA GLY D 328 49.00 -38.44 4.83
C GLY D 328 48.55 -37.05 5.23
N ARG D 329 49.24 -36.44 6.20
CA ARG D 329 48.83 -35.11 6.66
C ARG D 329 49.22 -34.02 5.68
N CYS D 330 50.29 -34.20 4.90
CA CYS D 330 50.60 -33.25 3.84
C CYS D 330 49.68 -33.44 2.64
N ASN D 331 49.37 -34.70 2.29
CA ASN D 331 48.32 -34.98 1.32
C ASN D 331 47.04 -34.25 1.70
N LEU D 332 46.66 -34.33 2.97
CA LEU D 332 45.42 -33.70 3.43
C LEU D 332 45.51 -32.18 3.32
N ALA D 333 46.67 -31.60 3.65
CA ALA D 333 46.84 -30.16 3.63
C ALA D 333 47.17 -29.61 2.24
N GLY D 334 47.36 -30.48 1.25
CA GLY D 334 47.73 -30.02 -0.07
C GLY D 334 49.12 -29.41 -0.16
N LYS D 335 50.07 -29.91 0.64
CA LYS D 335 51.42 -29.39 0.62
C LYS D 335 52.41 -30.49 0.25
N PRO D 336 53.46 -30.16 -0.51
CA PRO D 336 54.38 -31.20 -0.99
C PRO D 336 55.09 -31.90 0.16
N VAL D 337 55.35 -33.20 -0.03
CA VAL D 337 56.08 -34.00 0.94
C VAL D 337 57.16 -34.79 0.20
N VAL D 338 58.34 -34.84 0.80
CA VAL D 338 59.51 -35.50 0.24
C VAL D 338 59.88 -36.68 1.13
N CYS D 339 60.11 -37.85 0.53
CA CYS D 339 60.67 -38.98 1.25
C CYS D 339 62.10 -39.21 0.80
N ALA D 340 62.98 -39.44 1.76
CA ALA D 340 64.42 -39.40 1.49
C ALA D 340 65.14 -40.50 2.27
N THR D 341 66.38 -40.75 1.85
CA THR D 341 67.40 -41.57 2.50
C THR D 341 67.36 -43.04 2.11
N GLN D 342 68.43 -43.50 1.46
CA GLN D 342 68.74 -44.93 1.26
C GLN D 342 67.69 -45.64 0.41
N MET D 343 66.90 -44.91 -0.38
CA MET D 343 65.86 -45.54 -1.18
C MET D 343 66.44 -46.55 -2.16
N LEU D 344 67.61 -46.26 -2.72
CA LEU D 344 68.29 -47.16 -3.66
C LEU D 344 69.74 -47.36 -3.25
N GLU D 345 69.98 -47.50 -1.94
CA GLU D 345 71.32 -47.36 -1.39
C GLU D 345 72.33 -48.30 -2.03
N SER D 346 71.93 -49.56 -2.27
CA SER D 346 72.87 -50.54 -2.81
C SER D 346 73.39 -50.15 -4.19
N MET D 347 72.66 -49.31 -4.93
CA MET D 347 73.12 -48.90 -6.24
C MET D 347 74.32 -47.96 -6.19
N ILE D 348 74.78 -47.59 -4.99
CA ILE D 348 76.04 -46.85 -4.86
C ILE D 348 77.20 -47.67 -5.41
N THR D 349 77.14 -49.00 -5.22
CA THR D 349 78.18 -49.90 -5.69
C THR D 349 77.70 -50.94 -6.69
N LYS D 350 76.40 -51.07 -6.90
CA LYS D 350 75.90 -52.14 -7.76
C LYS D 350 74.95 -51.58 -8.81
N PRO D 351 74.94 -52.15 -10.01
CA PRO D 351 74.12 -51.60 -11.10
C PRO D 351 72.64 -51.92 -10.97
N ARG D 352 72.24 -52.74 -10.00
CA ARG D 352 70.84 -53.09 -9.82
C ARG D 352 70.47 -52.98 -8.35
N PRO D 353 69.26 -52.51 -8.04
CA PRO D 353 68.84 -52.37 -6.65
C PRO D 353 68.45 -53.72 -6.05
N THR D 354 68.26 -53.72 -4.74
CA THR D 354 67.73 -54.89 -4.07
C THR D 354 66.20 -54.90 -4.17
N ARG D 355 65.61 -56.05 -3.82
CA ARG D 355 64.15 -56.16 -3.83
C ARG D 355 63.52 -55.26 -2.78
N ALA D 356 64.21 -55.05 -1.65
CA ALA D 356 63.67 -54.17 -0.62
C ALA D 356 63.66 -52.72 -1.09
N GLU D 357 64.69 -52.33 -1.82
CA GLU D 357 64.82 -50.93 -2.23
C GLU D 357 63.81 -50.58 -3.33
N THR D 358 63.60 -51.48 -4.28
CA THR D 358 62.60 -51.25 -5.30
C THR D 358 61.20 -51.22 -4.70
N SER D 359 60.96 -51.99 -3.65
CA SER D 359 59.67 -51.95 -2.96
C SER D 359 59.53 -50.67 -2.15
N ASP D 360 60.64 -50.15 -1.61
CA ASP D 360 60.58 -48.94 -0.80
C ASP D 360 60.21 -47.72 -1.64
N VAL D 361 60.77 -47.62 -2.85
CA VAL D 361 60.41 -46.52 -3.75
C VAL D 361 58.94 -46.64 -4.16
N ALA D 362 58.50 -47.84 -4.52
CA ALA D 362 57.12 -48.03 -4.94
C ALA D 362 56.15 -47.67 -3.82
N ASN D 363 56.48 -48.06 -2.59
CA ASN D 363 55.57 -47.82 -1.48
C ASN D 363 55.56 -46.37 -1.03
N ALA D 364 56.66 -45.64 -1.23
CA ALA D 364 56.65 -44.21 -0.96
C ALA D 364 55.69 -43.49 -1.90
N VAL D 365 55.67 -43.90 -3.17
CA VAL D 365 54.72 -43.34 -4.12
C VAL D 365 53.30 -43.72 -3.74
N LEU D 366 53.07 -44.99 -3.39
CA LEU D 366 51.73 -45.41 -2.98
C LEU D 366 51.29 -44.74 -1.69
N ASP D 367 52.23 -44.37 -0.82
CA ASP D 367 51.89 -43.61 0.37
C ASP D 367 51.31 -42.25 -0.01
N GLY D 368 51.83 -41.64 -1.07
CA GLY D 368 51.38 -40.34 -1.52
C GLY D 368 52.49 -39.30 -1.59
N ALA D 369 53.74 -39.74 -1.55
CA ALA D 369 54.86 -38.80 -1.57
C ALA D 369 54.90 -38.03 -2.88
N ASP D 370 55.13 -36.71 -2.77
CA ASP D 370 55.23 -35.87 -3.95
C ASP D 370 56.60 -36.01 -4.62
N CYS D 371 57.64 -36.23 -3.82
CA CYS D 371 59.00 -36.32 -4.33
C CYS D 371 59.67 -37.54 -3.70
N ILE D 372 60.63 -38.11 -4.42
CA ILE D 372 61.52 -39.11 -3.87
C ILE D 372 62.95 -38.63 -4.12
N MET D 373 63.87 -39.11 -3.30
CA MET D 373 65.19 -38.52 -3.23
C MET D 373 66.27 -39.57 -3.42
N LEU D 374 67.38 -39.14 -4.00
CA LEU D 374 68.64 -39.88 -4.05
C LEU D 374 69.72 -39.04 -3.39
N SER D 375 70.54 -39.70 -2.56
CA SER D 375 71.61 -38.99 -1.85
C SER D 375 72.93 -39.55 -2.36
N GLY D 376 73.55 -40.48 -1.65
CA GLY D 376 74.80 -41.07 -2.11
C GLY D 376 74.70 -41.76 -3.45
N GLU D 377 73.50 -42.21 -3.82
CA GLU D 377 73.31 -42.88 -5.10
C GLU D 377 73.71 -42.00 -6.28
N THR D 378 73.48 -40.69 -6.17
CA THR D 378 73.88 -39.76 -7.22
C THR D 378 75.05 -38.88 -6.84
N ALA D 379 75.28 -38.65 -5.55
CA ALA D 379 76.34 -37.77 -5.12
C ALA D 379 77.72 -38.42 -5.26
N LYS D 380 77.83 -39.71 -4.94
CA LYS D 380 79.14 -40.35 -4.92
C LYS D 380 79.16 -41.76 -5.46
N GLY D 381 78.02 -42.37 -5.78
CA GLY D 381 78.01 -43.74 -6.24
C GLY D 381 78.52 -43.89 -7.67
N ASN D 382 78.66 -45.15 -8.08
CA ASN D 382 79.16 -45.49 -9.40
C ASN D 382 78.07 -45.54 -10.47
N PHE D 383 76.80 -45.45 -10.10
CA PHE D 383 75.69 -45.55 -11.06
C PHE D 383 74.67 -44.45 -10.82
N PRO D 384 75.09 -43.17 -10.92
CA PRO D 384 74.13 -42.09 -10.63
C PRO D 384 73.02 -41.99 -11.66
N VAL D 385 73.33 -42.12 -12.95
CA VAL D 385 72.31 -42.01 -13.99
C VAL D 385 71.36 -43.21 -13.93
N GLU D 386 71.90 -44.40 -13.65
CA GLU D 386 71.05 -45.58 -13.56
C GLU D 386 70.16 -45.55 -12.32
N ALA D 387 70.59 -44.87 -11.26
CA ALA D 387 69.74 -44.73 -10.08
C ALA D 387 68.55 -43.82 -10.38
N VAL D 388 68.79 -42.70 -11.06
CA VAL D 388 67.70 -41.82 -11.48
C VAL D 388 66.76 -42.56 -12.42
N LYS D 389 67.33 -43.36 -13.34
CA LYS D 389 66.49 -44.14 -14.25
C LYS D 389 65.63 -45.14 -13.49
N MET D 390 66.19 -45.75 -12.44
CA MET D 390 65.45 -46.75 -11.69
C MET D 390 64.28 -46.13 -10.92
N GLN D 391 64.52 -45.00 -10.27
CA GLN D 391 63.45 -44.32 -9.54
C GLN D 391 62.35 -43.88 -10.49
N HIS D 392 62.72 -43.38 -11.67
CA HIS D 392 61.74 -42.98 -12.67
C HIS D 392 60.87 -44.17 -13.07
N ALA D 393 61.50 -45.31 -13.34
CA ALA D 393 60.76 -46.48 -13.81
C ALA D 393 59.88 -47.07 -12.72
N ILE D 394 60.34 -47.05 -11.47
CA ILE D 394 59.53 -47.57 -10.37
C ILE D 394 58.31 -46.67 -10.15
N ALA D 395 58.55 -45.35 -10.07
CA ALA D 395 57.47 -44.42 -9.78
C ALA D 395 56.38 -44.47 -10.84
N ARG D 396 56.76 -44.68 -12.10
CA ARG D 396 55.76 -44.81 -13.16
C ARG D 396 54.85 -46.00 -12.92
N GLU D 397 55.42 -47.12 -12.48
CA GLU D 397 54.61 -48.29 -12.16
C GLU D 397 53.76 -48.05 -10.92
N ALA D 398 54.34 -47.43 -9.89
CA ALA D 398 53.62 -47.26 -8.63
C ALA D 398 52.45 -46.29 -8.79
N GLU D 399 52.63 -45.24 -9.59
CA GLU D 399 51.59 -44.24 -9.76
C GLU D 399 50.33 -44.84 -10.40
N ALA D 400 50.52 -45.74 -11.37
CA ALA D 400 49.38 -46.43 -11.97
C ALA D 400 48.77 -47.47 -11.03
N ALA D 401 49.56 -48.00 -10.09
CA ALA D 401 49.06 -48.98 -9.13
C ALA D 401 48.35 -48.34 -7.95
N VAL D 402 48.16 -47.03 -7.95
CA VAL D 402 47.42 -46.37 -6.88
C VAL D 402 45.94 -46.70 -7.02
N TYR D 403 45.29 -47.01 -5.89
CA TYR D 403 43.83 -47.18 -5.86
C TYR D 403 43.19 -45.80 -5.95
N HIS D 404 43.14 -45.29 -7.19
CA HIS D 404 42.73 -43.90 -7.41
C HIS D 404 41.32 -43.64 -6.91
N ARG D 405 40.42 -44.62 -7.07
CA ARG D 405 39.03 -44.41 -6.74
C ARG D 405 38.85 -43.97 -5.28
N GLN D 406 39.47 -44.70 -4.34
CA GLN D 406 39.31 -44.32 -2.95
C GLN D 406 40.14 -43.09 -2.60
N LEU D 407 41.32 -42.93 -3.20
CA LEU D 407 42.15 -41.77 -2.91
C LEU D 407 41.42 -40.48 -3.25
N PHE D 408 40.89 -40.36 -4.48
CA PHE D 408 40.24 -39.13 -4.87
C PHE D 408 38.97 -38.88 -4.05
N GLU D 409 38.21 -39.94 -3.77
CA GLU D 409 36.99 -39.77 -2.99
C GLU D 409 37.30 -39.25 -1.59
N GLU D 410 38.37 -39.76 -0.97
CA GLU D 410 38.69 -39.31 0.38
C GLU D 410 39.31 -37.91 0.37
N LEU D 411 40.17 -37.61 -0.59
CA LEU D 411 40.70 -36.26 -0.71
C LEU D 411 39.58 -35.25 -0.95
N ARG D 412 38.58 -35.65 -1.76
CA ARG D 412 37.48 -34.76 -2.07
C ARG D 412 36.66 -34.43 -0.82
N ARG D 413 36.20 -35.46 -0.10
CA ARG D 413 35.35 -35.22 1.06
C ARG D 413 36.11 -34.58 2.21
N ALA D 414 37.43 -34.80 2.28
CA ALA D 414 38.22 -34.21 3.36
C ALA D 414 38.54 -32.74 3.11
N ALA D 415 38.69 -32.35 1.85
CA ALA D 415 38.90 -30.95 1.52
C ALA D 415 37.65 -30.15 1.87
N PRO D 416 37.75 -29.11 2.69
CA PRO D 416 36.55 -28.41 3.15
C PRO D 416 35.93 -27.55 2.06
N LEU D 417 34.70 -27.11 2.33
CA LEU D 417 34.06 -26.14 1.46
C LEU D 417 34.92 -24.89 1.34
N SER D 418 34.76 -24.19 0.23
CA SER D 418 35.58 -23.01 -0.03
C SER D 418 34.86 -22.12 -1.01
N ARG D 419 34.97 -20.81 -0.80
CA ARG D 419 34.45 -19.82 -1.74
C ARG D 419 35.56 -19.16 -2.54
N ASP D 420 36.75 -19.74 -2.54
CA ASP D 420 37.85 -19.24 -3.36
C ASP D 420 37.71 -19.78 -4.77
N PRO D 421 37.60 -18.91 -5.78
CA PRO D 421 37.32 -19.41 -7.15
C PRO D 421 38.42 -20.30 -7.70
N THR D 422 39.67 -20.10 -7.31
CA THR D 422 40.73 -21.00 -7.77
C THR D 422 40.52 -22.41 -7.23
N GLU D 423 40.13 -22.53 -5.96
CA GLU D 423 39.85 -23.84 -5.39
C GLU D 423 38.64 -24.49 -6.07
N VAL D 424 37.58 -23.70 -6.27
CA VAL D 424 36.37 -24.23 -6.90
C VAL D 424 36.67 -24.70 -8.33
N THR D 425 37.42 -23.90 -9.08
CA THR D 425 37.76 -24.29 -10.45
C THR D 425 38.64 -25.53 -10.47
N ALA D 426 39.52 -25.68 -9.49
CA ALA D 426 40.45 -26.81 -9.47
C ALA D 426 39.71 -28.13 -9.34
N ILE D 427 38.76 -28.21 -8.41
CA ILE D 427 38.05 -29.48 -8.23
C ILE D 427 37.09 -29.72 -9.39
N GLY D 428 36.56 -28.65 -9.99
CA GLY D 428 35.77 -28.82 -11.20
C GLY D 428 36.59 -29.38 -12.35
N ALA D 429 37.83 -28.91 -12.48
CA ALA D 429 38.67 -29.37 -13.59
C ALA D 429 39.11 -30.82 -13.39
N VAL D 430 39.44 -31.21 -12.16
CA VAL D 430 39.86 -32.58 -11.91
C VAL D 430 38.70 -33.54 -12.14
N GLU D 431 37.50 -33.17 -11.70
CA GLU D 431 36.32 -33.99 -11.96
C GLU D 431 36.09 -34.15 -13.45
N ALA D 432 36.21 -33.06 -14.20
CA ALA D 432 36.02 -33.13 -15.65
C ALA D 432 37.12 -33.94 -16.31
N ALA D 433 38.35 -33.86 -15.79
CA ALA D 433 39.44 -34.66 -16.34
C ALA D 433 39.15 -36.15 -16.18
N PHE D 434 38.63 -36.55 -15.02
CA PHE D 434 38.28 -37.95 -14.80
C PHE D 434 37.15 -38.40 -15.73
N LYS D 435 36.16 -37.52 -15.95
CA LYS D 435 35.00 -37.89 -16.75
C LYS D 435 35.38 -38.23 -18.19
N CYS D 436 36.32 -37.48 -18.77
CA CYS D 436 36.70 -37.67 -20.16
C CYS D 436 38.01 -38.42 -20.32
N CYS D 437 38.63 -38.84 -19.22
CA CYS D 437 40.00 -39.36 -19.24
C CYS D 437 40.91 -38.40 -19.98
N ALA D 438 40.86 -37.13 -19.59
CA ALA D 438 41.63 -36.10 -20.25
C ALA D 438 43.11 -36.45 -20.25
N ALA D 439 43.76 -36.20 -21.38
CA ALA D 439 45.20 -36.41 -21.43
C ALA D 439 45.94 -35.47 -20.50
N ALA D 440 45.42 -34.26 -20.30
CA ALA D 440 46.11 -33.29 -19.46
C ALA D 440 45.15 -32.23 -18.98
N ILE D 441 45.56 -31.55 -17.91
CA ILE D 441 44.94 -30.30 -17.46
C ILE D 441 45.98 -29.20 -17.67
N ILE D 442 45.77 -28.36 -18.67
CA ILE D 442 46.65 -27.25 -18.96
C ILE D 442 46.18 -26.04 -18.14
N VAL D 443 47.07 -25.52 -17.31
CA VAL D 443 46.72 -24.41 -16.42
C VAL D 443 47.75 -23.30 -16.59
N LEU D 444 47.27 -22.06 -16.68
CA LEU D 444 48.13 -20.89 -16.68
C LEU D 444 48.30 -20.40 -15.24
N THR D 445 49.54 -20.15 -14.85
CA THR D 445 49.80 -19.79 -13.46
C THR D 445 51.00 -18.87 -13.37
N THR D 446 50.94 -17.90 -12.46
CA THR D 446 52.02 -16.96 -12.24
C THR D 446 52.94 -17.41 -11.10
N THR D 447 52.35 -17.86 -9.99
CA THR D 447 53.11 -18.32 -8.83
C THR D 447 53.13 -19.84 -8.71
N GLY D 448 52.31 -20.54 -9.47
CA GLY D 448 52.18 -21.99 -9.34
C GLY D 448 51.01 -22.45 -8.50
N ARG D 449 50.36 -21.54 -7.77
CA ARG D 449 49.31 -21.94 -6.83
C ARG D 449 48.17 -22.67 -7.54
N SER D 450 47.77 -22.19 -8.72
CA SER D 450 46.67 -22.84 -9.43
C SER D 450 47.04 -24.27 -9.81
N ALA D 451 48.31 -24.50 -10.15
CA ALA D 451 48.76 -25.86 -10.44
C ALA D 451 48.76 -26.71 -9.18
N GLN D 452 49.17 -26.13 -8.05
CA GLN D 452 49.20 -26.86 -6.79
C GLN D 452 47.80 -27.28 -6.36
N LEU D 453 46.81 -26.41 -6.60
CA LEU D 453 45.45 -26.73 -6.19
C LEU D 453 44.85 -27.84 -7.04
N LEU D 454 45.27 -27.96 -8.30
CA LEU D 454 44.92 -29.14 -9.07
C LEU D 454 45.66 -30.37 -8.56
N SER D 455 46.94 -30.23 -8.24
CA SER D 455 47.77 -31.35 -7.83
C SER D 455 47.25 -32.01 -6.55
N ARG D 456 46.64 -31.23 -5.65
CA ARG D 456 46.23 -31.77 -4.36
C ARG D 456 45.13 -32.81 -4.46
N TYR D 457 44.40 -32.85 -5.57
CA TYR D 457 43.33 -33.83 -5.76
C TYR D 457 43.80 -35.06 -6.52
N ARG D 458 45.11 -35.19 -6.74
CA ARG D 458 45.75 -36.34 -7.37
C ARG D 458 44.99 -36.81 -8.62
N PRO D 459 44.78 -35.94 -9.60
CA PRO D 459 44.21 -36.40 -10.87
C PRO D 459 45.22 -37.29 -11.58
N ARG D 460 44.70 -38.19 -12.42
CA ARG D 460 45.62 -38.99 -13.22
C ARG D 460 46.05 -38.26 -14.49
N ALA D 461 45.29 -37.27 -14.92
CA ALA D 461 45.71 -36.42 -16.02
C ALA D 461 46.90 -35.57 -15.61
N ALA D 462 47.87 -35.43 -16.50
CA ALA D 462 49.01 -34.56 -16.24
C ALA D 462 48.54 -33.11 -16.07
N VAL D 463 49.11 -32.43 -15.09
CA VAL D 463 48.85 -31.00 -14.89
C VAL D 463 50.00 -30.26 -15.56
N ILE D 464 49.72 -29.68 -16.72
CA ILE D 464 50.71 -28.99 -17.53
C ILE D 464 50.60 -27.50 -17.19
N ALA D 465 51.61 -26.97 -16.50
CA ALA D 465 51.59 -25.62 -15.97
C ALA D 465 52.43 -24.70 -16.85
N VAL D 466 51.79 -23.69 -17.43
CA VAL D 466 52.44 -22.72 -18.30
C VAL D 466 52.66 -21.44 -17.51
N THR D 467 53.92 -21.06 -17.33
CA THR D 467 54.26 -19.89 -16.53
C THR D 467 55.38 -19.10 -17.20
N ARG D 468 55.40 -17.80 -16.95
CA ARG D 468 56.49 -16.94 -17.38
C ARG D 468 57.60 -16.83 -16.35
N SER D 469 57.28 -17.12 -15.08
CA SER D 469 58.28 -17.05 -14.01
C SER D 469 59.13 -18.32 -14.04
N ALA D 470 60.43 -18.14 -14.23
CA ALA D 470 61.34 -19.29 -14.26
C ALA D 470 61.45 -19.94 -12.89
N GLN D 471 61.28 -19.17 -11.82
CA GLN D 471 61.38 -19.75 -10.48
C GLN D 471 60.15 -20.58 -10.14
N ALA D 472 58.96 -20.07 -10.46
CA ALA D 472 57.75 -20.85 -10.24
C ALA D 472 57.77 -22.15 -11.04
N ALA D 473 58.25 -22.09 -12.29
CA ALA D 473 58.39 -23.30 -13.08
C ALA D 473 59.27 -24.33 -12.40
N ARG D 474 60.36 -23.88 -11.77
CA ARG D 474 61.23 -24.82 -11.07
C ARG D 474 60.60 -25.31 -9.78
N GLN D 475 59.87 -24.44 -9.08
CA GLN D 475 59.38 -24.78 -7.75
C GLN D 475 58.19 -25.74 -7.77
N VAL D 476 57.39 -25.71 -8.85
CA VAL D 476 56.19 -26.55 -8.90
C VAL D 476 56.55 -28.01 -9.12
N HIS D 477 57.85 -28.30 -9.32
CA HIS D 477 58.28 -29.69 -9.31
C HIS D 477 58.05 -30.36 -7.97
N LEU D 478 57.83 -29.57 -6.92
CA LEU D 478 57.53 -30.13 -5.61
C LEU D 478 56.17 -30.80 -5.58
N CYS D 479 55.22 -30.33 -6.39
CA CYS D 479 53.85 -30.81 -6.37
C CYS D 479 53.71 -31.95 -7.38
N ARG D 480 53.27 -33.11 -6.90
CA ARG D 480 53.17 -34.28 -7.76
C ARG D 480 52.21 -34.03 -8.93
N GLY D 481 52.59 -34.50 -10.10
CA GLY D 481 51.75 -34.44 -11.27
C GLY D 481 51.78 -33.12 -12.03
N VAL D 482 52.60 -32.17 -11.59
CA VAL D 482 52.73 -30.88 -12.28
C VAL D 482 53.94 -30.94 -13.20
N PHE D 483 53.72 -30.55 -14.46
CA PHE D 483 54.78 -30.58 -15.48
C PHE D 483 54.98 -29.16 -15.97
N PRO D 484 56.01 -28.46 -15.52
CA PRO D 484 56.13 -27.03 -15.80
C PRO D 484 56.72 -26.77 -17.17
N LEU D 485 56.17 -25.74 -17.83
CA LEU D 485 56.70 -25.24 -19.09
C LEU D 485 57.00 -23.76 -18.94
N LEU D 486 58.19 -23.35 -19.37
CA LEU D 486 58.60 -21.96 -19.30
C LEU D 486 58.21 -21.25 -20.59
N TYR D 487 57.34 -20.26 -20.46
CA TYR D 487 56.96 -19.42 -21.59
C TYR D 487 57.88 -18.22 -21.66
N ARG D 488 58.42 -17.94 -22.84
CA ARG D 488 59.45 -16.91 -23.01
C ARG D 488 59.02 -15.72 -23.84
N GLU D 489 57.91 -15.82 -24.59
CA GLU D 489 57.51 -14.74 -25.48
C GLU D 489 57.05 -13.53 -24.68
N PRO D 490 57.20 -12.33 -25.25
CA PRO D 490 56.73 -11.12 -24.57
C PRO D 490 55.23 -10.97 -24.71
N PRO D 491 54.59 -10.17 -23.85
CA PRO D 491 53.12 -10.09 -23.86
C PRO D 491 52.56 -9.55 -25.17
N GLU D 492 51.52 -10.22 -25.67
CA GLU D 492 50.78 -9.73 -26.82
C GLU D 492 50.06 -8.43 -26.47
N ALA D 493 49.63 -7.71 -27.51
CA ALA D 493 48.92 -6.46 -27.31
C ALA D 493 47.62 -6.69 -26.55
N ILE D 494 46.77 -7.58 -27.06
CA ILE D 494 45.51 -7.91 -26.41
C ILE D 494 45.76 -9.09 -25.47
N TRP D 495 45.34 -8.92 -24.21
CA TRP D 495 45.60 -9.93 -23.19
C TRP D 495 44.97 -11.27 -23.56
N ALA D 496 43.77 -11.23 -24.16
CA ALA D 496 43.12 -12.49 -24.54
C ALA D 496 43.93 -13.24 -25.59
N ASP D 497 44.67 -12.52 -26.43
CA ASP D 497 45.58 -13.20 -27.35
C ASP D 497 46.74 -13.84 -26.61
N ASP D 498 47.25 -13.14 -25.58
CA ASP D 498 48.36 -13.67 -24.81
C ASP D 498 47.97 -14.98 -24.12
N VAL D 499 46.75 -15.05 -23.59
CA VAL D 499 46.28 -16.25 -22.91
C VAL D 499 46.21 -17.42 -23.88
N ASP D 500 45.57 -17.22 -25.02
CA ASP D 500 45.44 -18.30 -26.01
C ASP D 500 46.78 -18.76 -26.53
N ARG D 501 47.75 -17.84 -26.64
CA ARG D 501 49.08 -18.21 -27.11
C ARG D 501 49.74 -19.17 -26.12
N ARG D 502 49.69 -18.84 -24.83
CA ARG D 502 50.28 -19.71 -23.81
C ARG D 502 49.55 -21.04 -23.72
N VAL D 503 48.22 -21.04 -23.93
CA VAL D 503 47.48 -22.29 -23.95
C VAL D 503 47.94 -23.16 -25.12
N GLN D 504 48.09 -22.55 -26.30
CA GLN D 504 48.56 -23.31 -27.46
C GLN D 504 50.02 -23.71 -27.31
N PHE D 505 50.83 -22.89 -26.62
CA PHE D 505 52.18 -23.31 -26.28
C PHE D 505 52.15 -24.55 -25.40
N GLY D 506 51.21 -24.59 -24.44
CA GLY D 506 51.06 -25.78 -23.63
C GLY D 506 50.61 -26.99 -24.43
N ILE D 507 49.77 -26.76 -25.43
CA ILE D 507 49.30 -27.85 -26.29
C ILE D 507 50.44 -28.36 -27.17
N GLU D 508 51.17 -27.44 -27.81
CA GLU D 508 52.25 -27.85 -28.71
C GLU D 508 53.39 -28.51 -27.94
N SER D 509 53.68 -28.01 -26.73
CA SER D 509 54.63 -28.70 -25.87
C SER D 509 54.16 -30.13 -25.57
N GLY D 510 52.90 -30.27 -25.18
CA GLY D 510 52.38 -31.60 -24.83
C GLY D 510 52.42 -32.56 -25.99
N LYS D 511 52.14 -32.08 -27.20
CA LYS D 511 52.20 -32.95 -28.37
C LYS D 511 53.64 -33.40 -28.64
N LEU D 512 54.59 -32.47 -28.57
CA LEU D 512 55.99 -32.82 -28.84
C LEU D 512 56.54 -33.78 -27.81
N ARG D 513 56.08 -33.70 -26.56
CA ARG D 513 56.61 -34.51 -25.48
C ARG D 513 55.87 -35.83 -25.29
N GLY D 514 54.81 -36.06 -26.06
CA GLY D 514 54.06 -37.31 -25.95
C GLY D 514 52.88 -37.26 -25.00
N PHE D 515 52.61 -36.12 -24.38
CA PHE D 515 51.45 -36.01 -23.49
C PHE D 515 50.15 -36.10 -24.29
N LEU D 516 50.05 -35.32 -25.37
CA LEU D 516 48.80 -35.11 -26.06
C LEU D 516 48.88 -35.62 -27.49
N ARG D 517 47.82 -36.29 -27.93
CA ARG D 517 47.65 -36.71 -29.32
C ARG D 517 46.44 -36.00 -29.92
N VAL D 518 46.46 -35.84 -31.24
CA VAL D 518 45.31 -35.33 -31.97
C VAL D 518 44.09 -36.15 -31.61
N GLY D 519 42.99 -35.48 -31.29
CA GLY D 519 41.79 -36.14 -30.86
C GLY D 519 41.65 -36.32 -29.36
N ASP D 520 42.70 -36.07 -28.60
CA ASP D 520 42.60 -36.13 -27.15
C ASP D 520 41.75 -34.97 -26.64
N LEU D 521 41.30 -35.10 -25.40
CA LEU D 521 40.58 -34.04 -24.71
C LEU D 521 41.47 -33.51 -23.60
N VAL D 522 41.48 -32.18 -23.43
CA VAL D 522 42.24 -31.54 -22.38
C VAL D 522 41.32 -30.63 -21.60
N ILE D 523 41.70 -30.38 -20.35
CA ILE D 523 41.02 -29.42 -19.48
C ILE D 523 41.93 -28.20 -19.35
N VAL D 524 41.44 -27.04 -19.76
CA VAL D 524 42.22 -25.81 -19.74
C VAL D 524 41.68 -24.91 -18.65
N VAL D 525 42.59 -24.43 -17.79
CA VAL D 525 42.22 -23.65 -16.61
C VAL D 525 42.88 -22.27 -16.72
N THR D 526 42.07 -21.22 -16.71
CA THR D 526 42.53 -19.85 -16.86
C THR D 526 41.77 -18.96 -15.86
N GLY D 527 41.97 -17.64 -16.01
CA GLY D 527 41.29 -16.68 -15.16
C GLY D 527 40.75 -15.52 -15.96
N TRP D 528 40.02 -14.64 -15.28
CA TRP D 528 39.25 -13.60 -15.95
C TRP D 528 40.00 -12.27 -16.08
N ARG D 529 41.19 -12.16 -15.50
CA ARG D 529 41.95 -10.91 -15.54
C ARG D 529 43.40 -11.23 -15.24
N PRO D 530 44.33 -10.35 -15.66
CA PRO D 530 45.76 -10.64 -15.46
C PRO D 530 46.13 -10.62 -13.99
N GLY D 531 47.32 -11.15 -13.71
CA GLY D 531 47.80 -11.22 -12.34
C GLY D 531 47.29 -12.46 -11.62
N SER D 532 48.10 -12.94 -10.67
CA SER D 532 47.76 -14.17 -9.97
C SER D 532 46.56 -13.95 -9.05
N GLY D 533 45.83 -15.04 -8.80
CA GLY D 533 44.72 -15.03 -7.87
C GLY D 533 43.34 -15.00 -8.49
N TYR D 534 43.23 -14.88 -9.81
CA TYR D 534 41.94 -14.71 -10.47
C TYR D 534 41.54 -15.90 -11.32
N THR D 535 42.13 -17.08 -11.07
CA THR D 535 41.73 -18.28 -11.78
C THR D 535 40.27 -18.60 -11.51
N ASN D 536 39.48 -18.75 -12.59
CA ASN D 536 38.04 -19.01 -12.40
C ASN D 536 37.38 -19.65 -13.62
N ILE D 537 38.12 -20.20 -14.58
CA ILE D 537 37.54 -20.71 -15.82
C ILE D 537 38.09 -22.11 -16.08
N MET D 538 37.22 -23.02 -16.47
CA MET D 538 37.60 -24.37 -16.89
C MET D 538 36.95 -24.66 -18.24
N ARG D 539 37.75 -25.06 -19.21
CA ARG D 539 37.29 -25.33 -20.57
C ARG D 539 37.66 -26.75 -20.99
N VAL D 540 36.76 -27.37 -21.74
CA VAL D 540 37.00 -28.69 -22.34
C VAL D 540 37.35 -28.49 -23.80
N LEU D 541 38.55 -28.89 -24.20
CA LEU D 541 39.04 -28.69 -25.55
C LEU D 541 39.48 -30.01 -26.16
N SER D 542 39.30 -30.11 -27.48
CA SER D 542 39.83 -31.21 -28.26
C SER D 542 41.13 -30.77 -28.92
N ILE D 543 42.09 -31.69 -28.99
CA ILE D 543 43.44 -31.34 -29.42
C ILE D 543 43.52 -31.38 -30.95
N SER D 544 44.10 -30.33 -31.53
CA SER D 544 44.39 -30.26 -32.95
C SER D 544 43.16 -30.49 -33.82
N LEU E 21 -42.87 46.50 18.39
CA LEU E 21 -42.76 47.92 18.73
C LEU E 21 -44.16 48.50 18.97
N GLY E 22 -45.15 47.93 18.29
CA GLY E 22 -46.51 48.38 18.41
C GLY E 22 -46.91 49.35 17.29
N THR E 23 -48.21 49.49 17.09
CA THR E 23 -48.72 50.38 16.05
C THR E 23 -48.48 51.84 16.39
N ALA E 24 -48.35 52.18 17.66
CA ALA E 24 -48.05 53.57 18.02
C ALA E 24 -46.76 54.05 17.37
N PHE E 25 -45.73 53.21 17.39
CA PHE E 25 -44.44 53.59 16.80
C PHE E 25 -44.51 53.57 15.28
N PHE E 26 -45.09 52.50 14.71
CA PHE E 26 -45.03 52.31 13.27
C PHE E 26 -45.71 53.42 12.48
N GLN E 27 -46.72 54.08 13.05
CA GLN E 27 -47.34 55.16 12.29
C GLN E 27 -46.99 56.53 12.83
N GLN E 28 -45.68 56.81 12.90
CA GLN E 28 -45.17 58.16 13.07
C GLN E 28 -43.73 58.18 12.58
N GLN E 29 -43.18 59.40 12.49
CA GLN E 29 -41.81 59.65 12.02
C GLN E 29 -41.54 59.06 10.64
N GLN E 30 -42.57 58.99 9.79
CA GLN E 30 -42.45 58.43 8.44
C GLN E 30 -41.78 57.05 8.46
N LEU E 31 -42.06 56.29 9.52
CA LEU E 31 -41.50 54.94 9.61
C LEU E 31 -41.95 54.03 8.48
N PRO E 32 -43.22 54.03 8.03
CA PRO E 32 -43.57 53.16 6.88
C PRO E 32 -42.77 53.47 5.63
N ALA E 33 -42.54 54.76 5.35
CA ALA E 33 -41.65 55.12 4.26
C ALA E 33 -40.20 54.78 4.56
N ALA E 34 -39.84 54.70 5.84
CA ALA E 34 -38.47 54.32 6.20
C ALA E 34 -38.21 52.85 5.90
N MET E 35 -39.24 52.00 6.00
CA MET E 35 -39.09 50.56 5.80
C MET E 35 -39.24 50.14 4.34
N ALA E 36 -39.43 51.10 3.42
CA ALA E 36 -39.64 50.75 2.03
C ALA E 36 -38.37 50.13 1.43
N ASP E 37 -38.58 49.30 0.40
CA ASP E 37 -37.49 48.55 -0.22
C ASP E 37 -36.85 49.29 -1.38
N THR E 38 -37.50 50.34 -1.90
CA THR E 38 -36.96 51.14 -2.98
C THR E 38 -37.17 52.61 -2.64
N PHE E 39 -36.42 53.47 -3.32
CA PHE E 39 -36.62 54.90 -3.10
C PHE E 39 -37.96 55.34 -3.67
N LEU E 40 -38.37 54.78 -4.79
CA LEU E 40 -39.70 55.06 -5.35
C LEU E 40 -40.79 54.74 -4.34
N GLU E 41 -40.74 53.53 -3.76
CA GLU E 41 -41.74 53.18 -2.75
C GLU E 41 -41.61 54.06 -1.51
N HIS E 42 -40.38 54.45 -1.16
CA HIS E 42 -40.18 55.36 -0.03
C HIS E 42 -40.95 56.64 -0.22
N LEU E 43 -40.88 57.23 -1.43
CA LEU E 43 -41.66 58.43 -1.72
C LEU E 43 -43.15 58.15 -1.64
N CYS E 44 -43.60 57.02 -2.19
CA CYS E 44 -45.03 56.72 -2.25
C CYS E 44 -45.65 56.57 -0.88
N LEU E 45 -44.86 56.18 0.13
CA LEU E 45 -45.39 55.93 1.46
C LEU E 45 -45.29 57.14 2.38
N LEU E 46 -44.66 58.24 1.93
CA LEU E 46 -44.61 59.45 2.73
C LEU E 46 -46.02 59.91 3.09
N ASP E 47 -46.19 60.29 4.36
CA ASP E 47 -47.51 60.54 4.93
C ASP E 47 -47.50 61.88 5.64
N ILE E 48 -48.43 62.76 5.27
CA ILE E 48 -48.54 64.05 5.93
C ILE E 48 -49.17 63.96 7.31
N ASP E 49 -49.74 62.81 7.67
CA ASP E 49 -50.31 62.62 9.00
C ASP E 49 -49.34 61.97 9.98
N SER E 50 -48.16 61.55 9.51
CA SER E 50 -47.16 60.89 10.36
C SER E 50 -46.27 61.96 10.97
N GLU E 51 -46.48 62.25 12.26
CA GLU E 51 -45.83 63.41 12.86
C GLU E 51 -44.40 63.05 13.31
N PRO E 52 -43.48 64.00 13.18
CA PRO E 52 -42.08 63.72 13.55
C PRO E 52 -41.86 63.85 15.06
N VAL E 53 -40.69 63.38 15.50
CA VAL E 53 -40.29 63.54 16.89
C VAL E 53 -40.05 65.02 17.16
N ALA E 54 -39.96 65.38 18.44
CA ALA E 54 -39.77 66.78 18.83
C ALA E 54 -38.35 67.26 18.62
N ALA E 55 -37.39 66.36 18.45
CA ALA E 55 -35.99 66.71 18.35
C ALA E 55 -35.60 66.96 16.89
N ARG E 56 -35.06 68.14 16.62
CA ARG E 56 -34.65 68.54 15.27
C ARG E 56 -33.14 68.43 15.14
N SER E 57 -32.68 67.72 14.10
CA SER E 57 -31.27 67.37 13.95
C SER E 57 -30.47 68.41 13.17
N THR E 58 -31.11 69.19 12.30
CA THR E 58 -30.41 70.20 11.51
C THR E 58 -30.35 71.50 12.31
N SER E 59 -29.14 72.03 12.50
CA SER E 59 -28.94 73.21 13.31
C SER E 59 -29.13 74.49 12.49
N ILE E 60 -29.69 75.50 13.13
CA ILE E 60 -30.10 76.73 12.47
C ILE E 60 -29.06 77.81 12.76
N ILE E 61 -28.49 78.38 11.70
CA ILE E 61 -27.56 79.51 11.82
C ILE E 61 -28.33 80.78 11.48
N ALA E 62 -28.27 81.76 12.39
CA ALA E 62 -28.97 83.03 12.23
C ALA E 62 -27.96 84.16 12.19
N THR E 63 -27.92 84.88 11.07
CA THR E 63 -27.06 86.05 10.95
C THR E 63 -27.60 87.18 11.82
N ILE E 64 -26.69 87.95 12.41
CA ILE E 64 -27.03 88.94 13.43
C ILE E 64 -26.94 90.34 12.80
N GLY E 65 -27.99 91.13 13.02
CA GLY E 65 -28.06 92.51 12.59
C GLY E 65 -29.12 93.28 13.37
N PRO E 66 -29.67 94.35 12.77
CA PRO E 66 -30.65 95.18 13.50
C PRO E 66 -31.82 94.42 14.12
N ALA E 67 -32.46 93.52 13.38
CA ALA E 67 -33.58 92.78 13.95
C ALA E 67 -33.15 91.71 14.94
N SER E 68 -31.86 91.57 15.19
CA SER E 68 -31.29 90.39 15.85
C SER E 68 -30.30 90.79 16.93
N ARG E 69 -30.58 91.86 17.65
CA ARG E 69 -29.68 92.32 18.71
C ARG E 69 -30.36 92.56 20.05
N SER E 70 -31.66 92.80 20.09
CA SER E 70 -32.36 92.89 21.37
C SER E 70 -32.21 91.58 22.13
N VAL E 71 -31.55 91.64 23.29
CA VAL E 71 -31.29 90.44 24.08
C VAL E 71 -32.59 89.71 24.39
N GLU E 72 -33.69 90.45 24.53
CA GLU E 72 -34.97 89.79 24.77
C GLU E 72 -35.53 89.16 23.51
N ARG E 73 -35.23 89.73 22.34
CA ARG E 73 -35.54 89.01 21.10
C ARG E 73 -34.51 87.94 20.80
N LEU E 74 -33.25 88.17 21.19
CA LEU E 74 -32.26 87.10 21.14
C LEU E 74 -32.66 85.94 22.04
N LYS E 75 -33.36 86.22 23.14
CA LYS E 75 -33.89 85.16 23.98
C LYS E 75 -35.04 84.43 23.30
N GLU E 76 -35.80 85.12 22.44
CA GLU E 76 -36.90 84.47 21.75
C GLU E 76 -36.41 83.65 20.56
N MET E 77 -35.29 84.04 19.95
CA MET E 77 -34.72 83.25 18.86
C MET E 77 -34.06 81.98 19.38
N ILE E 78 -33.54 82.00 20.60
CA ILE E 78 -32.96 80.80 21.19
C ILE E 78 -34.05 79.75 21.44
N LYS E 79 -35.17 80.18 22.03
CA LYS E 79 -36.31 79.28 22.21
C LYS E 79 -36.99 78.93 20.90
N ALA E 80 -36.77 79.73 19.85
CA ALA E 80 -37.28 79.35 18.54
C ALA E 80 -36.49 78.20 17.94
N GLY E 81 -35.21 78.10 18.26
CA GLY E 81 -34.41 76.99 17.80
C GLY E 81 -33.04 77.38 17.28
N MET E 82 -32.64 78.64 17.51
CA MET E 82 -31.33 79.08 17.07
C MET E 82 -30.23 78.28 17.76
N ASN E 83 -29.22 77.88 16.99
CA ASN E 83 -28.10 77.09 17.50
C ASN E 83 -26.75 77.75 17.26
N ILE E 84 -26.58 78.48 16.16
CA ILE E 84 -25.36 79.21 15.86
C ILE E 84 -25.72 80.64 15.53
N ALA E 85 -24.97 81.59 16.07
CA ALA E 85 -25.15 83.01 15.80
C ALA E 85 -24.03 83.47 14.88
N ARG E 86 -24.39 84.02 13.73
CA ARG E 86 -23.43 84.44 12.71
C ARG E 86 -23.16 85.93 12.85
N LEU E 87 -21.88 86.30 12.81
CA LEU E 87 -21.45 87.69 12.81
C LEU E 87 -20.85 88.00 11.44
N ASN E 88 -21.57 88.77 10.64
CA ASN E 88 -21.13 89.13 9.30
C ASN E 88 -20.22 90.35 9.40
N PHE E 89 -18.94 90.16 9.16
CA PHE E 89 -17.96 91.23 9.25
C PHE E 89 -17.80 92.01 7.96
N SER E 90 -18.65 91.74 6.96
CA SER E 90 -18.69 92.61 5.78
C SER E 90 -19.25 93.97 6.13
N HIS E 91 -20.10 94.05 7.15
CA HIS E 91 -20.64 95.30 7.65
C HIS E 91 -20.43 95.37 9.16
N GLY E 92 -20.27 96.59 9.66
CA GLY E 92 -20.08 96.81 11.08
C GLY E 92 -18.63 96.81 11.48
N SER E 93 -18.35 97.47 12.61
CA SER E 93 -17.01 97.59 13.15
C SER E 93 -16.83 96.68 14.35
N HIS E 94 -15.58 96.61 14.84
CA HIS E 94 -15.23 95.63 15.86
C HIS E 94 -16.02 95.83 17.15
N GLU E 95 -16.46 97.06 17.43
CA GLU E 95 -17.24 97.32 18.62
C GLU E 95 -18.74 97.18 18.38
N TYR E 96 -19.17 97.21 17.12
CA TYR E 96 -20.55 96.83 16.82
C TYR E 96 -20.80 95.38 17.21
N HIS E 97 -19.93 94.47 16.75
CA HIS E 97 -20.12 93.05 17.03
C HIS E 97 -19.92 92.73 18.50
N ALA E 98 -18.99 93.44 19.17
CA ALA E 98 -18.70 93.14 20.57
C ALA E 98 -19.92 93.28 21.45
N GLU E 99 -20.82 94.21 21.13
CA GLU E 99 -22.00 94.40 21.96
C GLU E 99 -22.99 93.26 21.79
N SER E 100 -23.16 92.74 20.57
CA SER E 100 -24.08 91.62 20.39
C SER E 100 -23.45 90.30 20.80
N ILE E 101 -22.13 90.15 20.70
CA ILE E 101 -21.46 89.03 21.35
C ILE E 101 -21.83 89.00 22.83
N ALA E 102 -21.77 90.17 23.47
CA ALA E 102 -22.27 90.29 24.83
C ALA E 102 -23.78 90.11 24.90
N ASN E 103 -24.50 90.56 23.86
CA ASN E 103 -25.96 90.46 23.88
C ASN E 103 -26.41 89.00 23.83
N VAL E 104 -25.82 88.21 22.94
CA VAL E 104 -26.22 86.81 22.84
C VAL E 104 -25.77 86.04 24.09
N ARG E 105 -24.56 86.32 24.58
CA ARG E 105 -24.06 85.62 25.76
C ARG E 105 -24.90 85.95 26.97
N GLU E 106 -25.45 87.17 27.04
CA GLU E 106 -26.46 87.46 28.05
C GLU E 106 -27.72 86.64 27.82
N ALA E 107 -28.15 86.52 26.55
CA ALA E 107 -29.33 85.72 26.25
C ALA E 107 -29.06 84.24 26.42
N VAL E 108 -27.85 83.79 26.10
CA VAL E 108 -27.51 82.38 26.25
C VAL E 108 -27.51 81.99 27.73
N GLU E 109 -26.68 82.66 28.53
CA GLU E 109 -26.57 82.32 29.95
C GLU E 109 -27.83 82.66 30.74
N SER E 110 -28.76 83.44 30.18
CA SER E 110 -30.00 83.72 30.87
C SER E 110 -30.84 82.48 31.13
N PHE E 111 -30.47 81.33 30.55
CA PHE E 111 -31.15 80.07 30.78
C PHE E 111 -30.36 79.10 31.63
N ALA E 112 -29.11 79.42 31.97
CA ALA E 112 -28.28 78.51 32.76
C ALA E 112 -28.87 78.21 34.14
N GLY E 113 -29.84 79.00 34.59
CA GLY E 113 -30.41 78.78 35.91
C GLY E 113 -31.01 77.40 36.10
N SER E 114 -31.57 76.83 35.05
CA SER E 114 -32.06 75.45 35.08
C SER E 114 -31.20 74.62 34.13
N PRO E 115 -30.32 73.75 34.65
CA PRO E 115 -29.30 73.14 33.78
C PRO E 115 -29.84 72.07 32.84
N LEU E 116 -30.98 71.46 33.15
CA LEU E 116 -31.52 70.42 32.27
C LEU E 116 -32.14 71.00 31.00
N SER E 117 -32.54 72.27 31.02
CA SER E 117 -33.11 72.95 29.87
C SER E 117 -32.10 73.80 29.11
N TYR E 118 -30.90 74.00 29.66
CA TYR E 118 -29.96 74.95 29.10
C TYR E 118 -29.58 74.56 27.67
N ARG E 119 -29.72 75.51 26.75
CA ARG E 119 -29.41 75.31 25.34
C ARG E 119 -28.12 76.02 24.98
N PRO E 120 -27.01 75.31 24.83
CA PRO E 120 -25.79 75.95 24.33
C PRO E 120 -26.03 76.57 22.97
N VAL E 121 -25.35 77.69 22.72
CA VAL E 121 -25.45 78.39 21.45
C VAL E 121 -24.05 78.83 21.04
N ALA E 122 -23.60 78.40 19.86
CA ALA E 122 -22.30 78.80 19.36
C ALA E 122 -22.36 80.21 18.77
N ILE E 123 -21.18 80.75 18.48
CA ILE E 123 -21.05 82.02 17.78
C ILE E 123 -20.06 81.84 16.64
N ALA E 124 -20.47 82.22 15.43
CA ALA E 124 -19.63 82.12 14.25
C ALA E 124 -19.25 83.50 13.76
N LEU E 125 -18.07 83.59 13.16
CA LEU E 125 -17.55 84.83 12.60
C LEU E 125 -17.36 84.64 11.10
N ASP E 126 -18.20 85.29 10.32
CA ASP E 126 -18.07 85.28 8.86
C ASP E 126 -17.16 86.42 8.43
N THR E 127 -16.02 86.09 7.84
CA THR E 127 -15.06 87.11 7.43
C THR E 127 -15.57 87.86 6.20
N LYS E 128 -15.17 89.13 6.12
CA LYS E 128 -15.55 89.94 4.97
C LYS E 128 -14.86 89.47 3.70
N GLY E 129 -13.59 89.08 3.82
CA GLY E 129 -12.82 88.65 2.67
C GLY E 129 -12.65 89.77 1.67
N PRO E 130 -12.24 89.41 0.45
CA PRO E 130 -12.18 90.42 -0.62
C PRO E 130 -13.56 90.99 -0.94
N GLU E 131 -13.63 92.32 -1.00
CA GLU E 131 -14.88 93.02 -1.30
C GLU E 131 -14.59 94.08 -2.35
N ILE E 132 -15.01 93.82 -3.58
CA ILE E 132 -14.87 94.78 -4.67
C ILE E 132 -16.16 95.60 -4.74
N ARG E 133 -16.01 96.91 -4.87
CA ARG E 133 -17.15 97.82 -4.94
C ARG E 133 -16.92 98.81 -6.08
N THR E 134 -17.95 99.61 -6.36
CA THR E 134 -17.92 100.57 -7.45
C THR E 134 -18.07 101.98 -6.91
N GLY E 135 -17.50 102.93 -7.64
CA GLY E 135 -17.44 104.33 -7.20
C GLY E 135 -18.77 104.97 -6.87
N LEU E 231 -5.11 87.54 -5.88
CA LEU E 231 -5.30 87.92 -4.48
C LEU E 231 -4.82 86.80 -3.57
N PRO E 232 -4.20 87.16 -2.43
CA PRO E 232 -3.83 86.15 -1.44
C PRO E 232 -5.01 85.39 -0.85
N GLY E 233 -4.71 84.40 -0.02
CA GLY E 233 -5.73 83.62 0.64
C GLY E 233 -6.53 84.37 1.68
N LEU E 234 -6.08 85.56 2.07
CA LEU E 234 -6.77 86.30 3.11
C LEU E 234 -6.39 87.77 3.02
N SER E 235 -7.36 88.63 3.35
CA SER E 235 -7.10 90.05 3.44
C SER E 235 -6.16 90.34 4.62
N GLU E 236 -5.88 91.62 4.83
CA GLU E 236 -5.17 92.07 6.00
C GLU E 236 -6.08 92.78 6.99
N GLN E 237 -7.28 93.17 6.55
CA GLN E 237 -8.33 93.49 7.51
C GLN E 237 -8.92 92.23 8.12
N ASP E 238 -8.98 91.12 7.36
CA ASP E 238 -9.47 89.87 7.92
C ASP E 238 -8.63 89.45 9.12
N VAL E 239 -7.31 89.65 9.05
CA VAL E 239 -6.44 89.32 10.18
C VAL E 239 -6.82 90.15 11.40
N ARG E 240 -7.36 91.35 11.19
CA ARG E 240 -7.92 92.10 12.31
C ARG E 240 -9.19 91.44 12.83
N ASP E 241 -10.07 91.02 11.93
CA ASP E 241 -11.31 90.37 12.35
C ASP E 241 -11.03 89.04 13.04
N LEU E 242 -10.07 88.29 12.55
CA LEU E 242 -9.77 87.00 13.16
C LEU E 242 -9.11 87.16 14.52
N ARG E 243 -8.20 88.14 14.66
CA ARG E 243 -7.66 88.40 15.98
C ARG E 243 -8.68 89.08 16.90
N PHE E 244 -9.77 89.61 16.35
CA PHE E 244 -10.89 89.99 17.20
C PHE E 244 -11.58 88.74 17.75
N GLY E 245 -11.77 87.72 16.91
CA GLY E 245 -12.47 86.53 17.34
C GLY E 245 -11.75 85.75 18.42
N VAL E 246 -10.42 85.60 18.29
CA VAL E 246 -9.65 84.89 19.31
C VAL E 246 -9.82 85.60 20.66
N GLU E 247 -9.92 86.93 20.64
CA GLU E 247 -9.96 87.68 21.89
C GLU E 247 -11.32 87.55 22.56
N HIS E 248 -12.40 87.59 21.80
CA HIS E 248 -13.74 87.47 22.36
C HIS E 248 -14.21 86.04 22.48
N GLY E 249 -13.41 85.06 22.04
CA GLY E 249 -13.75 83.67 22.21
C GLY E 249 -14.92 83.20 21.38
N VAL E 250 -14.86 83.40 20.08
CA VAL E 250 -15.87 82.84 19.18
C VAL E 250 -15.59 81.36 18.96
N ASP E 251 -16.60 80.65 18.49
CA ASP E 251 -16.52 79.20 18.30
C ASP E 251 -16.14 78.81 16.88
N ILE E 252 -16.68 79.49 15.88
CA ILE E 252 -16.53 79.10 14.48
C ILE E 252 -16.13 80.31 13.66
N VAL E 253 -15.39 80.07 12.58
CA VAL E 253 -15.01 81.09 11.62
C VAL E 253 -15.48 80.67 10.24
N PHE E 254 -16.26 81.52 9.58
CA PHE E 254 -16.68 81.30 8.19
C PHE E 254 -15.70 82.04 7.27
N ALA E 255 -14.83 81.28 6.61
CA ALA E 255 -13.78 81.87 5.77
C ALA E 255 -14.30 82.07 4.35
N SER E 256 -14.32 83.32 3.90
CA SER E 256 -14.97 83.68 2.65
C SER E 256 -14.07 83.44 1.45
N PHE E 257 -14.70 83.15 0.31
CA PHE E 257 -14.07 83.03 -1.00
C PHE E 257 -12.79 82.19 -0.94
N VAL E 258 -12.90 81.02 -0.31
CA VAL E 258 -11.81 80.06 -0.31
C VAL E 258 -11.65 79.46 -1.71
N ARG E 259 -10.43 79.50 -2.23
CA ARG E 259 -10.15 79.07 -3.60
C ARG E 259 -9.16 77.91 -3.70
N LYS E 260 -8.37 77.66 -2.65
CA LYS E 260 -7.34 76.64 -2.70
C LYS E 260 -7.03 76.21 -1.27
N ALA E 261 -6.23 75.15 -1.15
CA ALA E 261 -5.75 74.73 0.16
C ALA E 261 -4.76 75.74 0.75
N SER E 262 -4.22 76.64 -0.07
CA SER E 262 -3.34 77.68 0.45
C SER E 262 -4.10 78.67 1.32
N ASP E 263 -5.30 79.08 0.88
CA ASP E 263 -6.05 80.12 1.58
C ASP E 263 -6.41 79.67 2.98
N VAL E 264 -6.93 78.45 3.12
CA VAL E 264 -7.44 77.99 4.40
C VAL E 264 -6.32 77.87 5.43
N ALA E 265 -5.13 77.45 5.00
CA ALA E 265 -3.99 77.41 5.91
C ALA E 265 -3.59 78.81 6.34
N ALA E 266 -3.65 79.78 5.41
CA ALA E 266 -3.41 81.17 5.77
C ALA E 266 -4.44 81.70 6.75
N VAL E 267 -5.64 81.11 6.78
CA VAL E 267 -6.63 81.48 7.79
C VAL E 267 -6.18 80.99 9.16
N ARG E 268 -5.75 79.73 9.24
CA ARG E 268 -5.37 79.15 10.53
C ARG E 268 -4.15 79.83 11.12
N ALA E 269 -3.22 80.29 10.28
CA ALA E 269 -2.07 81.02 10.79
C ALA E 269 -2.49 82.32 11.47
N ALA E 270 -3.54 82.96 10.94
CA ALA E 270 -4.03 84.20 11.54
C ALA E 270 -4.64 83.94 12.92
N LEU E 271 -5.49 82.92 13.02
CA LEU E 271 -5.97 82.51 14.34
C LEU E 271 -4.83 82.08 15.24
N GLY E 272 -3.75 81.56 14.66
CA GLY E 272 -2.55 81.24 15.39
C GLY E 272 -2.71 80.11 16.37
N PRO E 273 -1.72 79.94 17.25
CA PRO E 273 -1.85 78.91 18.29
C PRO E 273 -2.84 79.29 19.38
N GLU E 274 -3.13 80.58 19.55
CA GLU E 274 -4.09 80.99 20.58
C GLU E 274 -5.50 80.55 20.23
N GLY E 275 -5.86 80.56 18.95
CA GLY E 275 -7.17 80.12 18.53
C GLY E 275 -7.14 78.83 17.73
N HIS E 276 -6.31 77.88 18.16
CA HIS E 276 -6.21 76.62 17.44
C HIS E 276 -7.44 75.74 17.63
N GLY E 277 -8.29 76.04 18.60
CA GLY E 277 -9.50 75.28 18.86
C GLY E 277 -10.75 75.81 18.18
N ILE E 278 -10.62 76.79 17.29
CA ILE E 278 -11.76 77.33 16.56
C ILE E 278 -11.96 76.51 15.29
N LYS E 279 -13.20 76.15 15.02
CA LYS E 279 -13.53 75.36 13.83
C LYS E 279 -13.61 76.28 12.62
N ILE E 280 -12.94 75.89 11.54
CA ILE E 280 -12.85 76.71 10.33
C ILE E 280 -13.79 76.12 9.28
N ILE E 281 -14.74 76.92 8.81
CA ILE E 281 -15.72 76.52 7.82
C ILE E 281 -15.43 77.30 6.54
N SER E 282 -14.91 76.62 5.52
CA SER E 282 -14.52 77.27 4.28
C SER E 282 -15.74 77.53 3.41
N LYS E 283 -15.93 78.79 3.01
CA LYS E 283 -17.03 79.18 2.13
C LYS E 283 -16.59 79.02 0.68
N ILE E 284 -17.33 78.23 -0.08
CA ILE E 284 -17.10 78.09 -1.51
C ILE E 284 -18.03 79.07 -2.24
N GLU E 285 -17.44 79.99 -3.02
CA GLU E 285 -18.24 81.03 -3.65
C GLU E 285 -17.82 81.33 -5.09
N ASN E 286 -17.05 80.45 -5.73
CA ASN E 286 -16.56 80.72 -7.07
C ASN E 286 -16.33 79.39 -7.80
N HIS E 287 -15.97 79.51 -9.08
CA HIS E 287 -15.85 78.32 -9.92
C HIS E 287 -14.68 77.44 -9.48
N GLU E 288 -13.51 78.04 -9.27
CA GLU E 288 -12.35 77.22 -8.89
C GLU E 288 -12.43 76.72 -7.46
N GLY E 289 -13.20 77.38 -6.59
CA GLY E 289 -13.47 76.81 -5.29
C GLY E 289 -14.21 75.49 -5.38
N VAL E 290 -15.07 75.34 -6.40
CA VAL E 290 -15.79 74.09 -6.59
C VAL E 290 -14.92 73.06 -7.31
N LYS E 291 -14.15 73.50 -8.30
CA LYS E 291 -13.32 72.56 -9.07
C LYS E 291 -12.16 72.02 -8.25
N ARG E 292 -11.68 72.79 -7.27
CA ARG E 292 -10.63 72.31 -6.37
C ARG E 292 -11.21 72.15 -4.97
N PHE E 293 -12.39 71.53 -4.89
CA PHE E 293 -13.10 71.40 -3.61
C PHE E 293 -12.44 70.36 -2.71
N ASP E 294 -11.88 69.29 -3.30
CA ASP E 294 -11.34 68.20 -2.50
C ASP E 294 -10.17 68.66 -1.64
N GLU E 295 -9.22 69.40 -2.24
CA GLU E 295 -8.08 69.89 -1.47
C GLU E 295 -8.52 70.88 -0.40
N ILE E 296 -9.64 71.57 -0.61
CA ILE E 296 -10.15 72.48 0.40
C ILE E 296 -10.78 71.71 1.55
N LEU E 297 -11.39 70.55 1.26
CA LEU E 297 -12.10 69.81 2.29
C LEU E 297 -11.13 69.11 3.25
N GLU E 298 -10.02 68.59 2.72
CA GLU E 298 -9.02 67.93 3.57
C GLU E 298 -8.59 68.84 4.69
N VAL E 299 -8.28 70.09 4.36
CA VAL E 299 -7.68 71.03 5.30
C VAL E 299 -8.69 71.77 6.14
N SER E 300 -9.97 71.73 5.77
CA SER E 300 -11.02 72.44 6.48
C SER E 300 -11.71 71.53 7.49
N ASP E 301 -12.40 72.15 8.43
CA ASP E 301 -13.26 71.42 9.35
C ASP E 301 -14.66 71.25 8.79
N GLY E 302 -15.12 72.18 7.95
CA GLY E 302 -16.40 72.08 7.30
C GLY E 302 -16.45 72.84 5.99
N ILE E 303 -17.64 73.04 5.45
CA ILE E 303 -17.82 73.68 4.15
C ILE E 303 -19.11 74.49 4.18
N MET E 304 -19.08 75.68 3.59
CA MET E 304 -20.29 76.45 3.34
C MET E 304 -20.55 76.55 1.85
N VAL E 305 -21.76 76.17 1.44
CA VAL E 305 -22.22 76.40 0.07
C VAL E 305 -22.80 77.81 0.05
N ALA E 306 -21.95 78.78 -0.27
CA ALA E 306 -22.35 80.18 -0.27
C ALA E 306 -23.07 80.48 -1.59
N ARG E 307 -24.36 80.11 -1.63
CA ARG E 307 -25.13 80.20 -2.86
C ARG E 307 -25.18 81.62 -3.40
N GLY E 308 -25.24 82.61 -2.52
CA GLY E 308 -25.32 84.01 -2.92
C GLY E 308 -24.24 84.41 -3.90
N ASP E 309 -22.99 84.41 -3.45
CA ASP E 309 -21.89 84.76 -4.34
C ASP E 309 -21.65 83.68 -5.39
N LEU E 310 -21.90 82.41 -5.02
CA LEU E 310 -21.75 81.32 -5.99
C LEU E 310 -22.74 81.48 -7.14
N GLY E 311 -23.98 81.87 -6.85
CA GLY E 311 -24.98 82.07 -7.88
C GLY E 311 -24.69 83.23 -8.79
N ILE E 312 -23.85 84.17 -8.36
CA ILE E 312 -23.38 85.24 -9.25
C ILE E 312 -22.14 84.79 -10.02
N GLU E 313 -21.22 84.08 -9.35
CA GLU E 313 -20.01 83.61 -10.01
C GLU E 313 -20.28 82.49 -11.01
N ILE E 314 -21.48 81.93 -11.02
CA ILE E 314 -21.79 80.78 -11.88
C ILE E 314 -23.26 80.89 -12.28
N PRO E 315 -23.66 80.34 -13.43
CA PRO E 315 -25.08 80.41 -13.82
C PRO E 315 -25.99 79.91 -12.71
N ALA E 316 -27.05 80.69 -12.44
CA ALA E 316 -27.93 80.38 -11.31
C ALA E 316 -28.55 78.99 -11.44
N GLU E 317 -28.85 78.56 -12.68
CA GLU E 317 -29.47 77.26 -12.90
C GLU E 317 -28.52 76.11 -12.61
N LYS E 318 -27.23 76.37 -12.38
CA LYS E 318 -26.25 75.33 -12.09
C LYS E 318 -25.92 75.21 -10.61
N VAL E 319 -26.49 76.08 -9.77
CA VAL E 319 -26.06 76.16 -8.38
C VAL E 319 -26.49 74.92 -7.60
N PHE E 320 -27.70 74.40 -7.87
CA PHE E 320 -28.16 73.21 -7.17
C PHE E 320 -27.20 72.05 -7.36
N LEU E 321 -26.59 71.96 -8.54
CA LEU E 321 -25.58 70.93 -8.80
C LEU E 321 -24.43 71.04 -7.81
N ALA E 322 -23.90 72.26 -7.65
CA ALA E 322 -22.77 72.46 -6.74
C ALA E 322 -23.16 72.16 -5.30
N GLN E 323 -24.38 72.54 -4.90
CA GLN E 323 -24.82 72.28 -3.54
C GLN E 323 -24.94 70.78 -3.26
N LYS E 324 -25.53 70.03 -4.18
CA LYS E 324 -25.73 68.61 -3.94
C LYS E 324 -24.40 67.85 -4.02
N MET E 325 -23.50 68.28 -4.92
CA MET E 325 -22.18 67.68 -4.98
C MET E 325 -21.42 67.90 -3.66
N MET E 326 -21.38 69.14 -3.19
CA MET E 326 -20.59 69.45 -1.99
C MET E 326 -21.16 68.76 -0.76
N ILE E 327 -22.49 68.74 -0.62
CA ILE E 327 -23.10 68.06 0.52
C ILE E 327 -22.80 66.56 0.47
N GLY E 328 -22.83 65.98 -0.73
CA GLY E 328 -22.46 64.58 -0.87
C GLY E 328 -21.03 64.32 -0.43
N ARG E 329 -20.09 65.13 -0.94
CA ARG E 329 -18.68 64.92 -0.61
C ARG E 329 -18.39 65.16 0.86
N CYS E 330 -19.14 66.06 1.50
CA CYS E 330 -18.97 66.27 2.93
C CYS E 330 -19.63 65.17 3.75
N ASN E 331 -20.81 64.71 3.31
CA ASN E 331 -21.42 63.55 3.94
C ASN E 331 -20.48 62.34 3.87
N LEU E 332 -19.89 62.12 2.70
CA LEU E 332 -18.94 61.01 2.53
C LEU E 332 -17.72 61.20 3.42
N ALA E 333 -17.22 62.43 3.52
CA ALA E 333 -16.02 62.69 4.31
C ALA E 333 -16.29 62.81 5.81
N GLY E 334 -17.56 62.91 6.21
CA GLY E 334 -17.86 63.00 7.63
C GLY E 334 -17.63 64.36 8.26
N LYS E 335 -17.62 65.43 7.47
CA LYS E 335 -17.42 66.77 7.97
C LYS E 335 -18.66 67.61 7.73
N PRO E 336 -19.00 68.52 8.65
CA PRO E 336 -20.22 69.32 8.51
C PRO E 336 -20.25 70.10 7.19
N VAL E 337 -21.46 70.38 6.73
CA VAL E 337 -21.67 71.21 5.54
C VAL E 337 -22.91 72.07 5.79
N VAL E 338 -22.80 73.36 5.47
CA VAL E 338 -23.87 74.32 5.68
C VAL E 338 -24.31 74.88 4.34
N CYS E 339 -25.61 75.00 4.15
CA CYS E 339 -26.20 75.58 2.94
C CYS E 339 -26.87 76.89 3.31
N ALA E 340 -26.59 77.94 2.54
CA ALA E 340 -26.96 79.29 2.94
C ALA E 340 -27.29 80.14 1.73
N THR E 341 -28.24 81.06 1.93
CA THR E 341 -28.63 82.20 1.09
C THR E 341 -30.07 82.09 0.63
N GLN E 342 -30.90 83.06 1.05
CA GLN E 342 -32.26 83.24 0.54
C GLN E 342 -33.14 82.00 0.76
N MET E 343 -32.88 81.24 1.81
CA MET E 343 -33.65 80.03 2.05
C MET E 343 -35.11 80.36 2.34
N LEU E 344 -35.36 81.47 3.03
CA LEU E 344 -36.72 81.96 3.31
C LEU E 344 -36.78 83.46 3.05
N GLU E 345 -36.22 83.87 1.90
CA GLU E 345 -36.01 85.29 1.61
C GLU E 345 -37.31 86.09 1.66
N SER E 346 -38.44 85.47 1.31
CA SER E 346 -39.70 86.19 1.26
C SER E 346 -40.20 86.60 2.63
N MET E 347 -39.66 86.04 3.71
CA MET E 347 -40.12 86.37 5.04
C MET E 347 -39.37 87.54 5.67
N ILE E 348 -38.42 88.11 4.95
CA ILE E 348 -37.87 89.41 5.33
C ILE E 348 -38.98 90.44 5.45
N THR E 349 -40.03 90.33 4.62
CA THR E 349 -41.15 91.24 4.66
C THR E 349 -42.51 90.56 4.89
N LYS E 350 -42.60 89.24 4.72
CA LYS E 350 -43.89 88.58 4.84
C LYS E 350 -43.90 87.59 6.01
N PRO E 351 -45.08 87.31 6.58
CA PRO E 351 -45.12 86.38 7.71
C PRO E 351 -44.86 84.93 7.32
N ARG E 352 -45.35 84.51 6.16
CA ARG E 352 -45.20 83.14 5.70
C ARG E 352 -44.26 83.06 4.50
N PRO E 353 -43.56 81.95 4.31
CA PRO E 353 -42.65 81.82 3.17
C PRO E 353 -43.39 81.33 1.93
N THR E 354 -42.70 81.41 0.79
CA THR E 354 -43.28 80.88 -0.43
C THR E 354 -43.16 79.36 -0.45
N ARG E 355 -43.98 78.73 -1.30
CA ARG E 355 -43.90 77.29 -1.47
C ARG E 355 -42.55 76.85 -1.98
N ALA E 356 -41.86 77.70 -2.75
CA ALA E 356 -40.52 77.37 -3.20
C ALA E 356 -39.52 77.42 -2.05
N GLU E 357 -39.72 78.31 -1.09
CA GLU E 357 -38.78 78.46 0.01
C GLU E 357 -38.91 77.32 1.02
N THR E 358 -40.14 76.92 1.36
CA THR E 358 -40.33 75.74 2.18
C THR E 358 -39.70 74.51 1.53
N SER E 359 -39.89 74.36 0.22
CA SER E 359 -39.31 73.24 -0.50
C SER E 359 -37.78 73.31 -0.48
N ASP E 360 -37.21 74.50 -0.63
CA ASP E 360 -35.77 74.65 -0.64
C ASP E 360 -35.15 74.17 0.67
N VAL E 361 -35.78 74.50 1.80
CA VAL E 361 -35.26 74.08 3.10
C VAL E 361 -35.35 72.58 3.25
N ALA E 362 -36.55 72.02 3.01
CA ALA E 362 -36.74 70.58 3.11
C ALA E 362 -35.72 69.82 2.27
N ASN E 363 -35.46 70.31 1.06
CA ASN E 363 -34.57 69.59 0.16
C ASN E 363 -33.12 69.71 0.60
N ALA E 364 -32.73 70.82 1.23
CA ALA E 364 -31.38 70.90 1.77
C ALA E 364 -31.17 69.88 2.87
N VAL E 365 -32.17 69.68 3.73
CA VAL E 365 -32.09 68.63 4.73
C VAL E 365 -32.02 67.26 4.07
N LEU E 366 -32.91 67.02 3.10
CA LEU E 366 -32.91 65.75 2.38
C LEU E 366 -31.60 65.50 1.66
N ASP E 367 -30.94 66.56 1.17
CA ASP E 367 -29.63 66.40 0.56
C ASP E 367 -28.61 65.88 1.57
N GLY E 368 -28.73 66.28 2.83
CA GLY E 368 -27.80 65.84 3.86
C GLY E 368 -27.09 67.00 4.53
N ALA E 369 -27.70 68.17 4.49
CA ALA E 369 -27.08 69.36 5.07
C ALA E 369 -27.04 69.26 6.59
N ASP E 370 -25.87 69.51 7.17
CA ASP E 370 -25.75 69.53 8.62
C ASP E 370 -26.43 70.75 9.22
N CYS E 371 -26.28 71.91 8.58
CA CYS E 371 -26.88 73.14 9.06
C CYS E 371 -27.50 73.92 7.92
N ILE E 372 -28.53 74.70 8.25
CA ILE E 372 -29.19 75.61 7.34
C ILE E 372 -29.09 77.01 7.93
N MET E 373 -28.99 78.01 7.07
CA MET E 373 -28.64 79.36 7.49
C MET E 373 -29.73 80.36 7.11
N LEU E 374 -29.88 81.37 7.97
CA LEU E 374 -30.72 82.52 7.71
C LEU E 374 -29.83 83.76 7.63
N SER E 375 -29.96 84.51 6.54
CA SER E 375 -29.17 85.72 6.36
C SER E 375 -29.98 86.95 6.71
N GLY E 376 -30.55 87.62 5.70
CA GLY E 376 -31.36 88.80 5.95
C GLY E 376 -32.68 88.52 6.64
N GLU E 377 -33.15 87.26 6.61
CA GLU E 377 -34.39 86.91 7.30
C GLU E 377 -34.32 87.22 8.79
N THR E 378 -33.13 87.09 9.38
CA THR E 378 -32.92 87.41 10.79
C THR E 378 -32.12 88.68 10.99
N ALA E 379 -31.23 89.04 10.06
CA ALA E 379 -30.37 90.19 10.26
C ALA E 379 -31.13 91.51 10.14
N LYS E 380 -32.18 91.54 9.31
CA LYS E 380 -32.88 92.81 9.09
C LYS E 380 -34.40 92.69 8.97
N GLY E 381 -34.94 91.55 8.56
CA GLY E 381 -36.36 91.46 8.28
C GLY E 381 -37.23 91.69 9.51
N ASN E 382 -38.52 91.85 9.24
CA ASN E 382 -39.51 92.09 10.29
C ASN E 382 -40.07 90.80 10.87
N PHE E 383 -39.48 89.65 10.56
CA PHE E 383 -39.92 88.36 11.08
C PHE E 383 -38.71 87.47 11.31
N PRO E 384 -37.90 87.77 12.33
CA PRO E 384 -36.68 87.00 12.56
C PRO E 384 -36.92 85.73 13.36
N VAL E 385 -37.82 85.79 14.33
CA VAL E 385 -38.10 84.61 15.15
C VAL E 385 -39.03 83.65 14.42
N GLU E 386 -39.95 84.16 13.61
CA GLU E 386 -40.82 83.28 12.82
C GLU E 386 -40.02 82.56 11.74
N ALA E 387 -38.98 83.20 11.20
CA ALA E 387 -38.11 82.52 10.25
C ALA E 387 -37.36 81.37 10.90
N VAL E 388 -36.96 81.54 12.16
CA VAL E 388 -36.28 80.45 12.87
C VAL E 388 -37.28 79.36 13.23
N LYS E 389 -38.50 79.74 13.63
CA LYS E 389 -39.53 78.74 13.90
C LYS E 389 -39.87 77.95 12.64
N MET E 390 -39.92 78.62 11.49
CA MET E 390 -40.30 77.95 10.24
C MET E 390 -39.23 76.96 9.81
N GLN E 391 -37.96 77.37 9.84
CA GLN E 391 -36.88 76.44 9.52
C GLN E 391 -36.86 75.25 10.47
N HIS E 392 -37.23 75.46 11.73
CA HIS E 392 -37.30 74.36 12.68
C HIS E 392 -38.39 73.37 12.27
N ALA E 393 -39.57 73.89 11.93
CA ALA E 393 -40.70 73.02 11.59
C ALA E 393 -40.43 72.24 10.31
N ILE E 394 -39.78 72.86 9.33
CA ILE E 394 -39.46 72.15 8.08
C ILE E 394 -38.42 71.07 8.35
N ALA E 395 -37.38 71.40 9.11
CA ALA E 395 -36.30 70.45 9.34
C ALA E 395 -36.80 69.18 10.03
N ARG E 396 -37.69 69.33 11.01
CA ARG E 396 -38.26 68.16 11.68
C ARG E 396 -38.99 67.27 10.70
N GLU E 397 -39.79 67.86 9.81
CA GLU E 397 -40.56 67.07 8.86
C GLU E 397 -39.66 66.39 7.83
N ALA E 398 -38.62 67.10 7.38
CA ALA E 398 -37.75 66.58 6.34
C ALA E 398 -36.82 65.49 6.86
N GLU E 399 -36.26 65.69 8.05
CA GLU E 399 -35.36 64.67 8.62
C GLU E 399 -36.04 63.31 8.68
N ALA E 400 -37.33 63.29 9.04
CA ALA E 400 -38.07 62.03 9.07
C ALA E 400 -38.31 61.45 7.69
N ALA E 401 -38.30 62.28 6.65
CA ALA E 401 -38.53 61.82 5.28
C ALA E 401 -37.25 61.37 4.59
N VAL E 402 -36.11 61.42 5.27
CA VAL E 402 -34.87 60.87 4.72
C VAL E 402 -35.01 59.36 4.56
N TYR E 403 -34.53 58.84 3.43
CA TYR E 403 -34.52 57.39 3.19
C TYR E 403 -33.31 56.79 3.91
N HIS E 404 -33.44 56.67 5.24
CA HIS E 404 -32.31 56.27 6.08
C HIS E 404 -31.70 54.95 5.63
N ARG E 405 -32.55 54.03 5.15
CA ARG E 405 -32.08 52.68 4.83
C ARG E 405 -30.98 52.70 3.78
N GLN E 406 -31.18 53.46 2.71
CA GLN E 406 -30.14 53.57 1.69
C GLN E 406 -29.03 54.54 2.10
N LEU E 407 -29.36 55.58 2.87
CA LEU E 407 -28.34 56.49 3.35
C LEU E 407 -27.37 55.78 4.28
N PHE E 408 -27.90 55.05 5.25
CA PHE E 408 -27.05 54.34 6.21
C PHE E 408 -26.19 53.29 5.51
N GLU E 409 -26.82 52.52 4.62
CA GLU E 409 -26.10 51.46 3.92
C GLU E 409 -24.98 52.01 3.05
N GLU E 410 -25.22 53.13 2.37
CA GLU E 410 -24.19 53.69 1.50
C GLU E 410 -23.06 54.34 2.29
N LEU E 411 -23.39 54.93 3.45
CA LEU E 411 -22.33 55.46 4.32
C LEU E 411 -21.50 54.32 4.90
N ARG E 412 -22.16 53.24 5.34
CA ARG E 412 -21.45 52.07 5.85
C ARG E 412 -20.41 51.58 4.85
N ARG E 413 -20.84 51.33 3.61
CA ARG E 413 -19.96 50.72 2.62
C ARG E 413 -18.91 51.68 2.07
N ALA E 414 -19.14 52.99 2.20
CA ALA E 414 -18.14 53.95 1.73
C ALA E 414 -17.04 54.16 2.77
N ALA E 415 -17.40 54.16 4.05
CA ALA E 415 -16.40 54.35 5.09
C ALA E 415 -15.46 53.15 5.14
N PRO E 416 -14.17 53.38 5.35
CA PRO E 416 -13.22 52.26 5.38
C PRO E 416 -13.29 51.50 6.70
N LEU E 417 -12.72 50.30 6.67
CA LEU E 417 -12.55 49.53 7.91
C LEU E 417 -11.71 50.34 8.88
N SER E 418 -12.02 50.22 10.17
CA SER E 418 -11.33 50.98 11.19
C SER E 418 -11.14 50.13 12.43
N ARG E 419 -9.91 50.12 12.96
CA ARG E 419 -9.60 49.47 14.22
C ARG E 419 -9.65 50.43 15.39
N ASP E 420 -10.26 51.61 15.21
CA ASP E 420 -10.39 52.59 16.29
C ASP E 420 -11.61 52.25 17.14
N PRO E 421 -11.42 51.89 18.41
CA PRO E 421 -12.57 51.48 19.23
C PRO E 421 -13.68 52.52 19.32
N THR E 422 -13.36 53.81 19.21
CA THR E 422 -14.40 54.83 19.22
C THR E 422 -15.29 54.72 17.99
N GLU E 423 -14.69 54.51 16.81
CA GLU E 423 -15.48 54.41 15.59
C GLU E 423 -16.21 53.07 15.51
N VAL E 424 -15.57 51.99 15.97
CA VAL E 424 -16.22 50.69 16.00
C VAL E 424 -17.44 50.73 16.90
N THR E 425 -17.31 51.37 18.07
CA THR E 425 -18.45 51.51 18.97
C THR E 425 -19.54 52.38 18.36
N ALA E 426 -19.16 53.38 17.56
CA ALA E 426 -20.14 54.30 17.00
C ALA E 426 -21.09 53.59 16.04
N ILE E 427 -20.53 52.85 15.08
CA ILE E 427 -21.38 52.20 14.08
C ILE E 427 -22.22 51.10 14.71
N GLY E 428 -21.74 50.50 15.81
CA GLY E 428 -22.55 49.52 16.51
C GLY E 428 -23.71 50.14 17.25
N ALA E 429 -23.51 51.33 17.83
CA ALA E 429 -24.59 52.02 18.52
C ALA E 429 -25.64 52.53 17.54
N VAL E 430 -25.21 52.98 16.36
CA VAL E 430 -26.17 53.44 15.35
C VAL E 430 -26.99 52.26 14.82
N GLU E 431 -26.31 51.14 14.52
CA GLU E 431 -27.01 49.94 14.10
C GLU E 431 -28.02 49.49 15.14
N ALA E 432 -27.62 49.50 16.42
CA ALA E 432 -28.53 49.12 17.49
C ALA E 432 -29.69 50.11 17.60
N ALA E 433 -29.40 51.41 17.48
CA ALA E 433 -30.45 52.41 17.51
C ALA E 433 -31.47 52.20 16.39
N PHE E 434 -30.98 51.89 15.18
CA PHE E 434 -31.89 51.61 14.07
C PHE E 434 -32.75 50.37 14.34
N LYS E 435 -32.20 49.39 15.05
CA LYS E 435 -32.92 48.14 15.28
C LYS E 435 -34.13 48.33 16.19
N CYS E 436 -34.03 49.24 17.16
CA CYS E 436 -35.07 49.42 18.16
C CYS E 436 -35.79 50.76 18.04
N CYS E 437 -35.47 51.55 17.01
CA CYS E 437 -35.91 52.94 16.91
C CYS E 437 -35.70 53.64 18.26
N ALA E 438 -34.47 53.58 18.73
CA ALA E 438 -34.12 54.18 20.02
C ALA E 438 -34.52 55.64 20.04
N ALA E 439 -35.05 56.09 21.18
CA ALA E 439 -35.40 57.49 21.33
C ALA E 439 -34.18 58.38 21.17
N ALA E 440 -33.01 57.92 21.61
CA ALA E 440 -31.80 58.71 21.50
C ALA E 440 -30.58 57.82 21.72
N ILE E 441 -29.43 58.38 21.41
CA ILE E 441 -28.13 57.79 21.73
C ILE E 441 -27.43 58.76 22.68
N ILE E 442 -27.31 58.38 23.94
CA ILE E 442 -26.68 59.23 24.95
C ILE E 442 -25.20 58.87 25.00
N VAL E 443 -24.35 59.86 24.72
CA VAL E 443 -22.91 59.64 24.64
C VAL E 443 -22.21 60.66 25.54
N LEU E 444 -21.15 60.22 26.21
CA LEU E 444 -20.29 61.10 26.99
C LEU E 444 -19.07 61.45 26.15
N THR E 445 -18.78 62.74 26.03
CA THR E 445 -17.68 63.18 25.19
C THR E 445 -17.02 64.39 25.82
N THR E 446 -15.76 64.60 25.47
CA THR E 446 -15.00 65.75 25.95
C THR E 446 -14.58 66.69 24.85
N THR E 447 -14.09 66.17 23.72
CA THR E 447 -13.81 66.98 22.54
C THR E 447 -14.91 66.89 21.50
N GLY E 448 -16.00 66.21 21.82
CA GLY E 448 -17.08 66.01 20.86
C GLY E 448 -16.82 64.95 19.81
N ARG E 449 -15.64 64.34 19.81
CA ARG E 449 -15.29 63.40 18.73
C ARG E 449 -16.17 62.17 18.74
N SER E 450 -16.59 61.70 19.92
CA SER E 450 -17.44 60.52 19.97
C SER E 450 -18.84 60.83 19.45
N ALA E 451 -19.34 62.04 19.74
CA ALA E 451 -20.64 62.43 19.21
C ALA E 451 -20.61 62.59 17.70
N GLN E 452 -19.53 63.16 17.15
CA GLN E 452 -19.48 63.35 15.70
C GLN E 452 -19.28 62.02 14.98
N LEU E 453 -18.50 61.10 15.56
CA LEU E 453 -18.33 59.80 14.92
C LEU E 453 -19.63 59.03 14.85
N LEU E 454 -20.56 59.29 15.78
CA LEU E 454 -21.91 58.76 15.64
C LEU E 454 -22.69 59.52 14.56
N SER E 455 -22.62 60.86 14.61
CA SER E 455 -23.36 61.69 13.68
C SER E 455 -23.01 61.40 12.23
N ARG E 456 -21.78 60.99 11.96
CA ARG E 456 -21.37 60.73 10.58
C ARG E 456 -22.13 59.56 9.98
N TYR E 457 -22.78 58.73 10.80
CA TYR E 457 -23.59 57.63 10.28
C TYR E 457 -25.06 58.00 10.18
N ARG E 458 -25.39 59.29 10.33
CA ARG E 458 -26.72 59.85 10.17
C ARG E 458 -27.82 59.01 10.81
N PRO E 459 -27.74 58.73 12.11
CA PRO E 459 -28.79 57.97 12.79
C PRO E 459 -30.10 58.72 12.82
N ARG E 460 -31.21 57.98 12.81
CA ARG E 460 -32.52 58.58 13.05
C ARG E 460 -32.70 58.99 14.50
N ALA E 461 -31.94 58.39 15.42
CA ALA E 461 -32.06 58.71 16.84
C ALA E 461 -31.24 59.94 17.19
N ALA E 462 -31.75 60.73 18.13
CA ALA E 462 -31.04 61.92 18.60
C ALA E 462 -29.74 61.53 19.28
N VAL E 463 -28.67 62.25 18.96
CA VAL E 463 -27.37 62.06 19.60
C VAL E 463 -27.29 63.09 20.73
N ILE E 464 -27.58 62.65 21.95
CA ILE E 464 -27.50 63.52 23.12
C ILE E 464 -26.07 63.43 23.66
N ALA E 465 -25.31 64.50 23.49
CA ALA E 465 -23.91 64.55 23.89
C ALA E 465 -23.80 65.29 25.22
N VAL E 466 -23.25 64.62 26.23
CA VAL E 466 -23.01 65.20 27.55
C VAL E 466 -21.53 65.51 27.68
N THR E 467 -21.21 66.78 27.91
CA THR E 467 -19.83 67.22 27.99
C THR E 467 -19.69 68.30 29.05
N ARG E 468 -18.47 68.42 29.58
CA ARG E 468 -18.12 69.50 30.49
C ARG E 468 -17.50 70.70 29.77
N SER E 469 -17.04 70.50 28.55
CA SER E 469 -16.39 71.57 27.78
C SER E 469 -17.46 72.46 27.17
N ALA E 470 -17.54 73.71 27.64
CA ALA E 470 -18.55 74.63 27.13
C ALA E 470 -18.32 74.95 25.66
N GLN E 471 -17.05 74.97 25.22
CA GLN E 471 -16.78 75.21 23.80
C GLN E 471 -17.18 74.00 22.96
N ALA E 472 -16.87 72.79 23.43
CA ALA E 472 -17.27 71.59 22.70
C ALA E 472 -18.78 71.51 22.57
N ALA E 473 -19.51 71.91 23.63
CA ALA E 473 -20.96 71.88 23.56
C ALA E 473 -21.50 72.89 22.55
N ARG E 474 -20.75 73.94 22.26
CA ARG E 474 -21.17 74.90 21.25
C ARG E 474 -20.76 74.46 19.85
N GLN E 475 -19.57 73.88 19.70
CA GLN E 475 -19.05 73.56 18.38
C GLN E 475 -19.65 72.31 17.77
N VAL E 476 -20.19 71.39 18.57
CA VAL E 476 -20.83 70.21 18.01
C VAL E 476 -22.17 70.51 17.34
N HIS E 477 -22.64 71.76 17.43
CA HIS E 477 -23.82 72.17 16.68
C HIS E 477 -23.61 72.07 15.18
N LEU E 478 -22.35 72.01 14.74
CA LEU E 478 -22.06 71.83 13.32
C LEU E 478 -22.40 70.42 12.84
N CYS E 479 -22.52 69.46 13.75
CA CYS E 479 -22.76 68.06 13.40
C CYS E 479 -24.24 67.74 13.54
N ARG E 480 -24.83 67.26 12.46
CA ARG E 480 -26.27 66.98 12.42
C ARG E 480 -26.63 65.92 13.45
N GLY E 481 -27.70 66.17 14.20
CA GLY E 481 -28.22 65.21 15.15
C GLY E 481 -27.62 65.25 16.53
N VAL E 482 -26.56 66.02 16.75
CA VAL E 482 -25.88 66.08 18.04
C VAL E 482 -26.58 67.14 18.89
N PHE E 483 -27.21 66.71 19.98
CA PHE E 483 -27.92 67.62 20.87
C PHE E 483 -27.05 67.87 22.10
N PRO E 484 -26.38 69.01 22.20
CA PRO E 484 -25.37 69.20 23.25
C PRO E 484 -25.99 69.44 24.61
N LEU E 485 -25.33 68.89 25.63
CA LEU E 485 -25.71 69.09 27.02
C LEU E 485 -24.49 69.58 27.79
N LEU E 486 -24.67 70.60 28.61
CA LEU E 486 -23.60 71.14 29.45
C LEU E 486 -23.74 70.56 30.86
N TYR E 487 -22.75 69.78 31.28
CA TYR E 487 -22.70 69.28 32.65
C TYR E 487 -21.84 70.20 33.49
N ARG E 488 -22.44 70.80 34.51
CA ARG E 488 -21.78 71.82 35.31
C ARG E 488 -21.27 71.30 36.65
N GLU E 489 -21.88 70.26 37.20
CA GLU E 489 -21.48 69.75 38.50
C GLU E 489 -20.04 69.24 38.47
N PRO E 490 -19.34 69.30 39.60
CA PRO E 490 -17.92 68.89 39.61
C PRO E 490 -17.78 67.39 39.76
N PRO E 491 -16.63 66.82 39.38
CA PRO E 491 -16.48 65.36 39.38
C PRO E 491 -16.70 64.75 40.75
N GLU E 492 -17.01 63.45 40.74
CA GLU E 492 -17.21 62.68 41.95
C GLU E 492 -15.91 61.99 42.36
N ALA E 493 -15.91 61.44 43.59
CA ALA E 493 -14.78 60.65 44.04
C ALA E 493 -14.64 59.38 43.21
N ILE E 494 -15.70 58.58 43.18
CA ILE E 494 -15.72 57.36 42.36
C ILE E 494 -16.04 57.74 40.93
N TRP E 495 -15.15 57.36 40.00
CA TRP E 495 -15.33 57.77 38.60
C TRP E 495 -16.57 57.14 37.99
N ALA E 496 -16.84 55.87 38.30
CA ALA E 496 -18.04 55.22 37.78
C ALA E 496 -19.31 55.94 38.23
N ASP E 497 -19.27 56.60 39.39
CA ASP E 497 -20.42 57.39 39.83
C ASP E 497 -20.53 58.68 39.04
N ASP E 498 -19.40 59.28 38.66
CA ASP E 498 -19.44 60.46 37.80
C ASP E 498 -19.97 60.11 36.41
N VAL E 499 -19.57 58.95 35.88
CA VAL E 499 -20.07 58.51 34.59
C VAL E 499 -21.58 58.31 34.65
N ASP E 500 -22.04 57.52 35.63
CA ASP E 500 -23.47 57.24 35.75
C ASP E 500 -24.28 58.50 36.01
N ARG E 501 -23.72 59.45 36.76
CA ARG E 501 -24.41 60.70 37.01
C ARG E 501 -24.58 61.51 35.73
N ARG E 502 -23.53 61.55 34.90
CA ARG E 502 -23.62 62.27 33.63
C ARG E 502 -24.62 61.61 32.70
N VAL E 503 -24.68 60.28 32.69
CA VAL E 503 -25.67 59.58 31.89
C VAL E 503 -27.07 59.90 32.38
N GLN E 504 -27.27 59.90 33.71
CA GLN E 504 -28.56 60.29 34.27
C GLN E 504 -28.88 61.75 33.95
N PHE E 505 -27.85 62.58 33.76
CA PHE E 505 -28.07 63.95 33.31
C PHE E 505 -28.66 63.99 31.90
N GLY E 506 -28.11 63.18 31.00
CA GLY E 506 -28.67 63.11 29.65
C GLY E 506 -30.09 62.58 29.65
N ILE E 507 -30.39 61.61 30.50
CA ILE E 507 -31.73 61.02 30.54
C ILE E 507 -32.76 62.06 30.97
N GLU E 508 -32.49 62.76 32.06
CA GLU E 508 -33.51 63.66 32.59
C GLU E 508 -33.59 64.97 31.81
N SER E 509 -32.51 65.39 31.16
CA SER E 509 -32.63 66.48 30.19
C SER E 509 -33.59 66.09 29.07
N GLY E 510 -33.43 64.88 28.53
CA GLY E 510 -34.29 64.43 27.45
C GLY E 510 -35.73 64.25 27.86
N LYS E 511 -35.98 63.85 29.11
CA LYS E 511 -37.35 63.72 29.58
C LYS E 511 -38.04 65.07 29.65
N LEU E 512 -37.31 66.10 30.07
CA LEU E 512 -37.89 67.43 30.22
C LEU E 512 -38.00 68.14 28.87
N ARG E 513 -36.99 67.99 28.01
CA ARG E 513 -37.02 68.58 26.68
C ARG E 513 -37.97 67.87 25.72
N GLY E 514 -38.61 66.79 26.16
CA GLY E 514 -39.55 66.09 25.31
C GLY E 514 -38.93 65.12 24.32
N PHE E 515 -37.72 64.63 24.59
CA PHE E 515 -37.08 63.69 23.68
C PHE E 515 -37.33 62.25 24.10
N LEU E 516 -37.16 61.95 25.39
CA LEU E 516 -37.30 60.61 25.92
C LEU E 516 -38.55 60.52 26.79
N ARG E 517 -39.23 59.38 26.72
CA ARG E 517 -40.38 59.08 27.56
C ARG E 517 -40.16 57.73 28.22
N VAL E 518 -40.91 57.47 29.30
CA VAL E 518 -40.86 56.17 29.96
C VAL E 518 -41.37 55.09 29.00
N GLY E 519 -40.59 54.03 28.87
CA GLY E 519 -40.86 52.96 27.92
C GLY E 519 -39.94 52.96 26.73
N ASP E 520 -39.36 54.11 26.40
CA ASP E 520 -38.42 54.18 25.28
C ASP E 520 -37.11 53.50 25.62
N LEU E 521 -36.45 52.98 24.59
CA LEU E 521 -35.11 52.43 24.71
C LEU E 521 -34.10 53.47 24.26
N VAL E 522 -32.88 53.38 24.81
CA VAL E 522 -31.81 54.32 24.52
C VAL E 522 -30.50 53.54 24.43
N ILE E 523 -29.59 54.03 23.60
CA ILE E 523 -28.24 53.49 23.48
C ILE E 523 -27.28 54.42 24.21
N VAL E 524 -26.64 53.93 25.27
CA VAL E 524 -25.73 54.73 26.07
C VAL E 524 -24.30 54.35 25.69
N VAL E 525 -23.50 55.34 25.31
CA VAL E 525 -22.14 55.13 24.80
C VAL E 525 -21.17 55.81 25.75
N THR E 526 -20.31 55.01 26.38
CA THR E 526 -19.30 55.55 27.30
C THR E 526 -17.93 54.96 27.02
N GLY E 527 -16.99 55.12 27.97
CA GLY E 527 -15.62 54.64 27.79
C GLY E 527 -15.12 53.93 29.03
N TRP E 528 -13.89 53.43 28.92
CA TRP E 528 -13.29 52.59 29.95
C TRP E 528 -12.32 53.32 30.86
N ARG E 529 -12.02 54.59 30.59
CA ARG E 529 -11.15 55.38 31.46
C ARG E 529 -11.43 56.86 31.19
N PRO E 530 -11.08 57.74 32.12
CA PRO E 530 -11.27 59.18 31.90
C PRO E 530 -10.33 59.68 30.79
N GLY E 531 -10.62 60.89 30.31
CA GLY E 531 -9.91 61.46 29.19
C GLY E 531 -10.54 61.08 27.86
N SER E 532 -10.10 61.77 26.81
CA SER E 532 -10.67 61.59 25.48
C SER E 532 -10.02 60.42 24.75
N GLY E 533 -10.80 59.79 23.89
CA GLY E 533 -10.31 58.75 23.01
C GLY E 533 -10.45 57.33 23.52
N TYR E 534 -11.28 57.08 24.54
CA TYR E 534 -11.37 55.75 25.13
C TYR E 534 -12.80 55.23 25.19
N THR E 535 -13.70 55.76 24.36
CA THR E 535 -15.05 55.20 24.28
C THR E 535 -15.00 53.82 23.65
N ASN E 536 -15.68 52.85 24.27
CA ASN E 536 -15.59 51.48 23.79
C ASN E 536 -16.75 50.60 24.26
N ILE E 537 -17.82 51.21 24.77
CA ILE E 537 -18.93 50.43 25.30
C ILE E 537 -20.25 51.10 24.94
N MET E 538 -21.23 50.29 24.53
CA MET E 538 -22.61 50.73 24.36
C MET E 538 -23.54 49.82 25.15
N ARG E 539 -24.54 50.41 25.78
CA ARG E 539 -25.54 49.68 26.54
C ARG E 539 -26.92 50.03 26.03
N VAL E 540 -27.84 49.06 26.10
CA VAL E 540 -29.24 49.25 25.74
C VAL E 540 -30.05 49.34 27.03
N LEU E 541 -30.66 50.49 27.26
CA LEU E 541 -31.40 50.76 28.49
C LEU E 541 -32.83 51.17 28.18
N SER E 542 -33.75 50.72 29.01
CA SER E 542 -35.14 51.18 28.96
C SER E 542 -35.31 52.37 29.90
N ILE E 543 -36.02 53.39 29.44
CA ILE E 543 -36.23 54.59 30.22
C ILE E 543 -37.29 54.32 31.28
N SER E 544 -36.95 54.59 32.54
CA SER E 544 -37.87 54.38 33.64
C SER E 544 -38.37 55.71 34.21
N GLN F 27 -17.15 63.58 -19.93
CA GLN F 27 -18.27 63.57 -20.86
C GLN F 27 -19.28 64.65 -20.51
N GLN F 28 -20.39 64.69 -21.24
CA GLN F 28 -21.47 65.63 -21.03
C GLN F 28 -22.62 64.94 -20.31
N GLN F 29 -23.75 65.65 -20.17
CA GLN F 29 -25.02 65.08 -19.71
C GLN F 29 -24.95 64.50 -18.30
N GLN F 30 -23.93 64.87 -17.51
CA GLN F 30 -23.71 64.29 -16.18
C GLN F 30 -23.58 62.77 -16.27
N LEU F 31 -22.97 62.29 -17.34
CA LEU F 31 -22.81 60.86 -17.56
C LEU F 31 -21.80 60.22 -16.59
N PRO F 32 -20.75 60.93 -16.15
CA PRO F 32 -19.95 60.37 -15.04
C PRO F 32 -20.78 60.06 -13.81
N ALA F 33 -21.56 61.04 -13.31
CA ALA F 33 -22.46 60.78 -12.19
C ALA F 33 -23.54 59.76 -12.55
N ALA F 34 -23.79 59.55 -13.84
CA ALA F 34 -24.78 58.56 -14.25
C ALA F 34 -24.26 57.14 -14.06
N MET F 35 -22.96 56.93 -14.29
CA MET F 35 -22.35 55.62 -14.13
C MET F 35 -21.98 55.31 -12.69
N ALA F 36 -22.44 56.10 -11.73
CA ALA F 36 -22.10 55.89 -10.33
C ALA F 36 -22.84 54.68 -9.78
N ASP F 37 -22.17 53.96 -8.88
CA ASP F 37 -22.73 52.73 -8.32
C ASP F 37 -23.70 53.00 -7.18
N THR F 38 -23.65 54.17 -6.56
CA THR F 38 -24.54 54.51 -5.46
C THR F 38 -25.07 55.93 -5.67
N PHE F 39 -26.16 56.24 -4.95
CA PHE F 39 -26.68 57.60 -5.02
C PHE F 39 -25.71 58.58 -4.40
N LEU F 40 -25.04 58.19 -3.31
CA LEU F 40 -24.09 59.09 -2.65
C LEU F 40 -22.97 59.47 -3.60
N GLU F 41 -22.36 58.50 -4.27
CA GLU F 41 -21.32 58.81 -5.25
C GLU F 41 -21.90 59.60 -6.42
N HIS F 42 -23.14 59.30 -6.80
CA HIS F 42 -23.79 60.06 -7.87
C HIS F 42 -23.81 61.55 -7.55
N LEU F 43 -24.20 61.89 -6.32
CA LEU F 43 -24.16 63.29 -5.88
C LEU F 43 -22.75 63.85 -5.99
N CYS F 44 -21.75 63.13 -5.46
CA CYS F 44 -20.39 63.64 -5.41
C CYS F 44 -19.80 63.86 -6.80
N LEU F 45 -20.27 63.12 -7.80
CA LEU F 45 -19.74 63.23 -9.15
C LEU F 45 -20.48 64.25 -10.01
N LEU F 46 -21.47 64.95 -9.45
CA LEU F 46 -22.15 65.99 -10.22
C LEU F 46 -21.18 67.10 -10.57
N ASP F 47 -21.26 67.57 -11.81
CA ASP F 47 -20.23 68.42 -12.40
C ASP F 47 -20.87 69.64 -13.05
N ILE F 48 -20.58 70.82 -12.51
CA ILE F 48 -21.07 72.07 -13.08
C ILE F 48 -20.51 72.32 -14.46
N ASP F 49 -19.39 71.68 -14.81
CA ASP F 49 -18.76 71.84 -16.12
C ASP F 49 -19.33 70.91 -17.17
N SER F 50 -20.09 69.89 -16.79
CA SER F 50 -20.72 68.98 -17.73
C SER F 50 -21.98 69.65 -18.29
N GLU F 51 -22.04 69.82 -19.60
CA GLU F 51 -23.15 70.63 -20.06
C GLU F 51 -24.29 69.78 -20.58
N PRO F 52 -25.53 70.20 -20.35
CA PRO F 52 -26.68 69.45 -20.87
C PRO F 52 -26.75 69.53 -22.38
N VAL F 53 -26.85 68.38 -23.03
CA VAL F 53 -27.01 68.33 -24.47
C VAL F 53 -28.42 67.93 -24.89
N ALA F 54 -29.11 67.12 -24.10
CA ALA F 54 -30.47 66.71 -24.46
C ALA F 54 -31.41 67.92 -24.42
N ALA F 55 -32.46 67.84 -25.23
CA ALA F 55 -33.50 68.85 -25.19
C ALA F 55 -34.27 68.76 -23.88
N ARG F 56 -34.81 69.90 -23.44
CA ARG F 56 -35.54 69.92 -22.18
C ARG F 56 -36.80 69.07 -22.28
N SER F 57 -36.95 68.14 -21.34
CA SER F 57 -38.02 67.15 -21.40
C SER F 57 -39.20 67.49 -20.49
N THR F 58 -39.02 68.32 -19.48
CA THR F 58 -40.10 68.69 -18.58
C THR F 58 -40.85 69.88 -19.17
N SER F 59 -42.14 69.69 -19.43
CA SER F 59 -42.93 70.74 -20.06
C SER F 59 -43.13 71.92 -19.11
N ILE F 60 -43.40 73.08 -19.71
CA ILE F 60 -43.61 74.32 -18.98
C ILE F 60 -45.04 74.78 -19.23
N ILE F 61 -45.80 74.96 -18.16
CA ILE F 61 -47.13 75.54 -18.22
C ILE F 61 -47.02 76.99 -17.80
N ALA F 62 -47.54 77.90 -18.64
CA ALA F 62 -47.54 79.32 -18.35
C ALA F 62 -48.97 79.82 -18.30
N THR F 63 -49.33 80.47 -17.19
CA THR F 63 -50.66 81.03 -17.02
C THR F 63 -50.79 82.31 -17.84
N ILE F 64 -51.89 82.43 -18.57
CA ILE F 64 -52.13 83.59 -19.43
C ILE F 64 -52.78 84.69 -18.61
N GLY F 65 -52.33 85.92 -18.83
CA GLY F 65 -52.88 87.08 -18.16
C GLY F 65 -52.39 88.36 -18.82
N PRO F 66 -52.62 89.49 -18.15
CA PRO F 66 -52.29 90.80 -18.76
C PRO F 66 -50.84 90.93 -19.20
N ALA F 67 -49.91 90.19 -18.60
CA ALA F 67 -48.51 90.28 -18.98
C ALA F 67 -48.14 89.35 -20.13
N SER F 68 -49.06 88.49 -20.57
CA SER F 68 -48.69 87.45 -21.53
C SER F 68 -49.82 87.15 -22.50
N ARG F 69 -50.61 88.16 -22.87
CA ARG F 69 -51.80 87.95 -23.66
C ARG F 69 -51.69 88.40 -25.11
N SER F 70 -50.75 89.28 -25.42
CA SER F 70 -50.59 89.75 -26.78
C SER F 70 -49.94 88.68 -27.65
N VAL F 71 -50.20 88.77 -28.95
CA VAL F 71 -49.62 87.82 -29.90
C VAL F 71 -48.10 87.93 -29.90
N GLU F 72 -47.58 89.16 -29.80
CA GLU F 72 -46.13 89.35 -29.77
C GLU F 72 -45.52 88.74 -28.52
N ARG F 73 -46.18 88.88 -27.38
CA ARG F 73 -45.66 88.31 -26.14
C ARG F 73 -45.73 86.79 -26.16
N LEU F 74 -46.85 86.23 -26.62
CA LEU F 74 -46.99 84.78 -26.67
C LEU F 74 -46.02 84.15 -27.65
N LYS F 75 -45.69 84.87 -28.73
CA LYS F 75 -44.69 84.36 -29.67
C LYS F 75 -43.33 84.23 -29.01
N GLU F 76 -42.95 85.22 -28.18
CA GLU F 76 -41.69 85.14 -27.47
C GLU F 76 -41.71 84.01 -26.44
N MET F 77 -42.84 83.82 -25.76
CA MET F 77 -42.92 82.77 -24.75
C MET F 77 -42.89 81.38 -25.38
N ILE F 78 -43.45 81.23 -26.58
CA ILE F 78 -43.31 79.97 -27.30
C ILE F 78 -41.85 79.71 -27.61
N LYS F 79 -41.14 80.73 -28.09
CA LYS F 79 -39.70 80.58 -28.37
C LYS F 79 -38.91 80.30 -27.10
N ALA F 80 -39.34 80.86 -25.97
CA ALA F 80 -38.63 80.64 -24.72
C ALA F 80 -38.88 79.24 -24.15
N GLY F 81 -39.96 78.57 -24.55
CA GLY F 81 -40.16 77.19 -24.14
C GLY F 81 -41.54 76.81 -23.62
N MET F 82 -42.52 77.72 -23.67
CA MET F 82 -43.87 77.39 -23.20
C MET F 82 -44.47 76.28 -24.04
N ASN F 83 -44.94 75.22 -23.37
CA ASN F 83 -45.60 74.11 -24.03
C ASN F 83 -47.10 74.05 -23.78
N ILE F 84 -47.55 74.57 -22.65
CA ILE F 84 -48.97 74.53 -22.27
C ILE F 84 -49.36 75.92 -21.78
N ALA F 85 -50.45 76.45 -22.33
CA ALA F 85 -51.00 77.73 -21.89
C ALA F 85 -52.18 77.45 -20.97
N ARG F 86 -52.12 77.99 -19.75
CA ARG F 86 -53.15 77.78 -18.75
C ARG F 86 -54.06 79.00 -18.68
N LEU F 87 -55.36 78.77 -18.80
CA LEU F 87 -56.37 79.81 -18.63
C LEU F 87 -56.98 79.66 -17.24
N ASN F 88 -56.79 80.66 -16.40
CA ASN F 88 -57.27 80.64 -15.02
C ASN F 88 -58.70 81.18 -15.01
N PHE F 89 -59.68 80.28 -15.00
CA PHE F 89 -61.07 80.66 -14.99
C PHE F 89 -61.57 81.13 -13.63
N SER F 90 -60.67 81.33 -12.66
CA SER F 90 -61.06 81.96 -11.41
C SER F 90 -61.37 83.44 -11.60
N HIS F 91 -60.91 84.03 -12.71
CA HIS F 91 -61.17 85.42 -13.03
C HIS F 91 -61.31 85.57 -14.54
N GLY F 92 -62.12 86.52 -14.95
CA GLY F 92 -62.25 86.83 -16.36
C GLY F 92 -63.52 86.25 -16.97
N SER F 93 -64.07 86.99 -17.93
CA SER F 93 -65.29 86.58 -18.60
C SER F 93 -64.98 85.55 -19.69
N HIS F 94 -66.04 84.87 -20.16
CA HIS F 94 -65.90 83.98 -21.30
C HIS F 94 -65.33 84.71 -22.51
N GLU F 95 -65.81 85.92 -22.77
CA GLU F 95 -65.26 86.74 -23.85
C GLU F 95 -63.78 86.99 -23.64
N TYR F 96 -63.36 87.23 -22.40
CA TYR F 96 -61.95 87.46 -22.12
C TYR F 96 -61.11 86.22 -22.43
N HIS F 97 -61.64 85.03 -22.11
CA HIS F 97 -60.85 83.82 -22.31
C HIS F 97 -60.91 83.34 -23.75
N ALA F 98 -61.98 83.66 -24.48
CA ALA F 98 -62.00 83.35 -25.91
C ALA F 98 -60.92 84.13 -26.64
N GLU F 99 -60.69 85.39 -26.25
CA GLU F 99 -59.66 86.19 -26.89
C GLU F 99 -58.26 85.67 -26.54
N SER F 100 -58.05 85.26 -25.29
CA SER F 100 -56.77 84.67 -24.90
C SER F 100 -56.47 83.42 -25.72
N ILE F 101 -57.44 82.51 -25.80
CA ILE F 101 -57.30 81.31 -26.63
C ILE F 101 -56.93 81.70 -28.05
N ALA F 102 -57.66 82.66 -28.62
CA ALA F 102 -57.44 83.07 -30.00
C ALA F 102 -56.04 83.64 -30.19
N ASN F 103 -55.57 84.43 -29.21
CA ASN F 103 -54.23 84.99 -29.31
C ASN F 103 -53.17 83.89 -29.24
N VAL F 104 -53.38 82.88 -28.40
CA VAL F 104 -52.44 81.76 -28.31
C VAL F 104 -52.39 81.02 -29.65
N ARG F 105 -53.55 80.72 -30.22
CA ARG F 105 -53.60 79.99 -31.48
C ARG F 105 -52.93 80.77 -32.60
N GLU F 106 -53.10 82.09 -32.60
CA GLU F 106 -52.45 82.91 -33.63
C GLU F 106 -50.94 82.95 -33.45
N ALA F 107 -50.48 83.02 -32.20
CA ALA F 107 -49.04 82.96 -31.94
C ALA F 107 -48.47 81.62 -32.37
N VAL F 108 -49.20 80.53 -32.11
CA VAL F 108 -48.76 79.20 -32.55
C VAL F 108 -48.72 79.14 -34.08
N GLU F 109 -49.75 79.68 -34.73
CA GLU F 109 -49.84 79.62 -36.19
C GLU F 109 -48.72 80.42 -36.85
N SER F 110 -48.23 81.46 -36.18
CA SER F 110 -47.12 82.27 -36.68
C SER F 110 -45.88 81.46 -37.02
N PHE F 111 -45.77 80.22 -36.52
CA PHE F 111 -44.62 79.37 -36.78
C PHE F 111 -44.94 78.20 -37.71
N ALA F 112 -46.19 78.07 -38.15
CA ALA F 112 -46.59 76.93 -38.96
C ALA F 112 -45.91 76.90 -40.32
N GLY F 113 -45.28 77.98 -40.74
CA GLY F 113 -44.66 78.05 -42.06
C GLY F 113 -43.55 77.06 -42.29
N SER F 114 -42.84 76.64 -41.24
CA SER F 114 -41.77 75.65 -41.36
C SER F 114 -42.16 74.38 -40.62
N PRO F 115 -42.78 73.40 -41.31
CA PRO F 115 -43.34 72.23 -40.61
C PRO F 115 -42.33 71.43 -39.83
N LEU F 116 -41.06 71.41 -40.25
CA LEU F 116 -40.05 70.67 -39.51
C LEU F 116 -39.68 71.35 -38.19
N SER F 117 -39.99 72.65 -38.05
CA SER F 117 -39.62 73.42 -36.85
C SER F 117 -40.83 74.23 -36.39
N TYR F 118 -41.85 73.53 -35.90
CA TYR F 118 -43.08 74.15 -35.44
C TYR F 118 -43.50 73.50 -34.13
N ARG F 119 -43.92 74.32 -33.17
CA ARG F 119 -44.17 73.83 -31.82
C ARG F 119 -45.65 73.90 -31.48
N PRO F 120 -46.33 72.76 -31.34
CA PRO F 120 -47.70 72.79 -30.80
C PRO F 120 -47.69 73.29 -29.36
N VAL F 121 -48.76 73.97 -28.99
CA VAL F 121 -48.96 74.43 -27.61
C VAL F 121 -50.35 73.98 -27.18
N ALA F 122 -50.42 73.29 -26.06
CA ALA F 122 -51.69 72.84 -25.53
C ALA F 122 -52.35 73.97 -24.74
N ILE F 123 -53.68 73.94 -24.73
CA ILE F 123 -54.47 74.94 -24.02
C ILE F 123 -55.21 74.22 -22.89
N ALA F 124 -54.95 74.66 -21.66
CA ALA F 124 -55.52 74.05 -20.48
C ALA F 124 -56.47 75.02 -19.78
N LEU F 125 -57.61 74.51 -19.36
CA LEU F 125 -58.61 75.30 -18.65
C LEU F 125 -58.55 74.94 -17.16
N ASP F 126 -58.20 75.91 -16.34
CA ASP F 126 -58.13 75.74 -14.88
C ASP F 126 -59.45 76.27 -14.30
N THR F 127 -60.25 75.36 -13.74
CA THR F 127 -61.59 75.74 -13.30
C THR F 127 -61.54 76.60 -12.04
N LYS F 128 -62.62 77.35 -11.81
CA LYS F 128 -62.76 78.10 -10.57
C LYS F 128 -62.98 77.17 -9.39
N GLY F 129 -63.83 76.16 -9.56
CA GLY F 129 -64.04 75.15 -8.55
C GLY F 129 -65.06 75.56 -7.50
N PRO F 130 -65.52 74.58 -6.71
CA PRO F 130 -66.37 74.92 -5.57
C PRO F 130 -65.65 75.84 -4.60
N GLU F 131 -66.37 76.85 -4.13
CA GLU F 131 -65.80 77.89 -3.28
C GLU F 131 -66.59 78.00 -1.99
N ILE F 132 -65.96 78.63 -0.99
CA ILE F 132 -66.62 79.08 0.23
C ILE F 132 -66.12 80.50 0.49
N ARG F 133 -67.04 81.45 0.58
CA ARG F 133 -66.69 82.85 0.76
C ARG F 133 -67.50 83.46 1.88
N THR F 134 -66.95 84.52 2.46
CA THR F 134 -67.62 85.25 3.54
C THR F 134 -68.73 86.12 2.94
N GLY F 135 -69.37 86.93 3.80
CA GLY F 135 -70.47 87.75 3.37
C GLY F 135 -70.03 89.15 2.96
N ILE F 136 -71.02 89.92 2.49
CA ILE F 136 -70.78 91.29 2.05
C ILE F 136 -70.80 92.21 3.25
N LEU F 137 -69.70 92.94 3.45
CA LEU F 137 -69.65 93.99 4.48
C LEU F 137 -70.52 95.15 4.03
N GLN F 138 -71.74 95.23 4.55
CA GLN F 138 -72.63 96.26 4.05
C GLN F 138 -72.13 97.65 4.43
N GLY F 139 -72.18 98.56 3.46
CA GLY F 139 -71.46 99.80 3.51
C GLY F 139 -70.77 100.03 2.18
N GLY F 140 -71.29 99.37 1.15
CA GLY F 140 -70.79 99.52 -0.19
C GLY F 140 -69.51 98.74 -0.44
N PRO F 141 -68.93 98.90 -1.63
CA PRO F 141 -67.64 98.28 -1.93
C PRO F 141 -66.51 99.00 -1.19
N GLU F 142 -65.34 98.38 -1.24
CA GLU F 142 -64.11 98.85 -0.58
C GLU F 142 -64.33 99.19 0.91
N SER F 143 -65.43 98.71 1.49
CA SER F 143 -65.60 98.76 2.94
C SER F 143 -64.89 97.55 3.55
N GLU F 144 -64.14 97.79 4.62
CA GLU F 144 -63.36 96.73 5.24
C GLU F 144 -63.35 96.90 6.75
N VAL F 145 -62.88 95.86 7.43
CA VAL F 145 -62.95 95.75 8.88
C VAL F 145 -61.75 94.92 9.35
N GLU F 146 -61.20 95.28 10.50
CA GLU F 146 -60.02 94.62 11.05
C GLU F 146 -60.42 93.62 12.14
N LEU F 147 -59.94 92.39 11.99
CA LEU F 147 -60.15 91.34 13.00
C LEU F 147 -58.90 91.28 13.87
N VAL F 148 -58.94 91.95 15.02
CA VAL F 148 -57.76 92.05 15.86
C VAL F 148 -57.43 90.69 16.48
N LYS F 149 -56.13 90.42 16.65
CA LYS F 149 -55.69 89.15 17.20
C LYS F 149 -56.18 88.98 18.63
N GLY F 150 -56.47 87.72 19.00
CA GLY F 150 -56.98 87.41 20.33
C GLY F 150 -58.44 87.72 20.54
N SER F 151 -59.09 88.38 19.60
CA SER F 151 -60.48 88.76 19.73
C SER F 151 -61.37 87.53 19.75
N GLN F 152 -62.68 87.75 19.87
CA GLN F 152 -63.69 86.72 19.72
C GLN F 152 -64.58 87.10 18.56
N VAL F 153 -64.65 86.23 17.55
CA VAL F 153 -65.43 86.45 16.35
C VAL F 153 -66.31 85.23 16.11
N LEU F 154 -67.55 85.46 15.72
CA LEU F 154 -68.52 84.40 15.49
C LEU F 154 -68.64 84.12 14.00
N VAL F 155 -68.58 82.84 13.63
CA VAL F 155 -68.83 82.39 12.28
C VAL F 155 -70.22 81.79 12.24
N THR F 156 -71.14 82.44 11.52
CA THR F 156 -72.54 82.06 11.53
C THR F 156 -73.01 81.74 10.12
N VAL F 157 -73.94 80.79 10.03
CA VAL F 157 -74.64 80.48 8.79
C VAL F 157 -76.12 80.84 8.89
N ASP F 158 -76.47 81.73 9.82
CA ASP F 158 -77.83 82.22 9.94
C ASP F 158 -78.13 83.11 8.74
N PRO F 159 -79.15 82.78 7.93
CA PRO F 159 -79.48 83.65 6.78
C PRO F 159 -79.69 85.10 7.17
N ALA F 160 -80.21 85.36 8.36
CA ALA F 160 -80.46 86.72 8.81
C ALA F 160 -79.20 87.54 9.00
N PHE F 161 -78.03 86.90 9.04
CA PHE F 161 -76.77 87.61 9.25
C PHE F 161 -75.96 87.76 7.96
N ARG F 162 -76.52 87.37 6.82
CA ARG F 162 -75.80 87.41 5.55
C ARG F 162 -75.18 88.78 5.28
N THR F 163 -75.84 89.84 5.71
CA THR F 163 -75.38 91.20 5.48
C THR F 163 -74.74 91.84 6.70
N ARG F 164 -74.64 91.11 7.82
CA ARG F 164 -74.33 91.70 9.12
C ARG F 164 -72.88 91.52 9.54
N GLY F 165 -71.97 91.26 8.60
CA GLY F 165 -70.59 91.00 8.97
C GLY F 165 -69.94 92.22 9.62
N ASN F 166 -69.14 91.96 10.65
CA ASN F 166 -68.49 93.03 11.40
C ASN F 166 -67.19 92.49 11.98
N ALA F 167 -66.62 93.26 12.92
CA ALA F 167 -65.34 92.91 13.53
C ALA F 167 -65.42 91.69 14.45
N ASN F 168 -66.62 91.24 14.81
CA ASN F 168 -66.79 90.07 15.65
C ASN F 168 -67.80 89.08 15.09
N THR F 169 -68.15 89.23 13.81
CA THR F 169 -69.14 88.34 13.19
C THR F 169 -68.77 88.14 11.73
N VAL F 170 -68.62 86.88 11.33
CA VAL F 170 -68.34 86.52 9.94
C VAL F 170 -69.43 85.57 9.48
N TRP F 171 -70.12 85.95 8.41
CA TRP F 171 -71.08 85.08 7.75
C TRP F 171 -70.41 84.32 6.61
N VAL F 172 -70.96 83.16 6.26
CA VAL F 172 -70.34 82.27 5.29
C VAL F 172 -71.43 81.58 4.48
N ASP F 173 -71.18 81.41 3.17
CA ASP F 173 -72.15 80.84 2.24
C ASP F 173 -72.20 79.31 2.27
N TYR F 174 -71.61 78.67 3.28
CA TYR F 174 -71.51 77.21 3.35
C TYR F 174 -72.15 76.72 4.64
N PRO F 175 -73.45 76.36 4.61
CA PRO F 175 -74.15 76.02 5.85
C PRO F 175 -73.49 74.95 6.70
N ASN F 176 -72.92 73.91 6.08
CA ASN F 176 -72.39 72.78 6.83
C ASN F 176 -71.07 73.08 7.54
N ILE F 177 -70.57 74.31 7.49
CA ILE F 177 -69.32 74.62 8.17
C ILE F 177 -69.44 74.39 9.67
N VAL F 178 -70.63 74.61 10.23
CA VAL F 178 -70.84 74.44 11.67
C VAL F 178 -70.85 72.99 12.12
N ARG F 179 -70.89 72.04 11.18
CA ARG F 179 -70.90 70.62 11.50
C ARG F 179 -69.62 69.92 11.06
N VAL F 180 -68.56 70.68 10.78
CA VAL F 180 -67.44 70.14 10.02
C VAL F 180 -66.11 70.67 10.55
N VAL F 181 -66.16 71.74 11.34
CA VAL F 181 -64.98 72.26 12.02
C VAL F 181 -65.14 71.98 13.51
N PRO F 182 -64.34 71.09 14.09
CA PRO F 182 -64.48 70.79 15.53
C PRO F 182 -63.79 71.83 16.38
N VAL F 183 -63.98 71.70 17.70
CA VAL F 183 -63.25 72.55 18.64
C VAL F 183 -61.76 72.35 18.44
N GLY F 184 -61.03 73.44 18.29
CA GLY F 184 -59.63 73.41 17.97
C GLY F 184 -59.32 73.58 16.49
N GLY F 185 -60.25 73.18 15.62
CA GLY F 185 -60.05 73.33 14.21
C GLY F 185 -59.86 74.77 13.79
N ARG F 186 -59.24 74.95 12.63
CA ARG F 186 -58.90 76.27 12.13
C ARG F 186 -59.80 76.68 10.97
N ILE F 187 -59.91 77.99 10.78
CA ILE F 187 -60.67 78.58 9.69
C ILE F 187 -59.81 79.67 9.07
N TYR F 188 -59.49 79.52 7.79
CA TYR F 188 -58.65 80.47 7.07
C TYR F 188 -59.53 81.39 6.22
N ILE F 189 -59.21 82.68 6.24
CA ILE F 189 -59.95 83.68 5.50
C ILE F 189 -58.96 84.54 4.72
N ASP F 190 -59.31 84.87 3.47
CA ASP F 190 -58.53 85.75 2.60
C ASP F 190 -57.13 85.17 2.38
N ASP F 191 -57.11 84.11 1.57
CA ASP F 191 -55.87 83.43 1.18
C ASP F 191 -54.99 83.12 2.39
N GLY F 192 -55.62 82.67 3.47
CA GLY F 192 -54.89 82.24 4.64
C GLY F 192 -54.26 83.34 5.48
N LEU F 193 -54.60 84.61 5.21
CA LEU F 193 -54.01 85.69 6.00
C LEU F 193 -54.63 85.77 7.39
N ILE F 194 -55.92 85.51 7.50
CA ILE F 194 -56.63 85.53 8.78
C ILE F 194 -56.85 84.10 9.25
N SER F 195 -56.62 83.87 10.55
CA SER F 195 -56.66 82.54 11.14
C SER F 195 -57.60 82.56 12.33
N LEU F 196 -58.59 81.67 12.32
CA LEU F 196 -59.55 81.53 13.42
C LEU F 196 -59.49 80.12 13.97
N VAL F 197 -59.44 80.00 15.29
CA VAL F 197 -59.47 78.71 15.97
C VAL F 197 -60.79 78.59 16.73
N VAL F 198 -61.49 77.48 16.51
CA VAL F 198 -62.84 77.31 17.04
C VAL F 198 -62.77 77.00 18.53
N GLN F 199 -63.39 77.86 19.35
CA GLN F 199 -63.41 77.67 20.79
C GLN F 199 -64.58 76.81 21.25
N LYS F 200 -65.76 76.99 20.65
CA LYS F 200 -66.96 76.28 21.10
C LYS F 200 -67.99 76.29 19.99
N ILE F 201 -68.77 75.22 19.90
CA ILE F 201 -69.85 75.09 18.92
C ILE F 201 -71.17 75.24 19.66
N GLY F 202 -71.90 76.30 19.34
CA GLY F 202 -73.22 76.51 19.87
C GLY F 202 -74.24 76.66 18.77
N PRO F 203 -75.51 76.79 19.12
CA PRO F 203 -76.54 76.99 18.09
C PRO F 203 -76.33 78.23 17.26
N GLU F 204 -75.71 79.27 17.84
CA GLU F 204 -75.41 80.48 17.09
C GLU F 204 -74.37 80.24 16.00
N GLY F 205 -73.56 79.20 16.14
CA GLY F 205 -72.52 78.91 15.16
C GLY F 205 -71.20 78.54 15.80
N LEU F 206 -70.10 78.93 15.17
CA LEU F 206 -68.76 78.64 15.67
C LEU F 206 -68.21 79.88 16.36
N VAL F 207 -67.98 79.78 17.67
CA VAL F 207 -67.34 80.84 18.42
C VAL F 207 -65.84 80.64 18.33
N THR F 208 -65.14 81.62 17.75
CA THR F 208 -63.72 81.46 17.45
C THR F 208 -62.92 82.62 18.03
N GLN F 209 -61.64 82.36 18.28
CA GLN F 209 -60.67 83.36 18.69
C GLN F 209 -59.68 83.59 17.56
N VAL F 210 -59.43 84.85 17.23
CA VAL F 210 -58.58 85.21 16.10
C VAL F 210 -57.14 84.81 16.44
N GLU F 211 -56.61 83.82 15.71
CA GLU F 211 -55.23 83.39 15.94
C GLU F 211 -54.24 84.40 15.38
N ASN F 212 -54.39 84.76 14.10
CA ASN F 212 -53.63 85.85 13.50
C ASN F 212 -54.61 86.76 12.78
N GLY F 213 -54.51 88.06 13.07
CA GLY F 213 -55.48 89.02 12.59
C GLY F 213 -55.08 89.71 11.31
N GLY F 214 -56.07 90.35 10.68
CA GLY F 214 -55.84 91.12 9.48
C GLY F 214 -57.11 91.85 9.10
N VAL F 215 -56.94 92.90 8.31
CA VAL F 215 -58.09 93.68 7.86
C VAL F 215 -58.84 92.87 6.82
N LEU F 216 -60.11 92.58 7.09
CA LEU F 216 -60.93 91.70 6.28
C LEU F 216 -61.81 92.54 5.35
N GLY F 217 -61.79 92.20 4.07
CA GLY F 217 -62.70 92.78 3.11
C GLY F 217 -64.00 92.00 3.04
N SER F 218 -64.70 92.16 1.92
CA SER F 218 -65.96 91.46 1.68
C SER F 218 -65.74 90.27 0.76
N ARG F 219 -66.42 89.15 1.08
CA ARG F 219 -66.47 87.98 0.21
C ARG F 219 -65.08 87.43 -0.10
N LYS F 220 -64.25 87.30 0.93
CA LYS F 220 -62.95 86.66 0.78
C LYS F 220 -63.08 85.15 0.95
N GLY F 221 -62.08 84.42 0.46
CA GLY F 221 -62.17 82.98 0.39
C GLY F 221 -61.91 82.29 1.71
N VAL F 222 -62.58 81.16 1.91
CA VAL F 222 -62.54 80.42 3.17
C VAL F 222 -61.96 79.03 2.92
N ASN F 223 -60.87 78.72 3.60
CA ASN F 223 -60.29 77.38 3.60
C ASN F 223 -60.56 76.73 4.95
N LEU F 224 -60.90 75.43 4.92
CA LEU F 224 -61.21 74.66 6.13
C LEU F 224 -60.21 73.53 6.24
N PRO F 225 -59.00 73.81 6.74
CA PRO F 225 -57.94 72.81 6.77
C PRO F 225 -58.35 71.56 7.55
N GLY F 226 -58.18 70.40 6.91
CA GLY F 226 -58.53 69.12 7.51
C GLY F 226 -60.01 68.78 7.45
N ALA F 227 -60.86 69.72 7.08
CA ALA F 227 -62.30 69.48 7.11
C ALA F 227 -62.75 68.66 5.90
N GLN F 228 -63.78 67.84 6.12
CA GLN F 228 -64.41 67.07 5.06
C GLN F 228 -65.49 67.94 4.42
N VAL F 229 -65.08 68.71 3.41
CA VAL F 229 -66.00 69.62 2.74
C VAL F 229 -66.84 68.84 1.74
N ASP F 230 -68.16 69.04 1.80
CA ASP F 230 -69.10 68.24 1.02
C ASP F 230 -69.73 69.04 -0.12
N LEU F 231 -69.07 70.09 -0.58
CA LEU F 231 -69.50 70.79 -1.79
C LEU F 231 -69.49 69.83 -2.98
N PRO F 232 -70.33 70.06 -3.99
CA PRO F 232 -70.36 69.14 -5.14
C PRO F 232 -69.07 69.20 -5.94
N GLY F 233 -68.93 68.24 -6.85
CA GLY F 233 -67.72 68.16 -7.65
C GLY F 233 -67.49 69.41 -8.48
N LEU F 234 -68.56 69.99 -9.03
CA LEU F 234 -68.49 71.18 -9.86
C LEU F 234 -69.47 72.22 -9.35
N SER F 235 -69.05 73.48 -9.39
CA SER F 235 -70.02 74.55 -9.22
C SER F 235 -70.84 74.71 -10.49
N GLU F 236 -71.95 75.44 -10.37
CA GLU F 236 -72.77 75.70 -11.55
C GLU F 236 -72.00 76.50 -12.59
N GLN F 237 -71.10 77.39 -12.14
CA GLN F 237 -70.26 78.12 -13.07
C GLN F 237 -69.25 77.21 -13.74
N ASP F 238 -68.74 76.21 -13.00
CA ASP F 238 -67.83 75.23 -13.60
C ASP F 238 -68.48 74.54 -14.79
N VAL F 239 -69.76 74.18 -14.68
CA VAL F 239 -70.44 73.47 -15.77
C VAL F 239 -70.45 74.32 -17.02
N ARG F 240 -70.84 75.60 -16.88
CA ARG F 240 -70.84 76.50 -18.04
C ARG F 240 -69.44 76.73 -18.56
N ASP F 241 -68.46 76.84 -17.66
CA ASP F 241 -67.08 77.06 -18.09
C ASP F 241 -66.53 75.86 -18.84
N LEU F 242 -66.89 74.64 -18.41
CA LEU F 242 -66.43 73.45 -19.11
C LEU F 242 -67.12 73.31 -20.47
N ARG F 243 -68.39 73.72 -20.57
CA ARG F 243 -69.05 73.72 -21.88
C ARG F 243 -68.38 74.72 -22.82
N PHE F 244 -68.07 75.91 -22.32
CA PHE F 244 -67.28 76.88 -23.08
C PHE F 244 -65.97 76.25 -23.56
N GLY F 245 -65.27 75.56 -22.67
CA GLY F 245 -63.98 74.98 -23.03
C GLY F 245 -64.08 73.95 -24.13
N VAL F 246 -65.16 73.17 -24.15
CA VAL F 246 -65.36 72.21 -25.24
C VAL F 246 -65.53 72.92 -26.57
N GLU F 247 -66.41 73.94 -26.59
CA GLU F 247 -66.66 74.67 -27.83
C GLU F 247 -65.44 75.45 -28.31
N HIS F 248 -64.51 75.77 -27.41
CA HIS F 248 -63.31 76.51 -27.79
C HIS F 248 -62.07 75.63 -27.87
N GLY F 249 -62.26 74.31 -27.84
CA GLY F 249 -61.20 73.36 -28.16
C GLY F 249 -60.03 73.31 -27.22
N VAL F 250 -60.28 73.38 -25.91
CA VAL F 250 -59.19 73.19 -24.96
C VAL F 250 -58.78 71.72 -24.97
N ASP F 251 -57.51 71.48 -24.65
CA ASP F 251 -56.96 70.13 -24.64
C ASP F 251 -56.98 69.48 -23.26
N ILE F 252 -56.95 70.30 -22.21
CA ILE F 252 -56.71 69.83 -20.85
C ILE F 252 -57.62 70.61 -19.91
N VAL F 253 -58.14 69.93 -18.89
CA VAL F 253 -58.86 70.56 -17.79
C VAL F 253 -58.07 70.32 -16.50
N PHE F 254 -57.65 71.41 -15.84
CA PHE F 254 -57.15 71.33 -14.47
C PHE F 254 -58.35 71.49 -13.55
N ALA F 255 -58.82 70.37 -13.00
CA ALA F 255 -60.06 70.36 -12.21
C ALA F 255 -59.77 70.72 -10.76
N SER F 256 -60.38 71.81 -10.29
CA SER F 256 -60.08 72.33 -8.96
C SER F 256 -60.71 71.49 -7.86
N PHE F 257 -60.05 71.49 -6.70
CA PHE F 257 -60.63 71.00 -5.44
C PHE F 257 -61.16 69.58 -5.55
N VAL F 258 -60.39 68.70 -6.17
CA VAL F 258 -60.80 67.30 -6.33
C VAL F 258 -60.51 66.57 -5.03
N ARG F 259 -61.54 65.96 -4.46
CA ARG F 259 -61.43 65.28 -3.18
C ARG F 259 -61.70 63.78 -3.24
N LYS F 260 -62.24 63.28 -4.34
CA LYS F 260 -62.69 61.89 -4.44
C LYS F 260 -62.98 61.60 -5.90
N ALA F 261 -63.18 60.31 -6.19
CA ALA F 261 -63.37 59.87 -7.57
C ALA F 261 -64.64 60.45 -8.17
N SER F 262 -65.68 60.70 -7.36
CA SER F 262 -66.92 61.22 -7.89
C SER F 262 -66.76 62.63 -8.44
N ASP F 263 -65.85 63.41 -7.87
CA ASP F 263 -65.57 64.75 -8.40
C ASP F 263 -65.09 64.67 -9.84
N VAL F 264 -64.21 63.72 -10.14
CA VAL F 264 -63.70 63.55 -11.49
C VAL F 264 -64.82 63.11 -12.43
N ALA F 265 -65.64 62.15 -11.98
CA ALA F 265 -66.78 61.72 -12.79
C ALA F 265 -67.70 62.89 -13.10
N ALA F 266 -67.85 63.82 -12.15
CA ALA F 266 -68.65 65.01 -12.41
C ALA F 266 -68.02 65.88 -13.50
N VAL F 267 -66.70 66.05 -13.46
CA VAL F 267 -66.03 66.81 -14.51
C VAL F 267 -66.19 66.13 -15.86
N ARG F 268 -66.04 64.79 -15.89
CA ARG F 268 -66.13 64.05 -17.14
C ARG F 268 -67.51 64.19 -17.77
N ALA F 269 -68.57 64.11 -16.96
CA ALA F 269 -69.92 64.20 -17.50
C ALA F 269 -70.20 65.61 -18.01
N ALA F 270 -69.68 66.64 -17.33
CA ALA F 270 -69.88 68.01 -17.78
C ALA F 270 -69.20 68.27 -19.11
N LEU F 271 -68.09 67.58 -19.41
CA LEU F 271 -67.43 67.76 -20.69
C LEU F 271 -68.25 67.17 -21.83
N GLY F 272 -69.03 66.13 -21.54
CA GLY F 272 -69.96 65.60 -22.51
C GLY F 272 -69.31 64.74 -23.57
N PRO F 273 -70.09 64.35 -24.59
CA PRO F 273 -69.56 63.45 -25.62
C PRO F 273 -68.58 64.12 -26.56
N GLU F 274 -68.71 65.41 -26.81
CA GLU F 274 -67.75 66.13 -27.63
C GLU F 274 -66.47 66.47 -26.88
N GLY F 275 -66.44 66.28 -25.56
CA GLY F 275 -65.23 66.50 -24.79
C GLY F 275 -64.59 65.20 -24.33
N HIS F 276 -64.91 64.10 -25.02
CA HIS F 276 -64.41 62.79 -24.61
C HIS F 276 -62.90 62.70 -24.69
N GLY F 277 -62.28 63.45 -25.59
CA GLY F 277 -60.84 63.40 -25.77
C GLY F 277 -60.05 64.36 -24.92
N ILE F 278 -60.71 65.15 -24.08
CA ILE F 278 -60.03 66.15 -23.26
C ILE F 278 -59.44 65.46 -22.03
N LYS F 279 -58.18 65.77 -21.72
CA LYS F 279 -57.51 65.19 -20.57
C LYS F 279 -57.93 65.90 -19.29
N ILE F 280 -58.23 65.13 -18.25
CA ILE F 280 -58.61 65.67 -16.95
C ILE F 280 -57.42 65.50 -16.00
N ILE F 281 -56.85 66.61 -15.58
CA ILE F 281 -55.81 66.65 -14.57
C ILE F 281 -56.44 67.15 -13.27
N SER F 282 -56.47 66.29 -12.25
CA SER F 282 -57.10 66.62 -10.99
C SER F 282 -56.15 67.42 -10.12
N LYS F 283 -56.62 68.55 -9.61
CA LYS F 283 -55.85 69.37 -8.70
C LYS F 283 -56.09 68.90 -7.27
N ILE F 284 -55.05 68.42 -6.61
CA ILE F 284 -55.11 68.00 -5.21
C ILE F 284 -54.77 69.22 -4.37
N GLU F 285 -55.73 69.71 -3.58
CA GLU F 285 -55.60 70.99 -2.93
C GLU F 285 -55.80 70.98 -1.42
N ASN F 286 -56.37 69.92 -0.85
CA ASN F 286 -56.66 69.90 0.58
C ASN F 286 -56.31 68.54 1.17
N HIS F 287 -56.57 68.39 2.47
CA HIS F 287 -56.15 67.19 3.18
C HIS F 287 -56.90 65.94 2.70
N GLU F 288 -58.20 66.06 2.44
CA GLU F 288 -58.95 64.89 2.00
C GLU F 288 -58.45 64.40 0.64
N GLY F 289 -58.11 65.33 -0.26
CA GLY F 289 -57.61 64.93 -1.57
C GLY F 289 -56.28 64.19 -1.47
N VAL F 290 -55.42 64.61 -0.55
CA VAL F 290 -54.15 63.91 -0.36
C VAL F 290 -54.39 62.50 0.15
N LYS F 291 -55.35 62.34 1.06
CA LYS F 291 -55.58 61.04 1.70
C LYS F 291 -56.39 60.09 0.83
N ARG F 292 -57.17 60.60 -0.13
CA ARG F 292 -57.87 59.76 -1.09
C ARG F 292 -57.22 59.79 -2.46
N PHE F 293 -55.93 60.12 -2.50
CA PHE F 293 -55.21 60.29 -3.76
C PHE F 293 -55.35 59.08 -4.68
N ASP F 294 -55.24 57.88 -4.13
CA ASP F 294 -55.23 56.67 -4.95
C ASP F 294 -56.51 56.53 -5.77
N GLU F 295 -57.66 56.74 -5.13
CA GLU F 295 -58.93 56.65 -5.85
C GLU F 295 -59.07 57.78 -6.87
N ILE F 296 -58.43 58.92 -6.62
CA ILE F 296 -58.51 60.03 -7.55
C ILE F 296 -57.63 59.78 -8.76
N LEU F 297 -56.40 59.30 -8.54
CA LEU F 297 -55.51 59.02 -9.66
C LEU F 297 -56.08 57.93 -10.56
N GLU F 298 -56.80 56.96 -9.98
CA GLU F 298 -57.30 55.82 -10.76
C GLU F 298 -58.21 56.26 -11.90
N VAL F 299 -58.97 57.34 -11.72
CA VAL F 299 -59.92 57.79 -12.73
C VAL F 299 -59.49 59.11 -13.35
N SER F 300 -58.28 59.59 -13.04
CA SER F 300 -57.75 60.81 -13.63
C SER F 300 -56.72 60.48 -14.70
N ASP F 301 -56.57 61.40 -15.65
CA ASP F 301 -55.45 61.31 -16.57
C ASP F 301 -54.15 61.76 -15.94
N GLY F 302 -54.23 62.54 -14.86
CA GLY F 302 -53.04 63.03 -14.20
C GLY F 302 -53.40 63.86 -12.99
N ILE F 303 -52.37 64.45 -12.39
CA ILE F 303 -52.48 65.13 -11.10
C ILE F 303 -51.75 66.46 -11.18
N MET F 304 -52.31 67.48 -10.53
CA MET F 304 -51.57 68.71 -10.24
C MET F 304 -51.34 68.79 -8.74
N VAL F 305 -50.07 68.91 -8.35
CA VAL F 305 -49.73 69.27 -6.98
C VAL F 305 -50.00 70.76 -6.80
N ALA F 306 -51.21 71.10 -6.38
CA ALA F 306 -51.65 72.50 -6.29
C ALA F 306 -51.12 73.08 -4.98
N ARG F 307 -49.82 73.38 -4.96
CA ARG F 307 -49.14 73.77 -3.74
C ARG F 307 -49.71 75.05 -3.12
N GLY F 308 -50.37 75.88 -3.90
CA GLY F 308 -50.96 77.11 -3.40
C GLY F 308 -51.98 76.87 -2.31
N ASP F 309 -53.05 76.15 -2.67
CA ASP F 309 -54.10 75.86 -1.69
C ASP F 309 -53.65 74.81 -0.68
N LEU F 310 -52.79 73.89 -1.08
CA LEU F 310 -52.27 72.90 -0.14
C LEU F 310 -51.59 73.57 1.04
N GLY F 311 -50.82 74.64 0.77
CA GLY F 311 -50.13 75.35 1.83
C GLY F 311 -51.04 76.03 2.83
N ILE F 312 -52.32 76.22 2.49
CA ILE F 312 -53.30 76.73 3.41
C ILE F 312 -54.10 75.60 4.06
N GLU F 313 -54.40 74.55 3.29
CA GLU F 313 -55.21 73.46 3.79
C GLU F 313 -54.43 72.51 4.70
N ILE F 314 -53.10 72.51 4.62
CA ILE F 314 -52.25 71.73 5.51
C ILE F 314 -51.06 72.59 5.91
N PRO F 315 -50.37 72.22 6.99
CA PRO F 315 -49.20 73.02 7.42
C PRO F 315 -48.20 73.21 6.29
N ALA F 316 -47.63 74.42 6.24
CA ALA F 316 -46.73 74.78 5.14
C ALA F 316 -45.48 73.92 5.13
N GLU F 317 -45.07 73.38 6.28
CA GLU F 317 -43.90 72.52 6.33
C GLU F 317 -44.18 71.08 5.92
N LYS F 318 -45.44 70.76 5.63
CA LYS F 318 -45.82 69.42 5.20
C LYS F 318 -46.04 69.31 3.69
N VAL F 319 -45.99 70.43 2.96
CA VAL F 319 -46.40 70.40 1.55
C VAL F 319 -45.40 69.62 0.72
N PHE F 320 -44.11 69.71 1.03
CA PHE F 320 -43.12 68.94 0.28
C PHE F 320 -43.34 67.44 0.43
N LEU F 321 -43.94 67.02 1.55
CA LEU F 321 -44.28 65.60 1.71
C LEU F 321 -45.38 65.19 0.75
N ALA F 322 -46.41 66.03 0.61
CA ALA F 322 -47.50 65.72 -0.32
C ALA F 322 -47.00 65.75 -1.76
N GLN F 323 -46.12 66.68 -2.09
CA GLN F 323 -45.60 66.76 -3.46
C GLN F 323 -44.79 65.52 -3.81
N LYS F 324 -43.87 65.13 -2.92
CA LYS F 324 -43.01 63.99 -3.21
C LYS F 324 -43.78 62.68 -3.19
N MET F 325 -44.82 62.58 -2.36
CA MET F 325 -45.67 61.39 -2.38
C MET F 325 -46.45 61.30 -3.69
N MET F 326 -47.04 62.41 -4.12
CA MET F 326 -47.89 62.37 -5.30
C MET F 326 -47.08 62.17 -6.57
N ILE F 327 -45.90 62.80 -6.65
CA ILE F 327 -45.04 62.60 -7.81
C ILE F 327 -44.59 61.15 -7.91
N GLY F 328 -44.20 60.57 -6.78
CA GLY F 328 -43.78 59.17 -6.80
C GLY F 328 -44.89 58.23 -7.22
N ARG F 329 -46.11 58.46 -6.72
CA ARG F 329 -47.21 57.58 -7.06
C ARG F 329 -47.64 57.77 -8.51
N CYS F 330 -47.49 58.99 -9.05
CA CYS F 330 -47.80 59.21 -10.46
C CYS F 330 -46.74 58.58 -11.35
N ASN F 331 -45.46 58.72 -10.97
CA ASN F 331 -44.40 58.03 -11.70
C ASN F 331 -44.63 56.53 -11.72
N LEU F 332 -44.99 55.96 -10.57
CA LEU F 332 -45.28 54.53 -10.49
C LEU F 332 -46.43 54.16 -11.42
N ALA F 333 -47.49 54.99 -11.44
CA ALA F 333 -48.64 54.72 -12.29
C ALA F 333 -48.41 55.06 -13.75
N GLY F 334 -47.32 55.77 -14.08
CA GLY F 334 -47.13 56.22 -15.44
C GLY F 334 -48.12 57.28 -15.88
N LYS F 335 -48.58 58.12 -14.96
CA LYS F 335 -49.49 59.19 -15.31
C LYS F 335 -48.84 60.54 -15.03
N PRO F 336 -49.09 61.54 -15.87
CA PRO F 336 -48.40 62.83 -15.72
C PRO F 336 -48.78 63.55 -14.43
N VAL F 337 -47.81 64.26 -13.87
CA VAL F 337 -48.00 65.02 -12.64
C VAL F 337 -47.37 66.40 -12.80
N VAL F 338 -48.09 67.43 -12.29
CA VAL F 338 -47.70 68.83 -12.43
C VAL F 338 -47.38 69.37 -11.05
N CYS F 339 -46.26 70.09 -10.94
CA CYS F 339 -45.91 70.84 -9.74
C CYS F 339 -46.13 72.32 -10.01
N ALA F 340 -46.86 72.98 -9.11
CA ALA F 340 -47.37 74.31 -9.38
C ALA F 340 -47.10 75.26 -8.23
N THR F 341 -47.21 76.56 -8.54
CA THR F 341 -47.32 77.67 -7.60
C THR F 341 -45.99 78.12 -6.99
N GLN F 342 -45.61 79.36 -7.28
CA GLN F 342 -44.55 80.10 -6.61
C GLN F 342 -43.16 79.53 -6.87
N MET F 343 -43.00 78.73 -7.93
CA MET F 343 -41.69 78.17 -8.25
C MET F 343 -40.66 79.26 -8.51
N LEU F 344 -41.07 80.35 -9.16
CA LEU F 344 -40.20 81.49 -9.45
C LEU F 344 -40.89 82.79 -9.07
N GLU F 345 -41.50 82.81 -7.88
CA GLU F 345 -42.41 83.91 -7.51
C GLU F 345 -41.71 85.26 -7.51
N SER F 346 -40.45 85.32 -7.06
CA SER F 346 -39.77 86.60 -6.97
C SER F 346 -39.55 87.25 -8.34
N MET F 347 -39.65 86.49 -9.43
CA MET F 347 -39.51 87.04 -10.76
C MET F 347 -40.75 87.81 -11.22
N ILE F 348 -41.73 87.99 -10.34
CA ILE F 348 -42.84 88.89 -10.64
C ILE F 348 -42.34 90.32 -10.73
N THR F 349 -41.31 90.67 -9.96
CA THR F 349 -40.75 92.02 -9.95
C THR F 349 -39.27 92.09 -10.30
N LYS F 350 -38.52 91.00 -10.18
CA LYS F 350 -37.09 91.08 -10.40
C LYS F 350 -36.68 90.25 -11.62
N PRO F 351 -35.59 90.61 -12.30
CA PRO F 351 -35.18 89.86 -13.49
C PRO F 351 -34.51 88.54 -13.18
N ARG F 352 -34.24 88.24 -11.91
CA ARG F 352 -33.54 87.02 -11.52
C ARG F 352 -34.22 86.40 -10.31
N PRO F 353 -34.29 85.07 -10.26
CA PRO F 353 -34.93 84.40 -9.12
C PRO F 353 -33.96 84.26 -7.95
N THR F 354 -34.53 83.92 -6.79
CA THR F 354 -33.73 83.65 -5.62
C THR F 354 -33.00 82.31 -5.78
N ARG F 355 -32.14 82.00 -4.80
CA ARG F 355 -31.47 80.71 -4.79
C ARG F 355 -32.40 79.59 -4.37
N ALA F 356 -33.40 79.89 -3.54
CA ALA F 356 -34.40 78.91 -3.18
C ALA F 356 -35.29 78.55 -4.36
N GLU F 357 -35.57 79.51 -5.23
CA GLU F 357 -36.53 79.29 -6.31
C GLU F 357 -35.94 78.40 -7.40
N THR F 358 -34.71 78.68 -7.83
CA THR F 358 -34.04 77.77 -8.77
C THR F 358 -33.87 76.40 -8.15
N SER F 359 -33.61 76.34 -6.84
CA SER F 359 -33.54 75.06 -6.14
C SER F 359 -34.87 74.33 -6.21
N ASP F 360 -35.97 75.06 -6.02
CA ASP F 360 -37.29 74.42 -6.01
C ASP F 360 -37.63 73.85 -7.37
N VAL F 361 -37.29 74.56 -8.45
CA VAL F 361 -37.54 74.05 -9.79
C VAL F 361 -36.70 72.81 -10.07
N ALA F 362 -35.41 72.88 -9.70
CA ALA F 362 -34.52 71.75 -9.94
C ALA F 362 -35.02 70.49 -9.22
N ASN F 363 -35.49 70.66 -7.97
CA ASN F 363 -35.89 69.50 -7.18
C ASN F 363 -37.24 68.94 -7.61
N ALA F 364 -38.15 69.78 -8.11
CA ALA F 364 -39.38 69.27 -8.69
C ALA F 364 -39.09 68.32 -9.84
N VAL F 365 -38.11 68.66 -10.67
CA VAL F 365 -37.69 67.78 -11.75
C VAL F 365 -37.04 66.51 -11.20
N LEU F 366 -36.19 66.66 -10.20
CA LEU F 366 -35.51 65.50 -9.62
C LEU F 366 -36.50 64.59 -8.90
N ASP F 367 -37.59 65.14 -8.37
CA ASP F 367 -38.63 64.31 -7.78
C ASP F 367 -39.27 63.41 -8.84
N GLY F 368 -39.46 63.93 -10.05
CA GLY F 368 -40.05 63.16 -11.12
C GLY F 368 -41.23 63.84 -11.79
N ALA F 369 -41.38 65.15 -11.56
CA ALA F 369 -42.50 65.88 -12.14
C ALA F 369 -42.41 65.92 -13.66
N ASP F 370 -43.56 65.71 -14.31
CA ASP F 370 -43.62 65.80 -15.76
C ASP F 370 -43.69 67.24 -16.25
N CYS F 371 -44.35 68.11 -15.49
CA CYS F 371 -44.55 69.50 -15.88
C CYS F 371 -44.30 70.40 -14.68
N ILE F 372 -43.79 71.59 -14.96
CA ILE F 372 -43.66 72.65 -13.97
C ILE F 372 -44.44 73.85 -14.48
N MET F 373 -44.89 74.69 -13.55
CA MET F 373 -45.88 75.70 -13.86
C MET F 373 -45.44 77.08 -13.38
N LEU F 374 -45.93 78.09 -14.07
CA LEU F 374 -45.78 79.48 -13.68
C LEU F 374 -47.16 80.11 -13.64
N SER F 375 -47.43 80.88 -12.58
CA SER F 375 -48.72 81.54 -12.42
C SER F 375 -48.50 83.02 -12.59
N GLY F 376 -48.49 83.81 -11.51
CA GLY F 376 -48.25 85.24 -11.62
C GLY F 376 -46.98 85.61 -12.34
N GLU F 377 -45.99 84.70 -12.37
CA GLU F 377 -44.73 84.97 -13.06
C GLU F 377 -44.95 85.25 -14.54
N THR F 378 -46.00 84.68 -15.15
CA THR F 378 -46.33 84.96 -16.54
C THR F 378 -47.65 85.70 -16.70
N ALA F 379 -48.58 85.53 -15.76
CA ALA F 379 -49.88 86.17 -15.89
C ALA F 379 -49.80 87.68 -15.66
N LYS F 380 -49.04 88.11 -14.66
CA LYS F 380 -49.08 89.52 -14.25
C LYS F 380 -47.72 90.14 -13.97
N GLY F 381 -46.63 89.39 -14.03
CA GLY F 381 -45.32 89.90 -13.68
C GLY F 381 -44.73 90.82 -14.73
N ASN F 382 -43.51 91.27 -14.47
CA ASN F 382 -42.78 92.16 -15.36
C ASN F 382 -41.72 91.44 -16.17
N PHE F 383 -41.51 90.14 -15.95
CA PHE F 383 -40.53 89.36 -16.70
C PHE F 383 -41.11 88.00 -17.05
N PRO F 384 -42.21 87.97 -17.83
CA PRO F 384 -42.80 86.66 -18.16
C PRO F 384 -41.93 85.80 -19.07
N VAL F 385 -41.33 86.40 -20.10
CA VAL F 385 -40.49 85.63 -21.01
C VAL F 385 -39.24 85.14 -20.29
N GLU F 386 -38.67 85.97 -19.41
CA GLU F 386 -37.48 85.57 -18.68
C GLU F 386 -37.76 84.42 -17.72
N ALA F 387 -38.96 84.39 -17.13
CA ALA F 387 -39.30 83.31 -16.20
C ALA F 387 -39.43 81.98 -16.93
N VAL F 388 -40.01 81.99 -18.13
CA VAL F 388 -40.06 80.77 -18.94
C VAL F 388 -38.64 80.30 -19.26
N LYS F 389 -37.78 81.22 -19.70
CA LYS F 389 -36.39 80.87 -19.98
C LYS F 389 -35.70 80.30 -18.74
N MET F 390 -36.02 80.84 -17.57
CA MET F 390 -35.39 80.36 -16.34
C MET F 390 -35.81 78.92 -16.05
N GLN F 391 -37.11 78.63 -16.15
CA GLN F 391 -37.57 77.25 -15.97
C GLN F 391 -36.94 76.32 -17.00
N HIS F 392 -36.81 76.78 -18.23
CA HIS F 392 -36.18 75.96 -19.27
C HIS F 392 -34.73 75.66 -18.92
N ALA F 393 -33.98 76.68 -18.48
CA ALA F 393 -32.57 76.49 -18.18
C ALA F 393 -32.36 75.57 -16.99
N ILE F 394 -33.20 75.69 -15.96
CA ILE F 394 -33.06 74.84 -14.78
C ILE F 394 -33.46 73.41 -15.12
N ALA F 395 -34.58 73.24 -15.83
CA ALA F 395 -35.06 71.89 -16.14
C ALA F 395 -34.01 71.10 -16.91
N ARG F 396 -33.33 71.75 -17.86
CA ARG F 396 -32.29 71.06 -18.63
C ARG F 396 -31.20 70.51 -17.72
N GLU F 397 -30.75 71.32 -16.76
CA GLU F 397 -29.67 70.90 -15.87
C GLU F 397 -30.13 69.76 -14.96
N ALA F 398 -31.30 69.90 -14.35
CA ALA F 398 -31.77 68.90 -13.39
C ALA F 398 -32.07 67.57 -14.07
N GLU F 399 -32.57 67.60 -15.32
CA GLU F 399 -32.89 66.36 -16.02
C GLU F 399 -31.63 65.53 -16.25
N ALA F 400 -30.50 66.18 -16.53
CA ALA F 400 -29.26 65.44 -16.69
C ALA F 400 -28.76 64.90 -15.34
N ALA F 401 -29.15 65.55 -14.24
CA ALA F 401 -28.72 65.15 -12.90
C ALA F 401 -29.58 64.03 -12.31
N VAL F 402 -30.63 63.60 -13.03
CA VAL F 402 -31.45 62.49 -12.54
C VAL F 402 -30.59 61.23 -12.46
N TYR F 403 -30.74 60.49 -11.37
CA TYR F 403 -30.03 59.23 -11.17
C TYR F 403 -30.76 58.13 -11.95
N HIS F 404 -30.54 58.14 -13.27
CA HIS F 404 -31.30 57.24 -14.15
C HIS F 404 -31.10 55.77 -13.78
N ARG F 405 -29.92 55.41 -13.28
CA ARG F 405 -29.63 54.00 -13.01
C ARG F 405 -30.61 53.41 -12.01
N GLN F 406 -30.79 54.07 -10.87
CA GLN F 406 -31.74 53.55 -9.89
C GLN F 406 -33.18 53.85 -10.29
N LEU F 407 -33.43 55.01 -10.91
CA LEU F 407 -34.79 55.35 -11.32
C LEU F 407 -35.33 54.33 -12.31
N PHE F 408 -34.59 54.05 -13.38
CA PHE F 408 -35.05 53.09 -14.38
C PHE F 408 -35.22 51.71 -13.78
N GLU F 409 -34.26 51.28 -12.95
CA GLU F 409 -34.36 49.95 -12.34
C GLU F 409 -35.58 49.82 -11.45
N GLU F 410 -35.87 50.86 -10.66
CA GLU F 410 -37.04 50.81 -9.77
C GLU F 410 -38.34 50.86 -10.57
N LEU F 411 -38.42 51.76 -11.56
CA LEU F 411 -39.62 51.82 -12.39
C LEU F 411 -39.83 50.51 -13.13
N ARG F 412 -38.74 49.90 -13.62
CA ARG F 412 -38.85 48.62 -14.31
C ARG F 412 -39.35 47.51 -13.38
N ARG F 413 -38.80 47.45 -12.17
CA ARG F 413 -39.17 46.39 -11.23
C ARG F 413 -40.56 46.58 -10.65
N ALA F 414 -41.08 47.80 -10.66
CA ALA F 414 -42.40 48.06 -10.09
C ALA F 414 -43.52 47.94 -11.11
N ALA F 415 -43.22 48.17 -12.38
CA ALA F 415 -44.22 47.95 -13.43
C ALA F 415 -44.50 46.47 -13.55
N PRO F 416 -45.77 46.04 -13.49
CA PRO F 416 -46.07 44.62 -13.51
C PRO F 416 -45.86 44.01 -14.89
N LEU F 417 -45.75 42.69 -14.91
CA LEU F 417 -45.65 41.96 -16.17
C LEU F 417 -46.88 42.22 -17.02
N SER F 418 -46.68 42.30 -18.34
CA SER F 418 -47.76 42.67 -19.24
C SER F 418 -47.76 41.78 -20.49
N ARG F 419 -48.94 41.45 -20.97
CA ARG F 419 -49.13 40.81 -22.26
C ARG F 419 -49.36 41.81 -23.39
N ASP F 420 -49.45 43.09 -23.07
CA ASP F 420 -49.79 44.11 -24.06
C ASP F 420 -48.56 44.42 -24.91
N PRO F 421 -48.61 44.20 -26.22
CA PRO F 421 -47.39 44.37 -27.04
C PRO F 421 -46.83 45.78 -27.04
N THR F 422 -47.68 46.80 -26.85
CA THR F 422 -47.17 48.17 -26.75
C THR F 422 -46.31 48.34 -25.50
N GLU F 423 -46.74 47.77 -24.37
CA GLU F 423 -45.95 47.85 -23.15
C GLU F 423 -44.67 47.02 -23.27
N VAL F 424 -44.78 45.82 -23.85
CA VAL F 424 -43.60 44.97 -24.05
C VAL F 424 -42.59 45.67 -24.95
N THR F 425 -43.07 46.33 -26.01
CA THR F 425 -42.17 47.02 -26.92
C THR F 425 -41.56 48.25 -26.25
N ALA F 426 -42.36 48.98 -25.46
CA ALA F 426 -41.88 50.21 -24.86
C ALA F 426 -40.70 49.97 -23.93
N ILE F 427 -40.79 48.92 -23.09
CA ILE F 427 -39.68 48.65 -22.17
C ILE F 427 -38.47 48.13 -22.95
N GLY F 428 -38.69 47.36 -24.02
CA GLY F 428 -37.58 46.94 -24.85
C GLY F 428 -36.89 48.11 -25.51
N ALA F 429 -37.67 49.05 -26.05
CA ALA F 429 -37.09 50.21 -26.73
C ALA F 429 -36.33 51.11 -25.76
N VAL F 430 -36.84 51.30 -24.55
CA VAL F 430 -36.17 52.14 -23.57
C VAL F 430 -34.85 51.51 -23.13
N GLU F 431 -34.87 50.20 -22.87
CA GLU F 431 -33.62 49.50 -22.54
C GLU F 431 -32.63 49.58 -23.69
N ALA F 432 -33.10 49.35 -24.92
CA ALA F 432 -32.23 49.48 -26.09
C ALA F 432 -31.62 50.87 -26.17
N ALA F 433 -32.39 51.90 -25.83
CA ALA F 433 -31.89 53.27 -25.93
C ALA F 433 -30.80 53.53 -24.90
N PHE F 434 -30.92 52.95 -23.70
CA PHE F 434 -29.88 53.11 -22.70
C PHE F 434 -28.61 52.37 -23.12
N LYS F 435 -28.77 51.21 -23.76
CA LYS F 435 -27.61 50.44 -24.20
C LYS F 435 -26.75 51.24 -25.17
N CYS F 436 -27.38 52.04 -26.03
CA CYS F 436 -26.69 52.70 -27.12
C CYS F 436 -26.59 54.21 -26.93
N CYS F 437 -27.02 54.73 -25.78
CA CYS F 437 -27.14 56.17 -25.57
C CYS F 437 -27.84 56.83 -26.76
N ALA F 438 -28.95 56.22 -27.17
CA ALA F 438 -29.71 56.73 -28.30
C ALA F 438 -30.04 58.19 -28.12
N ALA F 439 -29.91 58.96 -29.21
CA ALA F 439 -30.28 60.36 -29.15
C ALA F 439 -31.79 60.55 -29.08
N ALA F 440 -32.56 59.56 -29.54
CA ALA F 440 -34.01 59.68 -29.51
C ALA F 440 -34.66 58.33 -29.72
N ILE F 441 -35.89 58.20 -29.22
CA ILE F 441 -36.80 57.13 -29.59
C ILE F 441 -37.90 57.76 -30.43
N ILE F 442 -38.02 57.33 -31.68
CA ILE F 442 -39.04 57.82 -32.60
C ILE F 442 -40.21 56.84 -32.60
N VAL F 443 -41.41 57.36 -32.36
CA VAL F 443 -42.59 56.52 -32.20
C VAL F 443 -43.75 57.12 -32.98
N LEU F 444 -44.49 56.26 -33.67
CA LEU F 444 -45.74 56.64 -34.32
C LEU F 444 -46.88 56.39 -33.35
N THR F 445 -47.74 57.39 -33.15
CA THR F 445 -48.87 57.23 -32.26
C THR F 445 -50.05 58.04 -32.77
N THR F 446 -51.25 57.50 -32.56
CA THR F 446 -52.48 58.21 -32.87
C THR F 446 -53.08 58.89 -31.64
N THR F 447 -53.06 58.22 -30.48
CA THR F 447 -53.61 58.78 -29.25
C THR F 447 -52.56 59.36 -28.33
N GLY F 448 -51.29 59.00 -28.51
CA GLY F 448 -50.24 59.36 -27.59
C GLY F 448 -49.83 58.27 -26.63
N ARG F 449 -50.59 57.18 -26.55
CA ARG F 449 -50.34 56.17 -25.52
C ARG F 449 -48.98 55.51 -25.70
N SER F 450 -48.64 55.13 -26.95
CA SER F 450 -47.35 54.49 -27.18
C SER F 450 -46.20 55.37 -26.72
N ALA F 451 -46.32 56.69 -26.93
CA ALA F 451 -45.29 57.60 -26.42
C ALA F 451 -45.34 57.67 -24.90
N GLN F 452 -46.54 57.66 -24.32
CA GLN F 452 -46.65 57.71 -22.86
C GLN F 452 -46.05 56.48 -22.21
N LEU F 453 -46.25 55.30 -22.83
CA LEU F 453 -45.67 54.08 -22.29
C LEU F 453 -44.15 54.10 -22.37
N LEU F 454 -43.58 54.80 -23.35
CA LEU F 454 -42.14 55.02 -23.37
C LEU F 454 -41.73 56.04 -22.30
N SER F 455 -42.42 57.18 -22.27
CA SER F 455 -42.12 58.21 -21.28
C SER F 455 -42.19 57.68 -19.85
N ARG F 456 -42.97 56.62 -19.65
CA ARG F 456 -43.18 56.08 -18.32
C ARG F 456 -41.89 55.57 -17.68
N TYR F 457 -40.96 55.06 -18.48
CA TYR F 457 -39.72 54.49 -17.94
C TYR F 457 -38.59 55.53 -17.87
N ARG F 458 -38.89 56.80 -18.14
CA ARG F 458 -37.93 57.88 -18.01
C ARG F 458 -36.63 57.65 -18.77
N PRO F 459 -36.69 57.41 -20.08
CA PRO F 459 -35.46 57.27 -20.85
C PRO F 459 -34.72 58.59 -20.89
N ARG F 460 -33.39 58.50 -20.94
CA ARG F 460 -32.61 59.70 -21.23
C ARG F 460 -32.86 60.19 -22.64
N ALA F 461 -33.09 59.27 -23.57
CA ALA F 461 -33.34 59.64 -24.96
C ALA F 461 -34.67 60.38 -25.10
N ALA F 462 -34.68 61.39 -25.95
CA ALA F 462 -35.92 62.09 -26.26
C ALA F 462 -36.89 61.16 -26.97
N VAL F 463 -38.17 61.23 -26.58
CA VAL F 463 -39.21 60.47 -27.26
C VAL F 463 -39.83 61.39 -28.30
N ILE F 464 -39.49 61.17 -29.56
CA ILE F 464 -40.00 61.96 -30.67
C ILE F 464 -41.26 61.27 -31.18
N ALA F 465 -42.42 61.90 -30.95
CA ALA F 465 -43.71 61.29 -31.26
C ALA F 465 -44.28 61.92 -32.53
N VAL F 466 -44.45 61.10 -33.56
CA VAL F 466 -45.00 61.53 -34.85
C VAL F 466 -46.47 61.15 -34.88
N THR F 467 -47.34 62.14 -35.07
CA THR F 467 -48.77 61.90 -35.03
C THR F 467 -49.49 62.79 -36.05
N ARG F 468 -50.63 62.30 -36.53
CA ARG F 468 -51.56 63.11 -37.31
C ARG F 468 -52.63 63.77 -36.45
N SER F 469 -52.76 63.35 -35.19
CA SER F 469 -53.81 63.86 -34.31
C SER F 469 -53.36 65.16 -33.67
N ALA F 470 -54.02 66.26 -34.04
CA ALA F 470 -53.74 67.55 -33.43
C ALA F 470 -53.87 67.49 -31.92
N GLN F 471 -54.93 66.87 -31.44
CA GLN F 471 -55.18 66.82 -30.00
C GLN F 471 -54.09 66.04 -29.27
N ALA F 472 -53.74 64.87 -29.80
CA ALA F 472 -52.67 64.08 -29.18
C ALA F 472 -51.35 64.84 -29.23
N ALA F 473 -51.06 65.49 -30.35
CA ALA F 473 -49.84 66.30 -30.46
C ALA F 473 -49.80 67.39 -29.39
N ARG F 474 -50.94 68.03 -29.12
CA ARG F 474 -50.97 69.03 -28.07
C ARG F 474 -50.91 68.39 -26.68
N GLN F 475 -51.54 67.23 -26.52
CA GLN F 475 -51.71 66.66 -25.18
C GLN F 475 -50.49 65.92 -24.66
N VAL F 476 -49.64 65.36 -25.53
CA VAL F 476 -48.50 64.59 -25.05
C VAL F 476 -47.43 65.45 -24.38
N HIS F 477 -47.59 66.79 -24.41
CA HIS F 477 -46.75 67.65 -23.58
C HIS F 477 -46.88 67.34 -22.10
N LEU F 478 -47.96 66.67 -21.68
CA LEU F 478 -48.11 66.30 -20.29
C LEU F 478 -47.10 65.25 -19.84
N CYS F 479 -46.58 64.44 -20.76
CA CYS F 479 -45.66 63.35 -20.42
C CYS F 479 -44.22 63.83 -20.62
N ARG F 480 -43.38 63.57 -19.62
CA ARG F 480 -42.01 64.03 -19.68
C ARG F 480 -41.27 63.39 -20.86
N GLY F 481 -40.49 64.20 -21.56
CA GLY F 481 -39.62 63.69 -22.60
C GLY F 481 -40.29 63.32 -23.89
N VAL F 482 -41.54 63.71 -24.12
CA VAL F 482 -42.21 63.45 -25.38
C VAL F 482 -42.26 64.76 -26.16
N PHE F 483 -41.73 64.71 -27.38
CA PHE F 483 -41.68 65.88 -28.24
C PHE F 483 -42.60 65.64 -29.43
N PRO F 484 -43.74 66.30 -29.51
CA PRO F 484 -44.71 66.00 -30.57
C PRO F 484 -44.31 66.63 -31.90
N LEU F 485 -44.44 65.83 -32.96
CA LEU F 485 -44.29 66.30 -34.33
C LEU F 485 -45.60 66.03 -35.05
N LEU F 486 -46.22 67.07 -35.59
CA LEU F 486 -47.48 66.91 -36.29
C LEU F 486 -47.22 66.63 -37.76
N TYR F 487 -47.69 65.49 -38.22
CA TYR F 487 -47.54 65.07 -39.62
C TYR F 487 -48.78 65.48 -40.40
N ARG F 488 -48.58 66.19 -41.51
CA ARG F 488 -49.67 66.80 -42.25
C ARG F 488 -49.92 66.18 -43.62
N GLU F 489 -48.96 65.46 -44.18
CA GLU F 489 -49.09 64.95 -45.54
C GLU F 489 -50.24 63.96 -45.65
N PRO F 490 -50.89 63.89 -46.81
CA PRO F 490 -51.97 62.91 -47.00
C PRO F 490 -51.42 61.50 -47.02
N PRO F 491 -52.26 60.50 -46.74
CA PRO F 491 -51.77 59.12 -46.66
C PRO F 491 -51.18 58.65 -47.99
N GLU F 492 -50.11 57.88 -47.89
CA GLU F 492 -49.58 57.19 -49.07
C GLU F 492 -50.51 56.05 -49.47
N ALA F 493 -50.47 55.69 -50.75
CA ALA F 493 -51.24 54.54 -51.20
C ALA F 493 -50.77 53.27 -50.50
N ILE F 494 -49.47 53.14 -50.30
CA ILE F 494 -48.89 52.03 -49.56
C ILE F 494 -48.86 52.41 -48.09
N TRP F 495 -49.49 51.60 -47.23
CA TRP F 495 -49.43 51.89 -45.80
C TRP F 495 -48.00 51.77 -45.29
N ALA F 496 -47.26 50.75 -45.75
CA ALA F 496 -45.88 50.59 -45.32
C ALA F 496 -45.02 51.80 -45.73
N ASP F 497 -45.37 52.46 -46.83
CA ASP F 497 -44.67 53.68 -47.22
C ASP F 497 -45.12 54.87 -46.39
N ASP F 498 -46.39 54.90 -45.97
CA ASP F 498 -46.84 55.95 -45.07
C ASP F 498 -46.12 55.88 -43.73
N VAL F 499 -45.95 54.67 -43.21
CA VAL F 499 -45.18 54.47 -41.98
C VAL F 499 -43.75 54.97 -42.18
N ASP F 500 -43.11 54.57 -43.28
CA ASP F 500 -41.71 54.90 -43.50
C ASP F 500 -41.50 56.40 -43.65
N ARG F 501 -42.43 57.08 -44.34
CA ARG F 501 -42.29 58.52 -44.52
C ARG F 501 -42.43 59.24 -43.19
N ARG F 502 -43.34 58.79 -42.32
CA ARG F 502 -43.49 59.42 -41.02
C ARG F 502 -42.23 59.23 -40.17
N VAL F 503 -41.64 58.03 -40.21
CA VAL F 503 -40.38 57.80 -39.51
C VAL F 503 -39.31 58.74 -40.06
N GLN F 504 -39.25 58.89 -41.39
CA GLN F 504 -38.27 59.79 -42.00
C GLN F 504 -38.55 61.24 -41.63
N PHE F 505 -39.83 61.63 -41.59
CA PHE F 505 -40.18 62.99 -41.16
C PHE F 505 -39.72 63.24 -39.73
N GLY F 506 -39.79 62.22 -38.87
CA GLY F 506 -39.28 62.37 -37.52
C GLY F 506 -37.76 62.53 -37.47
N ILE F 507 -37.05 61.79 -38.34
CA ILE F 507 -35.60 61.91 -38.39
C ILE F 507 -35.19 63.28 -38.90
N GLU F 508 -35.83 63.75 -39.99
CA GLU F 508 -35.46 65.03 -40.57
C GLU F 508 -35.86 66.20 -39.66
N SER F 509 -36.96 66.07 -38.93
CA SER F 509 -37.29 67.10 -37.94
C SER F 509 -36.29 67.08 -36.79
N GLY F 510 -35.96 65.88 -36.30
CA GLY F 510 -35.00 65.79 -35.20
C GLY F 510 -33.64 66.36 -35.56
N LYS F 511 -33.23 66.20 -36.81
CA LYS F 511 -31.95 66.79 -37.24
C LYS F 511 -32.05 68.31 -37.31
N LEU F 512 -33.15 68.83 -37.85
CA LEU F 512 -33.29 70.28 -37.99
C LEU F 512 -33.33 70.97 -36.62
N ARG F 513 -33.90 70.30 -35.61
CA ARG F 513 -34.06 70.90 -34.29
C ARG F 513 -32.86 70.65 -33.38
N GLY F 514 -31.89 69.87 -33.81
CA GLY F 514 -30.74 69.57 -32.97
C GLY F 514 -30.87 68.35 -32.10
N PHE F 515 -31.96 67.59 -32.23
CA PHE F 515 -32.06 66.30 -31.54
C PHE F 515 -31.02 65.32 -32.06
N LEU F 516 -30.83 65.27 -33.38
CA LEU F 516 -30.10 64.20 -34.03
C LEU F 516 -28.98 64.77 -34.88
N ARG F 517 -27.81 64.16 -34.79
CA ARG F 517 -26.69 64.42 -35.68
C ARG F 517 -26.38 63.18 -36.50
N VAL F 518 -25.62 63.39 -37.59
CA VAL F 518 -25.13 62.27 -38.37
C VAL F 518 -24.33 61.33 -37.47
N GLY F 519 -24.64 60.04 -37.53
CA GLY F 519 -23.96 59.06 -36.72
C GLY F 519 -24.66 58.70 -35.42
N ASP F 520 -25.65 59.48 -35.01
CA ASP F 520 -26.45 59.12 -33.84
C ASP F 520 -27.13 57.78 -34.06
N LEU F 521 -27.37 57.07 -32.96
CA LEU F 521 -28.23 55.90 -33.01
C LEU F 521 -29.65 56.29 -32.61
N VAL F 522 -30.61 55.55 -33.14
CA VAL F 522 -32.02 55.88 -33.00
C VAL F 522 -32.82 54.59 -32.82
N ILE F 523 -33.74 54.62 -31.87
CA ILE F 523 -34.71 53.55 -31.67
C ILE F 523 -36.03 53.99 -32.29
N VAL F 524 -36.62 53.14 -33.11
CA VAL F 524 -37.84 53.45 -33.85
C VAL F 524 -38.92 52.44 -33.48
N VAL F 525 -40.10 52.94 -33.10
CA VAL F 525 -41.17 52.11 -32.57
C VAL F 525 -42.39 52.29 -33.46
N THR F 526 -42.89 51.17 -33.99
CA THR F 526 -44.00 51.16 -34.94
C THR F 526 -44.91 49.97 -34.65
N GLY F 527 -45.96 49.83 -35.43
CA GLY F 527 -46.90 48.75 -35.29
C GLY F 527 -47.09 47.98 -36.60
N TRP F 528 -47.83 46.87 -36.51
CA TRP F 528 -47.97 45.95 -37.63
C TRP F 528 -49.19 46.22 -38.50
N ARG F 529 -50.13 47.06 -38.04
CA ARG F 529 -51.32 47.38 -38.81
C ARG F 529 -51.79 48.76 -38.41
N PRO F 530 -52.57 49.43 -39.25
CA PRO F 530 -53.04 50.79 -38.93
C PRO F 530 -53.98 50.79 -37.75
N GLY F 531 -54.19 51.99 -37.21
CA GLY F 531 -55.03 52.18 -36.04
C GLY F 531 -54.26 52.02 -34.75
N SER F 532 -54.80 52.63 -33.70
CA SER F 532 -54.15 52.60 -32.39
C SER F 532 -54.21 51.20 -31.80
N GLY F 533 -53.25 50.92 -30.91
CA GLY F 533 -53.25 49.70 -30.13
C GLY F 533 -52.43 48.55 -30.67
N TYR F 534 -51.71 48.76 -31.77
CA TYR F 534 -51.00 47.65 -32.43
C TYR F 534 -49.49 47.88 -32.50
N THR F 535 -48.96 48.79 -31.68
CA THR F 535 -47.51 48.97 -31.59
C THR F 535 -46.87 47.66 -31.12
N ASN F 536 -45.86 47.20 -31.86
CA ASN F 536 -45.23 45.93 -31.52
C ASN F 536 -43.86 45.74 -32.17
N ILE F 537 -43.27 46.80 -32.71
CA ILE F 537 -42.02 46.71 -33.45
C ILE F 537 -41.02 47.72 -32.92
N MET F 538 -39.77 47.29 -32.77
CA MET F 538 -38.67 48.18 -32.38
C MET F 538 -37.49 47.93 -33.32
N ARG F 539 -36.92 49.01 -33.83
CA ARG F 539 -35.79 48.93 -34.76
C ARG F 539 -34.66 49.83 -34.28
N VAL F 540 -33.44 49.47 -34.67
CA VAL F 540 -32.24 50.22 -34.34
C VAL F 540 -31.66 50.76 -35.64
N LEU F 541 -31.57 52.08 -35.75
CA LEU F 541 -31.07 52.74 -36.95
C LEU F 541 -30.01 53.77 -36.59
N SER F 542 -29.11 54.01 -37.54
CA SER F 542 -28.17 55.12 -37.46
C SER F 542 -28.67 56.25 -38.35
N ILE F 543 -28.29 57.48 -37.99
CA ILE F 543 -28.95 58.67 -38.53
C ILE F 543 -28.26 59.16 -39.79
N SER F 544 -29.07 59.50 -40.79
CA SER F 544 -28.66 60.13 -42.03
C SER F 544 -27.69 59.26 -42.80
N GLU G 20 -51.78 41.83 -18.51
CA GLU G 20 -51.93 41.01 -17.32
C GLU G 20 -51.64 39.54 -17.63
N LEU G 21 -50.85 38.90 -16.76
CA LEU G 21 -50.52 37.48 -16.87
C LEU G 21 -51.40 36.66 -15.93
N GLY G 22 -52.13 35.70 -16.48
CA GLY G 22 -53.02 34.88 -15.68
C GLY G 22 -52.31 34.07 -14.62
N THR G 23 -53.13 33.50 -13.71
CA THR G 23 -52.58 32.65 -12.66
C THR G 23 -51.80 31.47 -13.23
N ALA G 24 -52.17 31.01 -14.43
CA ALA G 24 -51.49 29.87 -15.04
C ALA G 24 -49.99 30.10 -15.16
N PHE G 25 -49.59 31.35 -15.46
CA PHE G 25 -48.16 31.64 -15.59
C PHE G 25 -47.47 31.61 -14.23
N PHE G 26 -48.04 32.27 -13.23
CA PHE G 26 -47.37 32.44 -11.95
C PHE G 26 -47.19 31.14 -11.18
N GLN G 27 -47.75 30.03 -11.63
CA GLN G 27 -47.60 28.75 -10.95
C GLN G 27 -46.71 27.78 -11.71
N GLN G 28 -45.69 28.31 -12.38
CA GLN G 28 -44.72 27.48 -13.06
C GLN G 28 -43.44 28.27 -13.23
N GLN G 29 -42.36 27.54 -13.55
CA GLN G 29 -41.05 28.12 -13.84
C GLN G 29 -40.49 28.94 -12.69
N GLN G 30 -40.90 28.63 -11.46
CA GLN G 30 -40.42 29.34 -10.26
C GLN G 30 -40.58 30.85 -10.43
N LEU G 31 -41.69 31.26 -11.05
CA LEU G 31 -41.90 32.67 -11.31
C LEU G 31 -42.12 33.48 -10.02
N PRO G 32 -42.82 32.97 -8.99
CA PRO G 32 -42.86 33.72 -7.73
C PRO G 32 -41.47 33.96 -7.14
N ALA G 33 -40.61 32.94 -7.12
CA ALA G 33 -39.23 33.14 -6.69
C ALA G 33 -38.47 34.06 -7.63
N ALA G 34 -38.90 34.14 -8.89
CA ALA G 34 -38.29 35.06 -9.84
C ALA G 34 -38.57 36.51 -9.48
N MET G 35 -39.74 36.80 -8.92
CA MET G 35 -40.17 38.15 -8.61
C MET G 35 -39.69 38.65 -7.25
N ALA G 36 -38.90 37.85 -6.52
CA ALA G 36 -38.48 38.24 -5.19
C ALA G 36 -37.54 39.43 -5.25
N ASP G 37 -37.60 40.26 -4.19
CA ASP G 37 -36.79 41.47 -4.12
C ASP G 37 -35.40 41.22 -3.55
N THR G 38 -35.17 40.08 -2.91
CA THR G 38 -33.87 39.74 -2.37
C THR G 38 -33.56 38.29 -2.74
N PHE G 39 -32.27 37.95 -2.73
CA PHE G 39 -31.88 36.56 -2.98
C PHE G 39 -32.36 35.66 -1.86
N LEU G 40 -32.34 36.17 -0.62
CA LEU G 40 -32.91 35.41 0.50
C LEU G 40 -34.37 35.05 0.24
N GLU G 41 -35.20 36.05 -0.08
CA GLU G 41 -36.60 35.78 -0.37
C GLU G 41 -36.73 34.86 -1.58
N HIS G 42 -35.85 35.02 -2.56
CA HIS G 42 -35.87 34.15 -3.74
C HIS G 42 -35.71 32.70 -3.36
N LEU G 43 -34.78 32.40 -2.44
CA LEU G 43 -34.64 31.03 -1.94
C LEU G 43 -35.91 30.58 -1.25
N CYS G 44 -36.50 31.45 -0.41
CA CYS G 44 -37.66 31.08 0.39
C CYS G 44 -38.89 30.75 -0.45
N LEU G 45 -38.97 31.27 -1.67
CA LEU G 45 -40.14 31.07 -2.52
C LEU G 45 -39.97 29.97 -3.55
N LEU G 46 -38.80 29.32 -3.59
CA LEU G 46 -38.65 28.15 -4.44
C LEU G 46 -39.67 27.09 -4.04
N ASP G 47 -40.29 26.47 -5.05
CA ASP G 47 -41.46 25.63 -4.86
C ASP G 47 -41.27 24.36 -5.66
N ILE G 48 -41.28 23.21 -4.98
CA ILE G 48 -41.13 21.93 -5.67
C ILE G 48 -42.34 21.58 -6.51
N ASP G 49 -43.47 22.28 -6.33
CA ASP G 49 -44.65 22.06 -7.16
C ASP G 49 -44.67 22.93 -8.41
N SER G 50 -43.73 23.87 -8.55
CA SER G 50 -43.70 24.78 -9.69
C SER G 50 -42.92 24.13 -10.83
N GLU G 51 -43.63 23.73 -11.88
CA GLU G 51 -42.98 22.88 -12.88
C GLU G 51 -42.25 23.73 -13.92
N PRO G 52 -41.10 23.25 -14.39
CA PRO G 52 -40.35 24.00 -15.40
C PRO G 52 -40.88 23.73 -16.80
N VAL G 53 -40.50 24.62 -17.73
CA VAL G 53 -40.84 24.44 -19.13
C VAL G 53 -40.05 23.28 -19.69
N ALA G 54 -40.44 22.78 -20.86
CA ALA G 54 -39.78 21.62 -21.43
C ALA G 54 -38.43 21.98 -22.03
N ALA G 55 -38.26 23.22 -22.50
CA ALA G 55 -37.03 23.63 -23.17
C ALA G 55 -35.95 23.92 -22.12
N ARG G 56 -34.94 23.06 -22.05
CA ARG G 56 -33.84 23.25 -21.12
C ARG G 56 -32.62 23.83 -21.85
N SER G 57 -31.95 24.76 -21.18
CA SER G 57 -31.01 25.66 -21.81
C SER G 57 -29.55 25.23 -21.70
N THR G 58 -29.21 24.41 -20.70
CA THR G 58 -27.83 23.95 -20.55
C THR G 58 -27.61 22.73 -21.45
N SER G 59 -26.66 22.84 -22.37
CA SER G 59 -26.38 21.74 -23.27
C SER G 59 -25.66 20.61 -22.54
N ILE G 60 -25.97 19.38 -22.93
CA ILE G 60 -25.39 18.19 -22.32
C ILE G 60 -24.30 17.66 -23.24
N ILE G 61 -23.10 17.51 -22.70
CA ILE G 61 -21.97 16.93 -23.42
C ILE G 61 -21.80 15.49 -22.94
N ALA G 62 -21.85 14.54 -23.87
CA ALA G 62 -21.72 13.13 -23.55
C ALA G 62 -20.48 12.56 -24.22
N THR G 63 -19.64 11.89 -23.43
CA THR G 63 -18.42 11.29 -23.95
C THR G 63 -18.72 9.96 -24.64
N ILE G 64 -18.10 9.76 -25.79
CA ILE G 64 -18.30 8.55 -26.59
C ILE G 64 -17.32 7.48 -26.14
N GLY G 65 -17.84 6.28 -25.86
CA GLY G 65 -17.03 5.15 -25.47
C GLY G 65 -17.72 3.83 -25.78
N PRO G 66 -17.21 2.73 -25.24
CA PRO G 66 -17.86 1.41 -25.50
C PRO G 66 -19.34 1.37 -25.18
N ALA G 67 -19.78 2.02 -24.11
CA ALA G 67 -21.20 2.08 -23.79
C ALA G 67 -21.94 3.06 -24.68
N SER G 68 -21.27 3.69 -25.64
CA SER G 68 -21.84 4.83 -26.37
C SER G 68 -21.35 4.83 -27.81
N ARG G 69 -21.52 3.72 -28.50
CA ARG G 69 -21.11 3.64 -29.90
C ARG G 69 -22.14 3.01 -30.83
N SER G 70 -23.00 2.12 -30.33
CA SER G 70 -24.04 1.53 -31.17
C SER G 70 -24.96 2.62 -31.70
N VAL G 71 -25.17 2.61 -33.02
CA VAL G 71 -26.01 3.61 -33.67
C VAL G 71 -27.39 3.66 -33.02
N GLU G 72 -27.93 2.50 -32.65
CA GLU G 72 -29.26 2.46 -32.04
C GLU G 72 -29.27 3.03 -30.62
N ARG G 73 -28.13 3.02 -29.92
CA ARG G 73 -28.09 3.64 -28.61
C ARG G 73 -27.92 5.16 -28.73
N LEU G 74 -27.08 5.60 -29.66
CA LEU G 74 -26.92 7.04 -29.87
C LEU G 74 -28.23 7.70 -30.25
N LYS G 75 -29.13 6.96 -30.90
CA LYS G 75 -30.47 7.48 -31.15
C LYS G 75 -31.20 7.71 -29.83
N GLU G 76 -31.10 6.77 -28.89
CA GLU G 76 -31.79 6.93 -27.61
C GLU G 76 -31.16 8.04 -26.77
N MET G 77 -29.87 8.32 -26.96
CA MET G 77 -29.22 9.42 -26.26
C MET G 77 -29.64 10.77 -26.85
N ILE G 78 -29.74 10.85 -28.18
CA ILE G 78 -30.18 12.09 -28.82
C ILE G 78 -31.58 12.46 -28.38
N LYS G 79 -32.48 11.47 -28.31
CA LYS G 79 -33.81 11.72 -27.77
C LYS G 79 -33.78 12.02 -26.28
N ALA G 80 -32.74 11.56 -25.57
CA ALA G 80 -32.63 11.88 -24.15
C ALA G 80 -32.23 13.33 -23.93
N GLY G 81 -31.45 13.90 -24.84
CA GLY G 81 -31.09 15.31 -24.74
C GLY G 81 -29.64 15.61 -25.05
N MET G 82 -28.88 14.60 -25.48
CA MET G 82 -27.48 14.81 -25.82
C MET G 82 -27.35 15.84 -26.94
N ASN G 83 -26.55 16.88 -26.70
CA ASN G 83 -26.37 17.97 -27.65
C ASN G 83 -24.99 18.01 -28.28
N ILE G 84 -23.96 17.58 -27.57
CA ILE G 84 -22.59 17.57 -28.07
C ILE G 84 -21.99 16.20 -27.80
N ALA G 85 -21.13 15.74 -28.72
CA ALA G 85 -20.48 14.44 -28.62
C ALA G 85 -18.98 14.66 -28.40
N ARG G 86 -18.48 14.20 -27.27
CA ARG G 86 -17.06 14.33 -26.94
C ARG G 86 -16.31 13.07 -27.37
N LEU G 87 -15.13 13.27 -27.94
CA LEU G 87 -14.24 12.18 -28.35
C LEU G 87 -12.95 12.30 -27.55
N ASN G 88 -12.80 11.44 -26.54
CA ASN G 88 -11.61 11.45 -25.70
C ASN G 88 -10.47 10.79 -26.47
N PHE G 89 -9.50 11.60 -26.88
CA PHE G 89 -8.41 11.13 -27.72
C PHE G 89 -7.22 10.59 -26.92
N SER G 90 -7.39 10.44 -25.60
CA SER G 90 -6.38 9.77 -24.77
C SER G 90 -6.34 8.28 -25.03
N HIS G 91 -7.47 7.71 -25.38
CA HIS G 91 -7.59 6.32 -25.78
C HIS G 91 -8.08 6.28 -27.22
N GLY G 92 -8.00 5.11 -27.82
CA GLY G 92 -8.56 4.89 -29.13
C GLY G 92 -7.64 5.33 -30.27
N SER G 93 -7.87 4.72 -31.43
CA SER G 93 -7.09 4.98 -32.63
C SER G 93 -7.83 5.97 -33.53
N HIS G 94 -7.19 6.35 -34.63
CA HIS G 94 -7.79 7.31 -35.54
C HIS G 94 -8.97 6.70 -36.29
N GLU G 95 -8.85 5.45 -36.73
CA GLU G 95 -10.00 4.79 -37.33
C GLU G 95 -10.97 4.25 -36.28
N TYR G 96 -10.57 4.22 -35.02
CA TYR G 96 -11.55 4.00 -33.94
C TYR G 96 -12.46 5.21 -33.82
N HIS G 97 -11.88 6.41 -33.79
CA HIS G 97 -12.68 7.63 -33.65
C HIS G 97 -13.45 7.93 -34.93
N ALA G 98 -12.84 7.70 -36.09
CA ALA G 98 -13.53 7.92 -37.35
C ALA G 98 -14.80 7.08 -37.46
N GLU G 99 -14.81 5.90 -36.84
CA GLU G 99 -16.03 5.11 -36.80
C GLU G 99 -17.03 5.70 -35.80
N SER G 100 -16.52 6.20 -34.65
CA SER G 100 -17.39 6.90 -33.71
C SER G 100 -18.06 8.09 -34.38
N ILE G 101 -17.27 8.90 -35.10
CA ILE G 101 -17.82 10.02 -35.84
C ILE G 101 -18.89 9.55 -36.82
N ALA G 102 -18.66 8.40 -37.47
CA ALA G 102 -19.60 7.90 -38.46
C ALA G 102 -20.91 7.45 -37.81
N ASN G 103 -20.83 6.74 -36.68
CA ASN G 103 -22.04 6.28 -36.02
C ASN G 103 -22.83 7.44 -35.41
N VAL G 104 -22.13 8.48 -34.95
CA VAL G 104 -22.82 9.68 -34.47
C VAL G 104 -23.64 10.29 -35.60
N ARG G 105 -22.97 10.64 -36.71
CA ARG G 105 -23.65 11.30 -37.81
C ARG G 105 -24.75 10.43 -38.41
N GLU G 106 -24.58 9.11 -38.36
CA GLU G 106 -25.65 8.22 -38.81
C GLU G 106 -26.86 8.33 -37.90
N ALA G 107 -26.65 8.42 -36.59
CA ALA G 107 -27.77 8.50 -35.65
C ALA G 107 -28.48 9.84 -35.75
N VAL G 108 -27.72 10.93 -35.96
CA VAL G 108 -28.34 12.25 -36.02
C VAL G 108 -29.27 12.37 -37.22
N GLU G 109 -28.78 11.97 -38.40
CA GLU G 109 -29.56 12.12 -39.63
C GLU G 109 -30.73 11.15 -39.70
N SER G 110 -30.83 10.19 -38.78
CA SER G 110 -32.01 9.35 -38.68
C SER G 110 -33.28 10.17 -38.47
N PHE G 111 -33.16 11.37 -37.93
CA PHE G 111 -34.31 12.21 -37.63
C PHE G 111 -34.53 13.33 -38.64
N ALA G 112 -33.61 13.51 -39.59
CA ALA G 112 -33.76 14.57 -40.60
C ALA G 112 -34.96 14.38 -41.50
N GLY G 113 -35.64 13.22 -41.42
CA GLY G 113 -36.77 12.97 -42.30
C GLY G 113 -37.96 13.87 -42.04
N SER G 114 -38.07 14.40 -40.83
CA SER G 114 -39.09 15.40 -40.49
C SER G 114 -38.38 16.60 -39.88
N PRO G 115 -38.18 17.68 -40.65
CA PRO G 115 -37.23 18.71 -40.22
C PRO G 115 -37.71 19.55 -39.04
N LEU G 116 -38.99 19.52 -38.71
CA LEU G 116 -39.47 20.32 -37.59
C LEU G 116 -39.03 19.78 -36.24
N SER G 117 -38.58 18.52 -36.18
CA SER G 117 -38.12 17.91 -34.93
C SER G 117 -36.64 17.61 -34.93
N TYR G 118 -35.93 17.90 -36.01
CA TYR G 118 -34.54 17.50 -36.15
C TYR G 118 -33.66 18.26 -35.16
N ARG G 119 -32.86 17.51 -34.38
CA ARG G 119 -31.98 18.10 -33.39
C ARG G 119 -30.54 18.08 -33.90
N PRO G 120 -29.93 19.22 -34.20
CA PRO G 120 -28.49 19.23 -34.50
C PRO G 120 -27.69 18.71 -33.32
N VAL G 121 -26.57 18.05 -33.63
CA VAL G 121 -25.69 17.50 -32.62
C VAL G 121 -24.25 17.80 -33.03
N ALA G 122 -23.53 18.54 -32.20
CA ALA G 122 -22.14 18.85 -32.47
C ALA G 122 -21.26 17.65 -32.15
N ILE G 123 -20.02 17.70 -32.62
CA ILE G 123 -19.01 16.69 -32.36
C ILE G 123 -17.77 17.41 -31.85
N ALA G 124 -17.31 17.05 -30.65
CA ALA G 124 -16.18 17.70 -30.01
C ALA G 124 -15.00 16.75 -29.91
N LEU G 125 -13.80 17.30 -30.08
CA LEU G 125 -12.56 16.53 -30.02
C LEU G 125 -11.77 17.00 -28.80
N ASP G 126 -11.73 16.14 -27.77
CA ASP G 126 -10.92 16.39 -26.59
C ASP G 126 -9.53 15.83 -26.85
N THR G 127 -8.57 16.72 -27.08
CA THR G 127 -7.19 16.30 -27.23
C THR G 127 -6.69 15.71 -25.91
N LYS G 128 -5.71 14.83 -25.99
CA LYS G 128 -5.31 14.22 -24.73
C LYS G 128 -4.24 15.04 -24.02
N GLY G 129 -3.39 15.74 -24.78
CA GLY G 129 -2.42 16.64 -24.19
C GLY G 129 -1.33 15.90 -23.43
N PRO G 130 -0.27 16.61 -23.08
CA PRO G 130 0.90 15.96 -22.48
C PRO G 130 0.54 15.12 -21.25
N GLU G 131 0.98 13.87 -21.27
CA GLU G 131 0.73 12.95 -20.16
C GLU G 131 1.95 12.81 -19.26
N LEU G 231 6.90 23.33 -21.63
CA LEU G 231 6.23 22.56 -22.66
C LEU G 231 5.34 23.48 -23.49
N PRO G 232 5.24 23.22 -24.80
CA PRO G 232 4.41 24.08 -25.66
C PRO G 232 2.92 23.78 -25.57
N GLY G 233 2.52 22.82 -24.75
CA GLY G 233 1.13 22.43 -24.66
C GLY G 233 0.72 21.50 -25.78
N LEU G 234 0.88 21.96 -27.01
CA LEU G 234 0.65 21.13 -28.18
C LEU G 234 1.86 20.22 -28.42
N SER G 235 1.60 18.96 -28.73
CA SER G 235 2.70 18.06 -29.06
C SER G 235 2.24 17.01 -30.06
N GLU G 236 3.24 16.34 -30.66
CA GLU G 236 3.12 15.76 -31.99
C GLU G 236 1.86 14.90 -32.18
N GLN G 237 1.46 14.15 -31.15
CA GLN G 237 0.28 13.32 -31.30
C GLN G 237 -0.97 14.18 -31.40
N ASP G 238 -1.04 15.27 -30.63
CA ASP G 238 -2.16 16.20 -30.74
C ASP G 238 -2.16 16.90 -32.09
N VAL G 239 -0.98 17.33 -32.55
CA VAL G 239 -0.87 18.00 -33.85
C VAL G 239 -1.50 17.14 -34.94
N ARG G 240 -1.24 15.83 -34.91
CA ARG G 240 -1.85 14.95 -35.88
C ARG G 240 -3.29 14.61 -35.52
N ASP G 241 -3.62 14.60 -34.23
CA ASP G 241 -5.02 14.41 -33.83
C ASP G 241 -5.88 15.59 -34.27
N LEU G 242 -5.33 16.79 -34.30
CA LEU G 242 -6.11 17.96 -34.72
C LEU G 242 -6.35 17.95 -36.22
N ARG G 243 -5.33 17.62 -37.01
CA ARG G 243 -5.53 17.56 -38.46
C ARG G 243 -6.49 16.45 -38.84
N PHE G 244 -6.56 15.38 -38.05
CA PHE G 244 -7.63 14.40 -38.21
C PHE G 244 -8.98 15.06 -37.98
N GLY G 245 -9.09 15.85 -36.91
CA GLY G 245 -10.36 16.52 -36.61
C GLY G 245 -10.79 17.48 -37.70
N VAL G 246 -9.83 18.20 -38.28
CA VAL G 246 -10.12 19.06 -39.42
C VAL G 246 -10.62 18.21 -40.60
N GLU G 247 -10.03 17.04 -40.80
CA GLU G 247 -10.37 16.21 -41.94
C GLU G 247 -11.79 15.67 -41.82
N HIS G 248 -12.21 15.32 -40.61
CA HIS G 248 -13.54 14.75 -40.40
C HIS G 248 -14.58 15.79 -40.00
N GLY G 249 -14.20 17.06 -39.98
CA GLY G 249 -15.15 18.13 -39.72
C GLY G 249 -15.76 18.11 -38.34
N VAL G 250 -14.93 18.06 -37.30
CA VAL G 250 -15.44 18.22 -35.94
C VAL G 250 -15.93 19.65 -35.78
N ASP G 251 -16.86 19.84 -34.84
CA ASP G 251 -17.40 21.18 -34.62
C ASP G 251 -16.59 21.94 -33.57
N ILE G 252 -16.10 21.24 -32.54
CA ILE G 252 -15.46 21.86 -31.39
C ILE G 252 -14.21 21.05 -31.02
N VAL G 253 -13.22 21.74 -30.48
CA VAL G 253 -12.01 21.12 -29.93
C VAL G 253 -11.87 21.52 -28.47
N PHE G 254 -11.74 20.51 -27.60
CA PHE G 254 -11.37 20.73 -26.21
C PHE G 254 -9.85 20.57 -26.08
N ALA G 255 -9.15 21.65 -25.78
CA ALA G 255 -7.70 21.65 -25.70
C ALA G 255 -7.25 21.44 -24.27
N SER G 256 -6.57 20.32 -24.01
CA SER G 256 -6.16 19.97 -22.66
C SER G 256 -4.95 20.79 -22.21
N PHE G 257 -4.84 20.93 -20.88
CA PHE G 257 -3.65 21.48 -20.22
C PHE G 257 -3.30 22.89 -20.69
N VAL G 258 -4.30 23.65 -21.14
CA VAL G 258 -4.04 25.04 -21.52
C VAL G 258 -3.64 25.82 -20.28
N ARG G 259 -2.55 26.61 -20.39
CA ARG G 259 -2.06 27.36 -19.26
C ARG G 259 -1.52 28.75 -19.60
N LYS G 260 -1.52 29.14 -20.87
CA LYS G 260 -1.22 30.51 -21.24
C LYS G 260 -1.73 30.75 -22.66
N ALA G 261 -1.71 32.02 -23.07
CA ALA G 261 -2.14 32.38 -24.41
C ALA G 261 -1.34 31.63 -25.47
N SER G 262 -0.05 31.37 -25.20
CA SER G 262 0.79 30.64 -26.15
C SER G 262 0.17 29.30 -26.54
N ASP G 263 -0.39 28.58 -25.56
CA ASP G 263 -0.86 27.23 -25.82
C ASP G 263 -2.04 27.19 -26.79
N VAL G 264 -2.85 28.24 -26.81
CA VAL G 264 -4.02 28.24 -27.68
C VAL G 264 -3.67 28.71 -29.09
N ALA G 265 -2.67 29.58 -29.24
CA ALA G 265 -2.21 29.94 -30.57
C ALA G 265 -1.59 28.75 -31.27
N ALA G 266 -0.81 27.94 -30.52
CA ALA G 266 -0.33 26.68 -31.08
C ALA G 266 -1.48 25.81 -31.56
N VAL G 267 -2.51 25.66 -30.73
CA VAL G 267 -3.67 24.85 -31.10
C VAL G 267 -4.31 25.40 -32.37
N ARG G 268 -4.53 26.71 -32.43
CA ARG G 268 -5.20 27.30 -33.58
C ARG G 268 -4.38 27.16 -34.84
N ALA G 269 -3.05 27.22 -34.73
CA ALA G 269 -2.20 27.01 -35.89
C ALA G 269 -2.35 25.59 -36.42
N ALA G 270 -2.38 24.60 -35.53
CA ALA G 270 -2.47 23.20 -35.96
C ALA G 270 -3.78 22.92 -36.68
N LEU G 271 -4.87 23.55 -36.23
CA LEU G 271 -6.13 23.44 -36.96
C LEU G 271 -6.03 24.08 -38.33
N GLY G 272 -5.26 25.16 -38.45
CA GLY G 272 -4.98 25.77 -39.74
C GLY G 272 -6.19 26.44 -40.36
N PRO G 273 -5.97 27.07 -41.52
CA PRO G 273 -7.08 27.76 -42.19
C PRO G 273 -8.23 26.83 -42.59
N GLU G 274 -7.94 25.54 -42.81
CA GLU G 274 -9.02 24.61 -43.13
C GLU G 274 -10.01 24.47 -41.98
N GLY G 275 -9.53 24.57 -40.74
CA GLY G 275 -10.40 24.53 -39.59
C GLY G 275 -10.47 25.86 -38.88
N HIS G 276 -10.68 26.93 -39.66
CA HIS G 276 -10.73 28.27 -39.08
C HIS G 276 -12.00 28.47 -38.25
N GLY G 277 -13.10 27.84 -38.65
CA GLY G 277 -14.38 28.02 -38.00
C GLY G 277 -14.66 27.12 -36.83
N ILE G 278 -13.76 26.19 -36.51
CA ILE G 278 -13.94 25.29 -35.38
C ILE G 278 -13.65 26.04 -34.10
N LYS G 279 -14.54 25.90 -33.11
CA LYS G 279 -14.41 26.63 -31.86
C LYS G 279 -13.43 25.93 -30.92
N ILE G 280 -12.62 26.73 -30.23
CA ILE G 280 -11.58 26.23 -29.33
C ILE G 280 -12.05 26.46 -27.90
N ILE G 281 -12.33 25.37 -27.19
CA ILE G 281 -12.63 25.40 -25.76
C ILE G 281 -11.38 24.93 -25.03
N SER G 282 -10.80 25.80 -24.21
CA SER G 282 -9.54 25.51 -23.53
C SER G 282 -9.81 24.92 -22.15
N LYS G 283 -9.27 23.73 -21.89
CA LYS G 283 -9.44 23.07 -20.61
C LYS G 283 -8.45 23.64 -19.59
N ILE G 284 -8.98 24.15 -18.49
CA ILE G 284 -8.16 24.57 -17.36
C ILE G 284 -8.09 23.40 -16.38
N GLU G 285 -6.88 22.85 -16.18
CA GLU G 285 -6.75 21.67 -15.34
C GLU G 285 -5.50 21.72 -14.47
N ASN G 286 -4.92 22.90 -14.27
CA ASN G 286 -3.71 23.05 -13.47
C ASN G 286 -3.72 24.42 -12.82
N HIS G 287 -2.72 24.67 -11.98
CA HIS G 287 -2.69 25.92 -11.22
C HIS G 287 -2.51 27.13 -12.14
N GLU G 288 -1.41 27.17 -12.89
CA GLU G 288 -1.12 28.36 -13.69
C GLU G 288 -2.23 28.66 -14.69
N GLY G 289 -2.95 27.64 -15.15
CA GLY G 289 -4.13 27.89 -15.96
C GLY G 289 -5.15 28.74 -15.25
N VAL G 290 -5.32 28.52 -13.95
CA VAL G 290 -6.26 29.32 -13.16
C VAL G 290 -5.74 30.74 -12.99
N LYS G 291 -4.45 30.89 -12.71
CA LYS G 291 -3.90 32.22 -12.46
C LYS G 291 -3.76 33.04 -13.75
N ARG G 292 -3.55 32.37 -14.89
CA ARG G 292 -3.50 33.03 -16.18
C ARG G 292 -4.82 32.92 -16.94
N PHE G 293 -5.94 32.81 -16.21
CA PHE G 293 -7.23 32.57 -16.85
C PHE G 293 -7.62 33.71 -17.77
N ASP G 294 -7.31 34.95 -17.38
CA ASP G 294 -7.80 36.11 -18.13
C ASP G 294 -7.22 36.13 -19.54
N GLU G 295 -5.91 35.94 -19.67
CA GLU G 295 -5.29 35.92 -20.99
C GLU G 295 -5.75 34.72 -21.80
N ILE G 296 -6.12 33.62 -21.12
CA ILE G 296 -6.57 32.43 -21.84
C ILE G 296 -7.98 32.64 -22.38
N LEU G 297 -8.88 33.19 -21.56
CA LEU G 297 -10.24 33.44 -22.02
C LEU G 297 -10.25 34.46 -23.15
N GLU G 298 -9.40 35.48 -23.07
CA GLU G 298 -9.27 36.45 -24.15
C GLU G 298 -8.97 35.77 -25.47
N VAL G 299 -8.08 34.76 -25.43
CA VAL G 299 -7.65 34.08 -26.64
C VAL G 299 -8.72 33.11 -27.15
N SER G 300 -9.42 32.45 -26.23
CA SER G 300 -10.22 31.28 -26.57
C SER G 300 -11.68 31.65 -26.84
N ASP G 301 -12.41 30.69 -27.41
CA ASP G 301 -13.85 30.84 -27.60
C ASP G 301 -14.61 30.47 -26.33
N GLY G 302 -14.03 29.64 -25.48
CA GLY G 302 -14.67 29.23 -24.25
C GLY G 302 -13.66 28.59 -23.31
N ILE G 303 -14.20 27.97 -22.26
CA ILE G 303 -13.39 27.38 -21.19
C ILE G 303 -14.08 26.11 -20.71
N MET G 304 -13.29 25.10 -20.37
CA MET G 304 -13.78 23.93 -19.66
C MET G 304 -13.13 23.86 -18.28
N VAL G 305 -13.96 23.84 -17.24
CA VAL G 305 -13.48 23.62 -15.89
C VAL G 305 -13.20 22.13 -15.71
N ALA G 306 -11.98 21.71 -16.04
CA ALA G 306 -11.59 20.30 -15.96
C ALA G 306 -11.30 19.95 -14.50
N ARG G 307 -12.38 19.67 -13.77
CA ARG G 307 -12.28 19.47 -12.32
C ARG G 307 -11.44 18.24 -11.97
N GLY G 308 -11.45 17.22 -12.82
CA GLY G 308 -10.68 16.02 -12.58
C GLY G 308 -9.22 16.28 -12.33
N ASP G 309 -8.49 16.67 -13.38
CA ASP G 309 -7.07 16.95 -13.23
C ASP G 309 -6.83 18.16 -12.32
N LEU G 310 -7.74 19.13 -12.34
CA LEU G 310 -7.62 20.28 -11.45
C LEU G 310 -7.69 19.85 -9.99
N GLY G 311 -8.55 18.87 -9.67
CA GLY G 311 -8.64 18.35 -8.33
C GLY G 311 -7.42 17.59 -7.86
N ILE G 312 -6.47 17.31 -8.74
CA ILE G 312 -5.21 16.69 -8.36
C ILE G 312 -4.13 17.76 -8.30
N GLU G 313 -4.23 18.75 -9.20
CA GLU G 313 -3.21 19.79 -9.27
C GLU G 313 -3.34 20.82 -8.15
N ILE G 314 -4.54 21.02 -7.63
CA ILE G 314 -4.75 21.90 -6.48
C ILE G 314 -5.55 21.13 -5.44
N PRO G 315 -5.55 21.56 -4.18
CA PRO G 315 -6.32 20.85 -3.15
C PRO G 315 -7.77 20.68 -3.56
N ALA G 316 -8.29 19.46 -3.32
CA ALA G 316 -9.62 19.12 -3.79
C ALA G 316 -10.69 20.04 -3.20
N GLU G 317 -10.49 20.53 -1.98
CA GLU G 317 -11.45 21.40 -1.33
C GLU G 317 -11.44 22.82 -1.90
N LYS G 318 -10.59 23.11 -2.88
CA LYS G 318 -10.52 24.43 -3.50
C LYS G 318 -11.09 24.44 -4.92
N VAL G 319 -11.55 23.30 -5.44
CA VAL G 319 -11.96 23.23 -6.83
C VAL G 319 -13.23 24.05 -7.07
N PHE G 320 -14.16 24.03 -6.10
CA PHE G 320 -15.39 24.81 -6.28
C PHE G 320 -15.11 26.30 -6.42
N LEU G 321 -14.05 26.78 -5.76
CA LEU G 321 -13.66 28.18 -5.92
C LEU G 321 -13.25 28.48 -7.35
N ALA G 322 -12.40 27.63 -7.93
CA ALA G 322 -11.96 27.84 -9.30
C ALA G 322 -13.12 27.72 -10.28
N GLN G 323 -14.04 26.78 -10.03
CA GLN G 323 -15.19 26.62 -10.92
C GLN G 323 -16.09 27.83 -10.89
N LYS G 324 -16.37 28.37 -9.71
CA LYS G 324 -17.27 29.53 -9.62
C LYS G 324 -16.59 30.78 -10.13
N MET G 325 -15.29 30.95 -9.87
CA MET G 325 -14.55 32.06 -10.45
C MET G 325 -14.60 32.02 -11.96
N MET G 326 -14.29 30.86 -12.56
CA MET G 326 -14.19 30.77 -14.00
C MET G 326 -15.56 30.91 -14.66
N ILE G 327 -16.61 30.35 -14.04
CA ILE G 327 -17.94 30.47 -14.61
C ILE G 327 -18.40 31.93 -14.55
N GLY G 328 -18.09 32.63 -13.45
CA GLY G 328 -18.43 34.03 -13.36
C GLY G 328 -17.77 34.85 -14.46
N ARG G 329 -16.46 34.71 -14.63
CA ARG G 329 -15.76 35.50 -15.63
C ARG G 329 -16.22 35.15 -17.04
N CYS G 330 -16.56 33.90 -17.29
CA CYS G 330 -17.05 33.51 -18.61
C CYS G 330 -18.41 34.13 -18.88
N ASN G 331 -19.31 34.08 -17.90
CA ASN G 331 -20.59 34.77 -18.02
C ASN G 331 -20.38 36.26 -18.26
N LEU G 332 -19.42 36.86 -17.56
CA LEU G 332 -19.14 38.29 -17.73
C LEU G 332 -18.58 38.58 -19.11
N ALA G 333 -17.77 37.66 -19.65
CA ALA G 333 -17.22 37.83 -20.98
C ALA G 333 -18.17 37.39 -22.08
N GLY G 334 -19.32 36.80 -21.73
CA GLY G 334 -20.24 36.31 -22.73
C GLY G 334 -19.72 35.14 -23.54
N LYS G 335 -18.77 34.39 -23.01
CA LYS G 335 -18.17 33.24 -23.67
C LYS G 335 -18.53 31.96 -22.93
N PRO G 336 -18.84 30.89 -23.67
CA PRO G 336 -19.33 29.65 -23.04
C PRO G 336 -18.34 29.08 -22.04
N VAL G 337 -18.88 28.30 -21.11
CA VAL G 337 -18.08 27.62 -20.10
C VAL G 337 -18.69 26.25 -19.81
N VAL G 338 -17.83 25.25 -19.63
CA VAL G 338 -18.23 23.87 -19.44
C VAL G 338 -17.76 23.41 -18.06
N CYS G 339 -18.63 22.69 -17.36
CA CYS G 339 -18.28 22.05 -16.09
C CYS G 339 -18.25 20.54 -16.32
N ALA G 340 -17.13 19.92 -15.99
CA ALA G 340 -16.90 18.51 -16.30
C ALA G 340 -16.42 17.76 -15.08
N THR G 341 -16.56 16.42 -15.16
CA THR G 341 -15.91 15.41 -14.33
C THR G 341 -16.76 14.93 -13.15
N GLN G 342 -17.23 13.69 -13.23
CA GLN G 342 -17.88 12.96 -12.13
C GLN G 342 -19.14 13.65 -11.62
N MET G 343 -19.88 14.30 -12.50
CA MET G 343 -21.11 14.96 -12.08
C MET G 343 -22.16 13.95 -11.64
N LEU G 344 -22.24 12.81 -12.32
CA LEU G 344 -23.16 11.73 -11.97
C LEU G 344 -22.42 10.40 -11.93
N GLU G 345 -21.28 10.39 -11.23
CA GLU G 345 -20.34 9.28 -11.33
C GLU G 345 -20.96 7.95 -10.89
N SER G 346 -21.70 7.96 -9.77
CA SER G 346 -22.28 6.73 -9.26
C SER G 346 -23.22 6.06 -10.25
N MET G 347 -23.71 6.81 -11.24
CA MET G 347 -24.57 6.22 -12.26
C MET G 347 -23.80 5.34 -13.24
N ILE G 348 -22.48 5.28 -13.13
CA ILE G 348 -21.71 4.32 -13.92
C ILE G 348 -22.13 2.90 -13.59
N THR G 349 -22.39 2.62 -12.31
CA THR G 349 -22.81 1.30 -11.87
C THR G 349 -24.24 1.26 -11.34
N LYS G 350 -24.83 2.40 -11.01
CA LYS G 350 -26.13 2.38 -10.36
C LYS G 350 -27.16 3.16 -11.19
N PRO G 351 -28.44 2.78 -11.11
CA PRO G 351 -29.44 3.46 -11.95
C PRO G 351 -29.75 4.87 -11.49
N ARG G 352 -29.63 5.16 -10.20
CA ARG G 352 -29.93 6.47 -9.65
C ARG G 352 -28.66 7.13 -9.13
N PRO G 353 -28.57 8.46 -9.19
CA PRO G 353 -27.40 9.15 -8.67
C PRO G 353 -27.55 9.47 -7.18
N THR G 354 -26.44 9.87 -6.57
CA THR G 354 -26.48 10.29 -5.18
C THR G 354 -27.07 11.70 -5.05
N ARG G 355 -27.43 12.06 -3.82
CA ARG G 355 -27.92 13.41 -3.57
C ARG G 355 -26.84 14.45 -3.82
N ALA G 356 -25.58 14.12 -3.52
CA ALA G 356 -24.50 15.04 -3.82
C ALA G 356 -24.33 15.24 -5.31
N GLU G 357 -24.65 14.21 -6.11
CA GLU G 357 -24.45 14.29 -7.55
C GLU G 357 -25.52 15.14 -8.22
N THR G 358 -26.79 14.95 -7.86
CA THR G 358 -27.84 15.80 -8.41
C THR G 358 -27.67 17.25 -7.97
N SER G 359 -27.19 17.45 -6.74
CA SER G 359 -26.96 18.82 -6.26
C SER G 359 -25.80 19.47 -7.00
N ASP G 360 -24.76 18.68 -7.31
CA ASP G 360 -23.63 19.20 -8.07
C ASP G 360 -24.06 19.69 -9.45
N VAL G 361 -24.94 18.94 -10.12
CA VAL G 361 -25.43 19.37 -11.43
C VAL G 361 -26.24 20.65 -11.29
N ALA G 362 -27.22 20.65 -10.39
CA ALA G 362 -28.08 21.82 -10.21
C ALA G 362 -27.28 23.06 -9.90
N ASN G 363 -26.24 22.93 -9.07
CA ASN G 363 -25.47 24.09 -8.67
C ASN G 363 -24.57 24.58 -9.81
N ALA G 364 -24.14 23.69 -10.69
CA ALA G 364 -23.40 24.12 -11.87
C ALA G 364 -24.28 24.94 -12.80
N VAL G 365 -25.54 24.55 -12.94
CA VAL G 365 -26.50 25.35 -13.71
C VAL G 365 -26.74 26.69 -13.01
N LEU G 366 -26.87 26.67 -11.69
CA LEU G 366 -27.10 27.90 -10.94
C LEU G 366 -25.87 28.81 -10.95
N ASP G 367 -24.67 28.23 -11.07
CA ASP G 367 -23.48 29.05 -11.18
C ASP G 367 -23.47 29.86 -12.47
N GLY G 368 -24.10 29.34 -13.52
CA GLY G 368 -24.08 29.95 -14.82
C GLY G 368 -23.37 29.15 -15.91
N ALA G 369 -23.19 27.84 -15.73
CA ALA G 369 -22.50 27.03 -16.72
C ALA G 369 -23.32 26.93 -18.00
N ASP G 370 -22.64 27.05 -19.14
CA ASP G 370 -23.32 26.90 -20.42
C ASP G 370 -23.57 25.43 -20.75
N CYS G 371 -22.62 24.55 -20.41
CA CYS G 371 -22.78 23.13 -20.67
C CYS G 371 -22.29 22.33 -19.48
N ILE G 372 -22.93 21.18 -19.27
CA ILE G 372 -22.51 20.20 -18.29
C ILE G 372 -22.11 18.93 -19.03
N MET G 373 -21.21 18.16 -18.44
CA MET G 373 -20.56 17.06 -19.14
C MET G 373 -20.73 15.73 -18.43
N LEU G 374 -20.76 14.67 -19.23
CA LEU G 374 -20.74 13.30 -18.77
C LEU G 374 -19.58 12.58 -19.44
N SER G 375 -18.68 12.01 -18.64
CA SER G 375 -17.56 11.26 -19.20
C SER G 375 -17.80 9.76 -19.04
N GLY G 376 -17.16 9.14 -18.05
CA GLY G 376 -17.34 7.72 -17.81
C GLY G 376 -18.78 7.29 -17.64
N GLU G 377 -19.66 8.23 -17.29
CA GLU G 377 -21.08 7.89 -17.12
C GLU G 377 -21.70 7.39 -18.42
N THR G 378 -21.33 7.99 -19.54
CA THR G 378 -21.86 7.58 -20.83
C THR G 378 -20.86 6.79 -21.67
N ALA G 379 -19.57 6.88 -21.37
CA ALA G 379 -18.57 6.18 -22.16
C ALA G 379 -18.45 4.72 -21.77
N LYS G 380 -18.35 4.44 -20.46
CA LYS G 380 -18.06 3.10 -19.96
C LYS G 380 -19.07 2.65 -18.92
N GLY G 381 -20.32 3.08 -19.03
CA GLY G 381 -21.29 2.83 -17.98
C GLY G 381 -22.48 1.96 -18.37
N ASN G 382 -23.18 1.45 -17.37
CA ASN G 382 -24.35 0.61 -17.58
C ASN G 382 -25.64 1.41 -17.73
N PHE G 383 -25.59 2.74 -17.60
CA PHE G 383 -26.76 3.59 -17.72
C PHE G 383 -26.40 4.91 -18.39
N PRO G 384 -25.97 4.87 -19.66
CA PRO G 384 -25.62 6.14 -20.32
C PRO G 384 -26.82 6.98 -20.68
N VAL G 385 -27.89 6.36 -21.21
CA VAL G 385 -29.08 7.12 -21.57
C VAL G 385 -29.78 7.65 -20.33
N GLU G 386 -29.79 6.86 -19.26
CA GLU G 386 -30.42 7.31 -18.01
C GLU G 386 -29.67 8.48 -17.40
N ALA G 387 -28.36 8.54 -17.58
CA ALA G 387 -27.58 9.65 -17.03
C ALA G 387 -27.75 10.92 -17.86
N VAL G 388 -27.96 10.78 -19.17
CA VAL G 388 -28.32 11.95 -19.97
C VAL G 388 -29.72 12.44 -19.58
N LYS G 389 -30.64 11.51 -19.33
CA LYS G 389 -31.99 11.87 -18.89
C LYS G 389 -31.94 12.62 -17.57
N MET G 390 -31.04 12.24 -16.67
CA MET G 390 -31.00 12.85 -15.35
C MET G 390 -30.52 14.30 -15.43
N GLN G 391 -29.42 14.54 -16.16
CA GLN G 391 -28.92 15.90 -16.33
C GLN G 391 -29.97 16.79 -16.99
N HIS G 392 -30.68 16.26 -18.00
CA HIS G 392 -31.75 17.03 -18.62
C HIS G 392 -32.83 17.38 -17.59
N ALA G 393 -33.18 16.42 -16.72
CA ALA G 393 -34.20 16.68 -15.72
C ALA G 393 -33.72 17.70 -14.69
N ILE G 394 -32.46 17.62 -14.28
CA ILE G 394 -31.94 18.54 -13.28
C ILE G 394 -31.79 19.94 -13.86
N ALA G 395 -31.26 20.03 -15.08
CA ALA G 395 -31.02 21.35 -15.70
C ALA G 395 -32.32 22.12 -15.87
N ARG G 396 -33.40 21.43 -16.24
CA ARG G 396 -34.70 22.09 -16.35
C ARG G 396 -35.11 22.74 -15.03
N GLU G 397 -34.97 22.00 -13.93
CA GLU G 397 -35.37 22.53 -12.64
C GLU G 397 -34.46 23.67 -12.18
N ALA G 398 -33.15 23.53 -12.40
CA ALA G 398 -32.23 24.53 -11.89
C ALA G 398 -32.27 25.81 -12.71
N GLU G 399 -32.46 25.69 -14.03
CA GLU G 399 -32.56 26.89 -14.87
C GLU G 399 -33.68 27.80 -14.40
N ALA G 400 -34.80 27.22 -13.97
CA ALA G 400 -35.90 28.03 -13.45
C ALA G 400 -35.56 28.64 -12.10
N ALA G 401 -34.72 27.97 -11.32
CA ALA G 401 -34.38 28.44 -9.97
C ALA G 401 -33.34 29.56 -9.98
N VAL G 402 -32.79 29.89 -11.14
CA VAL G 402 -31.87 31.02 -11.24
C VAL G 402 -32.60 32.30 -10.85
N TYR G 403 -31.94 33.15 -10.07
CA TYR G 403 -32.50 34.44 -9.67
C TYR G 403 -32.23 35.43 -10.80
N HIS G 404 -33.03 35.31 -11.86
CA HIS G 404 -32.80 36.07 -13.09
C HIS G 404 -32.75 37.57 -12.82
N ARG G 405 -33.53 38.05 -11.84
CA ARG G 405 -33.63 39.48 -11.60
C ARG G 405 -32.27 40.11 -11.34
N GLN G 406 -31.49 39.50 -10.44
CA GLN G 406 -30.16 40.04 -10.13
C GLN G 406 -29.13 39.68 -11.19
N LEU G 407 -29.27 38.50 -11.81
CA LEU G 407 -28.33 38.13 -12.87
C LEU G 407 -28.42 39.08 -14.05
N PHE G 408 -29.65 39.34 -14.52
CA PHE G 408 -29.82 40.22 -15.68
C PHE G 408 -29.35 41.63 -15.37
N GLU G 409 -29.67 42.14 -14.18
CA GLU G 409 -29.23 43.47 -13.79
C GLU G 409 -27.71 43.56 -13.76
N GLU G 410 -27.06 42.58 -13.13
CA GLU G 410 -25.60 42.63 -13.02
C GLU G 410 -24.95 42.44 -14.39
N LEU G 411 -25.51 41.57 -15.24
CA LEU G 411 -24.99 41.45 -16.60
C LEU G 411 -25.18 42.75 -17.37
N ARG G 412 -26.32 43.42 -17.16
CA ARG G 412 -26.57 44.69 -17.82
C ARG G 412 -25.51 45.73 -17.44
N ARG G 413 -25.30 45.94 -16.15
CA ARG G 413 -24.42 47.01 -15.71
C ARG G 413 -22.96 46.71 -16.03
N ALA G 414 -22.58 45.44 -16.07
CA ALA G 414 -21.19 45.09 -16.36
C ALA G 414 -20.89 45.17 -17.85
N ALA G 415 -21.87 44.92 -18.70
CA ALA G 415 -21.64 45.00 -20.14
C ALA G 415 -21.45 46.46 -20.55
N PRO G 416 -20.47 46.76 -21.38
CA PRO G 416 -20.23 48.15 -21.78
C PRO G 416 -21.31 48.65 -22.75
N LEU G 417 -21.40 49.97 -22.85
CA LEU G 417 -22.25 50.57 -23.86
C LEU G 417 -21.79 50.14 -25.24
N SER G 418 -22.74 49.94 -26.14
CA SER G 418 -22.41 49.48 -27.48
C SER G 418 -23.32 50.17 -28.49
N ARG G 419 -22.74 50.54 -29.63
CA ARG G 419 -23.49 51.09 -30.74
C ARG G 419 -23.61 50.09 -31.89
N ASP G 420 -23.38 48.82 -31.61
CA ASP G 420 -23.58 47.76 -32.59
C ASP G 420 -25.04 47.36 -32.61
N PRO G 421 -25.76 47.52 -33.72
CA PRO G 421 -27.21 47.32 -33.71
C PRO G 421 -27.65 45.91 -33.36
N THR G 422 -26.81 44.90 -33.61
CA THR G 422 -27.18 43.54 -33.22
C THR G 422 -27.26 43.40 -31.71
N GLU G 423 -26.30 43.98 -30.99
CA GLU G 423 -26.31 43.88 -29.53
C GLU G 423 -27.39 44.78 -28.92
N VAL G 424 -27.62 45.96 -29.49
CA VAL G 424 -28.67 46.83 -28.99
C VAL G 424 -30.03 46.18 -29.16
N THR G 425 -30.26 45.53 -30.31
CA THR G 425 -31.49 44.78 -30.53
C THR G 425 -31.60 43.62 -29.55
N ALA G 426 -30.46 42.98 -29.22
CA ALA G 426 -30.49 41.81 -28.36
C ALA G 426 -30.95 42.15 -26.96
N ILE G 427 -30.37 43.19 -26.35
CA ILE G 427 -30.76 43.56 -25.00
C ILE G 427 -32.21 44.04 -24.96
N GLY G 428 -32.68 44.66 -26.05
CA GLY G 428 -34.07 45.07 -26.09
C GLY G 428 -35.02 43.90 -26.18
N ALA G 429 -34.65 42.87 -26.95
CA ALA G 429 -35.48 41.68 -27.06
C ALA G 429 -35.46 40.85 -25.78
N VAL G 430 -34.34 40.82 -25.08
CA VAL G 430 -34.28 40.13 -23.80
C VAL G 430 -35.15 40.84 -22.77
N GLU G 431 -35.05 42.17 -22.72
CA GLU G 431 -35.90 42.96 -21.84
C GLU G 431 -37.38 42.73 -22.17
N ALA G 432 -37.72 42.75 -23.46
CA ALA G 432 -39.10 42.53 -23.86
C ALA G 432 -39.58 41.14 -23.45
N ALA G 433 -38.70 40.13 -23.58
CA ALA G 433 -39.07 38.77 -23.20
C ALA G 433 -39.33 38.66 -21.70
N PHE G 434 -38.52 39.34 -20.88
CA PHE G 434 -38.76 39.34 -19.44
C PHE G 434 -40.07 40.02 -19.09
N LYS G 435 -40.44 41.06 -19.84
CA LYS G 435 -41.64 41.82 -19.51
C LYS G 435 -42.90 40.99 -19.68
N CYS G 436 -42.93 40.11 -20.69
CA CYS G 436 -44.13 39.36 -21.02
C CYS G 436 -44.01 37.87 -20.69
N CYS G 437 -42.89 37.45 -20.10
CA CYS G 437 -42.55 36.03 -19.98
C CYS G 437 -42.76 35.31 -21.31
N ALA G 438 -42.11 35.84 -22.35
CA ALA G 438 -42.21 35.26 -23.68
C ALA G 438 -41.81 33.79 -23.64
N ALA G 439 -42.54 32.97 -24.41
CA ALA G 439 -42.19 31.56 -24.49
C ALA G 439 -40.88 31.35 -25.22
N ALA G 440 -40.52 32.26 -26.13
CA ALA G 440 -39.28 32.11 -26.87
C ALA G 440 -38.90 33.43 -27.52
N ILE G 441 -37.62 33.54 -27.85
CA ILE G 441 -37.08 34.57 -28.71
C ILE G 441 -36.64 33.89 -30.00
N ILE G 442 -37.40 34.09 -31.07
CA ILE G 442 -37.10 33.46 -32.35
C ILE G 442 -36.21 34.41 -33.15
N VAL G 443 -34.99 33.96 -33.44
CA VAL G 443 -33.98 34.80 -34.08
C VAL G 443 -33.48 34.10 -35.34
N LEU G 444 -33.24 34.87 -36.39
CA LEU G 444 -32.62 34.38 -37.61
C LEU G 444 -31.14 34.70 -37.56
N THR G 445 -30.30 33.70 -37.83
CA THR G 445 -28.87 33.91 -37.75
C THR G 445 -28.16 33.06 -38.78
N THR G 446 -27.08 33.59 -39.33
CA THR G 446 -26.23 32.88 -40.27
C THR G 446 -25.00 32.26 -39.61
N THR G 447 -24.36 32.99 -38.70
CA THR G 447 -23.20 32.51 -37.97
C THR G 447 -23.50 32.20 -36.52
N GLY G 448 -24.74 32.38 -36.07
CA GLY G 448 -25.08 32.21 -34.68
C GLY G 448 -24.83 33.43 -33.81
N ARG G 449 -24.17 34.46 -34.33
CA ARG G 449 -23.74 35.57 -33.48
C ARG G 449 -24.92 36.30 -32.84
N SER G 450 -26.02 36.47 -33.59
CA SER G 450 -27.18 37.14 -33.01
C SER G 450 -27.83 36.28 -31.93
N ALA G 451 -27.81 34.96 -32.09
CA ALA G 451 -28.31 34.08 -31.04
C ALA G 451 -27.41 34.14 -29.81
N GLN G 452 -26.09 34.18 -30.03
CA GLN G 452 -25.15 34.24 -28.91
C GLN G 452 -25.26 35.56 -28.16
N LEU G 453 -25.49 36.66 -28.89
CA LEU G 453 -25.64 37.96 -28.23
C LEU G 453 -26.91 38.02 -27.39
N LEU G 454 -27.95 37.30 -27.80
CA LEU G 454 -29.13 37.16 -26.94
C LEU G 454 -28.81 36.25 -25.75
N SER G 455 -28.14 35.13 -26.01
CA SER G 455 -27.76 34.20 -24.95
C SER G 455 -26.93 34.88 -23.88
N ARG G 456 -26.15 35.90 -24.25
CA ARG G 456 -25.24 36.55 -23.32
C ARG G 456 -25.95 37.19 -22.13
N TYR G 457 -27.23 37.56 -22.29
CA TYR G 457 -27.97 38.24 -21.23
C TYR G 457 -28.83 37.29 -20.41
N ARG G 458 -28.70 35.99 -20.64
CA ARG G 458 -29.37 34.95 -19.84
C ARG G 458 -30.88 35.17 -19.71
N PRO G 459 -31.61 35.23 -20.82
CA PRO G 459 -33.08 35.32 -20.72
C PRO G 459 -33.67 34.03 -20.20
N ARG G 460 -34.83 34.16 -19.56
CA ARG G 460 -35.61 32.96 -19.25
C ARG G 460 -36.29 32.39 -20.48
N ALA G 461 -36.55 33.22 -21.48
CA ALA G 461 -37.14 32.73 -22.72
C ALA G 461 -36.11 31.94 -23.52
N ALA G 462 -36.55 30.81 -24.07
CA ALA G 462 -35.71 30.05 -24.98
C ALA G 462 -35.37 30.88 -26.21
N VAL G 463 -34.13 30.78 -26.66
CA VAL G 463 -33.68 31.47 -27.87
C VAL G 463 -33.72 30.44 -29.00
N ILE G 464 -34.81 30.46 -29.76
CA ILE G 464 -34.96 29.57 -30.91
C ILE G 464 -34.25 30.22 -32.09
N ALA G 465 -33.15 29.61 -32.52
CA ALA G 465 -32.31 30.15 -33.57
C ALA G 465 -32.52 29.35 -34.86
N VAL G 466 -33.00 30.02 -35.90
CA VAL G 466 -33.18 29.41 -37.21
C VAL G 466 -31.99 29.79 -38.07
N THR G 467 -31.32 28.79 -38.64
CA THR G 467 -30.15 29.02 -39.46
C THR G 467 -30.15 28.02 -40.61
N ARG G 468 -29.49 28.41 -41.70
CA ARG G 468 -29.21 27.48 -42.79
C ARG G 468 -27.86 26.81 -42.67
N SER G 469 -26.95 27.40 -41.87
CA SER G 469 -25.62 26.85 -41.68
C SER G 469 -25.69 25.62 -40.78
N ALA G 470 -25.35 24.46 -41.33
CA ALA G 470 -25.37 23.23 -40.54
C ALA G 470 -24.37 23.28 -39.40
N GLN G 471 -23.17 23.82 -39.66
CA GLN G 471 -22.16 23.89 -38.61
C GLN G 471 -22.53 24.90 -37.54
N ALA G 472 -23.10 26.05 -37.94
CA ALA G 472 -23.54 27.03 -36.95
C ALA G 472 -24.63 26.46 -36.07
N ALA G 473 -25.54 25.66 -36.64
CA ALA G 473 -26.56 25.00 -35.83
C ALA G 473 -25.93 24.13 -34.76
N ARG G 474 -24.83 23.45 -35.10
CA ARG G 474 -24.19 22.56 -34.13
C ARG G 474 -23.35 23.34 -33.13
N GLN G 475 -22.59 24.33 -33.58
CA GLN G 475 -21.63 25.01 -32.71
C GLN G 475 -22.32 25.86 -31.65
N VAL G 476 -23.52 26.36 -31.93
CA VAL G 476 -24.18 27.27 -30.99
C VAL G 476 -24.82 26.54 -29.83
N HIS G 477 -24.69 25.20 -29.76
CA HIS G 477 -25.02 24.47 -28.55
C HIS G 477 -24.16 24.91 -27.37
N LEU G 478 -23.02 25.54 -27.63
CA LEU G 478 -22.14 26.00 -26.56
C LEU G 478 -22.74 27.16 -25.78
N CYS G 479 -23.76 27.82 -26.31
CA CYS G 479 -24.35 28.99 -25.67
C CYS G 479 -25.69 28.61 -25.03
N ARG G 480 -25.80 28.89 -23.74
CA ARG G 480 -26.99 28.47 -22.99
C ARG G 480 -28.24 29.15 -23.52
N GLY G 481 -29.32 28.38 -23.60
CA GLY G 481 -30.61 28.91 -24.01
C GLY G 481 -30.84 28.96 -25.49
N VAL G 482 -29.88 28.56 -26.31
CA VAL G 482 -30.00 28.62 -27.77
C VAL G 482 -30.43 27.24 -28.25
N PHE G 483 -31.57 27.20 -28.94
CA PHE G 483 -32.13 25.96 -29.46
C PHE G 483 -32.07 25.98 -30.98
N PRO G 484 -31.08 25.34 -31.60
CA PRO G 484 -30.84 25.54 -33.03
C PRO G 484 -31.79 24.73 -33.91
N LEU G 485 -32.29 25.38 -34.95
CA LEU G 485 -33.16 24.75 -35.93
C LEU G 485 -32.52 24.89 -37.31
N LEU G 486 -32.33 23.77 -38.00
CA LEU G 486 -31.72 23.75 -39.31
C LEU G 486 -32.78 23.91 -40.39
N TYR G 487 -32.70 24.99 -41.16
CA TYR G 487 -33.61 25.24 -42.27
C TYR G 487 -33.03 24.61 -43.54
N ARG G 488 -33.86 23.91 -44.30
CA ARG G 488 -33.41 23.16 -45.46
C ARG G 488 -34.00 23.63 -46.77
N GLU G 489 -35.17 24.25 -46.77
CA GLU G 489 -35.80 24.68 -48.01
C GLU G 489 -34.95 25.75 -48.69
N PRO G 490 -34.91 25.77 -50.02
CA PRO G 490 -34.11 26.78 -50.73
C PRO G 490 -34.74 28.15 -50.63
N PRO G 491 -33.97 29.22 -50.80
CA PRO G 491 -34.50 30.58 -50.64
C PRO G 491 -35.68 30.86 -51.56
N GLU G 492 -36.53 31.79 -51.12
CA GLU G 492 -37.64 32.27 -51.92
C GLU G 492 -37.16 33.36 -52.88
N ALA G 493 -38.00 33.67 -53.87
CA ALA G 493 -37.69 34.76 -54.78
C ALA G 493 -37.62 36.09 -54.02
N ILE G 494 -38.71 36.46 -53.37
CA ILE G 494 -38.75 37.68 -52.57
C ILE G 494 -38.15 37.41 -51.20
N TRP G 495 -37.20 38.25 -50.80
CA TRP G 495 -36.47 38.01 -49.55
C TRP G 495 -37.40 38.08 -48.34
N ALA G 496 -38.27 39.08 -48.30
CA ALA G 496 -39.17 39.24 -47.15
C ALA G 496 -40.03 37.99 -46.93
N ASP G 497 -40.31 37.24 -48.00
CA ASP G 497 -41.04 35.99 -47.85
C ASP G 497 -40.13 34.87 -47.36
N ASP G 498 -38.86 34.88 -47.73
CA ASP G 498 -37.92 33.89 -47.21
C ASP G 498 -37.69 34.07 -45.72
N VAL G 499 -37.76 35.31 -45.24
CA VAL G 499 -37.65 35.57 -43.81
C VAL G 499 -38.90 35.11 -43.09
N ASP G 500 -40.08 35.33 -43.69
CA ASP G 500 -41.32 34.95 -43.04
C ASP G 500 -41.44 33.44 -42.91
N ARG G 501 -41.09 32.69 -43.94
CA ARG G 501 -41.15 31.23 -43.87
C ARG G 501 -40.22 30.69 -42.80
N ARG G 502 -39.03 31.28 -42.66
CA ARG G 502 -38.09 30.85 -41.64
C ARG G 502 -38.63 31.14 -40.24
N VAL G 503 -39.23 32.32 -40.05
CA VAL G 503 -39.85 32.64 -38.77
C VAL G 503 -40.99 31.67 -38.49
N GLN G 504 -41.84 31.42 -39.49
CA GLN G 504 -42.91 30.44 -39.33
C GLN G 504 -42.35 29.04 -39.09
N PHE G 505 -41.20 28.73 -39.68
CA PHE G 505 -40.53 27.46 -39.41
C PHE G 505 -40.13 27.35 -37.95
N GLY G 506 -39.64 28.46 -37.37
CA GLY G 506 -39.32 28.46 -35.95
C GLY G 506 -40.56 28.26 -35.09
N ILE G 507 -41.67 28.89 -35.46
CA ILE G 507 -42.91 28.75 -34.69
C ILE G 507 -43.40 27.31 -34.74
N GLU G 508 -43.42 26.71 -35.93
CA GLU G 508 -44.00 25.38 -36.07
C GLU G 508 -43.11 24.30 -35.48
N SER G 509 -41.80 24.47 -35.54
CA SER G 509 -40.92 23.54 -34.83
C SER G 509 -41.13 23.65 -33.33
N GLY G 510 -41.17 24.87 -32.81
CA GLY G 510 -41.43 25.06 -31.39
C GLY G 510 -42.80 24.59 -30.98
N LYS G 511 -43.76 24.57 -31.91
CA LYS G 511 -45.07 24.01 -31.62
C LYS G 511 -45.00 22.49 -31.49
N LEU G 512 -44.20 21.84 -32.35
CA LEU G 512 -44.06 20.40 -32.27
C LEU G 512 -43.28 19.98 -31.02
N ARG G 513 -42.22 20.71 -30.70
CA ARG G 513 -41.32 20.34 -29.62
C ARG G 513 -41.86 20.69 -28.24
N GLY G 514 -43.02 21.35 -28.16
CA GLY G 514 -43.55 21.73 -26.87
C GLY G 514 -42.95 23.00 -26.28
N PHE G 515 -42.34 23.85 -27.10
CA PHE G 515 -41.79 25.11 -26.61
C PHE G 515 -42.81 26.24 -26.71
N LEU G 516 -43.71 26.17 -27.70
CA LEU G 516 -44.68 27.22 -27.98
C LEU G 516 -46.08 26.63 -28.00
N ARG G 517 -47.03 27.39 -27.45
CA ARG G 517 -48.44 27.01 -27.47
C ARG G 517 -49.27 28.20 -27.93
N VAL G 518 -50.47 27.91 -28.44
CA VAL G 518 -51.34 28.95 -28.96
C VAL G 518 -51.72 29.92 -27.85
N GLY G 519 -51.45 31.21 -28.09
CA GLY G 519 -51.66 32.23 -27.08
C GLY G 519 -50.38 32.75 -26.46
N ASP G 520 -49.26 32.07 -26.66
CA ASP G 520 -47.99 32.56 -26.15
C ASP G 520 -47.55 33.80 -26.92
N LEU G 521 -46.77 34.63 -26.25
CA LEU G 521 -46.06 35.73 -26.90
C LEU G 521 -44.63 35.28 -27.21
N VAL G 522 -44.14 35.67 -28.38
CA VAL G 522 -42.74 35.46 -28.73
C VAL G 522 -42.14 36.79 -29.15
N ILE G 523 -40.81 36.85 -29.05
CA ILE G 523 -40.04 37.97 -29.56
C ILE G 523 -39.31 37.48 -30.80
N VAL G 524 -39.53 38.14 -31.93
CA VAL G 524 -38.94 37.75 -33.20
C VAL G 524 -37.88 38.78 -33.57
N VAL G 525 -36.65 38.31 -33.74
CA VAL G 525 -35.50 39.16 -34.02
C VAL G 525 -34.99 38.85 -35.41
N THR G 526 -35.03 39.83 -36.30
CA THR G 526 -34.56 39.66 -37.68
C THR G 526 -33.73 40.88 -38.05
N GLY G 527 -33.50 41.08 -39.35
CA GLY G 527 -32.68 42.15 -39.84
C GLY G 527 -33.24 42.79 -41.09
N TRP G 528 -32.52 43.81 -41.59
CA TRP G 528 -33.01 44.65 -42.66
C TRP G 528 -32.42 44.32 -44.03
N ARG G 529 -31.52 43.34 -44.12
CA ARG G 529 -30.96 42.92 -45.40
C ARG G 529 -30.32 41.55 -45.22
N PRO G 530 -30.11 40.80 -46.31
CA PRO G 530 -29.51 39.47 -46.18
C PRO G 530 -28.03 39.56 -45.82
N GLY G 531 -27.50 38.43 -45.36
CA GLY G 531 -26.12 38.36 -44.93
C GLY G 531 -25.98 38.56 -43.43
N SER G 532 -24.74 38.40 -42.97
CA SER G 532 -24.43 38.41 -41.54
C SER G 532 -24.20 39.82 -41.03
N GLY G 533 -24.75 40.12 -39.86
CA GLY G 533 -24.42 41.34 -39.14
C GLY G 533 -25.39 42.49 -39.29
N TYR G 534 -26.61 42.26 -39.75
CA TYR G 534 -27.58 43.34 -39.96
C TYR G 534 -28.88 43.11 -39.21
N THR G 535 -28.85 42.28 -38.17
CA THR G 535 -29.97 42.19 -37.25
C THR G 535 -30.23 43.54 -36.60
N ASN G 536 -31.46 44.03 -36.72
CA ASN G 536 -31.79 45.30 -36.05
C ASN G 536 -33.29 45.46 -35.81
N ILE G 537 -34.08 44.38 -35.86
CA ILE G 537 -35.52 44.47 -35.73
C ILE G 537 -35.97 43.51 -34.64
N MET G 538 -37.02 43.91 -33.92
CA MET G 538 -37.58 43.12 -32.83
C MET G 538 -39.08 43.33 -32.82
N ARG G 539 -39.84 42.23 -32.89
CA ARG G 539 -41.29 42.27 -32.96
C ARG G 539 -41.89 41.38 -31.89
N VAL G 540 -43.03 41.81 -31.36
CA VAL G 540 -43.80 41.04 -30.37
C VAL G 540 -44.99 40.40 -31.07
N LEU G 541 -45.11 39.08 -30.97
CA LEU G 541 -46.11 38.32 -31.73
C LEU G 541 -46.83 37.34 -30.84
N SER G 542 -48.15 37.32 -30.93
CA SER G 542 -48.93 36.23 -30.33
C SER G 542 -48.85 35.00 -31.24
N ILE G 543 -48.96 33.83 -30.63
CA ILE G 543 -48.95 32.58 -31.37
C ILE G 543 -50.38 32.16 -31.65
N SER G 544 -50.68 31.93 -32.94
CA SER G 544 -52.03 31.56 -33.35
C SER G 544 -52.15 30.06 -33.56
N GLN H 27 -4.76 39.49 0.06
CA GLN H 27 -5.35 39.25 1.37
C GLN H 27 -5.83 37.80 1.49
N GLN H 28 -6.33 37.44 2.67
CA GLN H 28 -6.77 36.09 2.97
C GLN H 28 -8.29 36.07 3.17
N GLN H 29 -8.81 34.87 3.48
CA GLN H 29 -10.23 34.59 3.67
C GLN H 29 -11.13 35.26 2.65
N GLN H 30 -10.68 35.33 1.40
CA GLN H 30 -11.47 35.84 0.28
C GLN H 30 -11.97 37.27 0.51
N LEU H 31 -11.19 38.07 1.22
CA LEU H 31 -11.60 39.43 1.52
C LEU H 31 -11.71 40.33 0.29
N PRO H 32 -10.86 40.19 -0.73
CA PRO H 32 -11.09 40.95 -1.97
C PRO H 32 -12.43 40.63 -2.64
N ALA H 33 -12.82 39.35 -2.66
CA ALA H 33 -14.14 39.01 -3.18
C ALA H 33 -15.26 39.39 -2.22
N ALA H 34 -14.92 39.64 -0.94
CA ALA H 34 -15.93 40.10 0.00
C ALA H 34 -16.30 41.56 -0.24
N MET H 35 -15.32 42.38 -0.64
CA MET H 35 -15.55 43.79 -0.89
C MET H 35 -16.20 44.07 -2.25
N ALA H 36 -16.53 43.04 -3.01
CA ALA H 36 -17.11 43.25 -4.33
C ALA H 36 -18.50 43.87 -4.22
N ASP H 37 -18.85 44.67 -5.23
CA ASP H 37 -20.12 45.40 -5.24
C ASP H 37 -21.29 44.58 -5.80
N THR H 38 -21.01 43.50 -6.51
CA THR H 38 -22.05 42.66 -7.10
C THR H 38 -21.71 41.20 -6.82
N PHE H 39 -22.72 40.33 -6.96
CA PHE H 39 -22.45 38.91 -6.81
C PHE H 39 -21.57 38.40 -7.94
N LEU H 40 -21.79 38.89 -9.16
CA LEU H 40 -20.99 38.44 -10.29
C LEU H 40 -19.53 38.79 -10.11
N GLU H 41 -19.24 40.02 -9.64
CA GLU H 41 -17.86 40.38 -9.34
C GLU H 41 -17.33 39.54 -8.19
N HIS H 42 -18.18 39.23 -7.21
CA HIS H 42 -17.76 38.41 -6.08
C HIS H 42 -17.27 37.05 -6.56
N LEU H 43 -18.01 36.41 -7.48
CA LEU H 43 -17.55 35.18 -8.09
C LEU H 43 -16.22 35.39 -8.80
N CYS H 44 -16.12 36.46 -9.59
CA CYS H 44 -14.93 36.68 -10.41
C CYS H 44 -13.68 36.84 -9.56
N LEU H 45 -13.84 37.28 -8.31
CA LEU H 45 -12.71 37.61 -7.45
C LEU H 45 -12.32 36.48 -6.50
N LEU H 46 -13.04 35.36 -6.51
CA LEU H 46 -12.67 34.24 -5.66
C LEU H 46 -11.30 33.72 -6.06
N ASP H 47 -10.47 33.41 -5.07
CA ASP H 47 -9.04 33.17 -5.26
C ASP H 47 -8.63 31.88 -4.56
N ILE H 48 -8.17 30.90 -5.33
CA ILE H 48 -7.72 29.64 -4.74
C ILE H 48 -6.45 29.82 -3.91
N ASP H 49 -5.73 30.92 -4.08
CA ASP H 49 -4.55 31.19 -3.28
C ASP H 49 -4.87 32.01 -2.03
N SER H 50 -6.11 32.42 -1.86
CA SER H 50 -6.55 33.10 -0.64
C SER H 50 -6.81 32.05 0.43
N GLU H 51 -6.06 32.12 1.54
CA GLU H 51 -6.26 30.99 2.43
C GLU H 51 -7.23 31.34 3.56
N PRO H 52 -8.00 30.36 4.02
CA PRO H 52 -8.92 30.60 5.14
C PRO H 52 -8.15 30.88 6.43
N VAL H 53 -8.66 31.85 7.18
CA VAL H 53 -8.09 32.25 8.46
C VAL H 53 -8.98 31.81 9.62
N ALA H 54 -10.27 32.19 9.58
CA ALA H 54 -11.18 31.93 10.68
C ALA H 54 -11.37 30.42 10.90
N ALA H 55 -11.70 30.07 12.14
CA ALA H 55 -12.03 28.69 12.46
C ALA H 55 -13.29 28.26 11.74
N ARG H 56 -13.43 26.94 11.55
CA ARG H 56 -14.57 26.42 10.80
C ARG H 56 -15.86 26.63 11.57
N SER H 57 -16.83 27.28 10.93
CA SER H 57 -18.08 27.67 11.55
C SER H 57 -19.18 26.63 11.43
N THR H 58 -19.18 25.84 10.36
CA THR H 58 -20.26 24.90 10.08
C THR H 58 -20.00 23.59 10.83
N SER H 59 -20.88 23.24 11.76
CA SER H 59 -20.66 22.06 12.56
C SER H 59 -20.76 20.79 11.72
N ILE H 60 -20.10 19.74 12.18
CA ILE H 60 -20.08 18.44 11.52
C ILE H 60 -20.80 17.44 12.42
N ILE H 61 -21.84 16.81 11.88
CA ILE H 61 -22.52 15.70 12.55
C ILE H 61 -21.98 14.41 11.96
N ALA H 62 -21.52 13.51 12.83
CA ALA H 62 -21.00 12.22 12.42
C ALA H 62 -21.86 11.11 13.01
N THR H 63 -22.29 10.18 12.16
CA THR H 63 -23.11 9.07 12.60
C THR H 63 -22.23 7.99 13.21
N ILE H 64 -22.64 7.46 14.37
CA ILE H 64 -21.88 6.45 15.08
C ILE H 64 -22.27 5.07 14.56
N GLY H 65 -21.27 4.26 14.24
CA GLY H 65 -21.48 2.89 13.84
C GLY H 65 -20.23 2.06 14.11
N PRO H 66 -20.16 0.87 13.52
CA PRO H 66 -19.00 0.00 13.77
C PRO H 66 -17.66 0.63 13.45
N ALA H 67 -17.60 1.52 12.47
CA ALA H 67 -16.35 2.14 12.08
C ALA H 67 -15.95 3.31 12.96
N SER H 68 -16.80 3.70 13.91
CA SER H 68 -16.58 4.94 14.66
C SER H 68 -17.16 4.82 16.07
N ARG H 69 -16.98 3.65 16.69
CA ARG H 69 -17.58 3.37 17.98
C ARG H 69 -16.56 3.22 19.11
N SER H 70 -15.32 2.86 18.80
CA SER H 70 -14.31 2.73 19.83
C SER H 70 -13.94 4.09 20.40
N VAL H 71 -13.40 4.06 21.62
CA VAL H 71 -12.89 5.29 22.23
C VAL H 71 -11.73 5.84 21.40
N GLU H 72 -10.84 4.95 20.96
CA GLU H 72 -9.71 5.32 20.11
C GLU H 72 -10.18 6.10 18.89
N ARG H 73 -11.15 5.54 18.16
CA ARG H 73 -11.60 6.14 16.91
C ARG H 73 -12.32 7.45 17.16
N LEU H 74 -13.19 7.49 18.17
CA LEU H 74 -13.91 8.72 18.49
C LEU H 74 -12.96 9.83 18.90
N LYS H 75 -11.82 9.48 19.50
CA LYS H 75 -10.81 10.49 19.81
C LYS H 75 -10.29 11.14 18.53
N GLU H 76 -9.93 10.32 17.53
CA GLU H 76 -9.46 10.86 16.26
C GLU H 76 -10.53 11.76 15.63
N MET H 77 -11.79 11.37 15.76
CA MET H 77 -12.86 12.12 15.10
C MET H 77 -13.12 13.45 15.79
N ILE H 78 -13.04 13.48 17.11
CA ILE H 78 -13.12 14.76 17.83
C ILE H 78 -12.01 15.69 17.35
N LYS H 79 -10.78 15.18 17.31
CA LYS H 79 -9.66 15.98 16.83
C LYS H 79 -9.85 16.39 15.37
N ALA H 80 -10.52 15.55 14.57
CA ALA H 80 -10.74 15.88 13.17
C ALA H 80 -11.81 16.95 12.98
N GLY H 81 -12.69 17.14 13.96
CA GLY H 81 -13.66 18.22 13.86
C GLY H 81 -15.10 17.88 14.17
N MET H 82 -15.39 16.63 14.53
CA MET H 82 -16.75 16.24 14.85
C MET H 82 -17.28 17.05 16.03
N ASN H 83 -18.46 17.64 15.85
CA ASN H 83 -19.10 18.41 16.92
C ASN H 83 -20.36 17.75 17.46
N ILE H 84 -21.05 16.96 16.65
CA ILE H 84 -22.29 16.30 17.04
C ILE H 84 -22.18 14.83 16.66
N ALA H 85 -22.48 13.94 17.60
CA ALA H 85 -22.51 12.51 17.35
C ALA H 85 -23.96 12.08 17.19
N ARG H 86 -24.27 11.46 16.05
CA ARG H 86 -25.64 11.06 15.73
C ARG H 86 -25.82 9.56 15.98
N LEU H 87 -26.84 9.22 16.76
CA LEU H 87 -27.21 7.83 17.00
C LEU H 87 -28.43 7.52 16.14
N ASN H 88 -28.30 6.57 15.22
CA ASN H 88 -29.39 6.18 14.34
C ASN H 88 -30.16 5.06 15.01
N PHE H 89 -31.33 5.39 15.58
CA PHE H 89 -32.15 4.39 16.23
C PHE H 89 -33.01 3.61 15.25
N SER H 90 -32.76 3.74 13.94
CA SER H 90 -33.33 2.80 12.98
C SER H 90 -32.81 1.39 13.23
N HIS H 91 -31.62 1.27 13.82
CA HIS H 91 -31.00 -0.02 14.08
C HIS H 91 -30.34 0.02 15.45
N GLY H 92 -30.01 -1.17 15.97
CA GLY H 92 -29.33 -1.28 17.24
C GLY H 92 -30.24 -1.29 18.44
N SER H 93 -29.88 -2.07 19.46
CA SER H 93 -30.66 -2.13 20.68
C SER H 93 -30.29 -0.96 21.61
N HIS H 94 -31.08 -0.81 22.68
CA HIS H 94 -30.78 0.21 23.68
C HIS H 94 -29.42 -0.02 24.30
N GLU H 95 -29.06 -1.29 24.53
CA GLU H 95 -27.75 -1.62 25.08
C GLU H 95 -26.64 -1.16 24.13
N TYR H 96 -26.83 -1.36 22.83
CA TYR H 96 -25.84 -0.92 21.85
C TYR H 96 -25.66 0.59 21.88
N HIS H 97 -26.76 1.35 21.95
CA HIS H 97 -26.65 2.80 21.93
C HIS H 97 -26.21 3.37 23.27
N ALA H 98 -26.50 2.67 24.37
CA ALA H 98 -25.94 3.08 25.65
C ALA H 98 -24.41 2.99 25.61
N GLU H 99 -23.88 1.94 25.00
CA GLU H 99 -22.42 1.80 24.90
C GLU H 99 -21.83 2.89 24.03
N SER H 100 -22.45 3.15 22.87
CA SER H 100 -21.96 4.20 21.98
C SER H 100 -21.92 5.55 22.68
N ILE H 101 -23.02 5.91 23.37
CA ILE H 101 -23.05 7.15 24.15
C ILE H 101 -21.90 7.19 25.15
N ALA H 102 -21.71 6.09 25.89
CA ALA H 102 -20.68 6.05 26.92
C ALA H 102 -19.30 6.22 26.31
N ASN H 103 -19.04 5.59 25.17
CA ASN H 103 -17.75 5.74 24.52
C ASN H 103 -17.53 7.17 24.05
N VAL H 104 -18.56 7.81 23.50
CA VAL H 104 -18.45 9.20 23.10
C VAL H 104 -18.11 10.07 24.31
N ARG H 105 -18.83 9.88 25.41
CA ARG H 105 -18.54 10.64 26.63
C ARG H 105 -17.11 10.39 27.10
N GLU H 106 -16.65 9.13 27.02
CA GLU H 106 -15.29 8.83 27.45
C GLU H 106 -14.27 9.47 26.52
N ALA H 107 -14.54 9.48 25.21
CA ALA H 107 -13.63 10.15 24.28
C ALA H 107 -13.59 11.65 24.54
N VAL H 108 -14.75 12.25 24.84
CA VAL H 108 -14.79 13.68 25.16
C VAL H 108 -13.98 13.96 26.42
N GLU H 109 -14.13 13.12 27.44
CA GLU H 109 -13.47 13.35 28.72
C GLU H 109 -11.95 13.26 28.61
N SER H 110 -11.46 12.50 27.63
CA SER H 110 -10.02 12.35 27.44
C SER H 110 -9.30 13.68 27.22
N PHE H 111 -10.04 14.73 26.83
CA PHE H 111 -9.46 16.04 26.60
C PHE H 111 -9.82 17.04 27.70
N ALA H 112 -10.53 16.61 28.75
CA ALA H 112 -10.94 17.54 29.80
C ALA H 112 -9.76 18.05 30.63
N GLY H 113 -8.62 17.37 30.56
CA GLY H 113 -7.45 17.80 31.33
C GLY H 113 -6.88 19.13 30.89
N SER H 114 -7.14 19.54 29.66
CA SER H 114 -6.69 20.84 29.17
C SER H 114 -7.91 21.75 28.94
N PRO H 115 -8.40 22.40 30.00
CA PRO H 115 -9.69 23.12 29.88
C PRO H 115 -9.68 24.24 28.85
N LEU H 116 -8.50 24.77 28.50
CA LEU H 116 -8.44 25.78 27.45
C LEU H 116 -8.62 25.19 26.07
N SER H 117 -8.43 23.87 25.92
CA SER H 117 -8.48 23.21 24.61
C SER H 117 -9.61 22.20 24.49
N TYR H 118 -10.50 22.12 25.46
CA TYR H 118 -11.47 21.03 25.55
C TYR H 118 -12.68 21.31 24.67
N ARG H 119 -13.11 20.31 23.91
CA ARG H 119 -14.18 20.47 22.93
C ARG H 119 -15.41 19.65 23.33
N PRO H 120 -16.52 20.30 23.68
CA PRO H 120 -17.75 19.54 23.92
C PRO H 120 -18.27 18.92 22.64
N VAL H 121 -18.94 17.78 22.78
CA VAL H 121 -19.58 17.09 21.67
C VAL H 121 -21.02 16.82 22.04
N ALA H 122 -21.94 17.25 21.19
CA ALA H 122 -23.36 16.99 21.41
C ALA H 122 -23.71 15.58 20.98
N ILE H 123 -24.73 15.02 21.62
CA ILE H 123 -25.22 13.68 21.29
C ILE H 123 -26.65 13.83 20.78
N ALA H 124 -26.88 13.35 19.56
CA ALA H 124 -28.16 13.49 18.89
C ALA H 124 -28.78 12.12 18.67
N LEU H 125 -30.05 12.00 19.03
CA LEU H 125 -30.81 10.77 18.82
C LEU H 125 -31.67 10.94 17.57
N ASP H 126 -31.40 10.13 16.56
CA ASP H 126 -32.18 10.13 15.32
C ASP H 126 -33.20 8.99 15.40
N THR H 127 -34.47 9.34 15.40
CA THR H 127 -35.51 8.34 15.65
C THR H 127 -35.75 7.49 14.41
N LYS H 128 -36.21 6.25 14.65
CA LYS H 128 -36.59 5.39 13.54
C LYS H 128 -37.83 5.93 12.84
N GLY H 129 -38.82 6.39 13.61
CA GLY H 129 -39.96 7.06 13.05
C GLY H 129 -41.04 6.11 12.58
N PRO H 130 -42.22 6.65 12.28
CA PRO H 130 -43.29 5.82 11.72
C PRO H 130 -42.86 5.19 10.40
N GLU H 131 -43.33 3.97 10.17
CA GLU H 131 -42.91 3.19 9.02
C GLU H 131 -44.10 2.55 8.33
N ILE H 132 -43.88 2.17 7.07
CA ILE H 132 -44.79 1.33 6.30
C ILE H 132 -43.96 0.24 5.67
N ARG H 133 -44.32 -1.02 5.92
CA ARG H 133 -43.55 -2.15 5.41
C ARG H 133 -44.46 -3.21 4.83
N THR H 134 -43.92 -3.94 3.84
CA THR H 134 -44.64 -5.04 3.23
C THR H 134 -44.69 -6.22 4.19
N GLY H 135 -45.41 -7.27 3.79
CA GLY H 135 -45.59 -8.42 4.66
C GLY H 135 -44.49 -9.45 4.52
N ILE H 136 -44.57 -10.46 5.38
CA ILE H 136 -43.64 -11.58 5.29
C ILE H 136 -43.99 -12.42 4.07
N LEU H 137 -42.97 -12.87 3.35
CA LEU H 137 -43.14 -13.85 2.29
C LEU H 137 -42.98 -15.25 2.87
N GLN H 138 -43.78 -16.19 2.40
CA GLN H 138 -43.70 -17.53 2.97
C GLN H 138 -42.54 -18.30 2.36
N GLY H 139 -41.97 -19.18 3.17
CA GLY H 139 -40.62 -19.66 2.97
C GLY H 139 -39.61 -18.99 3.87
N GLY H 140 -40.06 -18.24 4.88
CA GLY H 140 -39.18 -17.49 5.74
C GLY H 140 -38.79 -16.16 5.14
N PRO H 141 -38.12 -15.31 5.92
CA PRO H 141 -37.60 -14.06 5.36
C PRO H 141 -36.49 -14.26 4.33
N GLU H 142 -36.00 -15.48 4.18
CA GLU H 142 -34.98 -15.78 3.17
C GLU H 142 -35.55 -15.89 1.77
N SER H 143 -36.87 -15.98 1.61
CA SER H 143 -37.41 -16.17 0.27
C SER H 143 -37.62 -14.83 -0.42
N GLU H 144 -37.65 -14.88 -1.75
CA GLU H 144 -37.66 -13.69 -2.58
C GLU H 144 -38.59 -13.95 -3.76
N VAL H 145 -39.30 -12.90 -4.18
CA VAL H 145 -40.14 -12.94 -5.36
C VAL H 145 -39.80 -11.74 -6.23
N GLU H 146 -40.11 -11.85 -7.51
CA GLU H 146 -39.77 -10.82 -8.49
C GLU H 146 -41.04 -10.15 -8.99
N LEU H 147 -41.11 -8.84 -8.83
CA LEU H 147 -42.20 -8.03 -9.39
C LEU H 147 -41.77 -7.57 -10.77
N VAL H 148 -42.36 -8.15 -11.81
CA VAL H 148 -41.89 -7.95 -13.18
C VAL H 148 -42.55 -6.71 -13.77
N LYS H 149 -41.77 -5.91 -14.50
CA LYS H 149 -42.29 -4.70 -15.10
C LYS H 149 -43.45 -5.01 -16.03
N GLY H 150 -44.48 -4.16 -15.97
CA GLY H 150 -45.68 -4.35 -16.75
C GLY H 150 -46.72 -5.25 -16.10
N SER H 151 -46.31 -6.10 -15.16
CA SER H 151 -47.22 -7.01 -14.49
C SER H 151 -48.26 -6.24 -13.67
N GLN H 152 -49.37 -6.91 -13.40
CA GLN H 152 -50.39 -6.40 -12.48
C GLN H 152 -50.09 -6.91 -11.08
N VAL H 153 -50.03 -6.01 -10.12
CA VAL H 153 -49.78 -6.34 -8.73
C VAL H 153 -50.87 -5.69 -7.88
N LEU H 154 -51.40 -6.46 -6.94
CA LEU H 154 -52.43 -5.97 -6.03
C LEU H 154 -51.80 -5.61 -4.69
N VAL H 155 -52.04 -4.39 -4.24
CA VAL H 155 -51.64 -3.96 -2.90
C VAL H 155 -52.87 -4.06 -2.01
N THR H 156 -52.83 -4.98 -1.05
CA THR H 156 -53.97 -5.25 -0.20
C THR H 156 -53.64 -4.99 1.26
N VAL H 157 -54.65 -4.56 2.01
CA VAL H 157 -54.56 -4.42 3.45
C VAL H 157 -55.53 -5.36 4.16
N ASP H 158 -56.00 -6.38 3.46
CA ASP H 158 -56.87 -7.37 4.08
C ASP H 158 -56.07 -8.18 5.09
N PRO H 159 -56.54 -8.31 6.34
CA PRO H 159 -55.77 -9.09 7.33
C PRO H 159 -55.52 -10.53 6.91
N ALA H 160 -56.39 -11.11 6.08
CA ALA H 160 -56.23 -12.49 5.66
C ALA H 160 -55.03 -12.68 4.73
N PHE H 161 -54.52 -11.61 4.12
CA PHE H 161 -53.42 -11.71 3.17
C PHE H 161 -52.08 -11.32 3.78
N ARG H 162 -52.02 -11.15 5.10
CA ARG H 162 -50.80 -10.69 5.76
C ARG H 162 -49.59 -11.55 5.37
N THR H 163 -49.75 -12.87 5.39
CA THR H 163 -48.67 -13.80 5.13
C THR H 163 -48.64 -14.29 3.68
N ARG H 164 -49.48 -13.73 2.81
CA ARG H 164 -49.74 -14.32 1.50
C ARG H 164 -49.10 -13.53 0.36
N GLY H 165 -47.99 -12.84 0.61
CA GLY H 165 -47.35 -12.08 -0.43
C GLY H 165 -46.79 -12.97 -1.54
N ASN H 166 -46.84 -12.46 -2.77
CA ASN H 166 -46.29 -13.17 -3.92
C ASN H 166 -45.98 -12.15 -5.01
N ALA H 167 -45.66 -12.66 -6.21
CA ALA H 167 -45.27 -11.81 -7.33
C ALA H 167 -46.40 -10.93 -7.85
N ASN H 168 -47.64 -11.14 -7.38
CA ASN H 168 -48.76 -10.32 -7.82
C ASN H 168 -49.55 -9.74 -6.65
N THR H 169 -49.20 -10.06 -5.41
CA THR H 169 -49.94 -9.61 -4.24
C THR H 169 -48.95 -9.05 -3.22
N VAL H 170 -49.17 -7.82 -2.78
CA VAL H 170 -48.34 -7.17 -1.77
C VAL H 170 -49.24 -6.73 -0.63
N TRP H 171 -48.97 -7.24 0.56
CA TRP H 171 -49.66 -6.80 1.77
C TRP H 171 -48.86 -5.69 2.44
N VAL H 172 -49.56 -4.83 3.18
CA VAL H 172 -48.97 -3.63 3.77
C VAL H 172 -49.60 -3.40 5.14
N ASP H 173 -48.77 -3.01 6.12
CA ASP H 173 -49.21 -2.80 7.50
C ASP H 173 -49.86 -1.45 7.73
N TYR H 174 -50.19 -0.70 6.68
CA TYR H 174 -50.78 0.63 6.80
C TYR H 174 -52.15 0.59 6.11
N PRO H 175 -53.22 0.27 6.84
CA PRO H 175 -54.53 0.09 6.21
C PRO H 175 -55.00 1.27 5.36
N ASN H 176 -54.71 2.49 5.78
CA ASN H 176 -55.18 3.67 5.06
C ASN H 176 -54.44 3.91 3.74
N ILE H 177 -53.55 3.01 3.32
CA ILE H 177 -52.89 3.20 2.03
C ILE H 177 -53.92 3.22 0.90
N VAL H 178 -55.03 2.49 1.06
CA VAL H 178 -56.05 2.43 0.01
C VAL H 178 -56.92 3.66 -0.07
N ARG H 179 -56.82 4.58 0.91
CA ARG H 179 -57.61 5.80 0.92
C ARG H 179 -56.76 7.05 0.65
N VAL H 180 -55.54 6.88 0.16
CA VAL H 180 -54.53 7.92 0.28
C VAL H 180 -53.67 7.97 -0.99
N VAL H 181 -53.76 6.93 -1.81
CA VAL H 181 -53.06 6.89 -3.09
C VAL H 181 -54.08 6.85 -4.22
N PRO H 182 -54.23 7.93 -4.99
CA PRO H 182 -55.23 7.94 -6.07
C PRO H 182 -54.72 7.21 -7.30
N VAL H 183 -55.63 7.06 -8.28
CA VAL H 183 -55.28 6.48 -9.56
C VAL H 183 -54.19 7.33 -10.20
N GLY H 184 -53.12 6.68 -10.66
CA GLY H 184 -51.95 7.34 -11.16
C GLY H 184 -50.86 7.55 -10.14
N GLY H 185 -51.21 7.62 -8.85
CA GLY H 185 -50.21 7.77 -7.81
C GLY H 185 -49.26 6.58 -7.75
N ARG H 186 -48.11 6.82 -7.16
CA ARG H 186 -47.03 5.84 -7.12
C ARG H 186 -46.87 5.26 -5.72
N ILE H 187 -46.30 4.06 -5.68
CA ILE H 187 -45.96 3.35 -4.45
C ILE H 187 -44.55 2.81 -4.61
N TYR H 188 -43.63 3.25 -3.75
CA TYR H 188 -42.26 2.78 -3.77
C TYR H 188 -42.05 1.71 -2.72
N ILE H 189 -41.29 0.68 -3.07
CA ILE H 189 -40.97 -0.41 -2.17
C ILE H 189 -39.45 -0.60 -2.16
N ASP H 190 -38.90 -0.83 -0.97
CA ASP H 190 -37.48 -1.12 -0.78
C ASP H 190 -36.61 0.05 -1.25
N ASP H 191 -36.75 1.16 -0.52
CA ASP H 191 -35.96 2.37 -0.75
C ASP H 191 -36.06 2.83 -2.20
N GLY H 192 -37.27 2.77 -2.75
CA GLY H 192 -37.55 3.27 -4.09
C GLY H 192 -37.11 2.37 -5.22
N LEU H 193 -36.59 1.18 -4.93
CA LEU H 193 -36.07 0.33 -6.00
C LEU H 193 -37.16 -0.36 -6.80
N ILE H 194 -38.39 -0.42 -6.30
CA ILE H 194 -39.53 -0.96 -7.03
C ILE H 194 -40.62 0.11 -7.05
N SER H 195 -41.19 0.34 -8.23
CA SER H 195 -42.18 1.38 -8.43
C SER H 195 -43.49 0.78 -8.91
N LEU H 196 -44.59 1.16 -8.26
CA LEU H 196 -45.93 0.72 -8.61
C LEU H 196 -46.79 1.94 -8.90
N VAL H 197 -47.59 1.87 -9.98
CA VAL H 197 -48.53 2.92 -10.33
C VAL H 197 -49.94 2.38 -10.18
N VAL H 198 -50.79 3.11 -9.47
CA VAL H 198 -52.15 2.65 -9.23
C VAL H 198 -52.96 2.75 -10.51
N GLN H 199 -53.56 1.63 -10.92
CA GLN H 199 -54.43 1.59 -12.08
C GLN H 199 -55.90 1.72 -11.71
N LYS H 200 -56.33 1.07 -10.64
CA LYS H 200 -57.74 1.05 -10.26
C LYS H 200 -57.85 0.85 -8.76
N ILE H 201 -58.80 1.53 -8.15
CA ILE H 201 -59.09 1.42 -6.73
C ILE H 201 -60.40 0.66 -6.58
N GLY H 202 -60.31 -0.60 -6.15
CA GLY H 202 -61.48 -1.41 -5.90
C GLY H 202 -61.52 -1.89 -4.47
N PRO H 203 -62.60 -2.55 -4.08
CA PRO H 203 -62.71 -3.06 -2.69
C PRO H 203 -61.61 -4.02 -2.31
N GLU H 204 -60.98 -4.69 -3.28
CA GLU H 204 -59.87 -5.58 -2.97
C GLU H 204 -58.60 -4.82 -2.61
N GLY H 205 -58.54 -3.52 -2.91
CA GLY H 205 -57.35 -2.74 -2.66
C GLY H 205 -56.92 -1.93 -3.87
N LEU H 206 -55.61 -1.73 -4.03
CA LEU H 206 -55.07 -0.96 -5.14
C LEU H 206 -54.52 -1.91 -6.19
N VAL H 207 -55.17 -1.96 -7.35
CA VAL H 207 -54.65 -2.72 -8.48
C VAL H 207 -53.61 -1.86 -9.18
N THR H 208 -52.36 -2.32 -9.17
CA THR H 208 -51.25 -1.53 -9.68
C THR H 208 -50.53 -2.26 -10.81
N GLN H 209 -49.83 -1.47 -11.61
CA GLN H 209 -48.93 -1.98 -12.64
C GLN H 209 -47.50 -1.67 -12.23
N VAL H 210 -46.63 -2.68 -12.32
CA VAL H 210 -45.23 -2.48 -12.00
C VAL H 210 -44.62 -1.51 -13.00
N GLU H 211 -44.14 -0.37 -12.50
CA GLU H 211 -43.47 0.59 -13.37
C GLU H 211 -41.98 0.31 -13.48
N ASN H 212 -41.32 0.02 -12.37
CA ASN H 212 -39.93 -0.44 -12.38
C ASN H 212 -39.84 -1.69 -11.52
N GLY H 213 -39.49 -2.81 -12.15
CA GLY H 213 -39.45 -4.08 -11.45
C GLY H 213 -38.26 -4.24 -10.54
N GLY H 214 -38.20 -5.41 -9.93
CA GLY H 214 -37.17 -5.75 -8.98
C GLY H 214 -37.60 -6.92 -8.13
N VAL H 215 -36.62 -7.55 -7.50
CA VAL H 215 -36.88 -8.70 -6.64
C VAL H 215 -37.05 -8.20 -5.21
N LEU H 216 -38.18 -8.57 -4.60
CA LEU H 216 -38.60 -8.04 -3.31
C LEU H 216 -38.45 -9.11 -2.23
N GLY H 217 -38.14 -8.67 -1.02
CA GLY H 217 -38.08 -9.54 0.13
C GLY H 217 -39.24 -9.33 1.08
N SER H 218 -39.04 -9.64 2.35
CA SER H 218 -40.09 -9.53 3.36
C SER H 218 -39.88 -8.28 4.21
N ARG H 219 -40.99 -7.59 4.51
CA ARG H 219 -40.98 -6.43 5.39
C ARG H 219 -40.04 -5.33 4.90
N LYS H 220 -40.09 -5.06 3.60
CA LYS H 220 -39.31 -3.97 3.02
C LYS H 220 -40.10 -2.66 3.15
N GLY H 221 -39.37 -1.55 3.08
CA GLY H 221 -39.96 -0.25 3.35
C GLY H 221 -40.73 0.31 2.17
N VAL H 222 -41.77 1.07 2.48
CA VAL H 222 -42.70 1.59 1.48
C VAL H 222 -42.81 3.10 1.64
N ASN H 223 -42.72 3.81 0.53
CA ASN H 223 -42.92 5.26 0.49
C ASN H 223 -44.10 5.59 -0.41
N LEU H 224 -44.87 6.60 -0.02
CA LEU H 224 -46.06 7.04 -0.74
C LEU H 224 -45.84 8.49 -1.19
N PRO H 225 -45.14 8.69 -2.31
CA PRO H 225 -44.83 10.06 -2.74
C PRO H 225 -46.08 10.89 -2.98
N GLY H 226 -46.11 12.07 -2.38
CA GLY H 226 -47.23 12.99 -2.51
C GLY H 226 -48.41 12.68 -1.62
N ALA H 227 -48.43 11.53 -0.97
CA ALA H 227 -49.57 11.14 -0.16
C ALA H 227 -49.59 11.89 1.17
N GLN H 228 -50.78 12.10 1.69
CA GLN H 228 -50.98 12.60 3.05
C GLN H 228 -51.07 11.40 3.97
N VAL H 229 -49.95 11.04 4.60
CA VAL H 229 -49.87 9.80 5.36
C VAL H 229 -50.45 10.01 6.76
N ASP H 230 -51.34 9.10 7.16
CA ASP H 230 -52.15 9.17 8.37
C ASP H 230 -51.40 8.81 9.65
N LEU H 231 -50.20 8.25 9.55
CA LEU H 231 -49.46 7.69 10.69
C LEU H 231 -49.31 8.72 11.82
N PRO H 232 -49.23 8.27 13.08
CA PRO H 232 -49.07 9.21 14.18
C PRO H 232 -47.71 9.88 14.16
N GLY H 233 -47.56 10.90 15.00
CA GLY H 233 -46.31 11.63 15.06
C GLY H 233 -45.13 10.76 15.48
N LEU H 234 -45.38 9.76 16.31
CA LEU H 234 -44.35 8.85 16.79
C LEU H 234 -44.87 7.43 16.73
N SER H 235 -43.94 6.48 16.61
CA SER H 235 -44.29 5.08 16.81
C SER H 235 -44.21 4.75 18.30
N GLU H 236 -44.65 3.53 18.64
CA GLU H 236 -44.49 3.06 20.01
C GLU H 236 -43.02 2.86 20.35
N GLN H 237 -42.25 2.32 19.40
CA GLN H 237 -40.81 2.22 19.58
C GLN H 237 -40.19 3.60 19.80
N ASP H 238 -40.68 4.61 19.06
CA ASP H 238 -40.17 5.97 19.23
C ASP H 238 -40.39 6.47 20.65
N VAL H 239 -41.57 6.21 21.21
CA VAL H 239 -41.83 6.62 22.59
C VAL H 239 -40.83 5.99 23.54
N ARG H 240 -40.53 4.70 23.33
CA ARG H 240 -39.53 4.03 24.17
C ARG H 240 -38.14 4.58 23.91
N ASP H 241 -37.79 4.81 22.64
CA ASP H 241 -36.45 5.30 22.31
C ASP H 241 -36.23 6.70 22.88
N LEU H 242 -37.25 7.55 22.85
CA LEU H 242 -37.10 8.91 23.39
C LEU H 242 -36.98 8.89 24.91
N ARG H 243 -37.69 7.99 25.58
CA ARG H 243 -37.53 7.86 27.02
C ARG H 243 -36.12 7.40 27.37
N PHE H 244 -35.59 6.42 26.63
CA PHE H 244 -34.19 6.05 26.74
C PHE H 244 -33.29 7.26 26.55
N GLY H 245 -33.61 8.11 25.58
CA GLY H 245 -32.75 9.26 25.29
C GLY H 245 -32.69 10.26 26.44
N VAL H 246 -33.82 10.49 27.11
CA VAL H 246 -33.82 11.41 28.24
C VAL H 246 -32.95 10.87 29.37
N GLU H 247 -33.11 9.57 29.67
CA GLU H 247 -32.34 8.98 30.78
C GLU H 247 -30.86 8.93 30.48
N HIS H 248 -30.48 8.89 29.20
CA HIS H 248 -29.07 8.84 28.81
C HIS H 248 -28.56 10.21 28.37
N GLY H 249 -29.33 11.27 28.59
CA GLY H 249 -28.84 12.63 28.45
C GLY H 249 -28.48 13.07 27.06
N VAL H 250 -29.29 12.73 26.06
CA VAL H 250 -29.04 13.25 24.72
C VAL H 250 -29.37 14.74 24.68
N ASP H 251 -28.69 15.46 23.79
CA ASP H 251 -28.89 16.90 23.66
C ASP H 251 -29.91 17.25 22.60
N ILE H 252 -30.01 16.43 21.55
CA ILE H 252 -30.76 16.76 20.35
C ILE H 252 -31.55 15.54 19.91
N VAL H 253 -32.76 15.76 19.43
CA VAL H 253 -33.55 14.72 18.78
C VAL H 253 -33.77 15.13 17.33
N PHE H 254 -33.33 14.29 16.40
CA PHE H 254 -33.74 14.38 15.00
C PHE H 254 -35.02 13.57 14.85
N ALA H 255 -36.16 14.26 14.72
CA ALA H 255 -37.46 13.61 14.70
C ALA H 255 -37.81 13.19 13.27
N SER H 256 -38.02 11.90 13.07
CA SER H 256 -38.26 11.36 11.73
C SER H 256 -39.64 11.77 11.20
N PHE H 257 -39.70 11.95 9.88
CA PHE H 257 -40.96 11.94 9.13
C PHE H 257 -41.96 13.00 9.61
N VAL H 258 -41.46 14.18 9.93
CA VAL H 258 -42.32 15.24 10.44
C VAL H 258 -43.09 15.86 9.28
N ARG H 259 -44.41 15.93 9.43
CA ARG H 259 -45.31 16.42 8.39
C ARG H 259 -46.09 17.66 8.80
N LYS H 260 -46.32 17.87 10.09
CA LYS H 260 -47.15 18.97 10.56
C LYS H 260 -46.72 19.32 11.98
N ALA H 261 -47.30 20.40 12.50
CA ALA H 261 -46.93 20.87 13.83
C ALA H 261 -47.29 19.86 14.92
N SER H 262 -48.39 19.12 14.74
CA SER H 262 -48.79 18.17 15.78
C SER H 262 -47.82 17.01 15.90
N ASP H 263 -47.11 16.66 14.82
CA ASP H 263 -46.05 15.67 14.92
C ASP H 263 -44.96 16.12 15.89
N VAL H 264 -44.60 17.41 15.84
CA VAL H 264 -43.58 17.92 16.75
C VAL H 264 -44.09 17.92 18.18
N ALA H 265 -45.36 18.31 18.37
CA ALA H 265 -45.95 18.31 19.70
C ALA H 265 -45.93 16.93 20.33
N ALA H 266 -46.07 15.88 19.51
CA ALA H 266 -46.00 14.52 20.03
C ALA H 266 -44.59 14.19 20.51
N VAL H 267 -43.57 14.65 19.77
CA VAL H 267 -42.19 14.41 20.20
C VAL H 267 -41.91 15.10 21.53
N ARG H 268 -42.30 16.38 21.64
CA ARG H 268 -42.06 17.12 22.88
C ARG H 268 -42.79 16.48 24.04
N ALA H 269 -44.01 15.97 23.80
CA ALA H 269 -44.75 15.30 24.87
C ALA H 269 -44.04 14.03 25.32
N ALA H 270 -43.50 13.26 24.36
CA ALA H 270 -42.81 12.02 24.71
C ALA H 270 -41.47 12.28 25.39
N LEU H 271 -40.85 13.44 25.16
CA LEU H 271 -39.63 13.77 25.88
C LEU H 271 -39.93 14.05 27.35
N GLY H 272 -41.15 14.49 27.66
CA GLY H 272 -41.60 14.60 29.02
C GLY H 272 -41.07 15.80 29.76
N PRO H 273 -41.21 15.79 31.09
CA PRO H 273 -40.79 16.95 31.87
C PRO H 273 -39.27 17.06 31.99
N GLU H 274 -38.56 15.94 32.03
CA GLU H 274 -37.10 15.97 32.13
C GLU H 274 -36.41 16.12 30.80
N GLY H 275 -37.14 16.15 29.69
CA GLY H 275 -36.53 16.38 28.40
C GLY H 275 -36.82 17.77 27.86
N HIS H 276 -37.21 18.68 28.75
CA HIS H 276 -37.62 20.01 28.31
C HIS H 276 -36.49 20.78 27.64
N GLY H 277 -35.25 20.58 28.09
CA GLY H 277 -34.11 21.24 27.50
C GLY H 277 -33.53 20.58 26.27
N ILE H 278 -34.14 19.51 25.78
CA ILE H 278 -33.65 18.81 24.60
C ILE H 278 -34.16 19.51 23.36
N LYS H 279 -33.26 19.76 22.40
CA LYS H 279 -33.62 20.43 21.17
C LYS H 279 -34.26 19.45 20.20
N ILE H 280 -35.38 19.85 19.59
CA ILE H 280 -36.07 19.04 18.60
C ILE H 280 -35.74 19.60 17.22
N ILE H 281 -35.11 18.79 16.39
CA ILE H 281 -34.79 19.12 15.01
C ILE H 281 -35.68 18.25 14.12
N SER H 282 -36.63 18.88 13.44
CA SER H 282 -37.63 18.14 12.66
C SER H 282 -37.03 17.72 11.32
N LYS H 283 -37.06 16.42 11.04
CA LYS H 283 -36.60 15.89 9.76
C LYS H 283 -37.71 16.03 8.73
N ILE H 284 -37.46 16.77 7.67
CA ILE H 284 -38.41 16.97 6.58
C ILE H 284 -38.09 15.95 5.51
N GLU H 285 -38.98 14.97 5.33
CA GLU H 285 -38.66 13.79 4.53
C GLU H 285 -39.58 13.56 3.35
N ASN H 286 -40.73 14.23 3.26
CA ASN H 286 -41.69 13.93 2.20
C ASN H 286 -42.38 15.21 1.74
N HIS H 287 -43.29 15.06 0.77
CA HIS H 287 -43.87 16.22 0.10
C HIS H 287 -44.75 17.03 1.04
N GLU H 288 -45.56 16.38 1.87
CA GLU H 288 -46.38 17.12 2.82
C GLU H 288 -45.52 17.95 3.76
N GLY H 289 -44.38 17.40 4.18
CA GLY H 289 -43.50 18.15 5.08
C GLY H 289 -42.92 19.38 4.43
N VAL H 290 -42.56 19.29 3.14
CA VAL H 290 -42.04 20.45 2.44
C VAL H 290 -43.10 21.53 2.31
N LYS H 291 -44.34 21.14 2.01
CA LYS H 291 -45.42 22.11 1.80
C LYS H 291 -45.91 22.71 3.11
N ARG H 292 -45.82 21.97 4.21
CA ARG H 292 -46.24 22.47 5.51
C ARG H 292 -45.05 22.93 6.35
N PHE H 293 -43.96 23.32 5.69
CA PHE H 293 -42.71 23.67 6.38
C PHE H 293 -42.92 24.77 7.40
N ASP H 294 -43.63 25.84 7.00
CA ASP H 294 -43.74 27.02 7.86
C ASP H 294 -44.32 26.67 9.23
N GLU H 295 -45.40 25.89 9.26
CA GLU H 295 -46.00 25.52 10.54
C GLU H 295 -45.10 24.59 11.34
N ILE H 296 -44.25 23.82 10.66
CA ILE H 296 -43.35 22.90 11.34
C ILE H 296 -42.19 23.67 11.97
N LEU H 297 -41.57 24.57 11.21
CA LEU H 297 -40.45 25.35 11.74
C LEU H 297 -40.91 26.20 12.93
N GLU H 298 -42.15 26.68 12.88
CA GLU H 298 -42.71 27.50 13.96
C GLU H 298 -42.56 26.82 15.31
N VAL H 299 -42.74 25.50 15.38
CA VAL H 299 -42.72 24.76 16.64
C VAL H 299 -41.44 23.97 16.83
N SER H 300 -40.54 23.98 15.86
CA SER H 300 -39.29 23.24 15.98
C SER H 300 -38.16 24.17 16.43
N ASP H 301 -37.14 23.56 17.04
CA ASP H 301 -35.90 24.29 17.27
C ASP H 301 -35.08 24.42 15.99
N GLY H 302 -35.31 23.54 15.03
CA GLY H 302 -34.56 23.58 13.80
C GLY H 302 -35.04 22.49 12.86
N ILE H 303 -34.39 22.41 11.71
CA ILE H 303 -34.84 21.58 10.60
C ILE H 303 -33.66 20.74 10.12
N MET H 304 -33.94 19.49 9.75
CA MET H 304 -32.99 18.69 8.98
C MET H 304 -33.55 18.48 7.57
N VAL H 305 -32.72 18.77 6.58
CA VAL H 305 -33.05 18.48 5.18
C VAL H 305 -32.61 17.05 4.94
N ALA H 306 -33.56 16.11 5.11
CA ALA H 306 -33.26 14.68 5.05
C ALA H 306 -33.34 14.21 3.60
N ARG H 307 -32.28 14.50 2.85
CA ARG H 307 -32.31 14.30 1.40
C ARG H 307 -32.46 12.85 0.99
N GLY H 308 -32.06 11.90 1.84
CA GLY H 308 -32.22 10.49 1.52
C GLY H 308 -33.66 10.11 1.25
N ASP H 309 -34.51 10.26 2.28
CA ASP H 309 -35.93 9.98 2.10
C ASP H 309 -36.57 10.96 1.12
N LEU H 310 -36.18 12.23 1.19
CA LEU H 310 -36.69 13.24 0.26
C LEU H 310 -36.47 12.81 -1.18
N GLY H 311 -35.30 12.24 -1.49
CA GLY H 311 -35.00 11.77 -2.83
C GLY H 311 -35.85 10.61 -3.29
N ILE H 312 -36.56 9.96 -2.38
CA ILE H 312 -37.52 8.92 -2.73
C ILE H 312 -38.94 9.46 -2.79
N GLU H 313 -39.27 10.38 -1.89
CA GLU H 313 -40.63 10.89 -1.78
C GLU H 313 -40.96 11.95 -2.83
N ILE H 314 -39.97 12.60 -3.40
CA ILE H 314 -40.17 13.55 -4.49
C ILE H 314 -39.14 13.23 -5.57
N PRO H 315 -39.35 13.71 -6.80
CA PRO H 315 -38.36 13.48 -7.85
C PRO H 315 -36.98 13.91 -7.40
N ALA H 316 -35.98 13.08 -7.71
CA ALA H 316 -34.62 13.35 -7.27
C ALA H 316 -34.12 14.69 -7.76
N GLU H 317 -34.59 15.14 -8.93
CA GLU H 317 -34.15 16.40 -9.51
C GLU H 317 -34.76 17.63 -8.83
N LYS H 318 -35.69 17.43 -7.90
CA LYS H 318 -36.31 18.53 -7.18
C LYS H 318 -35.74 18.71 -5.77
N VAL H 319 -34.90 17.79 -5.30
CA VAL H 319 -34.43 17.84 -3.91
C VAL H 319 -33.69 19.14 -3.63
N PHE H 320 -32.85 19.58 -4.58
CA PHE H 320 -32.08 20.80 -4.37
C PHE H 320 -32.99 22.02 -4.19
N LEU H 321 -34.19 22.00 -4.78
CA LEU H 321 -35.15 23.06 -4.55
C LEU H 321 -35.65 23.05 -3.12
N ALA H 322 -35.92 21.86 -2.58
CA ALA H 322 -36.37 21.75 -1.19
C ALA H 322 -35.27 22.16 -0.22
N GLN H 323 -34.04 21.72 -0.48
CA GLN H 323 -32.92 22.08 0.39
C GLN H 323 -32.74 23.59 0.45
N LYS H 324 -32.67 24.25 -0.71
CA LYS H 324 -32.39 25.68 -0.73
C LYS H 324 -33.55 26.50 -0.17
N MET H 325 -34.78 26.02 -0.35
CA MET H 325 -35.93 26.71 0.24
C MET H 325 -35.89 26.61 1.76
N MET H 326 -35.61 25.42 2.28
CA MET H 326 -35.64 25.24 3.73
C MET H 326 -34.46 25.94 4.40
N ILE H 327 -33.28 25.90 3.77
CA ILE H 327 -32.14 26.60 4.34
C ILE H 327 -32.39 28.10 4.36
N GLY H 328 -32.98 28.64 3.30
CA GLY H 328 -33.29 30.06 3.27
C GLY H 328 -34.29 30.46 4.33
N ARG H 329 -35.33 29.65 4.53
CA ARG H 329 -36.36 29.99 5.51
C ARG H 329 -35.85 29.81 6.94
N CYS H 330 -34.99 28.82 7.18
CA CYS H 330 -34.35 28.72 8.50
C CYS H 330 -33.42 29.89 8.76
N ASN H 331 -32.60 30.25 7.76
CA ASN H 331 -31.72 31.42 7.90
C ASN H 331 -32.52 32.67 8.24
N LEU H 332 -33.64 32.87 7.53
CA LEU H 332 -34.49 34.02 7.81
C LEU H 332 -35.08 33.96 9.22
N ALA H 333 -35.46 32.76 9.68
CA ALA H 333 -36.02 32.64 11.01
C ALA H 333 -34.95 32.61 12.10
N GLY H 334 -33.68 32.50 11.73
CA GLY H 334 -32.63 32.39 12.73
C GLY H 334 -32.62 31.08 13.46
N LYS H 335 -33.04 29.99 12.81
CA LYS H 335 -33.07 28.68 13.43
C LYS H 335 -32.14 27.72 12.69
N PRO H 336 -31.48 26.81 13.41
CA PRO H 336 -30.48 25.94 12.77
C PRO H 336 -31.10 25.00 11.75
N VAL H 337 -30.33 24.74 10.69
CA VAL H 337 -30.77 23.82 9.63
C VAL H 337 -29.62 22.89 9.28
N VAL H 338 -29.93 21.60 9.15
CA VAL H 338 -28.96 20.56 8.85
C VAL H 338 -29.18 20.05 7.44
N CYS H 339 -28.10 19.87 6.70
CA CYS H 339 -28.12 19.21 5.40
C CYS H 339 -27.45 17.84 5.53
N ALA H 340 -28.14 16.80 5.07
CA ALA H 340 -27.73 15.43 5.35
C ALA H 340 -27.73 14.59 4.07
N THR H 341 -27.05 13.44 4.18
CA THR H 341 -27.14 12.29 3.28
C THR H 341 -26.24 12.37 2.05
N GLN H 342 -25.31 11.42 1.93
CA GLN H 342 -24.51 11.16 0.73
C GLN H 342 -23.61 12.33 0.36
N MET H 343 -23.24 13.18 1.32
CA MET H 343 -22.42 14.34 1.00
C MET H 343 -21.03 13.93 0.54
N LEU H 344 -20.46 12.89 1.14
CA LEU H 344 -19.15 12.35 0.77
C LEU H 344 -19.24 10.84 0.62
N GLU H 345 -20.28 10.38 -0.10
CA GLU H 345 -20.66 8.98 -0.07
C GLU H 345 -19.54 8.05 -0.56
N SER H 346 -18.82 8.48 -1.59
CA SER H 346 -17.78 7.61 -2.16
C SER H 346 -16.67 7.31 -1.18
N MET H 347 -16.50 8.15 -0.15
CA MET H 347 -15.47 7.90 0.85
C MET H 347 -15.79 6.71 1.76
N ILE H 348 -16.97 6.09 1.61
CA ILE H 348 -17.24 4.82 2.29
C ILE H 348 -16.18 3.79 1.90
N THR H 349 -15.77 3.79 0.64
CA THR H 349 -14.76 2.86 0.14
C THR H 349 -13.50 3.52 -0.38
N LYS H 350 -13.48 4.85 -0.55
CA LYS H 350 -12.32 5.48 -1.17
C LYS H 350 -11.72 6.54 -0.27
N PRO H 351 -10.39 6.74 -0.31
CA PRO H 351 -9.76 7.72 0.57
C PRO H 351 -9.99 9.17 0.16
N ARG H 352 -10.50 9.43 -1.04
CA ARG H 352 -10.75 10.78 -1.51
C ARG H 352 -12.12 10.84 -2.18
N PRO H 353 -12.85 11.94 -2.02
CA PRO H 353 -14.19 12.05 -2.58
C PRO H 353 -14.16 12.46 -4.05
N THR H 354 -15.32 12.39 -4.68
CA THR H 354 -15.49 12.87 -6.05
C THR H 354 -15.58 14.39 -6.06
N ARG H 355 -15.51 14.95 -7.27
CA ARG H 355 -15.63 16.40 -7.45
C ARG H 355 -17.07 16.89 -7.22
N ALA H 356 -18.05 16.01 -7.40
CA ALA H 356 -19.44 16.38 -7.13
C ALA H 356 -19.73 16.40 -5.63
N GLU H 357 -19.13 15.46 -4.89
CA GLU H 357 -19.32 15.43 -3.44
C GLU H 357 -18.67 16.63 -2.78
N THR H 358 -17.43 16.94 -3.18
CA THR H 358 -16.77 18.14 -2.68
C THR H 358 -17.58 19.39 -2.99
N SER H 359 -18.10 19.49 -4.22
CA SER H 359 -18.93 20.63 -4.59
C SER H 359 -20.24 20.65 -3.79
N ASP H 360 -20.77 19.48 -3.44
CA ASP H 360 -22.02 19.43 -2.70
C ASP H 360 -21.85 19.97 -1.28
N VAL H 361 -20.76 19.62 -0.61
CA VAL H 361 -20.51 20.14 0.73
C VAL H 361 -20.28 21.65 0.70
N ALA H 362 -19.52 22.13 -0.29
CA ALA H 362 -19.28 23.56 -0.40
C ALA H 362 -20.58 24.32 -0.64
N ASN H 363 -21.46 23.78 -1.49
CA ASN H 363 -22.69 24.49 -1.83
C ASN H 363 -23.69 24.47 -0.68
N ALA H 364 -23.69 23.41 0.13
CA ALA H 364 -24.54 23.40 1.32
C ALA H 364 -24.18 24.53 2.26
N VAL H 365 -22.88 24.76 2.46
CA VAL H 365 -22.43 25.88 3.26
C VAL H 365 -22.80 27.20 2.60
N LEU H 366 -22.62 27.29 1.28
CA LEU H 366 -22.95 28.53 0.58
C LEU H 366 -24.45 28.79 0.59
N ASP H 367 -25.27 27.75 0.67
CA ASP H 367 -26.71 27.95 0.82
C ASP H 367 -27.04 28.59 2.16
N GLY H 368 -26.30 28.22 3.21
CA GLY H 368 -26.52 28.78 4.53
C GLY H 368 -26.75 27.74 5.61
N ALA H 369 -26.41 26.48 5.32
CA ALA H 369 -26.60 25.41 6.27
C ALA H 369 -25.76 25.63 7.52
N ASP H 370 -26.38 25.42 8.68
CA ASP H 370 -25.65 25.50 9.95
C ASP H 370 -24.78 24.28 10.18
N CYS H 371 -25.25 23.10 9.78
CA CYS H 371 -24.57 21.85 10.03
C CYS H 371 -24.54 21.02 8.75
N ILE H 372 -23.49 20.23 8.61
CA ILE H 372 -23.39 19.22 7.57
C ILE H 372 -23.18 17.87 8.25
N MET H 373 -23.61 16.81 7.57
CA MET H 373 -23.73 15.51 8.22
C MET H 373 -23.04 14.43 7.39
N LEU H 374 -22.54 13.42 8.10
CA LEU H 374 -22.02 12.20 7.51
C LEU H 374 -22.78 11.02 8.09
N SER H 375 -23.17 10.09 7.23
CA SER H 375 -23.96 8.94 7.65
C SER H 375 -23.08 7.70 7.53
N GLY H 376 -23.22 6.90 6.48
CA GLY H 376 -22.37 5.73 6.30
C GLY H 376 -20.89 6.06 6.20
N GLU H 377 -20.56 7.29 5.81
CA GLU H 377 -19.15 7.69 5.70
C GLU H 377 -18.42 7.54 7.04
N THR H 378 -19.14 7.67 8.16
CA THR H 378 -18.55 7.47 9.47
C THR H 378 -19.13 6.29 10.23
N ALA H 379 -20.33 5.83 9.89
CA ALA H 379 -20.91 4.69 10.59
C ALA H 379 -20.23 3.39 10.18
N LYS H 380 -20.09 3.14 8.88
CA LYS H 380 -19.62 1.86 8.39
C LYS H 380 -18.42 1.93 7.46
N GLY H 381 -18.14 3.08 6.85
CA GLY H 381 -17.10 3.16 5.83
C GLY H 381 -15.70 2.90 6.38
N ASN H 382 -14.75 2.83 5.45
CA ASN H 382 -13.37 2.51 5.80
C ASN H 382 -12.50 3.73 6.06
N PHE H 383 -13.02 4.94 5.87
CA PHE H 383 -12.27 6.17 6.10
C PHE H 383 -13.09 7.17 6.92
N PRO H 384 -13.53 6.80 8.13
CA PRO H 384 -14.37 7.72 8.90
C PRO H 384 -13.67 9.01 9.30
N VAL H 385 -12.41 8.94 9.73
CA VAL H 385 -11.71 10.14 10.18
C VAL H 385 -11.38 11.04 8.99
N GLU H 386 -11.01 10.43 7.86
CA GLU H 386 -10.69 11.21 6.67
C GLU H 386 -11.92 11.98 6.19
N ALA H 387 -13.10 11.37 6.26
CA ALA H 387 -14.33 12.03 5.84
C ALA H 387 -14.62 13.26 6.67
N VAL H 388 -14.40 13.17 7.99
CA VAL H 388 -14.57 14.33 8.86
C VAL H 388 -13.56 15.42 8.50
N LYS H 389 -12.30 15.02 8.32
CA LYS H 389 -11.27 15.96 7.87
C LYS H 389 -11.66 16.64 6.56
N MET H 390 -12.26 15.89 5.64
CA MET H 390 -12.65 16.47 4.36
C MET H 390 -13.75 17.50 4.53
N GLN H 391 -14.80 17.16 5.30
CA GLN H 391 -15.87 18.12 5.55
C GLN H 391 -15.34 19.35 6.27
N HIS H 392 -14.38 19.18 7.18
CA HIS H 392 -13.79 20.32 7.86
C HIS H 392 -13.03 21.20 6.87
N ALA H 393 -12.29 20.58 5.95
CA ALA H 393 -11.48 21.35 5.01
C ALA H 393 -12.35 22.08 3.98
N ILE H 394 -13.40 21.42 3.48
CA ILE H 394 -14.26 22.06 2.50
C ILE H 394 -15.05 23.20 3.15
N ALA H 395 -15.52 23.00 4.39
CA ALA H 395 -16.33 24.02 5.05
C ALA H 395 -15.54 25.30 5.27
N ARG H 396 -14.29 25.18 5.72
CA ARG H 396 -13.45 26.36 5.92
C ARG H 396 -13.36 27.20 4.66
N GLU H 397 -13.20 26.56 3.51
CA GLU H 397 -13.06 27.31 2.26
C GLU H 397 -14.38 27.93 1.84
N ALA H 398 -15.49 27.18 1.94
CA ALA H 398 -16.78 27.70 1.51
C ALA H 398 -17.27 28.83 2.41
N GLU H 399 -16.94 28.79 3.70
CA GLU H 399 -17.35 29.87 4.60
C GLU H 399 -16.70 31.19 4.21
N ALA H 400 -15.42 31.15 3.84
CA ALA H 400 -14.74 32.38 3.42
C ALA H 400 -15.31 32.89 2.10
N ALA H 401 -15.85 32.01 1.27
CA ALA H 401 -16.40 32.36 -0.03
C ALA H 401 -17.82 32.89 0.04
N VAL H 402 -18.43 32.92 1.23
CA VAL H 402 -19.77 33.47 1.36
C VAL H 402 -19.75 34.96 1.02
N TYR H 403 -20.75 35.40 0.26
CA TYR H 403 -20.90 36.81 -0.07
C TYR H 403 -21.58 37.51 1.10
N HIS H 404 -20.76 37.78 2.14
CA HIS H 404 -21.28 38.33 3.39
C HIS H 404 -21.99 39.66 3.19
N ARG H 405 -21.56 40.45 2.22
CA ARG H 405 -22.08 41.81 2.07
C ARG H 405 -23.58 41.80 1.80
N GLN H 406 -24.02 41.01 0.81
CA GLN H 406 -25.44 40.94 0.53
C GLN H 406 -26.17 40.07 1.55
N LEU H 407 -25.51 39.04 2.06
CA LEU H 407 -26.13 38.17 3.05
C LEU H 407 -26.48 38.93 4.32
N PHE H 408 -25.51 39.67 4.87
CA PHE H 408 -25.76 40.42 6.09
C PHE H 408 -26.79 41.52 5.85
N GLU H 409 -26.70 42.20 4.70
CA GLU H 409 -27.65 43.25 4.39
C GLU H 409 -29.07 42.70 4.33
N GLU H 410 -29.28 41.55 3.68
CA GLU H 410 -30.61 41.00 3.55
C GLU H 410 -31.12 40.42 4.87
N LEU H 411 -30.23 39.77 5.63
CA LEU H 411 -30.64 39.23 6.92
C LEU H 411 -31.09 40.34 7.85
N ARG H 412 -30.39 41.48 7.84
CA ARG H 412 -30.75 42.56 8.76
C ARG H 412 -31.98 43.33 8.28
N ARG H 413 -32.19 43.42 6.97
CA ARG H 413 -33.41 44.07 6.48
C ARG H 413 -34.64 43.18 6.69
N ALA H 414 -34.45 41.85 6.72
CA ALA H 414 -35.56 40.94 6.88
C ALA H 414 -35.95 40.75 8.35
N ALA H 415 -34.98 40.81 9.26
CA ALA H 415 -35.29 40.71 10.68
C ALA H 415 -36.16 41.91 11.09
N PRO H 416 -37.29 41.68 11.75
CA PRO H 416 -38.15 42.80 12.14
C PRO H 416 -37.53 43.64 13.25
N LEU H 417 -38.03 44.86 13.36
CA LEU H 417 -37.63 45.74 14.46
C LEU H 417 -37.94 45.07 15.79
N SER H 418 -37.05 45.27 16.77
CA SER H 418 -37.20 44.60 18.05
C SER H 418 -36.86 45.57 19.19
N ARG H 419 -37.60 45.44 20.28
CA ARG H 419 -37.29 46.15 21.53
C ARG H 419 -36.59 45.26 22.53
N ASP H 420 -36.26 44.03 22.15
CA ASP H 420 -35.54 43.12 23.04
C ASP H 420 -34.07 43.50 23.10
N PRO H 421 -33.54 43.86 24.27
CA PRO H 421 -32.14 44.33 24.32
C PRO H 421 -31.11 43.30 23.86
N THR H 422 -31.43 42.00 23.94
CA THR H 422 -30.50 41.00 23.41
C THR H 422 -30.43 41.07 21.90
N GLU H 423 -31.57 41.26 21.23
CA GLU H 423 -31.58 41.40 19.78
C GLU H 423 -30.93 42.70 19.34
N VAL H 424 -31.22 43.79 20.05
CA VAL H 424 -30.61 45.09 19.73
C VAL H 424 -29.09 45.00 19.87
N THR H 425 -28.62 44.44 20.99
CA THR H 425 -27.18 44.29 21.20
C THR H 425 -26.56 43.37 20.15
N ALA H 426 -27.28 42.32 19.77
CA ALA H 426 -26.72 41.31 18.87
C ALA H 426 -26.33 41.92 17.53
N ILE H 427 -27.25 42.65 16.90
CA ILE H 427 -26.95 43.19 15.58
C ILE H 427 -25.97 44.36 15.67
N GLY H 428 -26.00 45.10 16.79
CA GLY H 428 -24.98 46.11 17.00
C GLY H 428 -23.58 45.53 17.09
N ALA H 429 -23.45 44.40 17.81
CA ALA H 429 -22.15 43.75 17.94
C ALA H 429 -21.68 43.16 16.62
N VAL H 430 -22.61 42.63 15.82
CA VAL H 430 -22.22 42.03 14.54
C VAL H 430 -21.79 43.10 13.55
N GLU H 431 -22.51 44.22 13.52
CA GLU H 431 -22.07 45.36 12.71
C GLU H 431 -20.69 45.84 13.16
N ALA H 432 -20.50 45.97 14.48
CA ALA H 432 -19.20 46.38 15.00
C ALA H 432 -18.11 45.40 14.58
N ALA H 433 -18.41 44.10 14.59
CA ALA H 433 -17.41 43.11 14.21
C ALA H 433 -16.98 43.26 12.77
N PHE H 434 -17.93 43.54 11.87
CA PHE H 434 -17.57 43.75 10.47
C PHE H 434 -16.76 45.03 10.28
N LYS H 435 -16.99 46.05 11.11
CA LYS H 435 -16.32 47.32 10.94
C LYS H 435 -14.81 47.21 11.16
N CYS H 436 -14.39 46.32 12.06
CA CYS H 436 -12.97 46.15 12.36
C CYS H 436 -12.45 44.76 12.00
N CYS H 437 -13.24 43.97 11.27
CA CYS H 437 -12.95 42.55 11.07
C CYS H 437 -12.46 41.89 12.35
N ALA H 438 -13.26 42.05 13.41
CA ALA H 438 -12.94 41.45 14.69
C ALA H 438 -12.65 39.97 14.53
N ALA H 439 -11.67 39.48 15.29
CA ALA H 439 -11.34 38.06 15.24
C ALA H 439 -12.44 37.22 15.88
N ALA H 440 -13.21 37.81 16.79
CA ALA H 440 -14.23 37.05 17.49
C ALA H 440 -15.23 37.98 18.16
N ILE H 441 -16.43 37.46 18.37
CA ILE H 441 -17.41 38.04 19.29
C ILE H 441 -17.49 37.11 20.49
N ILE H 442 -17.19 37.64 21.67
CA ILE H 442 -17.19 36.87 22.91
C ILE H 442 -18.46 37.21 23.67
N VAL H 443 -19.24 36.19 24.01
CA VAL H 443 -20.55 36.38 24.62
C VAL H 443 -20.72 35.43 25.79
N LEU H 444 -21.29 35.93 26.88
CA LEU H 444 -21.69 35.09 28.00
C LEU H 444 -23.15 34.70 27.80
N THR H 445 -23.45 33.41 27.97
CA THR H 445 -24.81 32.94 27.77
C THR H 445 -25.07 31.76 28.69
N THR H 446 -26.32 31.64 29.13
CA THR H 446 -26.76 30.53 29.97
C THR H 446 -27.54 29.49 29.17
N THR H 447 -28.40 29.94 28.25
CA THR H 447 -29.17 29.03 27.41
C THR H 447 -28.60 28.88 26.01
N GLY H 448 -27.69 29.76 25.60
CA GLY H 448 -27.21 29.82 24.24
C GLY H 448 -27.91 30.85 23.39
N ARG H 449 -28.99 31.45 23.89
CA ARG H 449 -29.84 32.30 23.05
C ARG H 449 -29.08 33.51 22.53
N SER H 450 -28.33 34.19 23.39
CA SER H 450 -27.60 35.37 22.95
C SER H 450 -26.54 35.04 21.92
N ALA H 451 -25.93 33.84 22.03
CA ALA H 451 -25.05 33.38 20.96
C ALA H 451 -25.83 33.12 19.67
N GLN H 452 -27.01 32.50 19.79
CA GLN H 452 -27.83 32.24 18.61
C GLN H 452 -28.25 33.53 17.94
N LEU H 453 -28.61 34.55 18.73
CA LEU H 453 -29.01 35.83 18.15
C LEU H 453 -27.85 36.51 17.44
N LEU H 454 -26.61 36.24 17.86
CA LEU H 454 -25.47 36.71 17.09
C LEU H 454 -25.30 35.88 15.82
N SER H 455 -25.38 34.55 15.94
CA SER H 455 -25.11 33.66 14.82
C SER H 455 -26.07 33.89 13.65
N ARG H 456 -27.29 34.35 13.94
CA ARG H 456 -28.30 34.49 12.90
C ARG H 456 -27.97 35.57 11.88
N TYR H 457 -27.12 36.54 12.23
CA TYR H 457 -26.69 37.55 11.28
C TYR H 457 -25.46 37.14 10.50
N ARG H 458 -25.00 35.90 10.69
CA ARG H 458 -23.87 35.34 9.97
C ARG H 458 -22.62 36.24 10.02
N PRO H 459 -22.13 36.58 11.20
CA PRO H 459 -20.89 37.34 11.27
C PRO H 459 -19.73 36.50 10.77
N ARG H 460 -18.77 37.16 10.12
CA ARG H 460 -17.54 36.47 9.78
C ARG H 460 -16.73 36.17 11.03
N ALA H 461 -16.81 37.05 12.03
CA ALA H 461 -16.13 36.82 13.31
C ALA H 461 -16.71 35.59 14.00
N ALA H 462 -15.82 34.78 14.57
CA ALA H 462 -16.26 33.65 15.37
C ALA H 462 -17.01 34.14 16.60
N VAL H 463 -18.08 33.43 16.96
CA VAL H 463 -18.85 33.73 18.17
C VAL H 463 -18.37 32.77 19.24
N ILE H 464 -17.57 33.29 20.16
CA ILE H 464 -17.03 32.49 21.27
C ILE H 464 -18.00 32.63 22.45
N ALA H 465 -18.73 31.55 22.73
CA ALA H 465 -19.77 31.55 23.75
C ALA H 465 -19.24 30.91 25.03
N VAL H 466 -19.24 31.68 26.11
CA VAL H 466 -18.75 31.22 27.41
C VAL H 466 -19.96 30.89 28.28
N THR H 467 -20.04 29.65 28.74
CA THR H 467 -21.22 29.20 29.48
C THR H 467 -20.82 28.22 30.57
N ARG H 468 -21.60 28.22 31.66
CA ARG H 468 -21.54 27.17 32.66
C ARG H 468 -22.49 26.01 32.34
N SER H 469 -23.43 26.22 31.42
CA SER H 469 -24.43 25.22 31.08
C SER H 469 -23.80 24.15 30.20
N ALA H 470 -23.72 22.92 30.73
CA ALA H 470 -23.23 21.80 29.94
C ALA H 470 -24.11 21.57 28.72
N GLN H 471 -25.42 21.61 28.91
CA GLN H 471 -26.35 21.35 27.81
C GLN H 471 -26.25 22.43 26.74
N ALA H 472 -26.24 23.70 27.15
CA ALA H 472 -26.09 24.77 26.18
C ALA H 472 -24.76 24.69 25.45
N ALA H 473 -23.69 24.36 26.18
CA ALA H 473 -22.39 24.17 25.54
C ALA H 473 -22.46 23.14 24.42
N ARG H 474 -23.14 22.02 24.65
CA ARG H 474 -23.25 21.00 23.62
C ARG H 474 -24.21 21.43 22.51
N GLN H 475 -25.30 22.12 22.88
CA GLN H 475 -26.37 22.38 21.93
C GLN H 475 -26.06 23.53 20.98
N VAL H 476 -25.27 24.53 21.38
CA VAL H 476 -24.99 25.65 20.49
C VAL H 476 -24.16 25.26 19.28
N HIS H 477 -23.66 24.02 19.23
CA HIS H 477 -23.06 23.52 18.00
C HIS H 477 -24.03 23.55 16.82
N LEU H 478 -25.33 23.60 17.10
CA LEU H 478 -26.33 23.67 16.04
C LEU H 478 -26.31 25.01 15.31
N CYS H 479 -25.74 26.06 15.92
CA CYS H 479 -25.75 27.39 15.34
C CYS H 479 -24.40 27.65 14.70
N ARG H 480 -24.42 28.13 13.44
CA ARG H 480 -23.18 28.32 12.72
C ARG H 480 -22.31 29.38 13.40
N GLY H 481 -21.02 29.10 13.47
CA GLY H 481 -20.06 30.06 13.96
C GLY H 481 -20.05 30.26 15.46
N VAL H 482 -20.73 29.41 16.22
CA VAL H 482 -20.69 29.49 17.67
C VAL H 482 -19.74 28.42 18.18
N PHE H 483 -18.76 28.85 18.96
CA PHE H 483 -17.75 27.95 19.49
C PHE H 483 -17.90 27.91 21.01
N PRO H 484 -18.43 26.83 21.57
CA PRO H 484 -18.73 26.81 23.01
C PRO H 484 -17.48 26.58 23.85
N LEU H 485 -17.38 27.35 24.92
CA LEU H 485 -16.35 27.18 25.94
C LEU H 485 -17.04 26.98 27.28
N LEU H 486 -16.79 25.84 27.91
CA LEU H 486 -17.42 25.54 29.19
C LEU H 486 -16.55 26.06 30.33
N TYR H 487 -17.13 26.92 31.16
CA TYR H 487 -16.45 27.49 32.31
C TYR H 487 -16.71 26.62 33.54
N ARG H 488 -15.63 26.22 34.21
CA ARG H 488 -15.74 25.25 35.30
C ARG H 488 -15.62 25.88 36.69
N GLU H 489 -14.97 27.04 36.82
CA GLU H 489 -14.67 27.59 38.12
C GLU H 489 -15.93 28.01 38.87
N PRO H 490 -15.88 28.08 40.19
CA PRO H 490 -17.04 28.49 40.97
C PRO H 490 -17.26 29.99 40.88
N PRO H 491 -18.47 30.46 41.17
CA PRO H 491 -18.74 31.91 41.06
C PRO H 491 -17.87 32.72 42.01
N GLU H 492 -17.39 33.86 41.51
CA GLU H 492 -16.71 34.80 42.39
C GLU H 492 -17.71 35.49 43.30
N ALA H 493 -17.23 35.93 44.46
CA ALA H 493 -18.12 36.57 45.43
C ALA H 493 -18.73 37.85 44.86
N ILE H 494 -17.98 38.57 44.03
CA ILE H 494 -18.48 39.76 43.35
C ILE H 494 -18.88 39.36 41.94
N TRP H 495 -20.14 39.64 41.57
CA TRP H 495 -20.64 39.21 40.27
C TRP H 495 -19.84 39.81 39.13
N ALA H 496 -19.50 41.10 39.22
CA ALA H 496 -18.75 41.75 38.16
C ALA H 496 -17.39 41.09 37.95
N ASP H 497 -16.77 40.58 39.01
CA ASP H 497 -15.52 39.85 38.87
C ASP H 497 -15.74 38.51 38.18
N ASP H 498 -16.89 37.87 38.46
CA ASP H 498 -17.23 36.63 37.78
C ASP H 498 -17.39 36.85 36.27
N VAL H 499 -18.08 37.93 35.90
CA VAL H 499 -18.26 38.28 34.49
C VAL H 499 -16.91 38.47 33.81
N ASP H 500 -16.03 39.27 34.43
CA ASP H 500 -14.77 39.63 33.79
C ASP H 500 -13.85 38.43 33.66
N ARG H 501 -13.86 37.53 34.66
CA ARG H 501 -13.03 36.34 34.56
C ARG H 501 -13.52 35.43 33.44
N ARG H 502 -14.84 35.30 33.28
CA ARG H 502 -15.37 34.50 32.17
C ARG H 502 -14.99 35.11 30.83
N VAL H 503 -15.02 36.44 30.73
CA VAL H 503 -14.57 37.09 29.49
C VAL H 503 -13.09 36.81 29.26
N GLN H 504 -12.30 36.86 30.32
CA GLN H 504 -10.86 36.58 30.19
C GLN H 504 -10.62 35.13 29.83
N PHE H 505 -11.39 34.20 30.42
CA PHE H 505 -11.29 32.80 30.06
C PHE H 505 -11.57 32.59 28.58
N GLY H 506 -12.51 33.36 28.03
CA GLY H 506 -12.78 33.29 26.60
C GLY H 506 -11.62 33.78 25.77
N ILE H 507 -10.99 34.89 26.18
CA ILE H 507 -9.84 35.42 25.46
C ILE H 507 -8.69 34.43 25.50
N GLU H 508 -8.40 33.88 26.68
CA GLU H 508 -7.24 33.01 26.83
C GLU H 508 -7.43 31.68 26.08
N SER H 509 -8.66 31.16 26.05
CA SER H 509 -8.90 29.96 25.26
C SER H 509 -8.89 30.26 23.76
N GLY H 510 -9.40 31.43 23.38
CA GLY H 510 -9.33 31.83 21.97
C GLY H 510 -7.90 31.98 21.50
N LYS H 511 -7.02 32.50 22.35
CA LYS H 511 -5.62 32.62 21.99
C LYS H 511 -4.96 31.25 21.85
N LEU H 512 -5.21 30.36 22.82
CA LEU H 512 -4.59 29.05 22.79
C LEU H 512 -5.04 28.22 21.59
N ARG H 513 -6.26 28.46 21.10
CA ARG H 513 -6.80 27.69 19.99
C ARG H 513 -6.46 28.26 18.63
N GLY H 514 -5.84 29.43 18.56
CA GLY H 514 -5.58 30.09 17.30
C GLY H 514 -6.70 30.97 16.81
N PHE H 515 -7.70 31.25 17.64
CA PHE H 515 -8.75 32.18 17.26
C PHE H 515 -8.29 33.62 17.36
N LEU H 516 -7.41 33.91 18.33
CA LEU H 516 -7.07 35.27 18.70
C LEU H 516 -5.55 35.41 18.83
N ARG H 517 -5.03 36.51 18.28
CA ARG H 517 -3.62 36.86 18.41
C ARG H 517 -3.52 38.23 19.05
N VAL H 518 -2.36 38.51 19.65
CA VAL H 518 -2.12 39.83 20.23
C VAL H 518 -2.31 40.89 19.16
N GLY H 519 -3.08 41.92 19.49
CA GLY H 519 -3.42 42.96 18.56
C GLY H 519 -4.78 42.81 17.89
N ASP H 520 -5.32 41.60 17.86
CA ASP H 520 -6.66 41.39 17.32
C ASP H 520 -7.67 42.25 18.07
N LEU H 521 -8.71 42.67 17.35
CA LEU H 521 -9.85 43.32 17.97
C LEU H 521 -10.93 42.29 18.25
N VAL H 522 -11.71 42.53 19.30
CA VAL H 522 -12.72 41.60 19.77
C VAL H 522 -13.92 42.39 20.27
N ILE H 523 -15.12 41.90 19.95
CA ILE H 523 -16.36 42.41 20.49
C ILE H 523 -16.80 41.51 21.64
N VAL H 524 -17.19 42.12 22.76
CA VAL H 524 -17.56 41.37 23.97
C VAL H 524 -18.99 41.74 24.34
N VAL H 525 -19.82 40.72 24.56
CA VAL H 525 -21.26 40.91 24.76
C VAL H 525 -21.63 40.32 26.10
N THR H 526 -22.17 41.15 26.99
CA THR H 526 -22.56 40.73 28.33
C THR H 526 -23.89 41.38 28.67
N GLY H 527 -24.30 41.24 29.93
CA GLY H 527 -25.56 41.79 30.39
C GLY H 527 -25.38 42.52 31.72
N TRP H 528 -26.41 43.28 32.07
CA TRP H 528 -26.38 44.14 33.25
C TRP H 528 -26.72 43.39 34.53
N ARG H 529 -27.15 42.13 34.44
CA ARG H 529 -27.78 41.43 35.55
C ARG H 529 -27.53 39.94 35.40
N PRO H 530 -27.39 39.20 36.50
CA PRO H 530 -27.29 37.75 36.40
C PRO H 530 -28.59 37.13 35.90
N GLY H 531 -28.47 35.90 35.41
CA GLY H 531 -29.61 35.19 34.86
C GLY H 531 -29.80 35.47 33.37
N SER H 532 -30.60 34.62 32.74
CA SER H 532 -30.85 34.74 31.31
C SER H 532 -31.72 35.96 31.00
N GLY H 533 -31.57 36.46 29.78
CA GLY H 533 -32.46 37.47 29.26
C GLY H 533 -32.04 38.92 29.45
N TYR H 534 -30.85 39.17 29.97
CA TYR H 534 -30.43 40.54 30.30
C TYR H 534 -29.20 41.00 29.53
N THR H 535 -28.82 40.28 28.47
CA THR H 535 -27.76 40.75 27.59
C THR H 535 -28.12 42.12 27.02
N ASN H 536 -27.20 43.08 27.17
CA ASN H 536 -27.50 44.45 26.73
C ASN H 536 -26.25 45.32 26.62
N ILE H 537 -25.07 44.73 26.72
CA ILE H 537 -23.81 45.48 26.73
C ILE H 537 -22.90 44.96 25.62
N MET H 538 -22.29 45.89 24.90
CA MET H 538 -21.32 45.57 23.84
C MET H 538 -20.07 46.40 24.06
N ARG H 539 -18.91 45.74 24.06
CA ARG H 539 -17.63 46.41 24.29
C ARG H 539 -16.65 46.05 23.18
N VAL H 540 -15.74 46.98 22.90
CA VAL H 540 -14.69 46.80 21.90
C VAL H 540 -13.35 46.76 22.63
N LEU H 541 -12.64 45.64 22.49
CA LEU H 541 -11.40 45.41 23.23
C LEU H 541 -10.29 44.93 22.30
N SER H 542 -9.07 45.35 22.61
CA SER H 542 -7.86 44.81 22.00
C SER H 542 -7.38 43.61 22.80
N ILE H 543 -6.73 42.67 22.11
CA ILE H 543 -6.45 41.36 22.68
C ILE H 543 -5.10 41.37 23.40
N SER H 544 -5.09 40.83 24.62
CA SER H 544 -3.90 40.69 25.47
C SER H 544 -3.10 41.98 25.56
#